data_4YB7
#
_entry.id   4YB7
#
_cell.length_a   91.667
_cell.length_b   91.835
_cell.length_c   154.903
_cell.angle_alpha   101.11
_cell.angle_beta   95.21
_cell.angle_gamma   118.14
#
_symmetry.space_group_name_H-M   'P 1'
#
loop_
_entity.id
_entity.type
_entity.pdbx_description
1 polymer 'ATP phosphoribosyltransferase'
2 non-polymer 'MAGNESIUM ION'
3 non-polymer 'PHOSPHATE ION'
4 non-polymer "ADENOSINE-5'-TRIPHOSPHATE"
5 non-polymer 'ACETIC ACID'
6 water water
#
_entity_poly.entity_id   1
_entity_poly.type   'polypeptide(L)'
_entity_poly.pdbx_seq_one_letter_code
;GMQENTRLRIAIQKSGRLSKESIELLSECGVKMHIHEQSLIAFSTNLPIDILRVRDDDIPGLIFDGVVDLGIIGENVLEE
NELERQSLGENPSYKLLKKLDFGYCRLSLALPQENKFQNLKDFEGLRIATSYPQLLKRFMKENGINYKNCTLTGSVEVAP
RANLADAICDLVSSGATLQANNLKEVKVIYESRACLIQKENALSKEKQALVDKIMLRVAGVMQARESKYIMLHAPKEKLD
KIQALLPGVERPTILPLAHDEKNVALHMVSKENLFWETMEALKEEGASSILVLPIEKMLK
;
_entity_poly.pdbx_strand_id   B,C,D,E,I,K,A,F,G,H,J,L
#
# COMPACT_ATOMS: atom_id res chain seq x y z
N ASN A 5 24.57 -15.28 18.07
CA ASN A 5 23.91 -16.61 18.06
C ASN A 5 23.29 -16.92 16.72
N THR A 6 22.96 -18.19 16.53
CA THR A 6 22.28 -18.61 15.32
C THR A 6 20.78 -18.35 15.37
N ARG A 7 20.26 -18.10 16.58
CA ARG A 7 18.82 -17.99 16.78
C ARG A 7 18.27 -16.59 16.41
N LEU A 8 17.07 -16.59 15.83
CA LEU A 8 16.41 -15.38 15.38
C LEU A 8 15.88 -14.61 16.59
N ARG A 9 16.14 -13.30 16.61
CA ARG A 9 15.73 -12.47 17.74
C ARG A 9 14.58 -11.54 17.37
N ILE A 10 13.49 -11.66 18.12
CA ILE A 10 12.28 -10.88 17.90
C ILE A 10 11.98 -10.07 19.17
N ALA A 11 11.91 -8.75 19.00
CA ALA A 11 11.59 -7.87 20.14
C ALA A 11 10.10 -7.56 20.14
N ILE A 12 9.44 -7.82 21.26
CA ILE A 12 8.07 -7.44 21.47
C ILE A 12 7.92 -6.67 22.79
N GLN A 13 6.78 -5.99 22.97
CA GLN A 13 6.52 -5.26 24.19
C GLN A 13 6.35 -6.22 25.39
N LYS A 14 7.06 -5.94 26.48
CA LYS A 14 6.93 -6.75 27.70
C LYS A 14 5.53 -6.74 28.29
N SER A 15 4.99 -5.54 28.53
CA SER A 15 3.65 -5.38 29.11
C SER A 15 3.10 -4.06 28.61
N GLY A 16 1.85 -4.09 28.18
CA GLY A 16 1.21 -2.93 27.58
C GLY A 16 0.19 -3.38 26.58
N ARG A 17 -0.26 -2.44 25.76
CA ARG A 17 -1.39 -2.69 24.88
C ARG A 17 -1.08 -3.65 23.72
N LEU A 18 0.18 -3.84 23.40
CA LEU A 18 0.56 -4.69 22.28
C LEU A 18 0.97 -6.08 22.72
N SER A 19 1.21 -6.26 24.02
CA SER A 19 1.85 -7.48 24.49
C SER A 19 1.07 -8.72 24.21
N LYS A 20 -0.17 -8.74 24.63
CA LYS A 20 -0.97 -9.95 24.53
C LYS A 20 -1.12 -10.37 23.07
N GLU A 21 -1.47 -9.42 22.21
CA GLU A 21 -1.66 -9.71 20.79
C GLU A 21 -0.38 -10.05 20.05
N SER A 22 0.76 -9.53 20.49
CA SER A 22 2.04 -9.88 19.89
C SER A 22 2.36 -11.34 20.16
N ILE A 23 2.18 -11.76 21.42
CA ILE A 23 2.41 -13.16 21.80
C ILE A 23 1.42 -14.08 21.07
N GLU A 24 0.15 -13.68 21.05
CA GLU A 24 -0.90 -14.47 20.39
C GLU A 24 -0.54 -14.70 18.91
N LEU A 25 -0.11 -13.65 18.21
CA LEU A 25 0.28 -13.78 16.81
C LEU A 25 1.39 -14.81 16.62
N LEU A 26 2.43 -14.70 17.42
CA LEU A 26 3.56 -15.62 17.32
C LEU A 26 3.11 -17.04 17.61
N SER A 27 2.27 -17.18 18.62
CA SER A 27 1.77 -18.48 19.03
C SER A 27 0.90 -19.10 17.92
N GLU A 28 0.03 -18.30 17.34
CA GLU A 28 -0.80 -18.77 16.21
C GLU A 28 0.02 -19.04 14.93
N CYS A 29 1.23 -18.47 14.84
CA CYS A 29 2.16 -18.84 13.79
C CYS A 29 3.01 -20.07 14.12
N GLY A 30 2.63 -20.80 15.18
CA GLY A 30 3.34 -22.04 15.54
C GLY A 30 4.63 -21.85 16.28
N VAL A 31 4.86 -20.67 16.85
CA VAL A 31 6.03 -20.45 17.71
C VAL A 31 5.65 -20.85 19.13
N LYS A 32 6.07 -22.04 19.54
CA LYS A 32 5.83 -22.54 20.89
C LYS A 32 6.86 -21.98 21.85
N MET A 33 6.38 -21.47 22.98
CA MET A 33 7.24 -20.87 23.99
C MET A 33 6.49 -20.79 25.32
N HIS A 34 7.24 -20.72 26.41
CA HIS A 34 6.65 -20.52 27.73
C HIS A 34 7.09 -19.16 28.27
N ILE A 35 6.14 -18.25 28.45
CA ILE A 35 6.43 -16.92 28.95
C ILE A 35 6.04 -16.80 30.41
N HIS A 36 7.01 -16.43 31.25
CA HIS A 36 6.77 -16.06 32.66
C HIS A 36 6.97 -14.54 32.74
N GLU A 37 5.99 -13.82 33.30
CA GLU A 37 5.97 -12.34 33.33
C GLU A 37 7.31 -11.75 33.79
N GLN A 38 7.97 -12.40 34.75
CA GLN A 38 9.26 -11.93 35.26
C GLN A 38 10.43 -12.19 34.28
N SER A 39 10.30 -13.20 33.40
CA SER A 39 11.35 -13.50 32.43
C SER A 39 11.27 -12.60 31.19
N LEU A 40 12.40 -12.00 30.87
CA LEU A 40 12.50 -10.99 29.84
C LEU A 40 12.93 -11.58 28.50
N ILE A 41 13.30 -12.85 28.51
CA ILE A 41 13.64 -13.53 27.30
C ILE A 41 13.03 -14.93 27.30
N ALA A 42 12.21 -15.21 26.30
CA ALA A 42 11.59 -16.51 26.14
C ALA A 42 12.22 -17.20 24.96
N PHE A 43 12.56 -18.47 25.15
CA PHE A 43 13.20 -19.26 24.12
C PHE A 43 12.16 -20.20 23.54
N SER A 44 11.99 -20.14 22.22
CA SER A 44 11.04 -21.03 21.56
C SER A 44 11.56 -22.47 21.66
N THR A 45 10.67 -23.38 21.99
CA THR A 45 11.03 -24.79 22.20
C THR A 45 11.08 -25.58 20.88
N ASN A 46 10.32 -25.13 19.88
CA ASN A 46 10.22 -25.86 18.61
C ASN A 46 10.85 -25.15 17.42
N LEU A 47 11.29 -23.91 17.59
CA LEU A 47 11.98 -23.17 16.53
C LEU A 47 13.17 -22.42 17.09
N PRO A 48 14.19 -22.15 16.26
CA PRO A 48 15.35 -21.40 16.71
C PRO A 48 15.06 -19.89 16.78
N ILE A 49 14.27 -19.51 17.80
CA ILE A 49 13.78 -18.14 17.95
C ILE A 49 13.84 -17.71 19.41
N ASP A 50 14.37 -16.51 19.64
CA ASP A 50 14.37 -15.89 20.97
C ASP A 50 13.46 -14.68 20.96
N ILE A 51 12.55 -14.63 21.92
CA ILE A 51 11.65 -13.52 22.06
C ILE A 51 12.15 -12.61 23.19
N LEU A 52 12.47 -11.37 22.85
CA LEU A 52 12.92 -10.43 23.85
C LEU A 52 11.76 -9.55 24.24
N ARG A 53 11.49 -9.48 25.53
CA ARG A 53 10.41 -8.65 26.01
C ARG A 53 10.97 -7.39 26.63
N VAL A 54 10.70 -6.29 25.96
CA VAL A 54 11.35 -5.02 26.20
C VAL A 54 10.31 -3.92 26.21
N ARG A 55 10.75 -2.73 26.58
CA ARG A 55 9.85 -1.59 26.56
C ARG A 55 9.67 -1.17 25.11
N ASP A 56 8.45 -0.80 24.74
CA ASP A 56 8.14 -0.58 23.33
C ASP A 56 8.99 0.56 22.77
N ASP A 57 9.28 1.56 23.62
CA ASP A 57 10.12 2.69 23.27
C ASP A 57 11.46 2.31 22.65
N ASP A 58 12.02 1.18 23.08
CA ASP A 58 13.34 0.78 22.64
C ASP A 58 13.35 -0.08 21.36
N ILE A 59 12.19 -0.61 20.97
CA ILE A 59 12.13 -1.53 19.85
C ILE A 59 12.63 -0.90 18.52
N PRO A 60 12.20 0.32 18.21
CA PRO A 60 12.73 0.92 16.97
C PRO A 60 14.26 1.02 16.97
N GLY A 61 14.83 1.53 18.06
CA GLY A 61 16.27 1.69 18.17
C GLY A 61 17.01 0.36 18.07
N LEU A 62 16.48 -0.68 18.70
CA LEU A 62 17.12 -1.99 18.62
C LEU A 62 17.16 -2.46 17.18
N ILE A 63 16.09 -2.20 16.43
CA ILE A 63 16.01 -2.57 15.01
C ILE A 63 16.92 -1.68 14.15
N PHE A 64 16.84 -0.36 14.36
CA PHE A 64 17.73 0.58 13.65
C PHE A 64 19.21 0.20 13.81
N ASP A 65 19.59 -0.22 15.02
CA ASP A 65 21.00 -0.56 15.34
C ASP A 65 21.37 -1.99 14.94
N GLY A 66 20.39 -2.76 14.44
CA GLY A 66 20.67 -4.09 13.93
C GLY A 66 20.93 -5.14 15.00
N VAL A 67 20.53 -4.86 16.25
CA VAL A 67 20.84 -5.75 17.39
C VAL A 67 19.75 -6.76 17.67
N VAL A 68 18.58 -6.59 17.06
CA VAL A 68 17.60 -7.65 16.98
C VAL A 68 17.21 -7.77 15.51
N ASP A 69 16.59 -8.90 15.16
CA ASP A 69 16.25 -9.15 13.78
C ASP A 69 14.85 -8.63 13.41
N LEU A 70 13.87 -8.95 14.25
CA LEU A 70 12.49 -8.54 14.03
C LEU A 70 11.94 -7.81 15.23
N GLY A 71 10.92 -6.99 14.98
CA GLY A 71 10.24 -6.27 16.03
C GLY A 71 8.76 -6.06 15.74
N ILE A 72 7.94 -6.08 16.78
CA ILE A 72 6.55 -5.70 16.66
C ILE A 72 6.33 -4.44 17.46
N ILE A 73 5.94 -3.37 16.77
CA ILE A 73 5.87 -2.05 17.38
C ILE A 73 4.74 -1.25 16.76
N GLY A 74 4.20 -0.32 17.52
CA GLY A 74 3.22 0.64 16.97
C GLY A 74 3.87 1.61 16.01
N GLU A 75 3.18 1.88 14.90
CA GLU A 75 3.67 2.81 13.91
C GLU A 75 4.05 4.18 14.51
N ASN A 76 3.20 4.69 15.38
CA ASN A 76 3.41 5.94 16.04
C ASN A 76 4.80 6.01 16.72
N VAL A 77 5.16 4.98 17.49
CA VAL A 77 6.42 4.95 18.19
C VAL A 77 7.56 4.76 17.21
N LEU A 78 7.37 3.92 16.20
CA LEU A 78 8.40 3.70 15.21
C LEU A 78 8.75 4.97 14.44
N GLU A 79 7.74 5.69 13.98
CA GLU A 79 7.96 6.94 13.26
C GLU A 79 8.51 8.08 14.12
N GLU A 80 8.02 8.18 15.34
CA GLU A 80 8.45 9.23 16.26
C GLU A 80 9.93 9.07 16.54
N ASN A 81 10.37 7.83 16.73
CA ASN A 81 11.79 7.54 16.93
C ASN A 81 12.62 7.70 15.68
N GLU A 82 12.05 7.30 14.55
CA GLU A 82 12.75 7.46 13.27
C GLU A 82 13.00 8.94 13.01
N LEU A 83 11.94 9.74 13.13
CA LEU A 83 12.06 11.19 12.95
C LEU A 83 13.08 11.81 13.92
N GLU A 84 13.05 11.39 15.17
CA GLU A 84 13.94 11.95 16.17
C GLU A 84 15.39 11.69 15.80
N ARG A 85 15.71 10.45 15.42
CA ARG A 85 17.07 10.13 15.02
C ARG A 85 17.50 10.86 13.76
N GLN A 86 16.59 11.04 12.82
CA GLN A 86 16.86 11.83 11.63
C GLN A 86 17.20 13.28 11.98
N SER A 87 16.50 13.83 12.97
CA SER A 87 16.74 15.21 13.40
C SER A 87 18.10 15.38 14.10
N LEU A 88 18.69 14.28 14.56
CA LEU A 88 20.05 14.30 15.11
C LEU A 88 21.10 13.97 14.06
N GLY A 89 20.70 13.99 12.78
CA GLY A 89 21.61 13.71 11.67
C GLY A 89 21.85 12.24 11.36
N GLU A 90 21.21 11.31 12.07
CA GLU A 90 21.40 9.87 11.80
C GLU A 90 20.54 9.44 10.63
N ASN A 91 20.76 8.23 10.13
CA ASN A 91 20.01 7.70 9.00
C ASN A 91 19.39 6.31 9.34
N PRO A 92 18.44 6.29 10.28
CA PRO A 92 17.87 5.03 10.71
C PRO A 92 17.13 4.38 9.55
N SER A 93 17.23 3.06 9.43
CA SER A 93 16.51 2.38 8.38
C SER A 93 16.07 1.00 8.88
N TYR A 94 15.08 0.46 8.20
CA TYR A 94 14.45 -0.78 8.56
C TYR A 94 13.60 -1.26 7.40
N LYS A 95 13.17 -2.51 7.45
CA LYS A 95 12.23 -3.06 6.50
C LYS A 95 10.88 -3.25 7.15
N LEU A 96 9.86 -2.68 6.53
CA LEU A 96 8.49 -2.90 6.99
C LEU A 96 8.04 -4.19 6.34
N LEU A 97 7.82 -5.22 7.14
CA LEU A 97 7.37 -6.50 6.61
C LEU A 97 5.86 -6.58 6.49
N LYS A 98 5.14 -6.05 7.46
CA LYS A 98 3.70 -6.18 7.49
C LYS A 98 3.03 -5.21 8.47
N LYS A 99 1.98 -4.54 8.01
CA LYS A 99 1.07 -3.82 8.91
C LYS A 99 0.09 -4.82 9.48
N LEU A 100 -0.05 -4.82 10.80
CA LEU A 100 -0.78 -5.90 11.48
C LEU A 100 -2.21 -5.47 11.81
N ASP A 101 -2.99 -6.38 12.34
CA ASP A 101 -4.42 -6.16 12.51
C ASP A 101 -4.78 -5.86 13.97
N PHE A 102 -3.87 -5.25 14.71
CA PHE A 102 -4.15 -4.79 16.06
C PHE A 102 -3.29 -3.56 16.39
N GLY A 103 -3.44 -3.04 17.60
CA GLY A 103 -2.77 -1.82 18.02
C GLY A 103 -3.31 -0.57 17.38
N TYR A 104 -4.58 -0.58 16.99
CA TYR A 104 -5.21 0.55 16.35
C TYR A 104 -5.36 1.68 17.35
N CYS A 105 -4.87 2.85 16.99
CA CYS A 105 -5.07 4.04 17.82
C CYS A 105 -4.82 5.24 16.97
N ARG A 106 -5.08 6.42 17.54
CA ARG A 106 -4.87 7.65 16.84
C ARG A 106 -4.26 8.74 17.73
N LEU A 107 -3.50 9.61 17.09
CA LEU A 107 -2.92 10.76 17.71
C LEU A 107 -3.81 11.94 17.32
N SER A 108 -4.33 12.66 18.30
CA SER A 108 -5.30 13.74 18.06
C SER A 108 -5.01 15.01 18.83
N LEU A 109 -5.24 16.16 18.17
CA LEU A 109 -5.26 17.44 18.83
C LEU A 109 -6.53 17.55 19.66
N ALA A 110 -6.39 18.05 20.88
CA ALA A 110 -7.52 18.25 21.75
C ALA A 110 -7.42 19.60 22.45
N LEU A 111 -8.59 20.13 22.83
CA LEU A 111 -8.72 21.45 23.43
C LEU A 111 -9.65 21.37 24.65
N PRO A 112 -9.55 22.35 25.57
CA PRO A 112 -10.54 22.42 26.65
C PRO A 112 -11.98 22.46 26.10
N GLN A 113 -12.90 21.79 26.78
CA GLN A 113 -14.30 21.70 26.33
C GLN A 113 -14.91 23.09 26.03
N GLU A 114 -14.54 24.08 26.84
CA GLU A 114 -15.05 25.45 26.67
C GLU A 114 -14.60 26.15 25.38
N ASN A 115 -13.44 25.81 24.86
CA ASN A 115 -12.89 26.50 23.68
C ASN A 115 -13.76 26.34 22.44
N LYS A 116 -13.83 27.40 21.63
CA LYS A 116 -14.55 27.37 20.35
C LYS A 116 -13.57 27.00 19.25
N PHE A 117 -13.77 25.83 18.66
CA PHE A 117 -12.91 25.35 17.58
C PHE A 117 -13.67 25.42 16.27
N GLN A 118 -13.14 26.18 15.31
CA GLN A 118 -13.69 26.23 13.95
C GLN A 118 -12.78 25.50 12.97
N ASN A 119 -11.48 25.81 12.98
CA ASN A 119 -10.54 25.14 12.05
C ASN A 119 -9.13 25.09 12.64
N LEU A 120 -8.27 24.37 11.93
CA LEU A 120 -6.88 24.19 12.33
C LEU A 120 -6.15 25.50 12.64
N LYS A 121 -6.49 26.58 11.94
CA LYS A 121 -5.90 27.92 12.19
C LYS A 121 -6.09 28.38 13.63
N ASP A 122 -7.08 27.84 14.33
CA ASP A 122 -7.29 28.16 15.76
C ASP A 122 -6.14 27.72 16.66
N PHE A 123 -5.30 26.80 16.18
CA PHE A 123 -4.10 26.37 16.89
C PHE A 123 -2.91 27.28 16.66
N GLU A 124 -3.05 28.26 15.79
CA GLU A 124 -1.95 29.18 15.49
C GLU A 124 -1.44 29.86 16.75
N GLY A 125 -0.17 29.65 17.04
CA GLY A 125 0.50 30.32 18.16
C GLY A 125 0.24 29.70 19.52
N LEU A 126 -0.49 28.58 19.58
CA LEU A 126 -0.82 27.96 20.87
C LEU A 126 0.35 27.12 21.37
N ARG A 127 0.42 26.97 22.69
CA ARG A 127 1.33 26.03 23.33
C ARG A 127 0.65 24.67 23.29
N ILE A 128 1.33 23.66 22.75
CA ILE A 128 0.74 22.31 22.61
C ILE A 128 1.60 21.26 23.31
N ALA A 129 1.00 20.56 24.25
CA ALA A 129 1.72 19.54 25.01
C ALA A 129 1.54 18.16 24.37
N THR A 130 2.63 17.41 24.26
CA THR A 130 2.59 16.09 23.61
C THR A 130 3.74 15.20 24.02
N SER A 131 3.51 13.89 24.00
CA SER A 131 4.60 12.91 24.06
C SER A 131 5.16 12.58 22.67
N TYR A 132 4.61 13.15 21.61
CA TYR A 132 5.03 12.83 20.24
C TYR A 132 5.42 14.10 19.49
N PRO A 133 6.46 14.80 19.99
CA PRO A 133 6.85 16.09 19.42
C PRO A 133 7.13 16.04 17.93
N GLN A 134 7.78 14.98 17.48
CA GLN A 134 8.16 14.90 16.05
C GLN A 134 6.96 14.70 15.16
N LEU A 135 6.05 13.81 15.54
CA LEU A 135 4.86 13.59 14.74
C LEU A 135 4.02 14.83 14.68
N LEU A 136 3.86 15.51 15.82
CA LEU A 136 3.15 16.79 15.85
C LEU A 136 3.84 17.81 14.95
N LYS A 137 5.15 17.93 15.08
CA LYS A 137 5.91 18.90 14.28
C LYS A 137 5.70 18.69 12.78
N ARG A 138 5.82 17.44 12.35
CA ARG A 138 5.68 17.15 10.92
C ARG A 138 4.28 17.51 10.43
N PHE A 139 3.26 17.19 11.21
CA PHE A 139 1.89 17.54 10.83
C PHE A 139 1.66 19.07 10.77
N MET A 140 2.19 19.79 11.76
CA MET A 140 2.00 21.23 11.81
C MET A 140 2.76 21.93 10.69
N LYS A 141 3.94 21.41 10.35
CA LYS A 141 4.69 21.95 9.23
C LYS A 141 3.94 21.73 7.92
N GLU A 142 3.47 20.52 7.71
CA GLU A 142 2.69 20.20 6.51
C GLU A 142 1.50 21.12 6.31
N ASN A 143 0.87 21.54 7.40
CA ASN A 143 -0.28 22.42 7.34
C ASN A 143 0.02 23.90 7.58
N GLY A 144 1.29 24.24 7.65
CA GLY A 144 1.73 25.61 7.82
C GLY A 144 1.22 26.34 9.06
N ILE A 145 1.18 25.64 10.20
CA ILE A 145 0.75 26.24 11.46
C ILE A 145 1.91 26.35 12.43
N ASN A 146 2.16 27.57 12.90
CA ASN A 146 3.15 27.81 13.94
C ASN A 146 2.58 27.59 15.33
N TYR A 147 3.38 27.02 16.22
CA TYR A 147 2.93 26.69 17.57
C TYR A 147 4.15 26.60 18.48
N LYS A 148 3.90 26.47 19.79
CA LYS A 148 4.97 26.26 20.75
C LYS A 148 4.85 24.84 21.31
N ASN A 149 5.90 24.03 21.14
CA ASN A 149 5.91 22.67 21.64
C ASN A 149 6.15 22.61 23.14
N CYS A 150 5.40 21.76 23.83
CA CYS A 150 5.69 21.41 25.22
C CYS A 150 5.73 19.87 25.36
N THR A 151 6.91 19.31 25.58
CA THR A 151 7.07 17.85 25.64
C THR A 151 6.81 17.33 27.05
N LEU A 152 5.85 16.43 27.16
CA LEU A 152 5.61 15.68 28.37
C LEU A 152 5.60 14.21 27.99
N THR A 153 6.24 13.38 28.81
CA THR A 153 6.37 11.97 28.50
C THR A 153 5.20 11.15 29.03
N GLY A 154 4.25 11.81 29.66
CA GLY A 154 3.06 11.13 30.17
C GLY A 154 2.12 12.13 30.85
N SER A 155 0.96 11.66 31.31
CA SER A 155 -0.02 12.54 31.92
C SER A 155 -0.26 13.80 31.07
N VAL A 156 -0.29 13.63 29.74
CA VAL A 156 -0.36 14.78 28.83
C VAL A 156 -1.63 15.61 29.06
N GLU A 157 -2.72 14.96 29.44
CA GLU A 157 -4.02 15.68 29.55
C GLU A 157 -4.10 16.63 30.75
N VAL A 158 -3.06 16.65 31.58
CA VAL A 158 -3.00 17.61 32.68
C VAL A 158 -2.67 19.00 32.20
N ALA A 159 -1.98 19.09 31.06
CA ALA A 159 -1.31 20.35 30.68
C ALA A 159 -2.21 21.61 30.63
N PRO A 160 -3.42 21.50 30.07
CA PRO A 160 -4.27 22.71 29.95
C PRO A 160 -4.77 23.22 31.30
N ARG A 161 -5.40 22.35 32.10
CA ARG A 161 -5.88 22.73 33.43
C ARG A 161 -4.73 23.21 34.33
N ALA A 162 -3.52 22.70 34.10
CA ALA A 162 -2.34 23.09 34.88
C ALA A 162 -1.58 24.26 34.25
N ASN A 163 -2.15 24.83 33.19
CA ASN A 163 -1.53 25.95 32.47
C ASN A 163 -0.10 25.68 31.98
N LEU A 164 0.20 24.43 31.63
CA LEU A 164 1.47 24.08 30.96
C LEU A 164 1.35 24.28 29.45
N ALA A 165 0.13 24.18 28.95
CA ALA A 165 -0.13 24.39 27.53
C ALA A 165 -1.58 24.84 27.31
N ASP A 166 -1.88 25.28 26.09
CA ASP A 166 -3.25 25.65 25.68
C ASP A 166 -4.02 24.47 25.09
N ALA A 167 -3.28 23.50 24.59
CA ALA A 167 -3.86 22.33 23.94
C ALA A 167 -2.94 21.13 24.10
N ILE A 168 -3.42 19.96 23.70
CA ILE A 168 -2.59 18.78 23.68
C ILE A 168 -2.70 18.03 22.36
N CYS A 169 -1.69 17.22 22.10
CA CYS A 169 -1.71 16.24 21.03
C CYS A 169 -1.41 14.89 21.67
N ASP A 170 -2.44 14.06 21.81
CA ASP A 170 -2.32 12.83 22.58
C ASP A 170 -2.92 11.61 21.88
N LEU A 171 -2.44 10.45 22.31
CA LEU A 171 -2.96 9.17 21.85
C LEU A 171 -4.30 8.93 22.45
N VAL A 172 -5.22 8.44 21.64
CA VAL A 172 -6.56 8.11 22.11
C VAL A 172 -7.08 6.87 21.36
N SER A 173 -7.95 6.13 22.05
CA SER A 173 -8.78 5.11 21.41
C SER A 173 -10.21 5.26 21.91
N SER A 174 -10.41 5.09 23.22
CA SER A 174 -11.75 5.25 23.83
C SER A 174 -12.23 6.72 24.01
N GLY A 175 -11.37 7.62 24.50
CA GLY A 175 -11.78 9.02 24.82
C GLY A 175 -11.95 9.33 26.30
N ALA A 176 -11.93 8.30 27.14
CA ALA A 176 -12.16 8.42 28.59
C ALA A 176 -11.34 9.50 29.30
N THR A 177 -10.03 9.44 29.17
CA THR A 177 -9.11 10.35 29.88
C THR A 177 -9.32 11.80 29.49
N LEU A 178 -9.78 12.04 28.26
CA LEU A 178 -10.06 13.39 27.80
C LEU A 178 -11.25 14.01 28.52
N GLN A 179 -12.34 13.26 28.61
CA GLN A 179 -13.55 13.71 29.32
C GLN A 179 -13.20 14.04 30.76
N ALA A 180 -12.52 13.10 31.41
CA ALA A 180 -12.13 13.26 32.81
C ALA A 180 -11.30 14.51 33.09
N ASN A 181 -10.60 15.04 32.08
CA ASN A 181 -9.82 16.27 32.24
C ASN A 181 -10.40 17.48 31.51
N ASN A 182 -11.70 17.43 31.20
CA ASN A 182 -12.39 18.55 30.57
C ASN A 182 -11.79 18.92 29.21
N LEU A 183 -11.50 17.92 28.40
CA LEU A 183 -10.96 18.12 27.06
C LEU A 183 -11.84 17.46 26.00
N LYS A 184 -11.80 18.01 24.79
CA LYS A 184 -12.54 17.45 23.66
C LYS A 184 -11.56 17.21 22.51
N GLU A 185 -11.69 16.05 21.88
CA GLU A 185 -10.96 15.72 20.68
C GLU A 185 -11.49 16.57 19.54
N VAL A 186 -10.58 17.12 18.75
CA VAL A 186 -10.91 18.12 17.76
C VAL A 186 -10.36 17.85 16.34
N LYS A 187 -9.25 17.14 16.24
CA LYS A 187 -8.65 16.84 14.95
C LYS A 187 -7.70 15.67 15.08
N VAL A 188 -7.97 14.60 14.33
CA VAL A 188 -7.06 13.45 14.23
C VAL A 188 -5.92 13.83 13.31
N ILE A 189 -4.68 13.70 13.79
CA ILE A 189 -3.51 14.01 12.97
C ILE A 189 -2.73 12.80 12.48
N TYR A 190 -2.89 11.67 13.16
CA TYR A 190 -2.16 10.48 12.81
C TYR A 190 -2.90 9.23 13.21
N GLU A 191 -2.88 8.22 12.35
CA GLU A 191 -3.53 6.94 12.62
C GLU A 191 -2.50 5.84 12.61
N SER A 192 -2.55 4.98 13.61
CA SER A 192 -1.48 4.05 13.84
C SER A 192 -2.00 2.65 14.02
N ARG A 193 -1.14 1.69 13.74
CA ARG A 193 -1.40 0.31 14.05
C ARG A 193 -0.06 -0.39 14.26
N ALA A 194 -0.10 -1.57 14.86
CA ALA A 194 1.11 -2.36 15.06
C ALA A 194 1.69 -2.81 13.72
N CYS A 195 3.02 -2.84 13.64
CA CYS A 195 3.75 -3.29 12.48
C CYS A 195 4.78 -4.31 12.86
N LEU A 196 5.10 -5.20 11.93
CA LEU A 196 6.19 -6.13 12.07
C LEU A 196 7.29 -5.60 11.20
N ILE A 197 8.45 -5.35 11.80
CA ILE A 197 9.56 -4.78 11.07
C ILE A 197 10.81 -5.65 11.21
N GLN A 198 11.78 -5.37 10.36
CA GLN A 198 13.04 -6.12 10.32
C GLN A 198 14.19 -5.16 10.17
N LYS A 199 15.33 -5.52 10.69
CA LYS A 199 16.52 -4.71 10.55
C LYS A 199 16.95 -4.62 9.10
N GLU A 200 17.68 -3.57 8.76
CA GLU A 200 18.06 -3.31 7.36
C GLU A 200 19.13 -4.26 6.86
N ASN A 201 20.14 -4.52 7.68
CA ASN A 201 21.25 -5.37 7.27
C ASN A 201 20.81 -6.81 7.01
N ALA A 202 21.26 -7.34 5.88
CA ALA A 202 20.85 -8.67 5.46
C ALA A 202 21.09 -9.70 6.55
N LEU A 203 20.17 -10.64 6.68
CA LEU A 203 20.35 -11.78 7.57
C LEU A 203 21.10 -12.89 6.84
N SER A 204 21.56 -13.88 7.60
CA SER A 204 22.08 -15.13 7.00
C SER A 204 20.98 -15.79 6.19
N LYS A 205 21.36 -16.65 5.26
CA LYS A 205 20.40 -17.33 4.40
C LYS A 205 19.40 -18.15 5.22
N GLU A 206 19.89 -18.80 6.25
CA GLU A 206 19.04 -19.64 7.09
C GLU A 206 18.03 -18.79 7.89
N LYS A 207 18.51 -17.69 8.48
CA LYS A 207 17.62 -16.81 9.24
C LYS A 207 16.58 -16.18 8.34
N GLN A 208 16.99 -15.74 7.16
CA GLN A 208 16.06 -15.12 6.23
C GLN A 208 14.99 -16.11 5.77
N ALA A 209 15.37 -17.37 5.57
CA ALA A 209 14.43 -18.40 5.17
C ALA A 209 13.41 -18.67 6.28
N LEU A 210 13.87 -18.63 7.53
CA LEU A 210 12.95 -18.75 8.66
C LEU A 210 11.98 -17.55 8.73
N VAL A 211 12.49 -16.34 8.50
CA VAL A 211 11.61 -15.15 8.45
C VAL A 211 10.57 -15.28 7.34
N ASP A 212 11.01 -15.73 6.17
CA ASP A 212 10.10 -15.96 5.04
C ASP A 212 8.98 -16.94 5.40
N LYS A 213 9.34 -18.04 6.03
CA LYS A 213 8.35 -19.02 6.50
C LYS A 213 7.38 -18.42 7.52
N ILE A 214 7.90 -17.67 8.45
CA ILE A 214 7.04 -17.02 9.44
C ILE A 214 6.07 -16.05 8.78
N MET A 215 6.58 -15.25 7.85
CA MET A 215 5.78 -14.22 7.18
C MET A 215 4.57 -14.80 6.44
N LEU A 216 4.76 -15.96 5.82
CA LEU A 216 3.68 -16.68 5.17
C LEU A 216 2.63 -17.10 6.18
N ARG A 217 3.07 -17.55 7.34
CA ARG A 217 2.17 -17.85 8.45
C ARG A 217 1.45 -16.62 8.98
N VAL A 218 2.16 -15.50 9.12
CA VAL A 218 1.53 -14.27 9.61
C VAL A 218 0.38 -13.84 8.70
N ALA A 219 0.67 -13.85 7.40
CA ALA A 219 -0.32 -13.49 6.37
C ALA A 219 -1.52 -14.43 6.44
N GLY A 220 -1.23 -15.71 6.53
CA GLY A 220 -2.28 -16.71 6.77
C GLY A 220 -3.15 -16.50 8.00
N VAL A 221 -2.52 -16.27 9.14
CA VAL A 221 -3.26 -16.05 10.38
C VAL A 221 -4.15 -14.82 10.27
N MET A 222 -3.61 -13.74 9.72
CA MET A 222 -4.37 -12.50 9.59
C MET A 222 -5.49 -12.61 8.59
N GLN A 223 -5.21 -13.34 7.51
CA GLN A 223 -6.17 -13.48 6.46
C GLN A 223 -7.34 -14.34 6.94
N ALA A 224 -7.07 -15.40 7.71
CA ALA A 224 -8.12 -16.22 8.31
C ALA A 224 -9.07 -15.47 9.27
N ARG A 225 -8.53 -14.50 9.99
CA ARG A 225 -9.33 -13.64 10.89
C ARG A 225 -10.29 -12.73 10.13
N GLU A 226 -9.85 -12.27 8.96
CA GLU A 226 -10.61 -11.31 8.18
C GLU A 226 -11.54 -12.00 7.16
N SER A 227 -10.99 -13.00 6.45
CA SER A 227 -11.76 -13.70 5.44
C SER A 227 -12.90 -14.53 6.01
N LYS A 228 -13.96 -14.66 5.24
CA LYS A 228 -15.06 -15.57 5.56
C LYS A 228 -15.41 -16.46 4.36
N TYR A 229 -15.97 -17.63 4.64
CA TYR A 229 -16.45 -18.49 3.58
C TYR A 229 -17.90 -18.16 3.33
N ILE A 230 -18.19 -17.76 2.09
CA ILE A 230 -19.49 -17.25 1.72
C ILE A 230 -20.19 -18.22 0.73
N MET A 231 -21.46 -18.49 1.01
CA MET A 231 -22.32 -19.23 0.07
C MET A 231 -23.59 -18.43 -0.12
N LEU A 232 -23.99 -18.23 -1.38
CA LEU A 232 -25.22 -17.49 -1.68
C LEU A 232 -25.81 -17.90 -3.03
N HIS A 233 -27.06 -17.53 -3.25
CA HIS A 233 -27.71 -17.65 -4.55
C HIS A 233 -27.72 -16.29 -5.22
N ALA A 234 -27.36 -16.28 -6.51
CA ALA A 234 -27.33 -15.05 -7.30
C ALA A 234 -28.02 -15.25 -8.64
N PRO A 235 -28.79 -14.25 -9.10
CA PRO A 235 -29.29 -14.30 -10.48
C PRO A 235 -28.13 -14.20 -11.45
N LYS A 236 -28.17 -15.00 -12.52
CA LYS A 236 -27.09 -14.98 -13.51
C LYS A 236 -26.91 -13.58 -14.09
N GLU A 237 -28.02 -12.86 -14.25
CA GLU A 237 -28.02 -11.50 -14.79
C GLU A 237 -27.31 -10.46 -13.90
N LYS A 238 -27.12 -10.79 -12.62
CA LYS A 238 -26.50 -9.89 -11.64
C LYS A 238 -25.13 -10.33 -11.10
N LEU A 239 -24.54 -11.35 -11.68
CA LEU A 239 -23.33 -11.92 -11.09
C LEU A 239 -22.18 -10.94 -11.03
N ASP A 240 -22.00 -10.14 -12.06
CA ASP A 240 -20.88 -9.23 -12.11
C ASP A 240 -20.96 -8.19 -11.01
N LYS A 241 -22.15 -7.65 -10.77
CA LYS A 241 -22.31 -6.71 -9.68
C LYS A 241 -22.04 -7.33 -8.32
N ILE A 242 -22.53 -8.56 -8.12
CA ILE A 242 -22.38 -9.23 -6.84
C ILE A 242 -20.91 -9.39 -6.59
N GLN A 243 -20.18 -9.81 -7.62
CA GLN A 243 -18.75 -10.01 -7.41
C GLN A 243 -18.02 -8.73 -7.09
N ALA A 244 -18.44 -7.63 -7.70
CA ALA A 244 -17.87 -6.32 -7.43
C ALA A 244 -18.14 -5.90 -5.98
N LEU A 245 -19.28 -6.29 -5.43
CA LEU A 245 -19.62 -6.06 -4.03
C LEU A 245 -18.74 -6.83 -3.04
N LEU A 246 -18.40 -8.06 -3.39
CA LEU A 246 -17.61 -8.92 -2.53
C LEU A 246 -16.32 -9.34 -3.21
N PRO A 247 -15.28 -8.55 -3.06
CA PRO A 247 -13.99 -8.95 -3.62
C PRO A 247 -13.52 -10.22 -2.94
N GLY A 248 -12.95 -11.14 -3.70
CA GLY A 248 -12.55 -12.44 -3.16
C GLY A 248 -11.06 -12.67 -3.25
N VAL A 249 -10.59 -13.67 -2.49
CA VAL A 249 -9.18 -14.05 -2.48
C VAL A 249 -8.86 -14.81 -3.77
N GLU A 250 -9.83 -15.53 -4.29
CA GLU A 250 -9.74 -16.22 -5.59
C GLU A 250 -11.01 -15.94 -6.37
N ARG A 251 -11.11 -16.52 -7.56
CA ARG A 251 -12.33 -16.42 -8.35
C ARG A 251 -13.42 -17.25 -7.67
N PRO A 252 -14.68 -16.76 -7.69
CA PRO A 252 -15.74 -17.55 -7.07
C PRO A 252 -16.01 -18.87 -7.79
N THR A 253 -16.42 -19.89 -7.04
CA THR A 253 -16.92 -21.12 -7.63
C THR A 253 -18.40 -20.92 -7.92
N ILE A 254 -18.78 -21.20 -9.15
CA ILE A 254 -20.15 -21.02 -9.59
C ILE A 254 -20.74 -22.39 -9.88
N LEU A 255 -21.88 -22.68 -9.27
CA LEU A 255 -22.52 -23.97 -9.39
C LEU A 255 -23.97 -23.81 -9.86
N PRO A 256 -24.41 -24.66 -10.81
CA PRO A 256 -25.80 -24.58 -11.23
C PRO A 256 -26.74 -25.08 -10.15
N LEU A 257 -27.92 -24.47 -10.05
CA LEU A 257 -28.94 -24.90 -9.13
C LEU A 257 -29.94 -25.80 -9.89
N ALA A 258 -30.19 -26.98 -9.34
CA ALA A 258 -30.89 -28.04 -10.09
C ALA A 258 -32.28 -27.64 -10.64
N HIS A 259 -33.12 -27.06 -9.79
CA HIS A 259 -34.49 -26.80 -10.21
C HIS A 259 -34.67 -25.39 -10.77
N ASP A 260 -33.57 -24.70 -11.10
CA ASP A 260 -33.60 -23.25 -11.29
C ASP A 260 -32.61 -22.80 -12.36
N GLU A 261 -33.13 -22.28 -13.46
CA GLU A 261 -32.32 -21.90 -14.62
C GLU A 261 -31.88 -20.43 -14.59
N LYS A 262 -32.62 -19.58 -13.86
CA LYS A 262 -32.31 -18.15 -13.77
C LYS A 262 -31.22 -17.81 -12.75
N ASN A 263 -30.98 -18.70 -11.77
CA ASN A 263 -30.02 -18.45 -10.69
C ASN A 263 -28.90 -19.47 -10.62
N VAL A 264 -27.80 -19.05 -9.98
CA VAL A 264 -26.68 -19.93 -9.65
C VAL A 264 -26.28 -19.85 -8.16
N ALA A 265 -25.56 -20.87 -7.71
CA ALA A 265 -24.97 -20.86 -6.39
C ALA A 265 -23.56 -20.35 -6.51
N LEU A 266 -23.19 -19.47 -5.59
CA LEU A 266 -21.85 -18.93 -5.54
C LEU A 266 -21.18 -19.30 -4.22
N HIS A 267 -20.01 -19.89 -4.31
CA HIS A 267 -19.20 -20.22 -3.14
C HIS A 267 -17.91 -19.43 -3.31
N MET A 268 -17.51 -18.69 -2.28
CA MET A 268 -16.30 -17.89 -2.36
C MET A 268 -15.73 -17.55 -0.98
N VAL A 269 -14.50 -17.07 -1.00
CA VAL A 269 -13.81 -16.62 0.17
C VAL A 269 -13.63 -15.12 0.04
N SER A 270 -14.21 -14.35 0.95
CA SER A 270 -14.06 -12.89 0.92
C SER A 270 -12.66 -12.48 1.34
N LYS A 271 -12.17 -11.38 0.76
CA LYS A 271 -10.86 -10.81 1.11
C LYS A 271 -10.95 -10.08 2.43
N GLU A 272 -12.10 -9.44 2.64
CA GLU A 272 -12.39 -8.68 3.84
C GLU A 272 -13.63 -9.24 4.55
N ASN A 273 -13.86 -8.79 5.77
CA ASN A 273 -14.96 -9.28 6.57
C ASN A 273 -16.27 -8.71 6.02
N LEU A 274 -17.36 -9.44 6.23
CA LEU A 274 -18.67 -9.02 5.75
C LEU A 274 -19.45 -8.24 6.79
N PHE A 275 -19.70 -6.97 6.51
CA PHE A 275 -20.54 -6.14 7.35
C PHE A 275 -21.98 -6.17 6.84
N TRP A 276 -22.91 -5.78 7.71
CA TRP A 276 -24.32 -5.78 7.36
C TRP A 276 -24.65 -4.93 6.13
N GLU A 277 -23.92 -3.82 5.96
CA GLU A 277 -24.06 -2.98 4.76
C GLU A 277 -23.89 -3.82 3.49
N THR A 278 -22.84 -4.64 3.46
CA THR A 278 -22.55 -5.48 2.30
C THR A 278 -23.63 -6.54 2.13
N MET A 279 -24.07 -7.14 3.23
CA MET A 279 -25.11 -8.16 3.19
C MET A 279 -26.36 -7.55 2.58
N GLU A 280 -26.67 -6.34 3.01
CA GLU A 280 -27.84 -5.62 2.52
C GLU A 280 -27.70 -5.20 1.05
N ALA A 281 -26.52 -4.74 0.66
CA ALA A 281 -26.26 -4.42 -0.74
C ALA A 281 -26.40 -5.67 -1.63
N LEU A 282 -25.91 -6.81 -1.17
CA LEU A 282 -26.04 -8.06 -1.92
C LEU A 282 -27.50 -8.43 -2.13
N LYS A 283 -28.29 -8.29 -1.08
CA LYS A 283 -29.73 -8.54 -1.17
C LYS A 283 -30.41 -7.57 -2.14
N GLU A 284 -30.04 -6.30 -2.07
CA GLU A 284 -30.55 -5.29 -3.01
C GLU A 284 -30.29 -5.68 -4.46
N GLU A 285 -29.10 -6.20 -4.74
CA GLU A 285 -28.75 -6.69 -6.08
C GLU A 285 -29.38 -8.04 -6.44
N GLY A 286 -30.22 -8.59 -5.58
CA GLY A 286 -30.98 -9.81 -5.90
C GLY A 286 -30.41 -11.12 -5.34
N ALA A 287 -29.29 -11.03 -4.62
CA ALA A 287 -28.73 -12.21 -3.96
C ALA A 287 -29.67 -12.72 -2.87
N SER A 288 -29.67 -14.03 -2.66
CA SER A 288 -30.49 -14.64 -1.59
C SER A 288 -29.76 -15.82 -0.94
N SER A 289 -30.30 -16.31 0.17
CA SER A 289 -29.72 -17.40 0.95
C SER A 289 -28.24 -17.18 1.24
N ILE A 290 -27.93 -16.02 1.80
CA ILE A 290 -26.55 -15.64 2.04
C ILE A 290 -26.06 -16.24 3.37
N LEU A 291 -25.01 -17.05 3.29
CA LEU A 291 -24.40 -17.68 4.43
C LEU A 291 -22.94 -17.26 4.55
N VAL A 292 -22.53 -16.92 5.78
CA VAL A 292 -21.15 -16.50 6.06
C VAL A 292 -20.62 -17.39 7.17
N LEU A 293 -19.61 -18.20 6.85
CA LEU A 293 -19.02 -19.12 7.82
C LEU A 293 -17.62 -18.66 8.20
N PRO A 294 -17.20 -18.94 9.46
CA PRO A 294 -15.88 -18.55 9.90
C PRO A 294 -14.83 -19.52 9.38
N ILE A 295 -13.62 -19.00 9.20
CA ILE A 295 -12.49 -19.75 8.77
C ILE A 295 -11.43 -19.77 9.88
N GLU A 296 -10.91 -20.95 10.20
CA GLU A 296 -9.93 -21.09 11.29
C GLU A 296 -8.50 -20.99 10.80
N LYS A 297 -8.23 -21.51 9.62
CA LYS A 297 -6.89 -21.44 9.01
C LYS A 297 -7.01 -21.40 7.50
N MET A 298 -6.05 -20.75 6.85
CA MET A 298 -6.00 -20.76 5.40
C MET A 298 -4.60 -20.51 4.88
N LEU A 299 -4.39 -20.92 3.64
CA LEU A 299 -3.12 -20.74 2.91
C LEU A 299 -3.47 -20.71 1.45
N LYS A 300 -3.24 -19.57 0.79
CA LYS A 300 -3.57 -19.43 -0.64
C LYS A 300 -2.69 -20.30 -1.53
N ASN B 5 -1.57 32.07 39.20
CA ASN B 5 -2.57 31.81 40.27
C ASN B 5 -1.92 31.82 41.64
N THR B 6 -2.75 31.96 42.66
CA THR B 6 -2.27 32.07 44.02
C THR B 6 -1.98 30.72 44.67
N ARG B 7 -2.50 29.63 44.10
CA ARG B 7 -2.41 28.32 44.73
C ARG B 7 -1.06 27.65 44.52
N LEU B 8 -0.58 26.97 45.57
CA LEU B 8 0.67 26.28 45.55
C LEU B 8 0.56 24.99 44.70
N ARG B 9 1.52 24.77 43.81
CA ARG B 9 1.50 23.59 42.93
C ARG B 9 2.54 22.55 43.30
N ILE B 10 2.08 21.35 43.54
CA ILE B 10 2.93 20.22 43.98
C ILE B 10 2.80 19.10 42.97
N ALA B 11 3.92 18.68 42.40
CA ALA B 11 3.95 17.56 41.45
C ALA B 11 4.31 16.27 42.14
N ILE B 12 3.47 15.26 41.98
CA ILE B 12 3.74 13.93 42.50
C ILE B 12 3.53 12.90 41.37
N GLN B 13 4.02 11.69 41.57
CA GLN B 13 3.84 10.62 40.61
C GLN B 13 2.37 10.18 40.52
N LYS B 14 1.85 10.12 39.30
CA LYS B 14 0.48 9.66 39.07
C LYS B 14 0.24 8.24 39.54
N SER B 15 1.08 7.31 39.08
CA SER B 15 0.96 5.91 39.47
C SER B 15 2.29 5.24 39.34
N GLY B 16 2.64 4.45 40.33
CA GLY B 16 3.98 3.91 40.45
C GLY B 16 4.34 3.73 41.91
N ARG B 17 5.62 3.48 42.15
CA ARG B 17 6.09 3.10 43.47
C ARG B 17 6.03 4.24 44.51
N LEU B 18 5.97 5.49 44.07
CA LEU B 18 5.98 6.62 44.98
C LEU B 18 4.60 7.19 45.21
N SER B 19 3.64 6.81 44.38
CA SER B 19 2.33 7.44 44.39
C SER B 19 1.60 7.35 45.68
N LYS B 20 1.44 6.14 46.19
CA LYS B 20 0.63 5.93 47.39
C LYS B 20 1.22 6.71 48.57
N GLU B 21 2.52 6.56 48.78
CA GLU B 21 3.18 7.18 49.91
C GLU B 21 3.26 8.72 49.78
N SER B 22 3.29 9.23 48.57
CA SER B 22 3.29 10.67 48.36
C SER B 22 1.97 11.27 48.79
N ILE B 23 0.87 10.62 48.39
CA ILE B 23 -0.46 11.04 48.77
C ILE B 23 -0.66 10.90 50.28
N GLU B 24 -0.24 9.77 50.84
CA GLU B 24 -0.35 9.55 52.30
C GLU B 24 0.38 10.64 53.09
N LEU B 25 1.59 11.00 52.67
CA LEU B 25 2.33 12.03 53.37
C LEU B 25 1.56 13.35 53.37
N LEU B 26 1.06 13.75 52.22
CA LEU B 26 0.34 15.01 52.11
C LEU B 26 -0.93 14.96 52.96
N SER B 27 -1.60 13.82 52.92
CA SER B 27 -2.81 13.62 53.69
C SER B 27 -2.55 13.67 55.20
N GLU B 28 -1.50 13.01 55.64
CA GLU B 28 -1.08 13.09 57.04
C GLU B 28 -0.58 14.49 57.47
N CYS B 29 -0.16 15.32 56.50
CA CYS B 29 0.15 16.71 56.77
C CYS B 29 -1.10 17.61 56.73
N GLY B 30 -2.28 17.00 56.72
CA GLY B 30 -3.52 17.77 56.75
C GLY B 30 -3.95 18.38 55.43
N VAL B 31 -3.40 17.89 54.31
CA VAL B 31 -3.87 18.33 53.01
C VAL B 31 -5.04 17.44 52.60
N LYS B 32 -6.26 17.95 52.74
CA LYS B 32 -7.45 17.22 52.31
C LYS B 32 -7.67 17.39 50.83
N MET B 33 -7.95 16.27 50.17
CA MET B 33 -8.19 16.27 48.73
C MET B 33 -8.87 14.97 48.33
N HIS B 34 -9.56 14.98 47.20
CA HIS B 34 -10.19 13.79 46.66
C HIS B 34 -9.53 13.45 45.33
N ILE B 35 -8.84 12.33 45.29
CA ILE B 35 -8.14 11.89 44.10
C ILE B 35 -8.94 10.81 43.38
N HIS B 36 -9.25 11.07 42.11
CA HIS B 36 -9.80 10.07 41.22
C HIS B 36 -8.74 9.70 40.20
N GLU B 37 -8.49 8.40 40.04
CA GLU B 37 -7.35 7.90 39.24
C GLU B 37 -7.25 8.54 37.86
N GLN B 38 -8.40 8.81 37.24
CA GLN B 38 -8.44 9.45 35.92
C GLN B 38 -8.12 10.95 35.96
N SER B 39 -8.36 11.61 37.10
CA SER B 39 -8.09 13.06 37.23
C SER B 39 -6.62 13.34 37.58
N LEU B 40 -6.03 14.19 36.75
CA LEU B 40 -4.59 14.45 36.78
C LEU B 40 -4.25 15.68 37.61
N ILE B 41 -5.27 16.44 38.03
CA ILE B 41 -5.10 17.51 39.02
C ILE B 41 -6.13 17.36 40.12
N ALA B 42 -5.65 17.29 41.36
CA ALA B 42 -6.52 17.29 42.52
C ALA B 42 -6.37 18.61 43.24
N PHE B 43 -7.51 19.20 43.61
CA PHE B 43 -7.52 20.48 44.29
C PHE B 43 -7.78 20.23 45.76
N SER B 44 -6.89 20.72 46.62
CA SER B 44 -7.12 20.60 48.06
C SER B 44 -8.34 21.42 48.47
N THR B 45 -9.18 20.83 49.31
CA THR B 45 -10.44 21.46 49.71
C THR B 45 -10.25 22.40 50.89
N ASN B 46 -9.21 22.17 51.70
CA ASN B 46 -8.97 22.96 52.93
C ASN B 46 -7.74 23.84 52.89
N LEU B 47 -6.88 23.70 51.87
CA LEU B 47 -5.71 24.56 51.71
C LEU B 47 -5.57 24.99 50.26
N PRO B 48 -4.89 26.14 50.01
CA PRO B 48 -4.71 26.63 48.65
C PRO B 48 -3.57 25.87 47.95
N ILE B 49 -3.84 24.61 47.59
CA ILE B 49 -2.83 23.71 47.04
C ILE B 49 -3.43 22.89 45.90
N ASP B 50 -2.68 22.81 44.80
CA ASP B 50 -3.04 21.96 43.66
C ASP B 50 -2.02 20.84 43.54
N ILE B 51 -2.51 19.61 43.46
CA ILE B 51 -1.64 18.46 43.31
C ILE B 51 -1.69 18.00 41.84
N LEU B 52 -0.54 18.09 41.17
CA LEU B 52 -0.42 17.68 39.79
C LEU B 52 0.15 16.26 39.74
N ARG B 53 -0.58 15.35 39.09
CA ARG B 53 -0.25 13.93 39.08
C ARG B 53 0.33 13.60 37.74
N VAL B 54 1.65 13.43 37.70
CA VAL B 54 2.39 13.37 36.44
C VAL B 54 3.25 12.12 36.40
N ARG B 55 3.97 11.95 35.29
CA ARG B 55 4.95 10.91 35.23
C ARG B 55 6.21 11.36 35.96
N ASP B 56 6.82 10.46 36.72
CA ASP B 56 7.87 10.86 37.62
C ASP B 56 9.02 11.48 36.83
N ASP B 57 9.25 10.95 35.62
CA ASP B 57 10.31 11.44 34.74
C ASP B 57 10.29 12.94 34.51
N ASP B 58 9.10 13.52 34.52
CA ASP B 58 8.94 14.95 34.22
C ASP B 58 9.08 15.87 35.45
N ILE B 59 9.02 15.30 36.66
CA ILE B 59 8.99 16.11 37.88
C ILE B 59 10.25 16.98 38.04
N PRO B 60 11.43 16.40 37.84
CA PRO B 60 12.61 17.27 37.92
C PRO B 60 12.54 18.46 36.95
N GLY B 61 12.21 18.20 35.69
CA GLY B 61 12.13 19.24 34.66
C GLY B 61 11.10 20.32 34.99
N LEU B 62 9.95 19.91 35.51
CA LEU B 62 8.93 20.88 35.90
C LEU B 62 9.46 21.81 37.01
N ILE B 63 10.23 21.25 37.93
CA ILE B 63 10.83 22.00 39.01
C ILE B 63 11.98 22.90 38.49
N PHE B 64 12.87 22.32 37.69
CA PHE B 64 13.98 23.09 37.07
C PHE B 64 13.46 24.31 36.32
N ASP B 65 12.33 24.15 35.62
CA ASP B 65 11.76 25.20 34.78
C ASP B 65 10.87 26.17 35.57
N GLY B 66 10.68 25.90 36.87
CA GLY B 66 9.94 26.80 37.74
C GLY B 66 8.44 26.80 37.52
N VAL B 67 7.93 25.76 36.88
CA VAL B 67 6.54 25.69 36.48
C VAL B 67 5.63 24.98 37.50
N VAL B 68 6.24 24.31 38.46
CA VAL B 68 5.55 23.92 39.68
C VAL B 68 6.40 24.38 40.84
N ASP B 69 5.82 24.42 42.03
CA ASP B 69 6.51 24.93 43.21
C ASP B 69 7.25 23.83 43.97
N LEU B 70 6.57 22.72 44.22
CA LEU B 70 7.14 21.58 44.92
C LEU B 70 7.01 20.31 44.13
N GLY B 71 7.86 19.35 44.44
CA GLY B 71 7.82 18.02 43.82
C GLY B 71 8.30 16.93 44.76
N ILE B 72 7.70 15.74 44.61
CA ILE B 72 8.18 14.57 45.31
C ILE B 72 8.69 13.60 44.28
N ILE B 73 9.97 13.29 44.35
CA ILE B 73 10.63 12.51 43.33
C ILE B 73 11.74 11.69 43.95
N GLY B 74 12.05 10.54 43.32
CA GLY B 74 13.21 9.75 43.70
C GLY B 74 14.49 10.47 43.38
N GLU B 75 15.44 10.43 44.31
CA GLU B 75 16.76 11.03 44.11
C GLU B 75 17.42 10.61 42.81
N ASN B 76 17.35 9.31 42.54
CA ASN B 76 17.95 8.75 41.33
C ASN B 76 17.46 9.50 40.06
N VAL B 77 16.14 9.73 39.96
CA VAL B 77 15.56 10.36 38.78
C VAL B 77 15.91 11.84 38.77
N LEU B 78 15.87 12.46 39.94
CA LEU B 78 16.27 13.84 40.09
C LEU B 78 17.69 14.09 39.58
N GLU B 79 18.66 13.31 40.05
CA GLU B 79 20.04 13.56 39.66
C GLU B 79 20.38 13.10 38.25
N GLU B 80 19.77 12.01 37.80
CA GLU B 80 19.93 11.58 36.41
C GLU B 80 19.52 12.72 35.48
N ASN B 81 18.39 13.34 35.74
CA ASN B 81 17.90 14.43 34.89
C ASN B 81 18.71 15.70 35.05
N GLU B 82 19.14 15.98 36.28
CA GLU B 82 20.01 17.12 36.53
C GLU B 82 21.28 16.96 35.71
N LEU B 83 21.92 15.81 35.82
CA LEU B 83 23.15 15.53 35.05
C LEU B 83 22.94 15.60 33.55
N GLU B 84 21.83 15.06 33.07
CA GLU B 84 21.52 15.08 31.63
C GLU B 84 21.42 16.53 31.12
N ARG B 85 20.68 17.38 31.85
CA ARG B 85 20.54 18.77 31.43
C ARG B 85 21.84 19.56 31.51
N GLN B 86 22.67 19.26 32.51
CA GLN B 86 24.00 19.84 32.60
C GLN B 86 24.87 19.46 31.40
N SER B 87 24.74 18.21 30.93
CA SER B 87 25.52 17.74 29.79
C SER B 87 25.07 18.39 28.47
N LEU B 88 23.87 18.98 28.45
CA LEU B 88 23.42 19.76 27.30
C LEU B 88 23.72 21.25 27.48
N GLY B 89 24.55 21.59 28.45
CA GLY B 89 24.94 22.98 28.69
C GLY B 89 23.98 23.81 29.55
N GLU B 90 22.88 23.22 30.03
CA GLU B 90 21.92 23.97 30.85
C GLU B 90 22.41 24.04 32.28
N ASN B 91 21.75 24.86 33.09
CA ASN B 91 22.11 25.02 34.48
C ASN B 91 20.90 24.79 35.40
N PRO B 92 20.41 23.55 35.46
CA PRO B 92 19.23 23.27 36.28
C PRO B 92 19.53 23.50 37.73
N SER B 93 18.55 24.01 38.47
CA SER B 93 18.74 24.20 39.91
C SER B 93 17.43 24.05 40.65
N TYR B 94 17.55 23.79 41.96
CA TYR B 94 16.41 23.49 42.78
C TYR B 94 16.84 23.52 44.22
N LYS B 95 15.86 23.52 45.12
CA LYS B 95 16.15 23.41 46.55
C LYS B 95 15.70 22.06 47.07
N LEU B 96 16.60 21.36 47.74
CA LEU B 96 16.26 20.13 48.41
C LEU B 96 15.70 20.49 49.77
N LEU B 97 14.42 20.24 49.98
CA LEU B 97 13.79 20.56 51.26
C LEU B 97 13.95 19.44 52.28
N LYS B 98 13.79 18.19 51.85
CA LYS B 98 13.79 17.08 52.77
C LYS B 98 13.96 15.74 52.07
N LYS B 99 14.86 14.92 52.60
CA LYS B 99 14.94 13.51 52.23
C LYS B 99 13.87 12.77 53.00
N LEU B 100 13.03 12.00 52.30
CA LEU B 100 11.84 11.39 52.89
C LEU B 100 12.07 9.94 53.31
N ASP B 101 11.08 9.34 53.97
CA ASP B 101 11.28 8.02 54.60
C ASP B 101 10.64 6.90 53.78
N PHE B 102 10.61 7.05 52.46
CA PHE B 102 10.17 6.00 51.56
C PHE B 102 10.87 6.12 50.20
N GLY B 103 10.54 5.22 49.28
CA GLY B 103 11.16 5.18 47.97
C GLY B 103 12.60 4.67 48.01
N TYR B 104 12.92 3.86 49.01
CA TYR B 104 14.27 3.37 49.17
C TYR B 104 14.60 2.38 48.07
N CYS B 105 15.71 2.63 47.39
CA CYS B 105 16.20 1.67 46.41
C CYS B 105 17.65 1.97 46.14
N ARG B 106 18.27 1.11 45.36
CA ARG B 106 19.68 1.30 45.00
C ARG B 106 19.93 0.97 43.54
N LEU B 107 20.92 1.63 42.99
CA LEU B 107 21.40 1.40 41.66
C LEU B 107 22.66 0.56 41.78
N SER B 108 22.67 -0.61 41.15
CA SER B 108 23.74 -1.58 41.33
C SER B 108 24.24 -2.16 40.01
N LEU B 109 25.56 -2.35 39.93
CA LEU B 109 26.16 -3.14 38.87
C LEU B 109 25.89 -4.61 39.11
N ALA B 110 25.51 -5.30 38.05
CA ALA B 110 25.23 -6.74 38.14
C ALA B 110 25.83 -7.46 36.94
N LEU B 111 26.13 -8.74 37.15
CA LEU B 111 26.81 -9.60 36.17
C LEU B 111 26.09 -10.94 36.09
N PRO B 112 26.30 -11.67 34.98
CA PRO B 112 25.78 -13.05 34.94
C PRO B 112 26.30 -13.88 36.11
N GLN B 113 25.44 -14.75 36.66
CA GLN B 113 25.76 -15.61 37.81
C GLN B 113 27.11 -16.37 37.62
N GLU B 114 27.37 -16.82 36.39
CA GLU B 114 28.61 -17.55 36.07
C GLU B 114 29.90 -16.73 36.15
N ASN B 115 29.83 -15.42 35.90
CA ASN B 115 31.04 -14.58 35.87
C ASN B 115 31.79 -14.55 37.20
N LYS B 116 33.12 -14.50 37.12
CA LYS B 116 33.98 -14.36 38.30
C LYS B 116 34.26 -12.88 38.53
N PHE B 117 33.74 -12.36 39.63
CA PHE B 117 33.93 -10.96 39.99
C PHE B 117 34.88 -10.87 41.17
N GLN B 118 36.01 -10.20 40.98
CA GLN B 118 36.96 -9.94 42.05
C GLN B 118 36.93 -8.45 42.46
N ASN B 119 37.01 -7.55 41.49
CA ASN B 119 37.04 -6.11 41.75
C ASN B 119 36.40 -5.28 40.64
N LEU B 120 36.18 -4.00 40.92
CA LEU B 120 35.61 -3.07 39.93
C LEU B 120 36.36 -3.08 38.60
N LYS B 121 37.66 -3.30 38.64
CA LYS B 121 38.46 -3.38 37.41
C LYS B 121 37.95 -4.47 36.44
N ASP B 122 37.22 -5.46 36.95
CA ASP B 122 36.63 -6.49 36.07
C ASP B 122 35.59 -5.93 35.10
N PHE B 123 35.09 -4.73 35.36
CA PHE B 123 34.16 -4.04 34.45
C PHE B 123 34.90 -3.27 33.35
N GLU B 124 36.23 -3.23 33.42
CA GLU B 124 37.01 -2.51 32.41
C GLU B 124 36.69 -3.00 31.00
N GLY B 125 36.22 -2.09 30.16
CA GLY B 125 35.98 -2.38 28.75
C GLY B 125 34.67 -3.12 28.46
N LEU B 126 33.85 -3.38 29.48
CA LEU B 126 32.61 -4.11 29.27
C LEU B 126 31.52 -3.19 28.72
N ARG B 127 30.57 -3.80 28.01
CA ARG B 127 29.33 -3.13 27.60
C ARG B 127 28.39 -3.20 28.78
N ILE B 128 27.86 -2.06 29.22
CA ILE B 128 26.98 -2.03 30.39
C ILE B 128 25.63 -1.38 30.05
N ALA B 129 24.56 -2.12 30.25
CA ALA B 129 23.23 -1.65 29.91
C ALA B 129 22.58 -1.00 31.14
N THR B 130 21.93 0.14 30.93
CA THR B 130 21.31 0.87 32.04
C THR B 130 20.25 1.84 31.57
N SER B 131 19.27 2.10 32.43
CA SER B 131 18.35 3.23 32.25
C SER B 131 18.90 4.52 32.87
N TYR B 132 20.06 4.47 33.52
CA TYR B 132 20.60 5.62 34.23
C TYR B 132 22.01 5.93 33.75
N PRO B 133 22.14 6.26 32.45
CA PRO B 133 23.46 6.44 31.85
C PRO B 133 24.32 7.46 32.58
N GLN B 134 23.71 8.57 32.99
CA GLN B 134 24.47 9.66 33.62
C GLN B 134 25.00 9.26 34.98
N LEU B 135 24.16 8.63 35.79
CA LEU B 135 24.60 8.18 37.09
C LEU B 135 25.73 7.16 36.96
N LEU B 136 25.57 6.22 36.03
CA LEU B 136 26.62 5.23 35.78
C LEU B 136 27.89 5.91 35.32
N LYS B 137 27.78 6.83 34.37
CA LYS B 137 28.94 7.54 33.86
C LYS B 137 29.71 8.26 34.95
N ARG B 138 29.00 9.00 35.80
CA ARG B 138 29.67 9.73 36.87
C ARG B 138 30.42 8.77 37.78
N PHE B 139 29.79 7.65 38.14
CA PHE B 139 30.44 6.68 39.02
C PHE B 139 31.67 6.05 38.36
N MET B 140 31.57 5.70 37.08
CA MET B 140 32.69 5.09 36.38
C MET B 140 33.84 6.08 36.19
N LYS B 141 33.54 7.34 35.93
CA LYS B 141 34.55 8.39 35.84
C LYS B 141 35.28 8.57 37.18
N GLU B 142 34.52 8.67 38.27
CA GLU B 142 35.07 8.81 39.61
C GLU B 142 36.03 7.67 39.97
N ASN B 143 35.75 6.47 39.48
CA ASN B 143 36.60 5.31 39.74
C ASN B 143 37.57 4.96 38.59
N GLY B 144 37.65 5.81 37.59
CA GLY B 144 38.58 5.63 36.46
C GLY B 144 38.44 4.35 35.65
N ILE B 145 37.20 3.93 35.40
CA ILE B 145 36.95 2.71 34.62
C ILE B 145 36.30 3.04 33.29
N ASN B 146 36.93 2.61 32.20
CA ASN B 146 36.37 2.75 30.85
C ASN B 146 35.40 1.62 30.53
N TYR B 147 34.31 1.96 29.85
CA TYR B 147 33.26 0.99 29.54
C TYR B 147 32.50 1.48 28.31
N LYS B 148 31.62 0.63 27.79
CA LYS B 148 30.73 1.02 26.70
C LYS B 148 29.29 1.07 27.21
N ASN B 149 28.66 2.24 27.09
CA ASN B 149 27.29 2.43 27.55
C ASN B 149 26.27 1.86 26.58
N CYS B 150 25.26 1.17 27.12
CA CYS B 150 24.10 0.76 26.34
C CYS B 150 22.83 1.20 27.06
N THR B 151 22.13 2.20 26.51
CA THR B 151 20.94 2.74 27.17
C THR B 151 19.69 1.94 26.80
N LEU B 152 19.01 1.43 27.82
CA LEU B 152 17.71 0.81 27.67
C LEU B 152 16.79 1.46 28.69
N THR B 153 15.57 1.78 28.28
CA THR B 153 14.65 2.51 29.15
C THR B 153 13.81 1.57 30.00
N GLY B 154 14.03 0.27 29.88
CA GLY B 154 13.34 -0.71 30.69
C GLY B 154 13.80 -2.11 30.34
N SER B 155 13.29 -3.12 31.05
CA SER B 155 13.69 -4.50 30.82
C SER B 155 15.22 -4.64 30.77
N VAL B 156 15.92 -3.91 31.64
CA VAL B 156 17.38 -3.84 31.55
C VAL B 156 18.02 -5.22 31.75
N GLU B 157 17.40 -6.08 32.55
CA GLU B 157 17.97 -7.37 32.90
C GLU B 157 18.02 -8.37 31.75
N VAL B 158 17.41 -8.00 30.62
CA VAL B 158 17.47 -8.85 29.43
C VAL B 158 18.82 -8.76 28.75
N ALA B 159 19.52 -7.66 28.93
CA ALA B 159 20.66 -7.32 28.07
C ALA B 159 21.75 -8.39 27.95
N PRO B 160 22.16 -9.01 29.08
CA PRO B 160 23.25 -10.00 29.00
C PRO B 160 22.86 -11.26 28.25
N ARG B 161 21.75 -11.89 28.64
CA ARG B 161 21.28 -13.11 27.97
C ARG B 161 20.95 -12.84 26.49
N ALA B 162 20.56 -11.61 26.16
CA ALA B 162 20.29 -11.23 24.78
C ALA B 162 21.50 -10.66 24.06
N ASN B 163 22.66 -10.71 24.70
CA ASN B 163 23.90 -10.19 24.12
C ASN B 163 23.84 -8.72 23.66
N LEU B 164 23.04 -7.91 24.36
CA LEU B 164 23.06 -6.45 24.18
C LEU B 164 24.16 -5.81 25.03
N ALA B 165 24.52 -6.46 26.13
CA ALA B 165 25.62 -5.97 26.97
C ALA B 165 26.25 -7.14 27.74
N ASP B 166 27.39 -6.86 28.37
CA ASP B 166 28.08 -7.85 29.23
C ASP B 166 27.62 -7.77 30.68
N ALA B 167 27.08 -6.60 31.06
CA ALA B 167 26.64 -6.35 32.42
C ALA B 167 25.51 -5.34 32.41
N ILE B 168 24.89 -5.14 33.57
CA ILE B 168 23.90 -4.10 33.73
C ILE B 168 24.14 -3.23 34.95
N CYS B 169 23.57 -2.03 34.91
CA CYS B 169 23.47 -1.16 36.07
C CYS B 169 22.01 -0.83 36.24
N ASP B 170 21.37 -1.48 37.22
CA ASP B 170 19.93 -1.40 37.37
C ASP B 170 19.47 -1.11 38.79
N LEU B 171 18.25 -0.60 38.89
CA LEU B 171 17.58 -0.35 40.15
C LEU B 171 17.13 -1.65 40.76
N VAL B 172 17.37 -1.81 42.05
CA VAL B 172 16.94 -2.98 42.78
C VAL B 172 16.47 -2.59 44.17
N SER B 173 15.57 -3.39 44.73
CA SER B 173 15.29 -3.38 46.17
C SER B 173 15.25 -4.82 46.70
N SER B 174 14.37 -5.66 46.15
CA SER B 174 14.29 -7.08 46.53
C SER B 174 15.39 -7.99 45.97
N GLY B 175 15.69 -7.89 44.67
CA GLY B 175 16.62 -8.83 43.99
C GLY B 175 15.96 -9.86 43.07
N ALA B 176 14.63 -9.97 43.16
CA ALA B 176 13.86 -10.96 42.39
C ALA B 176 14.18 -11.03 40.89
N THR B 177 14.06 -9.91 40.19
CA THR B 177 14.23 -9.86 38.73
C THR B 177 15.63 -10.27 38.29
N LEU B 178 16.62 -10.03 39.14
CA LEU B 178 18.00 -10.44 38.85
C LEU B 178 18.16 -11.96 38.83
N GLN B 179 17.64 -12.62 39.87
CA GLN B 179 17.69 -14.08 39.95
C GLN B 179 17.01 -14.70 38.74
N ALA B 180 15.80 -14.23 38.46
CA ALA B 180 15.01 -14.71 37.32
C ALA B 180 15.74 -14.61 35.98
N ASN B 181 16.70 -13.69 35.85
CA ASN B 181 17.47 -13.56 34.62
C ASN B 181 18.93 -13.99 34.76
N ASN B 182 19.21 -14.83 35.76
CA ASN B 182 20.55 -15.40 35.95
C ASN B 182 21.61 -14.31 36.13
N LEU B 183 21.30 -13.32 36.96
CA LEU B 183 22.23 -12.25 37.29
C LEU B 183 22.46 -12.17 38.79
N LYS B 184 23.63 -11.66 39.17
CA LYS B 184 23.96 -11.44 40.57
C LYS B 184 24.40 -9.98 40.77
N GLU B 185 23.92 -9.38 41.84
CA GLU B 185 24.31 -8.05 42.26
C GLU B 185 25.71 -8.10 42.80
N VAL B 186 26.52 -7.14 42.37
CA VAL B 186 27.96 -7.19 42.60
C VAL B 186 28.55 -5.93 43.23
N LYS B 187 27.94 -4.77 42.98
CA LYS B 187 28.45 -3.51 43.50
C LYS B 187 27.36 -2.44 43.48
N VAL B 188 27.01 -1.92 44.65
CA VAL B 188 26.07 -0.80 44.76
C VAL B 188 26.80 0.46 44.40
N ILE B 189 26.28 1.21 43.42
CA ILE B 189 26.91 2.46 43.03
C ILE B 189 26.16 3.72 43.47
N TYR B 190 24.93 3.57 43.94
CA TYR B 190 24.11 4.73 44.27
C TYR B 190 22.92 4.30 45.09
N GLU B 191 22.64 5.04 46.15
CA GLU B 191 21.52 4.77 47.03
C GLU B 191 20.55 5.92 46.95
N SER B 192 19.26 5.59 46.89
CA SER B 192 18.26 6.58 46.62
C SER B 192 17.11 6.49 47.58
N ARG B 193 16.43 7.61 47.74
CA ARG B 193 15.16 7.65 48.41
C ARG B 193 14.36 8.83 47.85
N ALA B 194 13.08 8.87 48.17
CA ALA B 194 12.24 9.96 47.75
C ALA B 194 12.66 11.25 48.45
N CYS B 195 12.55 12.36 47.72
N CYS B 195 12.58 12.35 47.72
CA CYS B 195 12.88 13.68 48.22
CA CYS B 195 12.87 13.67 48.30
C CYS B 195 11.78 14.65 47.91
C CYS B 195 11.80 14.66 47.92
N LEU B 196 11.64 15.66 48.77
CA LEU B 196 10.73 16.75 48.54
C LEU B 196 11.60 17.90 48.12
N ILE B 197 11.33 18.42 46.91
CA ILE B 197 12.15 19.51 46.36
C ILE B 197 11.28 20.73 46.01
N GLN B 198 11.95 21.85 45.78
CA GLN B 198 11.30 23.11 45.48
C GLN B 198 12.05 23.82 44.36
N LYS B 199 11.32 24.59 43.56
CA LYS B 199 11.93 25.38 42.50
C LYS B 199 12.87 26.44 43.08
N GLU B 200 13.83 26.86 42.28
CA GLU B 200 14.87 27.78 42.73
C GLU B 200 14.34 29.21 42.92
N ASN B 201 13.53 29.68 42.00
CA ASN B 201 13.04 31.05 42.04
C ASN B 201 12.11 31.30 43.23
N ALA B 202 12.37 32.40 43.94
CA ALA B 202 11.67 32.72 45.18
C ALA B 202 10.16 32.73 44.99
N LEU B 203 9.45 32.19 45.97
CA LEU B 203 7.99 32.22 45.93
C LEU B 203 7.55 33.55 46.54
N SER B 204 6.28 33.89 46.38
CA SER B 204 5.67 34.96 47.14
C SER B 204 5.83 34.68 48.64
N LYS B 205 5.73 35.73 49.47
CA LYS B 205 5.84 35.60 50.93
C LYS B 205 4.73 34.67 51.50
N GLU B 206 3.53 34.76 50.95
CA GLU B 206 2.42 33.90 51.38
C GLU B 206 2.64 32.42 51.01
N LYS B 207 3.07 32.17 49.79
CA LYS B 207 3.32 30.78 49.35
C LYS B 207 4.46 30.18 50.17
N GLN B 208 5.52 30.95 50.37
CA GLN B 208 6.67 30.45 51.11
C GLN B 208 6.29 30.12 52.53
N ALA B 209 5.40 30.92 53.12
CA ALA B 209 4.96 30.68 54.48
C ALA B 209 4.15 29.39 54.54
N LEU B 210 3.33 29.13 53.53
CA LEU B 210 2.60 27.88 53.45
C LEU B 210 3.57 26.67 53.33
N VAL B 211 4.61 26.82 52.52
CA VAL B 211 5.62 25.77 52.39
C VAL B 211 6.33 25.53 53.73
N ASP B 212 6.69 26.62 54.40
CA ASP B 212 7.29 26.50 55.73
C ASP B 212 6.39 25.72 56.68
N LYS B 213 5.11 26.03 56.70
CA LYS B 213 4.16 25.36 57.56
C LYS B 213 4.07 23.86 57.19
N ILE B 214 4.00 23.56 55.90
CA ILE B 214 3.94 22.16 55.45
C ILE B 214 5.20 21.40 55.84
N MET B 215 6.35 22.04 55.69
CA MET B 215 7.62 21.43 56.06
C MET B 215 7.72 21.02 57.52
N LEU B 216 7.21 21.85 58.42
CA LEU B 216 7.20 21.51 59.84
C LEU B 216 6.30 20.31 60.08
N ARG B 217 5.18 20.26 59.39
CA ARG B 217 4.29 19.09 59.42
C ARG B 217 4.96 17.81 58.87
N VAL B 218 5.67 17.94 57.77
CA VAL B 218 6.39 16.81 57.20
C VAL B 218 7.37 16.23 58.22
N ALA B 219 8.14 17.11 58.86
CA ALA B 219 9.13 16.70 59.86
C ALA B 219 8.44 16.03 61.06
N GLY B 220 7.36 16.64 61.51
CA GLY B 220 6.54 16.06 62.56
C GLY B 220 5.95 14.68 62.25
N VAL B 221 5.39 14.51 61.05
CA VAL B 221 4.87 13.23 60.60
C VAL B 221 5.98 12.18 60.59
N MET B 222 7.14 12.52 60.04
CA MET B 222 8.24 11.56 59.96
C MET B 222 8.80 11.20 61.36
N GLN B 223 8.90 12.18 62.26
CA GLN B 223 9.41 11.95 63.62
C GLN B 223 8.45 11.06 64.42
N ALA B 224 7.15 11.30 64.27
CA ALA B 224 6.13 10.51 64.95
C ALA B 224 6.16 9.04 64.52
N ARG B 225 6.53 8.77 63.26
CA ARG B 225 6.69 7.40 62.74
C ARG B 225 7.86 6.68 63.39
N GLU B 226 8.92 7.42 63.72
CA GLU B 226 10.14 6.87 64.27
C GLU B 226 10.15 6.83 65.84
N SER B 227 9.76 7.94 66.47
CA SER B 227 9.76 8.05 67.92
C SER B 227 8.68 7.20 68.60
N LYS B 228 8.99 6.73 69.81
CA LYS B 228 8.04 5.98 70.63
C LYS B 228 8.00 6.55 72.04
N TYR B 229 6.87 6.40 72.71
CA TYR B 229 6.76 6.76 74.11
C TYR B 229 7.10 5.53 74.96
N ILE B 230 8.13 5.66 75.79
CA ILE B 230 8.71 4.54 76.54
C ILE B 230 8.48 4.70 78.05
N MET B 231 8.05 3.61 78.69
CA MET B 231 7.94 3.55 80.15
C MET B 231 8.63 2.27 80.59
N LEU B 232 9.48 2.38 81.61
CA LEU B 232 10.13 1.21 82.17
C LEU B 232 10.51 1.41 83.62
N HIS B 233 10.86 0.30 84.28
CA HIS B 233 11.44 0.33 85.62
C HIS B 233 12.94 0.10 85.50
N ALA B 234 13.69 0.92 86.22
CA ALA B 234 15.15 0.83 86.23
C ALA B 234 15.68 0.84 87.66
N PRO B 235 16.66 -0.01 87.97
CA PRO B 235 17.39 0.15 89.23
C PRO B 235 18.15 1.48 89.27
N LYS B 236 18.11 2.17 90.41
CA LYS B 236 18.77 3.46 90.55
C LYS B 236 20.27 3.35 90.25
N GLU B 237 20.84 2.22 90.63
CA GLU B 237 22.24 1.89 90.41
C GLU B 237 22.64 1.72 88.94
N LYS B 238 21.70 1.33 88.10
CA LYS B 238 22.01 1.06 86.71
C LYS B 238 21.56 2.19 85.81
N LEU B 239 21.15 3.30 86.43
CA LEU B 239 20.48 4.37 85.71
C LEU B 239 21.29 5.03 84.60
N ASP B 240 22.57 5.29 84.83
CA ASP B 240 23.36 6.04 83.86
C ASP B 240 23.45 5.27 82.54
N LYS B 241 23.65 3.97 82.67
CA LYS B 241 23.83 3.01 81.61
C LYS B 241 22.55 2.86 80.75
N ILE B 242 21.42 2.78 81.42
CA ILE B 242 20.12 2.70 80.75
C ILE B 242 19.83 3.92 79.85
N GLN B 243 20.12 5.11 80.34
CA GLN B 243 19.93 6.31 79.54
C GLN B 243 20.80 6.39 78.34
N ALA B 244 22.03 5.89 78.49
CA ALA B 244 22.98 5.83 77.38
C ALA B 244 22.47 4.91 76.28
N LEU B 245 21.79 3.83 76.68
CA LEU B 245 21.20 2.90 75.72
C LEU B 245 20.05 3.50 74.93
N LEU B 246 19.44 4.55 75.48
CA LEU B 246 18.22 5.11 74.94
C LEU B 246 18.30 6.62 74.76
N PRO B 247 18.89 7.08 73.65
CA PRO B 247 18.85 8.51 73.35
C PRO B 247 17.41 9.04 73.18
N GLY B 248 17.09 10.13 73.86
CA GLY B 248 15.75 10.70 73.84
C GLY B 248 15.67 12.06 73.19
N VAL B 249 14.44 12.47 72.88
CA VAL B 249 14.20 13.80 72.31
C VAL B 249 14.37 14.87 73.40
N GLU B 250 14.07 14.50 74.65
CA GLU B 250 14.30 15.32 75.83
C GLU B 250 14.93 14.47 76.94
N ARG B 251 15.21 15.08 78.09
CA ARG B 251 15.69 14.33 79.26
C ARG B 251 14.55 13.44 79.79
N PRO B 252 14.88 12.22 80.26
CA PRO B 252 13.83 11.36 80.80
C PRO B 252 13.19 11.90 82.07
N THR B 253 11.91 11.61 82.24
CA THR B 253 11.21 11.91 83.48
C THR B 253 11.41 10.72 84.40
N ILE B 254 11.88 11.00 85.61
CA ILE B 254 12.18 9.95 86.58
C ILE B 254 11.19 10.08 87.72
N LEU B 255 10.50 8.99 88.03
CA LEU B 255 9.47 8.98 89.04
C LEU B 255 9.76 7.90 90.10
N PRO B 256 9.58 8.22 91.39
CA PRO B 256 9.75 7.21 92.43
C PRO B 256 8.64 6.16 92.40
N LEU B 257 8.98 4.92 92.73
CA LEU B 257 8.01 3.82 92.88
C LEU B 257 7.63 3.60 94.36
N ASP B 260 10.97 -1.13 95.34
CA ASP B 260 10.29 0.04 95.86
C ASP B 260 11.25 1.22 96.03
N GLU B 261 12.23 1.07 96.92
CA GLU B 261 13.25 2.10 97.16
C GLU B 261 14.47 1.92 96.26
N LYS B 262 14.69 0.69 95.79
CA LYS B 262 15.84 0.39 94.93
C LYS B 262 15.64 0.75 93.44
N ASN B 263 14.38 0.87 93.01
CA ASN B 263 14.07 1.17 91.61
C ASN B 263 13.29 2.47 91.40
N VAL B 264 13.37 2.98 90.17
CA VAL B 264 12.55 4.11 89.71
C VAL B 264 11.81 3.82 88.40
N ALA B 265 10.77 4.61 88.14
CA ALA B 265 10.07 4.56 86.85
C ALA B 265 10.67 5.62 85.93
N LEU B 266 10.90 5.23 84.69
CA LEU B 266 11.47 6.12 83.68
C LEU B 266 10.45 6.28 82.54
N HIS B 267 10.07 7.53 82.23
CA HIS B 267 9.20 7.86 81.11
C HIS B 267 9.98 8.73 80.17
N MET B 268 9.98 8.39 78.88
CA MET B 268 10.73 9.16 77.90
C MET B 268 10.23 8.94 76.46
N VAL B 269 10.67 9.81 75.55
CA VAL B 269 10.37 9.73 74.12
C VAL B 269 11.67 9.41 73.40
N SER B 270 11.73 8.27 72.72
CA SER B 270 12.95 7.90 71.99
C SER B 270 13.10 8.75 70.72
N LYS B 271 14.34 9.02 70.34
CA LYS B 271 14.62 9.75 69.09
C LYS B 271 14.47 8.81 67.90
N GLU B 272 14.83 7.54 68.12
CA GLU B 272 14.73 6.51 67.09
C GLU B 272 13.79 5.40 67.57
N ASN B 273 13.44 4.51 66.65
CA ASN B 273 12.58 3.39 66.98
C ASN B 273 13.33 2.39 67.87
N LEU B 274 12.59 1.65 68.68
CA LEU B 274 13.19 0.65 69.56
C LEU B 274 13.22 -0.73 68.90
N PHE B 275 14.42 -1.21 68.65
CA PHE B 275 14.61 -2.55 68.11
C PHE B 275 14.79 -3.52 69.25
N TRP B 276 14.57 -4.80 68.95
CA TRP B 276 14.67 -5.84 69.96
C TRP B 276 16.05 -5.88 70.63
N GLU B 277 17.11 -5.59 69.88
CA GLU B 277 18.44 -5.52 70.45
C GLU B 277 18.51 -4.55 71.61
N THR B 278 17.93 -3.37 71.43
CA THR B 278 17.89 -2.36 72.48
C THR B 278 17.05 -2.84 73.66
N MET B 279 15.90 -3.44 73.38
CA MET B 279 15.02 -3.95 74.42
C MET B 279 15.80 -4.98 75.26
N GLU B 280 16.53 -5.84 74.58
CA GLU B 280 17.33 -6.88 75.22
C GLU B 280 18.52 -6.32 76.00
N ALA B 281 19.19 -5.32 75.45
CA ALA B 281 20.26 -4.63 76.17
C ALA B 281 19.73 -3.96 77.44
N LEU B 282 18.56 -3.35 77.37
CA LEU B 282 17.99 -2.72 78.54
C LEU B 282 17.71 -3.72 79.65
N LYS B 283 17.19 -4.88 79.27
CA LYS B 283 16.90 -5.93 80.23
C LYS B 283 18.19 -6.44 80.87
N GLU B 284 19.23 -6.56 80.07
CA GLU B 284 20.51 -7.05 80.55
C GLU B 284 21.05 -6.10 81.59
N GLU B 285 20.87 -4.81 81.37
CA GLU B 285 21.24 -3.80 82.36
C GLU B 285 20.30 -3.72 83.57
N GLY B 286 19.29 -4.59 83.64
CA GLY B 286 18.42 -4.66 84.82
C GLY B 286 17.07 -3.97 84.68
N ALA B 287 16.81 -3.34 83.53
CA ALA B 287 15.52 -2.72 83.30
C ALA B 287 14.43 -3.78 83.27
N SER B 288 13.23 -3.41 83.71
CA SER B 288 12.07 -4.30 83.64
C SER B 288 10.79 -3.51 83.30
N SER B 289 9.72 -4.27 83.01
CA SER B 289 8.42 -3.70 82.66
C SER B 289 8.54 -2.65 81.58
N ILE B 290 9.19 -3.04 80.48
CA ILE B 290 9.46 -2.11 79.39
C ILE B 290 8.24 -2.02 78.48
N LEU B 291 7.70 -0.80 78.35
CA LEU B 291 6.52 -0.54 77.51
C LEU B 291 6.86 0.47 76.46
N VAL B 292 6.47 0.18 75.23
CA VAL B 292 6.72 1.04 74.09
C VAL B 292 5.37 1.32 73.47
N LEU B 293 4.94 2.58 73.52
CA LEU B 293 3.66 3.00 72.96
C LEU B 293 3.85 3.83 71.69
N PRO B 294 2.90 3.73 70.75
CA PRO B 294 3.04 4.45 69.49
C PRO B 294 2.61 5.88 69.68
N ILE B 295 3.19 6.76 68.87
CA ILE B 295 2.89 8.16 68.88
C ILE B 295 2.25 8.49 67.55
N GLU B 296 1.12 9.18 67.58
CA GLU B 296 0.38 9.51 66.37
C GLU B 296 0.82 10.86 65.78
N LYS B 297 1.11 11.82 66.65
CA LYS B 297 1.57 13.14 66.21
C LYS B 297 2.49 13.72 67.26
N MET B 298 3.43 14.55 66.82
CA MET B 298 4.29 15.27 67.75
C MET B 298 4.83 16.55 67.13
N LEU B 299 5.27 17.45 68.01
CA LEU B 299 5.89 18.72 67.65
C LEU B 299 6.80 19.14 68.79
N LYS B 300 8.10 19.25 68.54
CA LYS B 300 9.06 19.60 69.60
C LYS B 300 8.93 21.05 70.05
N ASN C 5 -29.48 -44.29 45.36
CA ASN C 5 -30.38 -43.55 44.42
C ASN C 5 -30.35 -44.15 43.04
N THR C 6 -31.33 -43.76 42.24
CA THR C 6 -31.40 -44.17 40.85
C THR C 6 -30.49 -43.31 39.96
N ARG C 7 -30.06 -42.15 40.47
CA ARG C 7 -29.29 -41.21 39.68
C ARG C 7 -27.81 -41.57 39.56
N LEU C 8 -27.24 -41.31 38.39
CA LEU C 8 -25.84 -41.60 38.09
C LEU C 8 -24.93 -40.58 38.78
N ARG C 9 -23.88 -41.06 39.45
CA ARG C 9 -22.99 -40.19 40.21
C ARG C 9 -21.62 -40.05 39.54
N ILE C 10 -21.26 -38.81 39.24
CA ILE C 10 -20.00 -38.50 38.56
C ILE C 10 -19.17 -37.59 39.44
N ALA C 11 -17.95 -38.01 39.74
CA ALA C 11 -17.05 -37.21 40.56
C ALA C 11 -16.10 -36.45 39.68
N ILE C 12 -16.05 -35.14 39.88
CA ILE C 12 -15.10 -34.28 39.20
C ILE C 12 -14.37 -33.39 40.21
N GLN C 13 -13.27 -32.78 39.80
CA GLN C 13 -12.52 -31.87 40.66
C GLN C 13 -13.29 -30.58 40.96
N LYS C 14 -13.38 -30.22 42.23
CA LYS C 14 -14.10 -29.01 42.64
C LYS C 14 -13.47 -27.76 42.06
N SER C 15 -12.17 -27.58 42.30
CA SER C 15 -11.45 -26.39 41.82
C SER C 15 -10.00 -26.80 41.63
N GLY C 16 -9.44 -26.40 40.50
CA GLY C 16 -8.12 -26.84 40.09
C GLY C 16 -8.04 -26.91 38.59
N ARG C 17 -6.99 -27.55 38.11
CA ARG C 17 -6.66 -27.50 36.68
C ARG C 17 -7.61 -28.31 35.80
N LEU C 18 -8.36 -29.23 36.38
CA LEU C 18 -9.28 -30.07 35.62
C LEU C 18 -10.71 -29.61 35.70
N SER C 19 -10.99 -28.69 36.62
CA SER C 19 -12.39 -28.34 36.91
C SER C 19 -13.14 -27.77 35.75
N LYS C 20 -12.60 -26.72 35.16
CA LYS C 20 -13.31 -26.01 34.11
C LYS C 20 -13.61 -26.95 32.93
N GLU C 21 -12.60 -27.67 32.49
CA GLU C 21 -12.73 -28.56 31.35
C GLU C 21 -13.58 -29.78 31.63
N SER C 22 -13.62 -30.25 32.87
CA SER C 22 -14.52 -31.34 33.25
C SER C 22 -16.00 -30.91 33.13
N ILE C 23 -16.32 -29.73 33.64
CA ILE C 23 -17.67 -29.19 33.53
C ILE C 23 -18.03 -28.91 32.08
N GLU C 24 -17.12 -28.30 31.34
CA GLU C 24 -17.34 -28.00 29.94
C GLU C 24 -17.67 -29.27 29.15
N LEU C 25 -16.92 -30.34 29.39
CA LEU C 25 -17.16 -31.60 28.68
C LEU C 25 -18.57 -32.12 28.93
N LEU C 26 -18.97 -32.12 30.20
CA LEU C 26 -20.29 -32.62 30.54
C LEU C 26 -21.37 -31.74 29.93
N SER C 27 -21.14 -30.43 29.97
CA SER C 27 -22.08 -29.47 29.41
C SER C 27 -22.22 -29.67 27.89
N GLU C 28 -21.09 -29.81 27.21
CA GLU C 28 -21.10 -30.07 25.77
C GLU C 28 -21.69 -31.44 25.41
N CYS C 29 -21.72 -32.37 26.37
CA CYS C 29 -22.42 -33.63 26.20
C CYS C 29 -23.92 -33.53 26.56
N GLY C 30 -24.43 -32.31 26.69
CA GLY C 30 -25.85 -32.12 26.92
C GLY C 30 -26.29 -32.34 28.36
N VAL C 31 -25.36 -32.35 29.31
CA VAL C 31 -25.73 -32.41 30.73
C VAL C 31 -25.94 -30.98 31.20
N LYS C 32 -27.21 -30.57 31.32
CA LYS C 32 -27.53 -29.26 31.86
C LYS C 32 -27.52 -29.29 33.38
N MET C 33 -26.89 -28.28 33.98
CA MET C 33 -26.77 -28.17 35.43
C MET C 33 -26.39 -26.74 35.79
N HIS C 34 -26.71 -26.33 37.02
CA HIS C 34 -26.28 -25.03 37.53
C HIS C 34 -25.27 -25.25 38.66
N ILE C 35 -24.03 -24.83 38.44
CA ILE C 35 -22.98 -24.98 39.43
C ILE C 35 -22.70 -23.64 40.07
N HIS C 36 -22.75 -23.62 41.40
CA HIS C 36 -22.10 -22.51 42.08
C HIS C 36 -21.02 -22.99 43.03
N GLU C 37 -19.95 -22.20 43.04
CA GLU C 37 -18.68 -22.61 43.61
C GLU C 37 -18.81 -23.18 45.01
N GLN C 38 -19.71 -22.62 45.82
CA GLN C 38 -19.91 -23.11 47.18
C GLN C 38 -20.66 -24.46 47.26
N SER C 39 -21.46 -24.77 46.24
CA SER C 39 -22.21 -26.03 46.20
C SER C 39 -21.33 -27.20 45.71
N LEU C 40 -21.32 -28.26 46.51
CA LEU C 40 -20.45 -29.41 46.28
C LEU C 40 -21.14 -30.53 45.52
N ILE C 41 -22.45 -30.39 45.33
CA ILE C 41 -23.19 -31.33 44.53
C ILE C 41 -24.16 -30.58 43.61
N ALA C 42 -24.01 -30.81 42.31
CA ALA C 42 -24.89 -30.20 41.32
C ALA C 42 -25.77 -31.30 40.72
N PHE C 43 -27.06 -31.00 40.62
CA PHE C 43 -28.04 -31.95 40.11
C PHE C 43 -28.39 -31.56 38.70
N SER C 44 -28.23 -32.48 37.76
CA SER C 44 -28.59 -32.20 36.38
C SER C 44 -30.10 -32.01 36.28
N THR C 45 -30.52 -30.98 35.54
CA THR C 45 -31.94 -30.65 35.41
C THR C 45 -32.64 -31.44 34.31
N ASN C 46 -31.88 -31.91 33.32
CA ASN C 46 -32.45 -32.65 32.18
C ASN C 46 -32.09 -34.13 32.12
N LEU C 47 -31.17 -34.60 32.96
CA LEU C 47 -30.80 -36.01 33.00
C LEU C 47 -30.66 -36.49 34.45
N PRO C 48 -30.85 -37.79 34.69
CA PRO C 48 -30.73 -38.32 36.04
C PRO C 48 -29.26 -38.50 36.45
N ILE C 49 -28.60 -37.37 36.69
CA ILE C 49 -27.16 -37.35 36.96
C ILE C 49 -26.85 -36.38 38.09
N ASP C 50 -26.00 -36.84 39.02
CA ASP C 50 -25.49 -35.99 40.11
C ASP C 50 -24.00 -35.80 39.93
N ILE C 51 -23.56 -34.55 39.96
CA ILE C 51 -22.16 -34.23 39.84
C ILE C 51 -21.62 -33.90 41.24
N LEU C 52 -20.68 -34.70 41.71
CA LEU C 52 -20.06 -34.43 42.98
C LEU C 52 -18.77 -33.71 42.71
N ARG C 53 -18.58 -32.56 43.33
CA ARG C 53 -17.36 -31.83 43.16
C ARG C 53 -16.51 -32.03 44.40
N VAL C 54 -15.37 -32.68 44.21
CA VAL C 54 -14.54 -33.16 45.30
C VAL C 54 -13.08 -32.81 45.03
N ARG C 55 -12.21 -33.19 45.96
CA ARG C 55 -10.79 -33.00 45.75
C ARG C 55 -10.31 -34.12 44.84
N ASP C 56 -9.42 -33.80 43.91
CA ASP C 56 -9.04 -34.76 42.89
C ASP C 56 -8.40 -36.00 43.51
N ASP C 57 -7.63 -35.79 44.58
CA ASP C 57 -7.00 -36.87 45.35
C ASP C 57 -7.95 -38.00 45.74
N ASP C 58 -9.22 -37.68 45.98
CA ASP C 58 -10.18 -38.66 46.47
C ASP C 58 -10.92 -39.42 45.36
N ILE C 59 -10.86 -38.90 44.14
CA ILE C 59 -11.64 -39.48 43.05
C ILE C 59 -11.28 -40.95 42.80
N PRO C 60 -9.98 -41.29 42.73
CA PRO C 60 -9.68 -42.69 42.50
C PRO C 60 -10.29 -43.62 43.57
N GLY C 61 -10.10 -43.24 44.84
CA GLY C 61 -10.64 -44.01 45.95
C GLY C 61 -12.15 -44.15 45.91
N LEU C 62 -12.85 -43.07 45.59
CA LEU C 62 -14.31 -43.14 45.49
C LEU C 62 -14.74 -44.16 44.41
N ILE C 63 -13.99 -44.21 43.33
CA ILE C 63 -14.24 -45.14 42.25
C ILE C 63 -13.85 -46.57 42.64
N PHE C 64 -12.64 -46.74 43.18
CA PHE C 64 -12.21 -48.05 43.69
C PHE C 64 -13.21 -48.66 44.66
N ASP C 65 -13.80 -47.83 45.53
CA ASP C 65 -14.72 -48.29 46.57
C ASP C 65 -16.15 -48.42 46.05
N GLY C 66 -16.40 -48.05 44.80
CA GLY C 66 -17.69 -48.25 44.17
C GLY C 66 -18.76 -47.30 44.66
N VAL C 67 -18.35 -46.19 45.30
CA VAL C 67 -19.31 -45.23 45.91
C VAL C 67 -19.72 -44.10 44.97
N VAL C 68 -19.01 -43.94 43.85
CA VAL C 68 -19.52 -43.16 42.72
C VAL C 68 -19.42 -44.03 41.49
N ASP C 69 -20.13 -43.64 40.43
CA ASP C 69 -20.19 -44.44 39.21
C ASP C 69 -19.09 -44.06 38.23
N LEU C 70 -18.94 -42.75 37.99
CA LEU C 70 -17.92 -42.26 37.07
C LEU C 70 -17.05 -41.22 37.73
N GLY C 71 -15.85 -41.05 37.18
CA GLY C 71 -14.94 -40.01 37.63
C GLY C 71 -14.08 -39.46 36.51
N ILE C 72 -13.74 -38.19 36.61
CA ILE C 72 -12.76 -37.58 35.73
C ILE C 72 -11.55 -37.19 36.56
N ILE C 73 -10.41 -37.77 36.22
CA ILE C 73 -9.20 -37.63 37.04
C ILE C 73 -7.97 -37.70 36.16
N GLY C 74 -6.90 -37.06 36.59
CA GLY C 74 -5.61 -37.15 35.93
C GLY C 74 -5.06 -38.54 36.09
N GLU C 75 -4.49 -39.07 35.02
CA GLU C 75 -3.85 -40.39 35.03
C GLU C 75 -2.83 -40.52 36.14
N ASN C 76 -2.00 -39.50 36.30
CA ASN C 76 -0.97 -39.49 37.33
C ASN C 76 -1.54 -39.78 38.72
N VAL C 77 -2.64 -39.12 39.09
CA VAL C 77 -3.24 -39.29 40.41
C VAL C 77 -3.90 -40.65 40.49
N LEU C 78 -4.57 -41.06 39.42
CA LEU C 78 -5.22 -42.35 39.35
C LEU C 78 -4.21 -43.49 39.63
N GLU C 79 -3.09 -43.50 38.92
CA GLU C 79 -2.18 -44.62 39.06
C GLU C 79 -1.35 -44.53 40.35
N GLU C 80 -0.98 -43.31 40.78
CA GLU C 80 -0.30 -43.15 42.05
C GLU C 80 -1.13 -43.79 43.15
N ASN C 81 -2.43 -43.50 43.19
CA ASN C 81 -3.32 -44.04 44.20
C ASN C 81 -3.58 -45.53 44.02
N GLU C 82 -3.69 -45.98 42.78
CA GLU C 82 -3.82 -47.41 42.52
C GLU C 82 -2.60 -48.14 43.07
N LEU C 83 -1.41 -47.68 42.72
CA LEU C 83 -0.19 -48.31 43.17
C LEU C 83 -0.07 -48.30 44.70
N GLU C 84 -0.44 -47.18 45.32
CA GLU C 84 -0.37 -47.06 46.77
C GLU C 84 -1.25 -48.10 47.45
N ARG C 85 -2.49 -48.21 47.00
CA ARG C 85 -3.41 -49.19 47.57
C ARG C 85 -2.96 -50.63 47.34
N GLN C 86 -2.38 -50.90 46.18
CA GLN C 86 -1.79 -52.22 45.91
C GLN C 86 -0.66 -52.53 46.89
N SER C 87 0.14 -51.52 47.23
CA SER C 87 1.27 -51.72 48.15
C SER C 87 0.81 -51.95 49.59
N LEU C 88 -0.43 -51.61 49.90
CA LEU C 88 -1.04 -51.96 51.18
C LEU C 88 -1.83 -53.27 51.13
N GLY C 89 -1.64 -54.05 50.05
CA GLY C 89 -2.29 -55.34 49.90
C GLY C 89 -3.70 -55.33 49.34
N GLU C 90 -4.23 -54.14 49.01
CA GLU C 90 -5.60 -54.07 48.47
C GLU C 90 -5.57 -54.39 46.99
N ASN C 91 -6.76 -54.56 46.42
CA ASN C 91 -6.88 -54.87 45.01
C ASN C 91 -7.84 -53.87 44.33
N PRO C 92 -7.41 -52.60 44.23
CA PRO C 92 -8.27 -51.61 43.59
C PRO C 92 -8.49 -51.95 42.12
N SER C 93 -9.69 -51.69 41.62
CA SER C 93 -9.97 -51.90 40.22
C SER C 93 -10.99 -50.91 39.70
N TYR C 94 -10.97 -50.72 38.39
CA TYR C 94 -11.82 -49.73 37.73
C TYR C 94 -11.81 -49.99 36.24
N LYS C 95 -12.74 -49.36 35.53
CA LYS C 95 -12.77 -49.41 34.08
C LYS C 95 -12.32 -48.07 33.51
N LEU C 96 -11.32 -48.10 32.64
CA LEU C 96 -10.91 -46.91 31.90
C LEU C 96 -11.84 -46.79 30.71
N LEU C 97 -12.69 -45.76 30.70
CA LEU C 97 -13.61 -45.56 29.58
C LEU C 97 -12.99 -44.76 28.43
N LYS C 98 -12.22 -43.72 28.75
CA LYS C 98 -11.69 -42.84 27.72
C LYS C 98 -10.56 -41.95 28.25
N LYS C 99 -9.46 -41.89 27.51
CA LYS C 99 -8.43 -40.88 27.72
C LYS C 99 -8.94 -39.60 27.08
N LEU C 100 -8.92 -38.49 27.83
CA LEU C 100 -9.51 -37.24 27.38
C LEU C 100 -8.50 -36.28 26.75
N ASP C 101 -8.98 -35.16 26.23
CA ASP C 101 -8.12 -34.25 25.46
C ASP C 101 -7.71 -33.01 26.27
N PHE C 102 -7.59 -33.16 27.58
CA PHE C 102 -7.08 -32.09 28.43
C PHE C 102 -6.36 -32.66 29.63
N GLY C 103 -5.84 -31.78 30.50
CA GLY C 103 -5.09 -32.21 31.67
C GLY C 103 -3.73 -32.74 31.32
N TYR C 104 -3.17 -32.27 30.21
CA TYR C 104 -1.85 -32.73 29.77
C TYR C 104 -0.78 -32.18 30.73
N CYS C 105 0.06 -33.07 31.24
CA CYS C 105 1.22 -32.66 32.01
C CYS C 105 2.18 -33.80 32.06
N ARG C 106 3.34 -33.55 32.64
CA ARG C 106 4.36 -34.58 32.74
C ARG C 106 5.08 -34.58 34.09
N LEU C 107 5.49 -35.77 34.48
CA LEU C 107 6.25 -35.98 35.69
C LEU C 107 7.70 -36.14 35.23
N SER C 108 8.60 -35.29 35.76
CA SER C 108 9.98 -35.24 35.29
C SER C 108 11.00 -35.19 36.42
N LEU C 109 12.10 -35.93 36.22
CA LEU C 109 13.27 -35.79 37.07
C LEU C 109 13.97 -34.47 36.78
N ALA C 110 14.37 -33.77 37.84
CA ALA C 110 15.08 -32.51 37.70
C ALA C 110 16.24 -32.45 38.68
N LEU C 111 17.26 -31.66 38.31
CA LEU C 111 18.50 -31.54 39.05
C LEU C 111 18.86 -30.07 39.19
N PRO C 112 19.73 -29.74 40.16
CA PRO C 112 20.26 -28.36 40.22
C PRO C 112 20.93 -27.97 38.91
N GLN C 113 20.78 -26.72 38.49
CA GLN C 113 21.33 -26.22 37.22
C GLN C 113 22.83 -26.54 37.07
N GLU C 114 23.58 -26.45 38.18
CA GLU C 114 25.01 -26.71 38.17
C GLU C 114 25.40 -28.17 37.87
N ASN C 115 24.54 -29.13 38.22
CA ASN C 115 24.90 -30.55 38.05
C ASN C 115 25.12 -30.95 36.59
N LYS C 116 26.06 -31.86 36.37
CA LYS C 116 26.36 -32.42 35.06
C LYS C 116 25.54 -33.69 34.88
N PHE C 117 24.57 -33.65 33.97
CA PHE C 117 23.73 -34.81 33.68
C PHE C 117 24.11 -35.40 32.34
N GLN C 118 24.53 -36.66 32.33
CA GLN C 118 24.80 -37.39 31.10
C GLN C 118 23.72 -38.44 30.83
N ASN C 119 23.41 -39.26 31.84
CA ASN C 119 22.43 -40.34 31.70
C ASN C 119 21.71 -40.66 33.00
N LEU C 120 20.66 -41.47 32.89
CA LEU C 120 19.86 -41.90 34.04
C LEU C 120 20.69 -42.50 35.17
N LYS C 121 21.80 -43.16 34.83
CA LYS C 121 22.71 -43.69 35.85
C LYS C 121 23.25 -42.63 36.81
N ASP C 122 23.25 -41.36 36.41
CA ASP C 122 23.67 -40.26 37.28
C ASP C 122 22.76 -40.08 38.51
N PHE C 123 21.60 -40.71 38.46
CA PHE C 123 20.66 -40.69 39.57
C PHE C 123 20.89 -41.83 40.56
N GLU C 124 21.84 -42.71 40.27
CA GLU C 124 22.05 -43.84 41.16
C GLU C 124 22.52 -43.33 42.51
N GLY C 125 21.84 -43.79 43.55
CA GLY C 125 22.19 -43.48 44.92
C GLY C 125 21.74 -42.11 45.40
N LEU C 126 21.02 -41.36 44.57
CA LEU C 126 20.63 -40.01 44.98
C LEU C 126 19.37 -40.03 45.82
N ARG C 127 19.18 -38.98 46.61
CA ARG C 127 17.94 -38.79 47.35
C ARG C 127 17.06 -37.97 46.44
N ILE C 128 15.85 -38.46 46.20
CA ILE C 128 14.94 -37.83 45.25
C ILE C 128 13.62 -37.49 45.92
N ALA C 129 13.27 -36.21 45.90
CA ALA C 129 12.04 -35.72 46.54
C ALA C 129 10.89 -35.69 45.52
N THR C 130 9.72 -36.17 45.93
CA THR C 130 8.57 -36.23 45.05
C THR C 130 7.27 -36.30 45.80
N SER C 131 6.20 -35.82 45.16
CA SER C 131 4.83 -36.07 45.63
C SER C 131 4.24 -37.32 45.01
N TYR C 132 4.99 -37.99 44.13
CA TYR C 132 4.49 -39.20 43.47
C TYR C 132 5.44 -40.38 43.68
N PRO C 133 5.61 -40.81 44.95
CA PRO C 133 6.58 -41.84 45.30
C PRO C 133 6.40 -43.14 44.53
N GLN C 134 5.14 -43.55 44.34
CA GLN C 134 4.86 -44.82 43.66
C GLN C 134 5.22 -44.76 42.19
N LEU C 135 4.84 -43.68 41.51
CA LEU C 135 5.18 -43.55 40.09
C LEU C 135 6.68 -43.50 39.90
N LEU C 136 7.37 -42.75 40.74
CA LEU C 136 8.82 -42.69 40.69
C LEU C 136 9.42 -44.07 40.93
N LYS C 137 8.92 -44.76 41.95
CA LYS C 137 9.45 -46.08 42.29
C LYS C 137 9.31 -47.07 41.14
N ARG C 138 8.14 -47.11 40.53
CA ARG C 138 7.92 -48.02 39.42
C ARG C 138 8.86 -47.72 38.25
N PHE C 139 9.05 -46.44 37.92
CA PHE C 139 9.98 -46.05 36.85
C PHE C 139 11.42 -46.43 37.18
N MET C 140 11.84 -46.19 38.42
CA MET C 140 13.23 -46.49 38.81
C MET C 140 13.48 -48.00 38.85
N LYS C 141 12.49 -48.78 39.28
CA LYS C 141 12.59 -50.24 39.26
C LYS C 141 12.69 -50.76 37.83
N GLU C 142 11.83 -50.27 36.95
CA GLU C 142 11.90 -50.65 35.54
C GLU C 142 13.23 -50.38 34.88
N ASN C 143 13.91 -49.31 35.29
CA ASN C 143 15.21 -48.97 34.74
C ASN C 143 16.41 -49.40 35.62
N GLY C 144 16.14 -50.18 36.65
CA GLY C 144 17.18 -50.71 37.53
C GLY C 144 18.07 -49.70 38.22
N ILE C 145 17.50 -48.60 38.70
CA ILE C 145 18.27 -47.57 39.40
C ILE C 145 17.85 -47.52 40.87
N ASN C 146 18.82 -47.68 41.75
CA ASN C 146 18.61 -47.51 43.18
C ASN C 146 18.70 -46.05 43.60
N TYR C 147 17.82 -45.66 44.53
CA TYR C 147 17.75 -44.27 45.00
C TYR C 147 17.13 -44.24 46.38
N LYS C 148 17.14 -43.07 47.01
CA LYS C 148 16.48 -42.87 48.30
C LYS C 148 15.27 -41.95 48.10
N ASN C 149 14.08 -42.42 48.44
CA ASN C 149 12.85 -41.63 48.30
C ASN C 149 12.71 -40.60 49.42
N CYS C 150 12.29 -39.39 49.06
CA CYS C 150 11.88 -38.38 50.02
C CYS C 150 10.50 -37.83 49.62
N THR C 151 9.46 -38.17 50.38
CA THR C 151 8.12 -37.75 50.03
C THR C 151 7.80 -36.37 50.58
N LEU C 152 7.42 -35.47 49.68
CA LEU C 152 6.89 -34.16 50.04
C LEU C 152 5.58 -34.00 49.30
N THR C 153 4.57 -33.48 49.96
CA THR C 153 3.25 -33.37 49.37
C THR C 153 3.07 -32.06 48.61
N GLY C 154 4.10 -31.23 48.59
CA GLY C 154 4.05 -29.95 47.86
C GLY C 154 5.38 -29.22 48.00
N SER C 155 5.50 -28.07 47.36
CA SER C 155 6.74 -27.29 47.38
C SER C 155 7.95 -28.20 47.13
N VAL C 156 7.81 -29.15 46.20
CA VAL C 156 8.84 -30.14 45.97
C VAL C 156 10.17 -29.50 45.54
N GLU C 157 10.10 -28.39 44.82
CA GLU C 157 11.32 -27.79 44.26
C GLU C 157 12.22 -27.11 45.31
N VAL C 158 11.78 -27.06 46.57
CA VAL C 158 12.61 -26.57 47.66
C VAL C 158 13.69 -27.57 48.05
N ALA C 159 13.46 -28.86 47.78
CA ALA C 159 14.24 -29.92 48.42
C ALA C 159 15.77 -29.84 48.22
N PRO C 160 16.24 -29.55 46.99
CA PRO C 160 17.68 -29.50 46.75
C PRO C 160 18.38 -28.34 47.46
N ARG C 161 17.90 -27.13 47.26
CA ARG C 161 18.47 -25.95 47.93
C ARG C 161 18.40 -26.08 49.47
N ALA C 162 17.37 -26.78 49.97
CA ALA C 162 17.20 -26.99 51.40
C ALA C 162 17.86 -28.27 51.89
N ASN C 163 18.61 -28.93 51.02
CA ASN C 163 19.33 -30.16 51.36
C ASN C 163 18.44 -31.27 51.91
N LEU C 164 17.18 -31.32 51.47
CA LEU C 164 16.29 -32.44 51.78
C LEU C 164 16.51 -33.58 50.78
N ALA C 165 16.96 -33.24 49.57
CA ALA C 165 17.24 -34.24 48.55
C ALA C 165 18.29 -33.71 47.57
N ASP C 166 18.80 -34.60 46.73
CA ASP C 166 19.76 -34.25 45.68
C ASP C 166 19.06 -33.89 44.37
N ALA C 167 17.84 -34.41 44.21
CA ALA C 167 17.07 -34.21 42.99
C ALA C 167 15.59 -34.27 43.30
N ILE C 168 14.77 -33.92 42.32
CA ILE C 168 13.32 -34.03 42.47
C ILE C 168 12.68 -34.74 41.29
N CYS C 169 11.50 -35.27 41.55
CA CYS C 169 10.63 -35.78 40.51
C CYS C 169 9.31 -35.05 40.68
N ASP C 170 9.04 -34.09 39.80
CA ASP C 170 7.89 -33.22 39.96
C ASP C 170 7.05 -33.05 38.69
N LEU C 171 5.79 -32.68 38.90
CA LEU C 171 4.87 -32.34 37.83
C LEU C 171 5.30 -31.04 37.21
N VAL C 172 5.30 -30.98 35.88
CA VAL C 172 5.60 -29.75 35.17
C VAL C 172 4.73 -29.63 33.92
N SER C 173 4.51 -28.38 33.52
CA SER C 173 3.97 -28.07 32.22
C SER C 173 4.77 -26.91 31.62
N SER C 174 4.75 -25.75 32.29
CA SER C 174 5.49 -24.55 31.83
C SER C 174 7.01 -24.57 32.09
N GLY C 175 7.46 -24.94 33.29
CA GLY C 175 8.90 -24.88 33.66
C GLY C 175 9.29 -23.76 34.62
N ALA C 176 8.37 -22.81 34.82
CA ALA C 176 8.61 -21.62 35.64
C ALA C 176 9.21 -21.86 37.02
N THR C 177 8.54 -22.70 37.81
CA THR C 177 8.94 -22.94 39.19
C THR C 177 10.33 -23.57 39.31
N LEU C 178 10.72 -24.34 38.29
CA LEU C 178 12.04 -24.96 38.26
C LEU C 178 13.15 -23.91 38.13
N GLN C 179 12.99 -22.99 37.18
CA GLN C 179 13.96 -21.91 36.98
C GLN C 179 14.12 -21.10 38.26
N ALA C 180 12.99 -20.70 38.83
CA ALA C 180 12.97 -19.92 40.06
C ALA C 180 13.71 -20.57 41.23
N ASN C 181 13.86 -21.90 41.22
CA ASN C 181 14.60 -22.60 42.27
C ASN C 181 15.93 -23.19 41.82
N ASN C 182 16.47 -22.67 40.73
CA ASN C 182 17.77 -23.11 40.21
C ASN C 182 17.79 -24.60 39.86
N LEU C 183 16.74 -25.06 39.17
CA LEU C 183 16.65 -26.46 38.75
C LEU C 183 16.43 -26.56 37.25
N LYS C 184 16.84 -27.70 36.70
CA LYS C 184 16.65 -27.98 35.30
C LYS C 184 15.95 -29.32 35.13
N GLU C 185 14.99 -29.36 34.22
CA GLU C 185 14.36 -30.59 33.82
C GLU C 185 15.36 -31.41 33.00
N VAL C 186 15.43 -32.70 33.30
CA VAL C 186 16.42 -33.56 32.66
C VAL C 186 15.90 -34.88 32.08
N LYS C 187 14.76 -35.37 32.55
CA LYS C 187 14.22 -36.64 32.05
C LYS C 187 12.73 -36.73 32.38
N VAL C 188 11.89 -36.81 31.36
CA VAL C 188 10.47 -37.06 31.53
C VAL C 188 10.28 -38.54 31.84
N ILE C 189 9.61 -38.85 32.95
CA ILE C 189 9.36 -40.25 33.31
C ILE C 189 7.91 -40.70 33.12
N TYR C 190 7.00 -39.76 32.90
CA TYR C 190 5.59 -40.11 32.88
C TYR C 190 4.83 -38.95 32.28
N GLU C 191 3.95 -39.29 31.34
CA GLU C 191 3.11 -38.31 30.68
C GLU C 191 1.68 -38.63 31.02
N SER C 192 0.93 -37.60 31.35
CA SER C 192 -0.39 -37.79 31.90
C SER C 192 -1.40 -36.98 31.15
N ARG C 193 -2.63 -37.42 31.22
CA ARG C 193 -3.77 -36.63 30.78
C ARG C 193 -5.00 -37.06 31.57
N ALA C 194 -6.04 -36.25 31.53
CA ALA C 194 -7.28 -36.57 32.18
C ALA C 194 -7.91 -37.81 31.57
N CYS C 195 -8.56 -38.62 32.40
CA CYS C 195 -9.28 -39.83 31.99
C CYS C 195 -10.65 -39.86 32.58
N LEU C 196 -11.56 -40.51 31.87
CA LEU C 196 -12.89 -40.77 32.36
C LEU C 196 -12.90 -42.23 32.76
N ILE C 197 -13.22 -42.50 34.02
CA ILE C 197 -13.19 -43.87 34.55
C ILE C 197 -14.52 -44.24 35.18
N GLN C 198 -14.69 -45.54 35.40
CA GLN C 198 -15.93 -46.08 35.93
C GLN C 198 -15.60 -47.13 36.98
N LYS C 199 -16.47 -47.26 37.97
CA LYS C 199 -16.29 -48.30 38.99
C LYS C 199 -16.39 -49.70 38.37
N GLU C 200 -15.77 -50.68 39.04
CA GLU C 200 -15.69 -52.03 38.51
C GLU C 200 -17.03 -52.76 38.56
N ASN C 201 -17.74 -52.64 39.67
CA ASN C 201 -19.01 -53.35 39.84
C ASN C 201 -20.07 -52.91 38.85
N ALA C 202 -20.71 -53.88 38.23
CA ALA C 202 -21.69 -53.62 37.18
C ALA C 202 -22.76 -52.66 37.65
N LEU C 203 -23.16 -51.77 36.76
CA LEU C 203 -24.26 -50.85 37.03
C LEU C 203 -25.57 -51.54 36.65
N SER C 204 -26.68 -50.97 37.08
CA SER C 204 -28.00 -51.38 36.60
C SER C 204 -28.05 -51.19 35.08
N LYS C 205 -28.97 -51.88 34.42
CA LYS C 205 -29.10 -51.79 32.98
C LYS C 205 -29.40 -50.36 32.52
N GLU C 206 -30.24 -49.67 33.29
CA GLU C 206 -30.63 -48.29 32.96
C GLU C 206 -29.45 -47.34 33.11
N LYS C 207 -28.71 -47.46 34.20
CA LYS C 207 -27.53 -46.62 34.40
C LYS C 207 -26.47 -46.88 33.34
N GLN C 208 -26.22 -48.15 33.03
CA GLN C 208 -25.20 -48.49 32.05
C GLN C 208 -25.57 -47.96 30.67
N ALA C 209 -26.86 -47.97 30.35
CA ALA C 209 -27.32 -47.44 29.07
C ALA C 209 -27.11 -45.93 29.02
N LEU C 210 -27.33 -45.24 30.13
CA LEU C 210 -27.06 -43.81 30.20
C LEU C 210 -25.55 -43.52 30.01
N VAL C 211 -24.70 -44.34 30.62
CA VAL C 211 -23.26 -44.18 30.45
C VAL C 211 -22.88 -44.40 28.99
N ASP C 212 -23.44 -45.43 28.37
CA ASP C 212 -23.19 -45.72 26.95
C ASP C 212 -23.54 -44.52 26.06
N LYS C 213 -24.71 -43.93 26.33
CA LYS C 213 -25.14 -42.74 25.60
C LYS C 213 -24.16 -41.59 25.82
N ILE C 214 -23.75 -41.37 27.06
CA ILE C 214 -22.82 -40.27 27.36
C ILE C 214 -21.50 -40.49 26.65
N MET C 215 -21.01 -41.72 26.67
CA MET C 215 -19.73 -42.06 26.03
C MET C 215 -19.67 -41.75 24.53
N LEU C 216 -20.76 -42.01 23.83
CA LEU C 216 -20.84 -41.68 22.43
C LEU C 216 -20.76 -40.18 22.23
N ARG C 217 -21.42 -39.43 23.12
CA ARG C 217 -21.35 -37.99 23.12
C ARG C 217 -19.96 -37.47 23.41
N VAL C 218 -19.28 -38.10 24.35
CA VAL C 218 -17.91 -37.70 24.70
C VAL C 218 -16.97 -37.84 23.50
N ALA C 219 -17.07 -38.99 22.83
CA ALA C 219 -16.28 -39.25 21.61
C ALA C 219 -16.60 -38.22 20.50
N GLY C 220 -17.88 -37.95 20.29
CA GLY C 220 -18.28 -36.91 19.35
C GLY C 220 -17.70 -35.54 19.67
N VAL C 221 -17.81 -35.13 20.93
CA VAL C 221 -17.37 -33.80 21.35
C VAL C 221 -15.87 -33.66 21.13
N MET C 222 -15.13 -34.69 21.51
CA MET C 222 -13.69 -34.66 21.34
C MET C 222 -13.28 -34.67 19.87
N GLN C 223 -14.01 -35.42 19.06
CA GLN C 223 -13.66 -35.52 17.63
C GLN C 223 -13.91 -34.18 16.95
N ALA C 224 -15.03 -33.53 17.29
CA ALA C 224 -15.35 -32.20 16.75
C ALA C 224 -14.33 -31.13 17.11
N ARG C 225 -13.70 -31.24 18.26
CA ARG C 225 -12.63 -30.32 18.64
C ARG C 225 -11.36 -30.52 17.86
N GLU C 226 -11.08 -31.75 17.47
CA GLU C 226 -9.84 -32.08 16.78
C GLU C 226 -10.03 -31.96 15.27
N SER C 227 -11.13 -32.49 14.75
CA SER C 227 -11.39 -32.48 13.31
C SER C 227 -11.70 -31.10 12.76
N LYS C 228 -11.29 -30.88 11.53
CA LYS C 228 -11.62 -29.64 10.82
C LYS C 228 -12.19 -29.98 9.44
N TYR C 229 -13.01 -29.07 8.91
CA TYR C 229 -13.49 -29.20 7.55
C TYR C 229 -12.53 -28.48 6.62
N ILE C 230 -11.96 -29.23 5.70
CA ILE C 230 -10.88 -28.75 4.85
C ILE C 230 -11.35 -28.64 3.39
N MET C 231 -11.01 -27.53 2.73
CA MET C 231 -11.22 -27.35 1.28
C MET C 231 -9.93 -26.86 0.68
N LEU C 232 -9.50 -27.48 -0.42
CA LEU C 232 -8.28 -27.08 -1.09
C LEU C 232 -8.29 -27.45 -2.56
N HIS C 233 -7.37 -26.87 -3.31
CA HIS C 233 -7.11 -27.27 -4.69
C HIS C 233 -5.85 -28.12 -4.75
N ALA C 234 -5.94 -29.22 -5.47
CA ALA C 234 -4.83 -30.17 -5.60
C ALA C 234 -4.64 -30.54 -7.08
N PRO C 235 -3.37 -30.64 -7.52
CA PRO C 235 -3.13 -31.27 -8.81
C PRO C 235 -3.54 -32.74 -8.80
N LYS C 236 -4.18 -33.20 -9.86
CA LYS C 236 -4.57 -34.61 -9.95
C LYS C 236 -3.38 -35.55 -9.79
N GLU C 237 -2.23 -35.15 -10.30
CA GLU C 237 -1.01 -35.92 -10.22
C GLU C 237 -0.47 -36.13 -8.80
N LYS C 238 -0.96 -35.37 -7.82
CA LYS C 238 -0.48 -35.41 -6.44
C LYS C 238 -1.49 -35.79 -5.34
N LEU C 239 -2.66 -36.28 -5.72
CA LEU C 239 -3.73 -36.54 -4.78
C LEU C 239 -3.40 -37.58 -3.74
N ASP C 240 -2.71 -38.65 -4.15
CA ASP C 240 -2.34 -39.71 -3.24
C ASP C 240 -1.41 -39.19 -2.16
N LYS C 241 -0.43 -38.38 -2.56
CA LYS C 241 0.46 -37.83 -1.56
C LYS C 241 -0.30 -36.90 -0.62
N ILE C 242 -1.18 -36.08 -1.18
CA ILE C 242 -1.91 -35.10 -0.42
C ILE C 242 -2.76 -35.81 0.61
N GLN C 243 -3.42 -36.90 0.21
CA GLN C 243 -4.27 -37.64 1.13
C GLN C 243 -3.48 -38.31 2.22
N ALA C 244 -2.26 -38.77 1.95
CA ALA C 244 -1.39 -39.34 2.96
C ALA C 244 -0.98 -38.30 4.01
N LEU C 245 -0.75 -37.09 3.57
CA LEU C 245 -0.40 -35.99 4.45
C LEU C 245 -1.50 -35.69 5.44
N LEU C 246 -2.74 -35.77 4.99
CA LEU C 246 -3.88 -35.40 5.80
C LEU C 246 -4.88 -36.53 5.91
N PRO C 247 -4.72 -37.43 6.87
CA PRO C 247 -5.67 -38.53 7.01
C PRO C 247 -7.06 -38.00 7.34
N GLY C 248 -8.07 -38.60 6.75
CA GLY C 248 -9.43 -38.15 6.95
C GLY C 248 -10.31 -39.15 7.68
N VAL C 249 -11.45 -38.66 8.16
CA VAL C 249 -12.45 -39.48 8.85
C VAL C 249 -13.15 -40.38 7.82
N GLU C 250 -13.28 -39.88 6.60
CA GLU C 250 -13.82 -40.66 5.49
C GLU C 250 -13.00 -40.33 4.25
N ARG C 251 -13.40 -40.91 3.13
CA ARG C 251 -12.75 -40.63 1.84
C ARG C 251 -13.06 -39.19 1.41
N PRO C 252 -12.07 -38.49 0.84
CA PRO C 252 -12.33 -37.11 0.42
C PRO C 252 -13.34 -37.01 -0.72
N THR C 253 -14.08 -35.92 -0.78
CA THR C 253 -14.93 -35.60 -1.91
C THR C 253 -14.07 -34.84 -2.92
N ILE C 254 -14.07 -35.32 -4.15
CA ILE C 254 -13.25 -34.76 -5.20
C ILE C 254 -14.18 -34.15 -6.24
N LEU C 255 -13.96 -32.88 -6.54
CA LEU C 255 -14.81 -32.13 -7.44
C LEU C 255 -13.98 -31.52 -8.56
N PRO C 256 -14.48 -31.58 -9.81
CA PRO C 256 -13.76 -30.95 -10.92
C PRO C 256 -13.84 -29.44 -10.83
N LEU C 257 -12.77 -28.77 -11.24
CA LEU C 257 -12.73 -27.31 -11.29
C LEU C 257 -12.97 -26.80 -12.71
N ALA C 258 -13.78 -25.76 -12.83
CA ALA C 258 -13.87 -24.93 -14.05
C ALA C 258 -12.49 -24.39 -14.43
N GLU C 261 -9.52 -28.98 -15.15
CA GLU C 261 -8.32 -29.05 -15.99
C GLU C 261 -7.30 -30.08 -15.44
N LYS C 262 -6.07 -29.68 -15.05
CA LYS C 262 -5.11 -30.54 -14.37
C LYS C 262 -5.26 -30.50 -12.81
N ASN C 263 -6.14 -29.64 -12.28
CA ASN C 263 -6.42 -29.61 -10.84
C ASN C 263 -7.85 -29.99 -10.48
N VAL C 264 -8.01 -30.41 -9.23
CA VAL C 264 -9.32 -30.69 -8.63
C VAL C 264 -9.51 -30.00 -7.29
N ALA C 265 -10.78 -29.86 -6.89
CA ALA C 265 -11.10 -29.39 -5.56
C ALA C 265 -11.28 -30.59 -4.65
N LEU C 266 -10.71 -30.50 -3.46
CA LEU C 266 -10.81 -31.55 -2.45
C LEU C 266 -11.52 -31.01 -1.22
N HIS C 267 -12.59 -31.68 -0.80
CA HIS C 267 -13.31 -31.35 0.42
C HIS C 267 -13.20 -32.57 1.32
N MET C 268 -12.82 -32.36 2.57
CA MET C 268 -12.64 -33.47 3.49
C MET C 268 -12.65 -33.04 4.94
N VAL C 269 -12.78 -34.02 5.81
CA VAL C 269 -12.79 -33.83 7.25
C VAL C 269 -11.55 -34.48 7.80
N SER C 270 -10.65 -33.70 8.40
CA SER C 270 -9.40 -34.26 8.95
C SER C 270 -9.68 -35.04 10.24
N LYS C 271 -8.89 -36.08 10.48
CA LYS C 271 -9.00 -36.89 11.69
C LYS C 271 -8.34 -36.15 12.85
N GLU C 272 -7.26 -35.44 12.54
CA GLU C 272 -6.52 -34.64 13.52
C GLU C 272 -6.55 -33.15 13.12
N ASN C 273 -6.12 -32.30 14.04
CA ASN C 273 -6.08 -30.87 13.79
C ASN C 273 -4.94 -30.53 12.82
N LEU C 274 -5.09 -29.43 12.10
CA LEU C 274 -4.11 -29.05 11.10
C LEU C 274 -3.10 -28.09 11.67
N PHE C 275 -1.85 -28.53 11.75
CA PHE C 275 -0.76 -27.67 12.17
C PHE C 275 -0.07 -27.06 10.96
N TRP C 276 0.66 -25.98 11.19
CA TRP C 276 1.31 -25.26 10.10
C TRP C 276 2.24 -26.16 9.27
N GLU C 277 2.90 -27.12 9.93
CA GLU C 277 3.79 -28.03 9.21
C GLU C 277 3.04 -28.79 8.14
N THR C 278 1.85 -29.27 8.47
CA THR C 278 1.00 -29.94 7.49
C THR C 278 0.56 -28.99 6.37
N MET C 279 0.15 -27.77 6.73
CA MET C 279 -0.27 -26.78 5.75
C MET C 279 0.89 -26.55 4.78
N GLU C 280 2.09 -26.44 5.31
CA GLU C 280 3.28 -26.19 4.50
C GLU C 280 3.65 -27.41 3.63
N ALA C 281 3.53 -28.60 4.19
CA ALA C 281 3.78 -29.82 3.43
C ALA C 281 2.78 -29.94 2.28
N LEU C 282 1.53 -29.57 2.50
CA LEU C 282 0.54 -29.57 1.43
C LEU C 282 0.89 -28.59 0.31
N LYS C 283 1.34 -27.40 0.69
CA LYS C 283 1.78 -26.42 -0.29
C LYS C 283 2.98 -26.92 -1.07
N GLU C 284 3.94 -27.55 -0.39
CA GLU C 284 5.09 -28.15 -1.05
C GLU C 284 4.66 -29.19 -2.10
N GLU C 285 3.66 -30.01 -1.78
CA GLU C 285 3.14 -31.01 -2.70
C GLU C 285 2.28 -30.43 -3.81
N GLY C 286 2.14 -29.11 -3.86
CA GLY C 286 1.41 -28.43 -4.93
C GLY C 286 -0.02 -28.00 -4.61
N ALA C 287 -0.51 -28.30 -3.41
CA ALA C 287 -1.85 -27.87 -3.01
C ALA C 287 -1.91 -26.34 -2.95
N SER C 288 -3.08 -25.78 -3.22
CA SER C 288 -3.31 -24.35 -3.07
C SER C 288 -4.73 -24.05 -2.54
N SER C 289 -4.97 -22.77 -2.19
CA SER C 289 -6.26 -22.29 -1.68
C SER C 289 -6.78 -23.14 -0.50
N ILE C 290 -5.92 -23.34 0.49
CA ILE C 290 -6.21 -24.27 1.56
C ILE C 290 -7.05 -23.55 2.60
N LEU C 291 -8.26 -24.06 2.85
CA LEU C 291 -9.19 -23.49 3.84
C LEU C 291 -9.51 -24.50 4.92
N VAL C 292 -9.48 -24.06 6.18
CA VAL C 292 -9.72 -24.92 7.33
C VAL C 292 -10.82 -24.28 8.13
N LEU C 293 -11.98 -24.94 8.20
CA LEU C 293 -13.14 -24.40 8.92
C LEU C 293 -13.41 -25.23 10.18
N PRO C 294 -13.94 -24.57 11.23
CA PRO C 294 -14.20 -25.27 12.49
C PRO C 294 -15.50 -26.06 12.41
N ILE C 295 -15.57 -27.13 13.20
CA ILE C 295 -16.70 -28.01 13.27
C ILE C 295 -17.24 -27.95 14.68
N GLU C 296 -18.54 -27.77 14.81
CA GLU C 296 -19.16 -27.62 16.14
C GLU C 296 -19.63 -28.94 16.70
N LYS C 297 -20.16 -29.81 15.84
CA LYS C 297 -20.61 -31.14 16.25
C LYS C 297 -20.43 -32.12 15.11
N MET C 298 -20.22 -33.38 15.46
CA MET C 298 -20.18 -34.43 14.46
C MET C 298 -20.47 -35.82 15.04
N LEU C 299 -20.87 -36.71 14.15
CA LEU C 299 -21.15 -38.11 14.45
C LEU C 299 -20.97 -38.89 13.15
N LYS C 300 -20.05 -39.85 13.16
CA LYS C 300 -19.90 -40.74 12.01
C LYS C 300 -21.13 -41.64 11.94
N THR D 6 -34.60 13.54 15.26
CA THR D 6 -33.13 13.75 15.41
C THR D 6 -32.30 12.43 15.46
N ARG D 7 -31.33 12.28 16.37
CA ARG D 7 -30.68 10.98 16.59
C ARG D 7 -31.59 10.04 17.39
N LEU D 8 -31.53 8.76 17.05
CA LEU D 8 -32.34 7.73 17.70
C LEU D 8 -31.80 7.43 19.10
N ARG D 9 -32.69 7.38 20.09
CA ARG D 9 -32.27 7.17 21.48
C ARG D 9 -32.67 5.79 21.98
N ILE D 10 -31.67 5.02 22.42
CA ILE D 10 -31.86 3.66 22.91
C ILE D 10 -31.39 3.57 24.36
N ALA D 11 -32.28 3.15 25.24
CA ALA D 11 -31.95 2.99 26.64
C ALA D 11 -31.59 1.55 26.92
N ILE D 12 -30.42 1.34 27.52
CA ILE D 12 -30.00 0.03 27.98
C ILE D 12 -29.52 0.12 29.43
N GLN D 13 -29.39 -1.03 30.08
CA GLN D 13 -28.88 -1.09 31.44
C GLN D 13 -27.39 -0.70 31.54
N LYS D 14 -27.07 0.23 32.45
CA LYS D 14 -25.69 0.67 32.63
C LYS D 14 -24.77 -0.46 33.08
N SER D 15 -25.13 -1.14 34.17
CA SER D 15 -24.32 -2.27 34.69
C SER D 15 -25.28 -3.22 35.41
N GLY D 16 -25.10 -4.51 35.16
CA GLY D 16 -26.02 -5.52 35.64
C GLY D 16 -26.06 -6.67 34.66
N ARG D 17 -27.06 -7.54 34.84
CA ARG D 17 -27.11 -8.79 34.11
C ARG D 17 -27.42 -8.65 32.62
N LEU D 18 -27.98 -7.52 32.20
CA LEU D 18 -28.35 -7.31 30.80
C LEU D 18 -27.35 -6.45 30.05
N SER D 19 -26.44 -5.79 30.78
CA SER D 19 -25.58 -4.74 30.22
C SER D 19 -24.65 -5.28 29.10
N LYS D 20 -23.91 -6.34 29.38
CA LYS D 20 -22.95 -6.86 28.39
C LYS D 20 -23.66 -7.31 27.11
N GLU D 21 -24.70 -8.11 27.27
CA GLU D 21 -25.41 -8.67 26.13
C GLU D 21 -26.18 -7.62 25.34
N SER D 22 -26.62 -6.55 26.00
CA SER D 22 -27.29 -5.46 25.30
C SER D 22 -26.32 -4.73 24.37
N ILE D 23 -25.13 -4.44 24.88
CA ILE D 23 -24.08 -3.80 24.09
C ILE D 23 -23.63 -4.71 22.96
N GLU D 24 -23.41 -5.98 23.26
CA GLU D 24 -22.98 -6.95 22.26
C GLU D 24 -23.98 -7.02 21.12
N LEU D 25 -25.27 -7.06 21.42
CA LEU D 25 -26.29 -7.14 20.39
C LEU D 25 -26.21 -5.94 19.46
N LEU D 26 -26.12 -4.74 20.05
CA LEU D 26 -26.05 -3.53 19.25
C LEU D 26 -24.79 -3.50 18.40
N SER D 27 -23.70 -3.95 18.99
CA SER D 27 -22.42 -4.02 18.30
C SER D 27 -22.47 -5.01 17.13
N GLU D 28 -23.03 -6.19 17.37
CA GLU D 28 -23.20 -7.17 16.31
C GLU D 28 -24.20 -6.72 15.23
N CYS D 29 -25.07 -5.76 15.55
CA CYS D 29 -25.94 -5.14 14.56
C CYS D 29 -25.28 -3.98 13.84
N GLY D 30 -23.95 -3.86 13.98
CA GLY D 30 -23.20 -2.84 13.26
C GLY D 30 -23.31 -1.44 13.86
N VAL D 31 -23.73 -1.32 15.12
CA VAL D 31 -23.70 -0.03 15.80
C VAL D 31 -22.33 0.13 16.44
N LYS D 32 -21.45 0.90 15.80
CA LYS D 32 -20.12 1.20 16.37
C LYS D 32 -20.22 2.32 17.37
N MET D 33 -19.57 2.12 18.51
CA MET D 33 -19.58 3.10 19.59
C MET D 33 -18.44 2.79 20.55
N HIS D 34 -18.01 3.80 21.30
CA HIS D 34 -17.01 3.62 22.34
C HIS D 34 -17.67 3.85 23.69
N ILE D 35 -17.74 2.80 24.51
CA ILE D 35 -18.37 2.88 25.82
C ILE D 35 -17.31 2.88 26.92
N HIS D 36 -17.28 3.94 27.72
CA HIS D 36 -16.48 3.99 28.93
C HIS D 36 -17.41 3.90 30.12
N GLU D 37 -17.10 3.02 31.07
CA GLU D 37 -17.97 2.72 32.21
C GLU D 37 -18.53 3.96 32.90
N GLN D 38 -17.71 4.99 33.03
CA GLN D 38 -18.14 6.25 33.66
C GLN D 38 -19.08 7.09 32.77
N SER D 39 -19.00 6.90 31.46
CA SER D 39 -19.84 7.61 30.50
C SER D 39 -21.24 7.03 30.44
N LEU D 40 -22.25 7.88 30.65
CA LEU D 40 -23.64 7.44 30.71
C LEU D 40 -24.37 7.60 29.38
N ILE D 41 -23.72 8.25 28.42
CA ILE D 41 -24.26 8.34 27.09
C ILE D 41 -23.17 8.10 26.05
N ALA D 42 -23.39 7.09 25.21
CA ALA D 42 -22.44 6.76 24.15
C ALA D 42 -23.07 7.15 22.82
N PHE D 43 -22.27 7.81 21.99
CA PHE D 43 -22.72 8.27 20.69
C PHE D 43 -22.16 7.34 19.62
N SER D 44 -23.03 6.76 18.81
CA SER D 44 -22.58 5.90 17.73
C SER D 44 -21.81 6.73 16.71
N THR D 45 -20.66 6.21 16.27
CA THR D 45 -19.79 6.92 15.35
C THR D 45 -20.20 6.74 13.89
N ASN D 46 -20.89 5.64 13.58
CA ASN D 46 -21.28 5.32 12.20
C ASN D 46 -22.78 5.41 11.91
N LEU D 47 -23.60 5.56 12.95
CA LEU D 47 -25.05 5.71 12.77
C LEU D 47 -25.59 6.82 13.67
N PRO D 48 -26.72 7.43 13.27
CA PRO D 48 -27.31 8.48 14.10
C PRO D 48 -28.08 7.90 15.30
N ILE D 49 -27.32 7.40 16.28
CA ILE D 49 -27.89 6.69 17.42
C ILE D 49 -27.17 7.10 18.70
N ASP D 50 -27.95 7.38 19.75
CA ASP D 50 -27.43 7.64 21.08
C ASP D 50 -27.85 6.52 22.03
N ILE D 51 -26.88 5.97 22.74
CA ILE D 51 -27.14 4.92 23.71
C ILE D 51 -27.10 5.51 25.11
N LEU D 52 -28.25 5.47 25.78
CA LEU D 52 -28.38 5.97 27.15
C LEU D 52 -28.22 4.80 28.09
N ARG D 53 -27.26 4.91 28.99
CA ARG D 53 -26.96 3.85 29.93
C ARG D 53 -27.53 4.20 31.30
N VAL D 54 -28.61 3.52 31.66
CA VAL D 54 -29.42 3.91 32.80
C VAL D 54 -29.65 2.73 33.72
N ARG D 55 -30.38 2.96 34.79
CA ARG D 55 -30.77 1.88 35.66
C ARG D 55 -31.97 1.19 35.02
N ASP D 56 -32.00 -0.14 35.09
CA ASP D 56 -32.99 -0.90 34.35
C ASP D 56 -34.40 -0.54 34.80
N ASP D 57 -34.54 -0.26 36.10
CA ASP D 57 -35.80 0.18 36.69
C ASP D 57 -36.48 1.33 35.95
N ASP D 58 -35.69 2.22 35.36
CA ASP D 58 -36.24 3.42 34.74
C ASP D 58 -36.60 3.24 33.26
N ILE D 59 -36.11 2.16 32.64
CA ILE D 59 -36.28 1.99 31.20
C ILE D 59 -37.75 1.94 30.79
N PRO D 60 -38.59 1.17 31.51
CA PRO D 60 -39.99 1.15 31.12
C PRO D 60 -40.61 2.55 31.15
N GLY D 61 -40.38 3.29 32.24
CA GLY D 61 -40.91 4.64 32.38
C GLY D 61 -40.44 5.60 31.30
N LEU D 62 -39.17 5.51 30.94
CA LEU D 62 -38.65 6.38 29.87
C LEU D 62 -39.36 6.09 28.56
N ILE D 63 -39.66 4.82 28.32
CA ILE D 63 -40.40 4.41 27.12
C ILE D 63 -41.86 4.83 27.19
N PHE D 64 -42.51 4.52 28.31
CA PHE D 64 -43.90 4.92 28.52
C PHE D 64 -44.11 6.43 28.30
N ASP D 65 -43.15 7.23 28.77
CA ASP D 65 -43.23 8.69 28.68
C ASP D 65 -42.76 9.23 27.32
N GLY D 66 -42.29 8.35 26.44
CA GLY D 66 -41.92 8.74 25.08
C GLY D 66 -40.62 9.52 24.97
N VAL D 67 -39.79 9.43 26.01
CA VAL D 67 -38.62 10.26 26.13
C VAL D 67 -37.35 9.57 25.59
N VAL D 68 -37.44 8.27 25.37
CA VAL D 68 -36.47 7.57 24.53
C VAL D 68 -37.27 6.81 23.49
N ASP D 69 -36.59 6.38 22.43
CA ASP D 69 -37.25 5.70 21.32
C ASP D 69 -37.30 4.19 21.51
N LEU D 70 -36.17 3.60 21.86
CA LEU D 70 -36.08 2.16 22.09
C LEU D 70 -35.51 1.85 23.46
N GLY D 71 -35.82 0.66 23.95
CA GLY D 71 -35.24 0.17 25.20
C GLY D 71 -35.03 -1.34 25.19
N ILE D 72 -33.99 -1.78 25.90
CA ILE D 72 -33.80 -3.20 26.16
C ILE D 72 -33.97 -3.43 27.64
N ILE D 73 -34.94 -4.25 28.00
CA ILE D 73 -35.33 -4.44 29.39
C ILE D 73 -35.84 -5.86 29.59
N GLY D 74 -35.70 -6.36 30.81
CA GLY D 74 -36.31 -7.62 31.18
C GLY D 74 -37.83 -7.50 31.21
N GLU D 75 -38.51 -8.53 30.70
CA GLU D 75 -39.97 -8.58 30.73
C GLU D 75 -40.55 -8.37 32.12
N ASN D 76 -39.94 -9.03 33.11
CA ASN D 76 -40.37 -8.92 34.49
C ASN D 76 -40.45 -7.45 34.96
N VAL D 77 -39.41 -6.67 34.69
CA VAL D 77 -39.36 -5.28 35.12
C VAL D 77 -40.34 -4.44 34.30
N LEU D 78 -40.42 -4.72 33.00
CA LEU D 78 -41.36 -4.05 32.12
C LEU D 78 -42.80 -4.19 32.62
N GLU D 79 -43.23 -5.41 32.91
CA GLU D 79 -44.63 -5.61 33.30
C GLU D 79 -44.90 -5.19 34.74
N GLU D 80 -43.94 -5.41 35.64
CA GLU D 80 -44.08 -4.91 37.02
C GLU D 80 -44.36 -3.41 37.00
N ASN D 81 -43.58 -2.66 36.23
CA ASN D 81 -43.77 -1.21 36.13
C ASN D 81 -45.03 -0.82 35.38
N GLU D 82 -45.37 -1.56 34.34
CA GLU D 82 -46.61 -1.33 33.63
C GLU D 82 -47.78 -1.47 34.61
N LEU D 83 -47.81 -2.58 35.33
CA LEU D 83 -48.88 -2.84 36.29
C LEU D 83 -48.95 -1.77 37.38
N GLU D 84 -47.79 -1.35 37.89
CA GLU D 84 -47.72 -0.34 38.94
C GLU D 84 -48.35 0.96 38.47
N ARG D 85 -47.98 1.40 37.26
CA ARG D 85 -48.54 2.63 36.72
C ARG D 85 -50.02 2.53 36.43
N GLN D 86 -50.48 1.38 35.96
CA GLN D 86 -51.91 1.13 35.79
C GLN D 86 -52.67 1.24 37.11
N SER D 87 -52.06 0.74 38.20
CA SER D 87 -52.70 0.79 39.52
C SER D 87 -52.78 2.21 40.08
N LEU D 88 -51.99 3.13 39.54
CA LEU D 88 -52.10 4.56 39.87
C LEU D 88 -53.00 5.30 38.89
N GLY D 89 -53.75 4.58 38.07
CA GLY D 89 -54.69 5.19 37.13
C GLY D 89 -54.11 5.63 35.80
N GLU D 90 -52.81 5.44 35.58
CA GLU D 90 -52.18 5.86 34.32
C GLU D 90 -52.44 4.81 33.25
N ASN D 91 -52.13 5.17 32.01
CA ASN D 91 -52.31 4.26 30.89
C ASN D 91 -51.01 4.09 30.09
N PRO D 92 -50.01 3.44 30.70
CA PRO D 92 -48.74 3.25 30.00
C PRO D 92 -48.90 2.38 28.76
N SER D 93 -48.17 2.70 27.71
CA SER D 93 -48.20 1.88 26.52
C SER D 93 -46.87 1.90 25.78
N TYR D 94 -46.67 0.87 24.96
CA TYR D 94 -45.41 0.67 24.27
C TYR D 94 -45.60 -0.38 23.18
N LYS D 95 -44.62 -0.48 22.28
CA LYS D 95 -44.60 -1.53 21.28
C LYS D 95 -43.52 -2.56 21.64
N LEU D 96 -43.90 -3.82 21.70
CA LEU D 96 -42.96 -4.91 21.85
C LEU D 96 -42.43 -5.24 20.46
N LEU D 97 -41.16 -4.97 20.21
CA LEU D 97 -40.55 -5.27 18.91
C LEU D 97 -40.04 -6.70 18.82
N LYS D 98 -39.41 -7.20 19.88
CA LYS D 98 -38.74 -8.50 19.82
C LYS D 98 -38.41 -9.05 21.19
N LYS D 99 -38.76 -10.30 21.43
CA LYS D 99 -38.27 -11.04 22.57
C LYS D 99 -36.86 -11.53 22.23
N LEU D 100 -35.89 -11.26 23.10
CA LEU D 100 -34.49 -11.51 22.79
C LEU D 100 -34.00 -12.83 23.35
N ASP D 101 -32.76 -13.19 23.03
CA ASP D 101 -32.25 -14.52 23.38
C ASP D 101 -31.32 -14.49 24.60
N PHE D 102 -31.56 -13.56 25.52
CA PHE D 102 -30.81 -13.53 26.77
C PHE D 102 -31.68 -12.92 27.89
N GLY D 103 -31.11 -12.84 29.10
CA GLY D 103 -31.85 -12.35 30.25
C GLY D 103 -32.89 -13.34 30.76
N TYR D 104 -32.66 -14.63 30.52
CA TYR D 104 -33.62 -15.64 30.92
C TYR D 104 -33.63 -15.77 32.43
N CYS D 105 -34.81 -15.67 33.02
CA CYS D 105 -34.98 -15.95 34.43
C CYS D 105 -36.44 -16.24 34.73
N ARG D 106 -36.72 -16.61 35.96
CA ARG D 106 -38.07 -16.88 36.38
C ARG D 106 -38.36 -16.32 37.77
N LEU D 107 -39.62 -15.98 37.98
CA LEU D 107 -40.12 -15.53 39.26
C LEU D 107 -40.85 -16.71 39.87
N SER D 108 -40.41 -17.13 41.06
CA SER D 108 -40.92 -18.36 41.69
C SER D 108 -41.29 -18.18 43.15
N LEU D 109 -42.37 -18.83 43.55
CA LEU D 109 -42.71 -18.96 44.96
C LEU D 109 -41.79 -19.98 45.59
N ALA D 110 -41.30 -19.65 46.79
CA ALA D 110 -40.43 -20.55 47.52
C ALA D 110 -40.80 -20.57 49.00
N LEU D 111 -40.48 -21.69 49.65
CA LEU D 111 -40.85 -21.95 51.03
C LEU D 111 -39.64 -22.49 51.78
N PRO D 112 -39.65 -22.41 53.12
CA PRO D 112 -38.60 -23.10 53.88
C PRO D 112 -38.54 -24.58 53.53
N GLN D 113 -37.33 -25.15 53.49
CA GLN D 113 -37.13 -26.56 53.12
C GLN D 113 -38.01 -27.51 53.95
N GLU D 114 -38.18 -27.20 55.24
CA GLU D 114 -38.97 -28.05 56.14
C GLU D 114 -40.47 -28.08 55.82
N ASN D 115 -41.02 -27.02 55.21
CA ASN D 115 -42.46 -26.95 54.95
C ASN D 115 -42.96 -28.05 54.01
N LYS D 116 -44.18 -28.53 54.27
CA LYS D 116 -44.82 -29.53 53.41
C LYS D 116 -45.69 -28.79 52.39
N PHE D 117 -45.29 -28.86 51.12
CA PHE D 117 -46.03 -28.22 50.04
C PHE D 117 -46.75 -29.28 49.22
N GLN D 118 -48.08 -29.23 49.19
CA GLN D 118 -48.86 -30.13 48.29
C GLN D 118 -49.45 -29.33 47.12
N ASN D 119 -50.07 -28.18 47.39
CA ASN D 119 -50.76 -27.41 46.38
C ASN D 119 -50.66 -25.89 46.61
N LEU D 120 -50.97 -25.09 45.58
CA LEU D 120 -51.00 -23.63 45.70
C LEU D 120 -51.84 -23.13 46.87
N LYS D 121 -52.90 -23.86 47.20
CA LYS D 121 -53.75 -23.52 48.35
C LYS D 121 -52.97 -23.44 49.67
N ASP D 122 -51.81 -24.10 49.74
CA ASP D 122 -50.96 -24.02 50.94
C ASP D 122 -50.43 -22.62 51.22
N PHE D 123 -50.46 -21.75 50.20
CA PHE D 123 -50.08 -20.35 50.35
C PHE D 123 -51.21 -19.48 50.90
N GLU D 124 -52.40 -20.05 51.05
CA GLU D 124 -53.56 -19.29 51.53
C GLU D 124 -53.26 -18.64 52.87
N GLY D 125 -53.34 -17.33 52.90
CA GLY D 125 -53.20 -16.56 54.15
C GLY D 125 -51.76 -16.32 54.58
N LEU D 126 -50.79 -16.79 53.81
CA LEU D 126 -49.39 -16.60 54.18
C LEU D 126 -48.89 -15.20 53.90
N ARG D 127 -47.84 -14.80 54.63
CA ARG D 127 -47.15 -13.56 54.33
C ARG D 127 -46.08 -13.89 53.30
N ILE D 128 -46.08 -13.15 52.20
CA ILE D 128 -45.14 -13.45 51.11
C ILE D 128 -44.29 -12.24 50.75
N ALA D 129 -42.98 -12.41 50.83
CA ALA D 129 -42.05 -11.31 50.58
C ALA D 129 -41.59 -11.33 49.14
N THR D 130 -41.57 -10.17 48.51
CA THR D 130 -41.17 -10.08 47.11
C THR D 130 -40.72 -8.68 46.70
N SER D 131 -39.85 -8.61 45.70
CA SER D 131 -39.56 -7.35 45.01
C SER D 131 -40.50 -7.08 43.86
N TYR D 132 -41.42 -8.02 43.58
CA TYR D 132 -42.33 -7.88 42.43
C TYR D 132 -43.77 -8.01 42.89
N PRO D 133 -44.20 -7.08 43.78
CA PRO D 133 -45.55 -7.12 44.32
C PRO D 133 -46.67 -7.22 43.28
N GLN D 134 -46.56 -6.46 42.19
CA GLN D 134 -47.61 -6.46 41.18
C GLN D 134 -47.73 -7.79 40.47
N LEU D 135 -46.59 -8.35 40.06
CA LEU D 135 -46.60 -9.63 39.35
C LEU D 135 -47.14 -10.71 40.25
N LEU D 136 -46.72 -10.72 41.51
CA LEU D 136 -47.25 -11.65 42.47
C LEU D 136 -48.76 -11.46 42.64
N LYS D 137 -49.18 -10.22 42.80
CA LYS D 137 -50.61 -9.93 43.01
C LYS D 137 -51.47 -10.43 41.87
N ARG D 138 -51.07 -10.14 40.65
CA ARG D 138 -51.82 -10.59 39.48
C ARG D 138 -51.93 -12.11 39.46
N PHE D 139 -50.83 -12.81 39.74
CA PHE D 139 -50.85 -14.28 39.75
C PHE D 139 -51.76 -14.82 40.84
N MET D 140 -51.69 -14.24 42.03
CA MET D 140 -52.50 -14.71 43.16
C MET D 140 -54.00 -14.41 42.94
N LYS D 141 -54.31 -13.28 42.33
CA LYS D 141 -55.70 -12.97 41.95
C LYS D 141 -56.23 -13.95 40.91
N GLU D 142 -55.46 -14.20 39.87
CA GLU D 142 -55.82 -15.17 38.83
C GLU D 142 -56.14 -16.57 39.39
N ASN D 143 -55.42 -16.97 40.43
CA ASN D 143 -55.61 -18.26 41.06
C ASN D 143 -56.46 -18.23 42.32
N GLY D 144 -57.06 -17.09 42.63
CA GLY D 144 -57.96 -16.93 43.77
C GLY D 144 -57.36 -17.26 45.14
N ILE D 145 -56.12 -16.86 45.38
CA ILE D 145 -55.47 -17.10 46.67
C ILE D 145 -55.24 -15.79 47.40
N ASN D 146 -55.76 -15.69 48.61
CA ASN D 146 -55.51 -14.55 49.49
C ASN D 146 -54.20 -14.71 50.26
N TYR D 147 -53.47 -13.60 50.40
CA TYR D 147 -52.16 -13.60 51.05
C TYR D 147 -51.86 -12.20 51.59
N LYS D 148 -50.78 -12.07 52.36
CA LYS D 148 -50.32 -10.76 52.83
C LYS D 148 -49.00 -10.42 52.15
N ASN D 149 -48.97 -9.31 51.43
CA ASN D 149 -47.76 -8.87 50.72
C ASN D 149 -46.75 -8.25 51.66
N CYS D 150 -45.49 -8.60 51.48
CA CYS D 150 -44.39 -7.91 52.14
C CYS D 150 -43.36 -7.50 51.08
N THR D 151 -43.27 -6.21 50.80
CA THR D 151 -42.36 -5.73 49.76
C THR D 151 -40.95 -5.50 50.30
N LEU D 152 -39.99 -6.18 49.70
CA LEU D 152 -38.58 -5.95 49.96
C LEU D 152 -37.90 -5.73 48.63
N THR D 153 -37.02 -4.73 48.55
CA THR D 153 -36.41 -4.37 47.28
C THR D 153 -35.12 -5.15 47.03
N GLY D 154 -34.76 -6.04 47.96
CA GLY D 154 -33.57 -6.88 47.79
C GLY D 154 -33.42 -7.80 48.99
N SER D 155 -32.42 -8.68 48.94
CA SER D 155 -32.22 -9.66 50.00
C SER D 155 -33.52 -10.38 50.37
N VAL D 156 -34.33 -10.72 49.37
CA VAL D 156 -35.68 -11.26 49.63
C VAL D 156 -35.61 -12.58 50.40
N GLU D 157 -34.56 -13.37 50.18
CA GLU D 157 -34.46 -14.71 50.77
C GLU D 157 -34.20 -14.71 52.27
N VAL D 158 -33.97 -13.53 52.84
CA VAL D 158 -33.84 -13.41 54.29
C VAL D 158 -35.17 -13.53 55.01
N ALA D 159 -36.27 -13.19 54.32
CA ALA D 159 -37.55 -12.92 55.00
C ALA D 159 -38.07 -14.04 55.91
N PRO D 160 -38.00 -15.31 55.46
CA PRO D 160 -38.53 -16.39 56.30
C PRO D 160 -37.73 -16.63 57.58
N ARG D 161 -36.42 -16.82 57.46
CA ARG D 161 -35.56 -17.02 58.62
C ARG D 161 -35.62 -15.82 59.58
N ALA D 162 -35.85 -14.62 59.03
CA ALA D 162 -35.96 -13.40 59.84
C ALA D 162 -37.38 -13.11 60.27
N ASN D 163 -38.29 -14.04 60.01
CA ASN D 163 -39.71 -13.89 60.38
C ASN D 163 -40.36 -12.60 59.85
N LEU D 164 -39.93 -12.14 58.68
CA LEU D 164 -40.60 -11.04 57.96
C LEU D 164 -41.75 -11.58 57.11
N ALA D 165 -41.62 -12.83 56.66
CA ALA D 165 -42.68 -13.48 55.89
C ALA D 165 -42.62 -15.00 56.09
N ASP D 166 -43.66 -15.69 55.62
CA ASP D 166 -43.72 -17.16 55.66
C ASP D 166 -43.13 -17.77 54.39
N ALA D 167 -43.12 -16.98 53.32
CA ALA D 167 -42.66 -17.44 52.02
C ALA D 167 -42.12 -16.28 51.22
N ILE D 168 -41.50 -16.58 50.10
CA ILE D 168 -41.06 -15.54 49.19
C ILE D 168 -41.47 -15.81 47.75
N CYS D 169 -41.49 -14.74 46.98
CA CYS D 169 -41.62 -14.80 45.55
C CYS D 169 -40.43 -14.05 44.96
N ASP D 170 -39.45 -14.80 44.45
CA ASP D 170 -38.19 -14.20 44.04
C ASP D 170 -37.70 -14.66 42.66
N LEU D 171 -36.84 -13.83 42.06
CA LEU D 171 -36.17 -14.13 40.80
C LEU D 171 -35.13 -15.18 41.03
N VAL D 172 -35.08 -16.18 40.17
CA VAL D 172 -34.05 -17.22 40.25
C VAL D 172 -33.63 -17.61 38.82
N SER D 173 -32.39 -18.10 38.70
CA SER D 173 -31.95 -18.84 37.50
C SER D 173 -31.24 -20.08 37.95
N SER D 174 -30.21 -19.87 38.77
CA SER D 174 -29.66 -20.89 39.57
C SER D 174 -30.53 -20.83 40.80
N GLY D 175 -30.40 -21.88 41.55
CA GLY D 175 -31.05 -22.03 42.82
C GLY D 175 -30.14 -21.78 44.00
N ALA D 176 -28.91 -21.32 43.76
CA ALA D 176 -27.89 -21.16 44.82
C ALA D 176 -28.34 -20.41 46.07
N THR D 177 -28.82 -19.19 45.90
CA THR D 177 -29.17 -18.34 47.03
C THR D 177 -30.32 -18.94 47.88
N LEU D 178 -31.18 -19.72 47.25
CA LEU D 178 -32.29 -20.37 47.96
C LEU D 178 -31.78 -21.46 48.91
N GLN D 179 -30.88 -22.32 48.41
CA GLN D 179 -30.26 -23.36 49.22
C GLN D 179 -29.55 -22.76 50.43
N ALA D 180 -28.73 -21.74 50.16
CA ALA D 180 -27.98 -21.04 51.20
C ALA D 180 -28.87 -20.46 52.32
N ASN D 181 -30.13 -20.18 52.04
CA ASN D 181 -31.05 -19.67 53.06
C ASN D 181 -32.14 -20.68 53.46
N ASN D 182 -31.89 -21.96 53.23
CA ASN D 182 -32.80 -23.04 53.64
C ASN D 182 -34.19 -22.90 53.00
N LEU D 183 -34.22 -22.60 51.70
CA LEU D 183 -35.46 -22.45 50.96
C LEU D 183 -35.50 -23.39 49.78
N LYS D 184 -36.71 -23.77 49.36
CA LYS D 184 -36.92 -24.59 48.18
C LYS D 184 -37.89 -23.91 47.24
N GLU D 185 -37.56 -23.95 45.96
CA GLU D 185 -38.44 -23.49 44.90
C GLU D 185 -39.60 -24.46 44.75
N VAL D 186 -40.80 -23.91 44.64
CA VAL D 186 -42.03 -24.69 44.74
C VAL D 186 -43.04 -24.47 43.61
N LYS D 187 -43.03 -23.28 43.02
CA LYS D 187 -43.95 -22.98 41.93
C LYS D 187 -43.45 -21.78 41.13
N VAL D 188 -43.19 -21.98 39.85
CA VAL D 188 -42.84 -20.89 38.93
C VAL D 188 -44.10 -20.14 38.57
N ILE D 189 -44.11 -18.82 38.78
CA ILE D 189 -45.28 -18.01 38.49
C ILE D 189 -45.11 -17.12 37.27
N TYR D 190 -43.89 -16.98 36.78
CA TYR D 190 -43.63 -16.05 35.69
C TYR D 190 -42.27 -16.34 35.10
N GLU D 191 -42.21 -16.37 33.76
CA GLU D 191 -40.97 -16.58 33.05
C GLU D 191 -40.63 -15.35 32.25
N SER D 192 -39.35 -14.96 32.26
CA SER D 192 -38.94 -13.70 31.69
C SER D 192 -37.74 -13.82 30.81
N ARG D 193 -37.61 -12.87 29.90
CA ARG D 193 -36.42 -12.70 29.13
C ARG D 193 -36.32 -11.24 28.70
N ALA D 194 -35.16 -10.84 28.22
CA ALA D 194 -34.97 -9.49 27.73
C ALA D 194 -35.83 -9.25 26.49
N CYS D 195 -36.34 -8.03 26.38
CA CYS D 195 -37.13 -7.59 25.25
C CYS D 195 -36.62 -6.29 24.71
N LEU D 196 -36.82 -6.08 23.43
CA LEU D 196 -36.55 -4.82 22.78
C LEU D 196 -37.91 -4.16 22.57
N ILE D 197 -38.09 -2.97 23.13
CA ILE D 197 -39.35 -2.27 23.07
C ILE D 197 -39.19 -0.88 22.48
N GLN D 198 -40.31 -0.30 22.09
CA GLN D 198 -40.34 1.00 21.45
C GLN D 198 -41.48 1.83 22.04
N LYS D 199 -41.29 3.15 22.08
CA LYS D 199 -42.35 4.04 22.56
C LYS D 199 -43.57 3.98 21.64
N GLU D 200 -44.73 4.32 22.19
CA GLU D 200 -45.99 4.21 21.45
C GLU D 200 -46.14 5.26 20.36
N ASN D 201 -45.78 6.50 20.66
CA ASN D 201 -45.94 7.60 19.70
C ASN D 201 -45.07 7.40 18.46
N ALA D 202 -45.68 7.58 17.31
CA ALA D 202 -45.00 7.37 16.02
C ALA D 202 -43.71 8.16 15.93
N LEU D 203 -42.69 7.53 15.35
CA LEU D 203 -41.44 8.20 15.09
C LEU D 203 -41.53 8.92 13.75
N SER D 204 -40.57 9.80 13.47
CA SER D 204 -40.40 10.34 12.14
C SER D 204 -40.14 9.20 11.15
N LYS D 205 -40.38 9.46 9.86
CA LYS D 205 -40.19 8.44 8.83
C LYS D 205 -38.75 7.96 8.79
N GLU D 206 -37.80 8.88 8.96
CA GLU D 206 -36.37 8.56 8.94
C GLU D 206 -35.96 7.69 10.12
N LYS D 207 -36.41 8.07 11.32
CA LYS D 207 -36.12 7.30 12.53
C LYS D 207 -36.76 5.90 12.45
N GLN D 208 -38.00 5.82 11.99
CA GLN D 208 -38.68 4.52 11.89
C GLN D 208 -37.99 3.61 10.90
N ALA D 209 -37.47 4.18 9.81
CA ALA D 209 -36.77 3.39 8.80
C ALA D 209 -35.48 2.84 9.39
N LEU D 210 -34.80 3.64 10.22
CA LEU D 210 -33.60 3.17 10.89
C LEU D 210 -33.92 2.02 11.86
N VAL D 211 -35.02 2.15 12.58
CA VAL D 211 -35.46 1.08 13.48
C VAL D 211 -35.75 -0.19 12.68
N ASP D 212 -36.47 -0.05 11.57
CA ASP D 212 -36.77 -1.18 10.69
C ASP D 212 -35.50 -1.89 10.26
N LYS D 213 -34.50 -1.13 9.84
CA LYS D 213 -33.22 -1.68 9.43
C LYS D 213 -32.55 -2.42 10.60
N ILE D 214 -32.55 -1.81 11.78
CA ILE D 214 -31.94 -2.44 12.94
C ILE D 214 -32.64 -3.74 13.29
N MET D 215 -33.97 -3.72 13.26
CA MET D 215 -34.76 -4.92 13.55
C MET D 215 -34.44 -6.12 12.68
N LEU D 216 -34.19 -5.89 11.40
CA LEU D 216 -33.82 -6.98 10.49
C LEU D 216 -32.45 -7.52 10.86
N ARG D 217 -31.54 -6.63 11.27
CA ARG D 217 -30.26 -7.05 11.78
C ARG D 217 -30.37 -7.83 13.09
N VAL D 218 -31.23 -7.40 13.99
CA VAL D 218 -31.43 -8.09 15.25
C VAL D 218 -31.87 -9.54 14.99
N ALA D 219 -32.86 -9.69 14.12
CA ALA D 219 -33.36 -11.01 13.74
C ALA D 219 -32.24 -11.86 13.11
N GLY D 220 -31.49 -11.28 12.19
CA GLY D 220 -30.33 -11.94 11.61
C GLY D 220 -29.31 -12.43 12.63
N VAL D 221 -28.96 -11.55 13.57
CA VAL D 221 -27.95 -11.87 14.58
C VAL D 221 -28.42 -13.03 15.43
N MET D 222 -29.67 -12.97 15.84
CA MET D 222 -30.24 -14.03 16.67
C MET D 222 -30.35 -15.35 15.89
N GLN D 223 -30.71 -15.29 14.61
CA GLN D 223 -30.86 -16.51 13.79
C GLN D 223 -29.50 -17.18 13.59
N ALA D 224 -28.47 -16.39 13.32
CA ALA D 224 -27.10 -16.90 13.16
C ALA D 224 -26.58 -17.62 14.39
N ARG D 225 -26.99 -17.17 15.57
CA ARG D 225 -26.63 -17.83 16.84
C ARG D 225 -27.27 -19.19 16.98
N GLU D 226 -28.48 -19.34 16.46
CA GLU D 226 -29.26 -20.56 16.60
C GLU D 226 -29.02 -21.53 15.44
N SER D 227 -29.04 -21.03 14.22
CA SER D 227 -28.89 -21.86 13.03
C SER D 227 -27.47 -22.44 12.88
N LYS D 228 -27.40 -23.62 12.28
CA LYS D 228 -26.12 -24.25 11.95
C LYS D 228 -26.12 -24.73 10.50
N TYR D 229 -24.94 -24.81 9.91
CA TYR D 229 -24.79 -25.37 8.59
C TYR D 229 -24.50 -26.86 8.74
N ILE D 230 -25.37 -27.67 8.15
CA ILE D 230 -25.31 -29.11 8.32
C ILE D 230 -24.95 -29.81 7.03
N MET D 231 -24.08 -30.79 7.13
CA MET D 231 -23.78 -31.70 6.03
C MET D 231 -23.86 -33.14 6.56
N LEU D 232 -24.57 -34.00 5.85
CA LEU D 232 -24.66 -35.40 6.24
C LEU D 232 -24.92 -36.30 5.04
N HIS D 233 -24.72 -37.60 5.26
CA HIS D 233 -25.12 -38.62 4.31
C HIS D 233 -26.41 -39.25 4.76
N ALA D 234 -27.35 -39.40 3.85
CA ALA D 234 -28.63 -40.03 4.11
C ALA D 234 -28.97 -41.10 3.08
N PRO D 235 -29.55 -42.23 3.52
CA PRO D 235 -30.08 -43.21 2.54
C PRO D 235 -31.26 -42.61 1.81
N LYS D 236 -31.34 -42.84 0.51
CA LYS D 236 -32.44 -42.26 -0.29
C LYS D 236 -33.79 -42.71 0.24
N GLU D 237 -33.84 -43.94 0.75
CA GLU D 237 -35.04 -44.53 1.32
C GLU D 237 -35.54 -43.84 2.59
N LYS D 238 -34.67 -43.08 3.25
CA LYS D 238 -35.01 -42.47 4.55
C LYS D 238 -35.05 -40.94 4.52
N LEU D 239 -34.97 -40.38 3.31
CA LEU D 239 -34.80 -38.94 3.12
C LEU D 239 -35.93 -38.12 3.73
N ASP D 240 -37.17 -38.58 3.56
CA ASP D 240 -38.34 -37.86 4.08
C ASP D 240 -38.31 -37.76 5.61
N LYS D 241 -38.00 -38.88 6.26
CA LYS D 241 -37.94 -38.93 7.73
C LYS D 241 -36.83 -38.01 8.27
N ILE D 242 -35.67 -38.03 7.60
CA ILE D 242 -34.54 -37.24 8.00
C ILE D 242 -34.85 -35.74 7.91
N GLN D 243 -35.52 -35.32 6.84
CA GLN D 243 -35.91 -33.92 6.66
C GLN D 243 -36.93 -33.48 7.72
N ALA D 244 -37.81 -34.39 8.10
CA ALA D 244 -38.78 -34.12 9.18
C ALA D 244 -38.07 -33.90 10.53
N LEU D 245 -36.98 -34.64 10.76
CA LEU D 245 -36.20 -34.48 12.00
C LEU D 245 -35.47 -33.15 12.07
N LEU D 246 -35.25 -32.53 10.91
CA LEU D 246 -34.44 -31.33 10.80
C LEU D 246 -35.13 -30.23 10.03
N PRO D 247 -36.03 -29.48 10.68
CA PRO D 247 -36.59 -28.32 10.00
C PRO D 247 -35.50 -27.33 9.57
N GLY D 248 -35.56 -26.89 8.31
CA GLY D 248 -34.57 -25.98 7.76
C GLY D 248 -35.13 -24.61 7.41
N VAL D 249 -34.23 -23.66 7.22
CA VAL D 249 -34.57 -22.29 6.84
C VAL D 249 -35.01 -22.28 5.38
N GLU D 250 -34.42 -23.16 4.59
CA GLU D 250 -34.78 -23.37 3.18
C GLU D 250 -34.83 -24.87 2.92
N ARG D 251 -35.15 -25.25 1.69
CA ARG D 251 -35.14 -26.66 1.33
C ARG D 251 -33.71 -27.16 1.29
N PRO D 252 -33.49 -28.42 1.69
CA PRO D 252 -32.14 -28.94 1.65
C PRO D 252 -31.60 -29.09 0.23
N THR D 253 -30.30 -28.91 0.08
CA THR D 253 -29.61 -29.23 -1.15
C THR D 253 -29.23 -30.71 -1.12
N ILE D 254 -29.62 -31.44 -2.15
CA ILE D 254 -29.38 -32.88 -2.22
C ILE D 254 -28.39 -33.14 -3.34
N LEU D 255 -27.31 -33.83 -3.01
CA LEU D 255 -26.24 -34.07 -3.96
C LEU D 255 -25.95 -35.57 -4.05
N PRO D 256 -25.76 -36.07 -5.28
CA PRO D 256 -25.38 -37.48 -5.40
C PRO D 256 -23.97 -37.73 -4.88
N LEU D 257 -23.75 -38.90 -4.30
CA LEU D 257 -22.44 -39.33 -3.87
C LEU D 257 -21.81 -40.21 -4.94
N ALA D 258 -20.58 -39.88 -5.35
CA ALA D 258 -19.95 -40.51 -6.51
C ALA D 258 -19.85 -42.05 -6.46
N HIS D 259 -19.35 -42.59 -5.36
CA HIS D 259 -19.08 -44.01 -5.30
C HIS D 259 -20.23 -44.80 -4.70
N ASP D 260 -21.42 -44.20 -4.60
CA ASP D 260 -22.49 -44.72 -3.75
C ASP D 260 -23.89 -44.41 -4.30
N GLU D 261 -24.62 -45.46 -4.67
CA GLU D 261 -25.91 -45.31 -5.33
C GLU D 261 -27.08 -45.31 -4.34
N LYS D 262 -26.88 -45.91 -3.16
CA LYS D 262 -27.93 -46.03 -2.15
C LYS D 262 -28.13 -44.75 -1.30
N ASN D 263 -27.07 -43.94 -1.23
CA ASN D 263 -27.09 -42.74 -0.38
C ASN D 263 -26.91 -41.43 -1.15
N VAL D 264 -27.34 -40.35 -0.52
CA VAL D 264 -27.09 -38.98 -1.00
C VAL D 264 -26.47 -38.07 0.08
N ALA D 265 -25.86 -36.98 -0.36
CA ALA D 265 -25.35 -35.96 0.55
C ALA D 265 -26.41 -34.89 0.71
N LEU D 266 -26.63 -34.48 1.95
CA LEU D 266 -27.61 -33.46 2.27
C LEU D 266 -26.88 -32.26 2.89
N HIS D 267 -27.04 -31.07 2.31
CA HIS D 267 -26.52 -29.82 2.85
C HIS D 267 -27.69 -28.93 3.16
N MET D 268 -27.70 -28.38 4.37
CA MET D 268 -28.83 -27.56 4.79
C MET D 268 -28.47 -26.63 5.96
N VAL D 269 -29.35 -25.68 6.20
CA VAL D 269 -29.25 -24.75 7.30
C VAL D 269 -30.40 -25.03 8.25
N SER D 270 -30.09 -25.45 9.47
CA SER D 270 -31.13 -25.72 10.46
C SER D 270 -31.79 -24.42 10.95
N LYS D 271 -33.08 -24.50 11.29
CA LYS D 271 -33.82 -23.38 11.86
C LYS D 271 -33.46 -23.21 13.33
N GLU D 272 -33.26 -24.33 14.00
CA GLU D 272 -32.89 -24.35 15.41
C GLU D 272 -31.52 -25.02 15.58
N ASN D 273 -30.98 -24.91 16.78
CA ASN D 273 -29.69 -25.53 17.08
C ASN D 273 -29.85 -27.05 17.14
N LEU D 274 -28.76 -27.76 16.87
CA LEU D 274 -28.76 -29.21 16.91
C LEU D 274 -28.31 -29.74 18.25
N PHE D 275 -29.22 -30.39 18.94
CA PHE D 275 -28.91 -31.05 20.19
C PHE D 275 -28.55 -32.49 19.92
N TRP D 276 -27.86 -33.10 20.89
CA TRP D 276 -27.45 -34.50 20.74
C TRP D 276 -28.62 -35.45 20.47
N GLU D 277 -29.79 -35.17 21.05
CA GLU D 277 -31.00 -35.98 20.81
C GLU D 277 -31.30 -36.06 19.31
N THR D 278 -31.24 -34.92 18.65
CA THR D 278 -31.48 -34.85 17.20
C THR D 278 -30.39 -35.59 16.41
N MET D 279 -29.14 -35.40 16.82
CA MET D 279 -28.03 -36.09 16.18
C MET D 279 -28.26 -37.58 16.27
N GLU D 280 -28.66 -38.03 17.45
CA GLU D 280 -28.90 -39.46 17.72
C GLU D 280 -30.11 -40.00 16.96
N ALA D 281 -31.17 -39.22 16.89
CA ALA D 281 -32.35 -39.58 16.07
C ALA D 281 -31.98 -39.70 14.57
N LEU D 282 -31.16 -38.77 14.07
CA LEU D 282 -30.72 -38.83 12.68
C LEU D 282 -29.95 -40.12 12.42
N LYS D 283 -29.05 -40.46 13.33
CA LYS D 283 -28.30 -41.70 13.21
C LYS D 283 -29.20 -42.93 13.24
N GLU D 284 -30.19 -42.91 14.13
CA GLU D 284 -31.17 -43.99 14.22
C GLU D 284 -31.89 -44.20 12.88
N GLU D 285 -32.25 -43.10 12.21
CA GLU D 285 -32.85 -43.15 10.88
C GLU D 285 -31.89 -43.48 9.73
N GLY D 286 -30.62 -43.76 10.05
CA GLY D 286 -29.64 -44.21 9.05
C GLY D 286 -28.68 -43.14 8.54
N ALA D 287 -28.83 -41.90 9.01
CA ALA D 287 -27.91 -40.84 8.60
C ALA D 287 -26.51 -41.13 9.10
N SER D 288 -25.51 -40.70 8.34
CA SER D 288 -24.12 -40.86 8.73
C SER D 288 -23.27 -39.64 8.29
N SER D 289 -22.04 -39.58 8.79
CA SER D 289 -21.11 -38.47 8.54
C SER D 289 -21.76 -37.13 8.79
N ILE D 290 -22.34 -36.98 9.96
CA ILE D 290 -23.08 -35.76 10.29
C ILE D 290 -22.10 -34.68 10.75
N LEU D 291 -22.09 -33.55 10.03
CA LEU D 291 -21.24 -32.40 10.37
C LEU D 291 -22.10 -31.17 10.62
N VAL D 292 -21.78 -30.46 11.71
CA VAL D 292 -22.51 -29.26 12.11
C VAL D 292 -21.47 -28.16 12.22
N LEU D 293 -21.57 -27.15 11.33
CA LEU D 293 -20.66 -26.03 11.33
C LEU D 293 -21.36 -24.78 11.87
N PRO D 294 -20.60 -23.91 12.55
CA PRO D 294 -21.17 -22.63 13.00
C PRO D 294 -21.33 -21.61 11.87
N ILE D 295 -22.29 -20.71 12.05
CA ILE D 295 -22.59 -19.64 11.12
C ILE D 295 -22.34 -18.31 11.84
N GLU D 296 -21.62 -17.41 11.19
CA GLU D 296 -21.30 -16.13 11.77
C GLU D 296 -22.34 -15.06 11.45
N LYS D 297 -22.86 -15.08 10.22
CA LYS D 297 -23.88 -14.11 9.80
C LYS D 297 -24.80 -14.74 8.80
N MET D 298 -26.08 -14.37 8.75
CA MET D 298 -26.93 -14.88 7.68
C MET D 298 -28.08 -13.94 7.30
N LEU D 299 -28.51 -14.01 6.04
CA LEU D 299 -29.67 -13.28 5.58
C LEU D 299 -30.51 -14.15 4.67
N LYS D 300 -31.81 -14.27 4.90
CA LYS D 300 -32.60 -15.00 3.89
C LYS D 300 -32.84 -14.11 2.68
N ASN E 5 24.26 -26.94 57.74
CA ASN E 5 24.64 -25.49 57.86
C ASN E 5 24.57 -25.02 59.30
N THR E 6 25.16 -23.86 59.53
CA THR E 6 25.11 -23.23 60.84
C THR E 6 23.81 -22.47 61.05
N ARG E 7 23.08 -22.21 59.98
CA ARG E 7 21.88 -21.37 60.04
C ARG E 7 20.65 -22.13 60.54
N LEU E 8 19.83 -21.43 61.31
CA LEU E 8 18.62 -21.97 61.89
C LEU E 8 17.53 -22.10 60.82
N ARG E 9 16.87 -23.25 60.76
CA ARG E 9 15.86 -23.51 59.72
C ARG E 9 14.46 -23.54 60.29
N ILE E 10 13.59 -22.68 59.75
CA ILE E 10 12.23 -22.54 60.20
C ILE E 10 11.30 -22.84 59.06
N ALA E 11 10.39 -23.78 59.27
CA ALA E 11 9.40 -24.13 58.25
C ALA E 11 8.09 -23.42 58.53
N ILE E 12 7.59 -22.70 57.53
CA ILE E 12 6.28 -22.08 57.60
C ILE E 12 5.47 -22.43 56.36
N GLN E 13 4.17 -22.21 56.41
CA GLN E 13 3.31 -22.44 55.27
C GLN E 13 3.60 -21.47 54.12
N LYS E 14 3.78 -22.00 52.91
CA LYS E 14 4.03 -21.18 51.72
C LYS E 14 2.87 -20.23 51.42
N SER E 15 1.67 -20.78 51.33
CA SER E 15 0.48 -19.98 51.05
C SER E 15 -0.73 -20.68 51.60
N GLY E 16 -1.59 -19.91 52.24
CA GLY E 16 -2.70 -20.47 52.98
C GLY E 16 -3.02 -19.59 54.16
N ARG E 17 -3.83 -20.13 55.07
CA ARG E 17 -4.39 -19.33 56.14
C ARG E 17 -3.36 -18.90 57.20
N LEU E 18 -2.23 -19.58 57.29
CA LEU E 18 -1.23 -19.29 58.30
C LEU E 18 -0.07 -18.46 57.75
N SER E 19 0.01 -18.35 56.44
CA SER E 19 1.20 -17.76 55.81
C SER E 19 1.47 -16.34 56.22
N LYS E 20 0.47 -15.47 56.07
CA LYS E 20 0.68 -14.04 56.30
C LYS E 20 1.08 -13.81 57.75
N GLU E 21 0.33 -14.40 58.68
CA GLU E 21 0.58 -14.22 60.10
C GLU E 21 1.87 -14.87 60.58
N SER E 22 2.30 -15.94 59.92
CA SER E 22 3.61 -16.54 60.26
C SER E 22 4.77 -15.60 59.91
N ILE E 23 4.71 -15.03 58.71
CA ILE E 23 5.71 -14.07 58.25
C ILE E 23 5.69 -12.80 59.12
N GLU E 24 4.49 -12.30 59.39
CA GLU E 24 4.36 -11.11 60.23
C GLU E 24 4.99 -11.32 61.61
N LEU E 25 4.74 -12.48 62.23
CA LEU E 25 5.29 -12.75 63.56
C LEU E 25 6.80 -12.71 63.51
N LEU E 26 7.40 -13.38 62.53
CA LEU E 26 8.84 -13.42 62.41
C LEU E 26 9.39 -12.02 62.17
N SER E 27 8.69 -11.26 61.34
CA SER E 27 9.09 -9.92 61.02
C SER E 27 9.01 -9.01 62.27
N GLU E 28 7.93 -9.12 63.03
CA GLU E 28 7.81 -8.38 64.27
C GLU E 28 8.80 -8.82 65.35
N CYS E 29 9.35 -10.03 65.22
CA CYS E 29 10.43 -10.48 66.07
C CYS E 29 11.80 -10.05 65.55
N GLY E 30 11.83 -9.14 64.58
CA GLY E 30 13.09 -8.59 64.07
C GLY E 30 13.83 -9.48 63.11
N VAL E 31 13.14 -10.46 62.52
CA VAL E 31 13.76 -11.27 61.46
C VAL E 31 13.51 -10.56 60.13
N LYS E 32 14.52 -9.89 59.62
CA LYS E 32 14.43 -9.19 58.33
C LYS E 32 14.70 -10.18 57.20
N MET E 33 13.84 -10.14 56.18
CA MET E 33 13.94 -11.04 55.04
C MET E 33 13.12 -10.51 53.88
N HIS E 34 13.47 -10.92 52.67
CA HIS E 34 12.69 -10.56 51.48
C HIS E 34 12.08 -11.81 50.88
N ILE E 35 10.76 -11.88 50.91
CA ILE E 35 10.04 -13.03 50.39
C ILE E 35 9.45 -12.72 49.01
N HIS E 36 9.82 -13.53 48.02
CA HIS E 36 9.19 -13.52 46.68
C HIS E 36 8.35 -14.79 46.57
N GLU E 37 7.07 -14.64 46.21
CA GLU E 37 6.10 -15.75 46.21
C GLU E 37 6.63 -17.01 45.54
N GLN E 38 7.39 -16.85 44.47
CA GLN E 38 7.97 -17.99 43.75
C GLN E 38 9.16 -18.63 44.49
N SER E 39 9.85 -17.87 45.35
CA SER E 39 10.99 -18.42 46.11
C SER E 39 10.53 -19.18 47.35
N LEU E 40 11.05 -20.39 47.46
CA LEU E 40 10.62 -21.33 48.49
C LEU E 40 11.56 -21.33 49.70
N ILE E 41 12.70 -20.65 49.58
CA ILE E 41 13.58 -20.40 50.74
C ILE E 41 13.94 -18.92 50.80
N ALA E 42 13.66 -18.29 51.94
CA ALA E 42 14.07 -16.91 52.17
C ALA E 42 15.17 -16.93 53.20
N PHE E 43 16.23 -16.17 52.92
CA PHE E 43 17.36 -16.05 53.81
C PHE E 43 17.27 -14.73 54.59
N SER E 44 17.29 -14.80 55.91
CA SER E 44 17.27 -13.60 56.72
C SER E 44 18.57 -12.82 56.49
N THR E 45 18.44 -11.51 56.33
CA THR E 45 19.58 -10.64 56.04
C THR E 45 20.33 -10.21 57.29
N ASN E 46 19.63 -10.17 58.42
CA ASN E 46 20.21 -9.69 59.69
C ASN E 46 20.43 -10.77 60.75
N LEU E 47 19.92 -11.97 60.53
CA LEU E 47 20.12 -13.09 61.48
C LEU E 47 20.45 -14.36 60.72
N PRO E 48 21.15 -15.31 61.37
CA PRO E 48 21.48 -16.57 60.71
C PRO E 48 20.28 -17.54 60.70
N ILE E 49 19.29 -17.22 59.85
CA ILE E 49 18.03 -17.93 59.82
C ILE E 49 17.59 -18.13 58.36
N ASP E 50 17.18 -19.37 58.06
CA ASP E 50 16.56 -19.71 56.76
C ASP E 50 15.09 -20.05 56.96
N ILE E 51 14.22 -19.42 56.18
CA ILE E 51 12.81 -19.67 56.23
C ILE E 51 12.43 -20.56 55.04
N LEU E 52 11.96 -21.78 55.34
CA LEU E 52 11.53 -22.73 54.32
C LEU E 52 10.03 -22.63 54.18
N ARG E 53 9.57 -22.36 52.96
CA ARG E 53 8.17 -22.13 52.69
C ARG E 53 7.59 -23.36 52.03
N VAL E 54 6.80 -24.12 52.78
CA VAL E 54 6.41 -25.46 52.37
C VAL E 54 4.91 -25.62 52.48
N ARG E 55 4.42 -26.79 52.13
CA ARG E 55 3.02 -27.10 52.37
C ARG E 55 2.84 -27.44 53.85
N ASP E 56 1.76 -26.97 54.45
CA ASP E 56 1.58 -27.12 55.89
C ASP E 56 1.58 -28.59 56.29
N ASP E 57 1.01 -29.44 55.43
CA ASP E 57 0.96 -30.88 55.65
C ASP E 57 2.30 -31.51 55.97
N ASP E 58 3.37 -30.96 55.43
CA ASP E 58 4.70 -31.54 55.60
C ASP E 58 5.45 -31.05 56.83
N ILE E 59 4.99 -29.96 57.43
CA ILE E 59 5.75 -29.32 58.54
C ILE E 59 5.93 -30.26 59.72
N PRO E 60 4.87 -30.98 60.15
CA PRO E 60 5.07 -31.89 61.24
C PRO E 60 6.14 -32.94 60.95
N GLY E 61 6.07 -33.55 59.77
CA GLY E 61 7.04 -34.56 59.35
C GLY E 61 8.46 -34.03 59.29
N LEU E 62 8.65 -32.83 58.76
CA LEU E 62 9.99 -32.25 58.72
C LEU E 62 10.56 -32.09 60.13
N ILE E 63 9.70 -31.72 61.07
CA ILE E 63 10.09 -31.54 62.47
C ILE E 63 10.35 -32.89 63.14
N PHE E 64 9.41 -33.83 62.98
CA PHE E 64 9.58 -35.19 63.48
C PHE E 64 10.89 -35.82 63.03
N ASP E 65 11.27 -35.58 61.78
CA ASP E 65 12.48 -36.17 61.20
C ASP E 65 13.73 -35.38 61.50
N GLY E 66 13.58 -34.24 62.18
CA GLY E 66 14.74 -33.45 62.62
C GLY E 66 15.44 -32.67 61.51
N VAL E 67 14.78 -32.51 60.36
CA VAL E 67 15.40 -31.91 59.16
C VAL E 67 15.19 -30.41 59.09
N VAL E 68 14.28 -29.87 59.91
CA VAL E 68 14.25 -28.43 60.19
C VAL E 68 14.27 -28.26 61.69
N ASP E 69 14.58 -27.05 62.16
CA ASP E 69 14.72 -26.79 63.58
C ASP E 69 13.42 -26.32 64.21
N LEU E 70 12.76 -25.36 63.57
CA LEU E 70 11.49 -24.86 64.04
C LEU E 70 10.41 -24.91 62.97
N GLY E 71 9.16 -24.91 63.41
CA GLY E 71 8.02 -24.89 62.52
C GLY E 71 6.86 -24.12 63.11
N ILE E 72 6.08 -23.49 62.24
CA ILE E 72 4.80 -22.95 62.62
C ILE E 72 3.70 -23.70 61.91
N ILE E 73 2.83 -24.33 62.69
CA ILE E 73 1.80 -25.23 62.13
C ILE E 73 0.55 -25.18 62.99
N GLY E 74 -0.60 -25.45 62.37
CA GLY E 74 -1.83 -25.61 63.11
C GLY E 74 -1.76 -26.86 63.98
N GLU E 75 -2.26 -26.75 65.21
CA GLU E 75 -2.35 -27.90 66.13
C GLU E 75 -3.04 -29.12 65.51
N ASN E 76 -4.16 -28.86 64.84
CA ASN E 76 -4.93 -29.90 64.22
C ASN E 76 -4.07 -30.76 63.27
N VAL E 77 -3.28 -30.12 62.42
CA VAL E 77 -2.45 -30.82 61.43
C VAL E 77 -1.30 -31.52 62.13
N LEU E 78 -0.72 -30.84 63.13
CA LEU E 78 0.34 -31.41 63.93
C LEU E 78 -0.08 -32.74 64.59
N GLU E 79 -1.22 -32.73 65.28
CA GLU E 79 -1.62 -33.95 66.00
C GLU E 79 -2.19 -35.02 65.08
N GLU E 80 -2.91 -34.61 64.03
CA GLU E 80 -3.40 -35.58 63.06
C GLU E 80 -2.23 -36.36 62.50
N ASN E 81 -1.17 -35.67 62.11
CA ASN E 81 0.04 -36.33 61.58
C ASN E 81 0.82 -37.12 62.60
N GLU E 82 0.90 -36.59 63.83
CA GLU E 82 1.50 -37.33 64.92
C GLU E 82 0.77 -38.67 65.09
N LEU E 83 -0.54 -38.60 65.23
CA LEU E 83 -1.35 -39.80 65.45
C LEU E 83 -1.21 -40.79 64.31
N GLU E 84 -1.19 -40.28 63.07
CA GLU E 84 -1.06 -41.13 61.88
C GLU E 84 0.25 -41.89 61.90
N ARG E 85 1.35 -41.20 62.19
CA ARG E 85 2.66 -41.86 62.27
C ARG E 85 2.74 -42.87 63.41
N GLN E 86 2.11 -42.56 64.54
CA GLN E 86 2.05 -43.50 65.66
C GLN E 86 1.30 -44.77 65.25
N SER E 87 0.24 -44.62 64.45
CA SER E 87 -0.54 -45.77 64.00
C SER E 87 0.22 -46.65 62.99
N LEU E 88 1.28 -46.12 62.39
CA LEU E 88 2.18 -46.91 61.57
C LEU E 88 3.37 -47.45 62.36
N GLY E 89 3.31 -47.37 63.68
CA GLY E 89 4.37 -47.90 64.54
C GLY E 89 5.55 -46.98 64.78
N GLU E 90 5.53 -45.77 64.23
CA GLU E 90 6.65 -44.84 64.43
C GLU E 90 6.50 -44.14 65.77
N ASN E 91 7.55 -43.42 66.19
CA ASN E 91 7.53 -42.67 67.45
C ASN E 91 7.89 -41.21 67.23
N PRO E 92 7.02 -40.46 66.55
CA PRO E 92 7.31 -39.06 66.29
C PRO E 92 7.37 -38.27 67.60
N SER E 93 8.28 -37.31 67.68
CA SER E 93 8.34 -36.45 68.83
C SER E 93 8.79 -35.05 68.45
N TYR E 94 8.48 -34.10 69.32
CA TYR E 94 8.79 -32.70 69.10
C TYR E 94 8.64 -31.93 70.40
N LYS E 95 9.12 -30.69 70.41
CA LYS E 95 8.90 -29.78 71.56
C LYS E 95 7.90 -28.70 71.17
N LEU E 96 6.85 -28.56 71.96
CA LEU E 96 5.90 -27.46 71.80
C LEU E 96 6.46 -26.24 72.49
N LEU E 97 6.87 -25.22 71.74
CA LEU E 97 7.46 -24.03 72.34
C LEU E 97 6.40 -23.04 72.77
N LYS E 98 5.36 -22.86 71.96
CA LYS E 98 4.38 -21.81 72.21
C LYS E 98 3.13 -21.99 71.38
N LYS E 99 1.98 -21.89 72.04
CA LYS E 99 0.71 -21.77 71.36
C LYS E 99 0.55 -20.31 70.96
N LEU E 100 0.23 -20.06 69.69
CA LEU E 100 0.26 -18.69 69.14
C LEU E 100 -1.13 -18.06 69.11
N ASP E 101 -1.20 -16.80 68.72
CA ASP E 101 -2.46 -16.05 68.83
C ASP E 101 -3.15 -15.88 67.47
N PHE E 102 -2.98 -16.86 66.59
CA PHE E 102 -3.70 -16.89 65.32
C PHE E 102 -3.93 -18.35 64.87
N GLY E 103 -4.58 -18.52 63.73
CA GLY E 103 -4.92 -19.84 63.22
C GLY E 103 -6.04 -20.51 64.02
N TYR E 104 -6.91 -19.72 64.62
CA TYR E 104 -7.98 -20.27 65.45
C TYR E 104 -9.02 -20.94 64.58
N CYS E 105 -9.33 -22.19 64.92
CA CYS E 105 -10.42 -22.89 64.29
C CYS E 105 -10.81 -24.05 65.16
N ARG E 106 -11.88 -24.73 64.76
CA ARG E 106 -12.36 -25.89 65.50
C ARG E 106 -12.80 -27.00 64.57
N LEU E 107 -12.64 -28.22 65.08
CA LEU E 107 -13.08 -29.41 64.42
C LEU E 107 -14.39 -29.81 65.08
N SER E 108 -15.47 -29.89 64.29
CA SER E 108 -16.82 -30.10 64.83
C SER E 108 -17.60 -31.18 64.09
N LEU E 109 -18.34 -31.98 64.86
CA LEU E 109 -19.32 -32.88 64.30
C LEU E 109 -20.52 -32.07 63.82
N ALA E 110 -21.02 -32.41 62.63
CA ALA E 110 -22.17 -31.72 62.06
C ALA E 110 -23.12 -32.74 61.45
N LEU E 111 -24.41 -32.38 61.42
CA LEU E 111 -25.50 -33.26 60.96
C LEU E 111 -26.39 -32.45 60.00
N PRO E 112 -27.16 -33.15 59.15
CA PRO E 112 -28.14 -32.43 58.31
C PRO E 112 -29.08 -31.61 59.19
N GLN E 113 -29.49 -30.42 58.73
CA GLN E 113 -30.36 -29.52 59.50
C GLN E 113 -31.63 -30.22 60.02
N GLU E 114 -32.19 -31.11 59.20
CA GLU E 114 -33.44 -31.79 59.55
C GLU E 114 -33.38 -32.73 60.77
N ASN E 115 -32.20 -33.26 61.12
CA ASN E 115 -32.14 -34.33 62.14
C ASN E 115 -32.48 -33.77 63.55
N LEU E 120 -24.49 -37.10 72.07
CA LEU E 120 -23.40 -37.75 71.35
C LEU E 120 -23.74 -39.19 70.97
N LYS E 121 -24.52 -39.87 71.78
CA LYS E 121 -25.00 -41.23 71.46
C LYS E 121 -25.77 -41.30 70.14
N ASP E 122 -26.33 -40.18 69.69
CA ASP E 122 -27.04 -40.10 68.40
C ASP E 122 -26.09 -40.41 67.20
N PHE E 123 -24.78 -40.30 67.41
CA PHE E 123 -23.78 -40.66 66.40
C PHE E 123 -23.44 -42.14 66.38
N GLU E 124 -23.98 -42.91 67.33
CA GLU E 124 -23.70 -44.34 67.39
C GLU E 124 -24.03 -45.03 66.07
N GLY E 125 -23.03 -45.64 65.46
CA GLY E 125 -23.22 -46.45 64.26
C GLY E 125 -23.31 -45.65 62.97
N LEU E 126 -23.15 -44.33 63.04
CA LEU E 126 -23.27 -43.51 61.83
C LEU E 126 -21.99 -43.56 61.01
N ARG E 127 -22.13 -43.32 59.71
CA ARG E 127 -21.00 -43.08 58.83
C ARG E 127 -20.63 -41.61 58.98
N ILE E 128 -19.35 -41.34 59.26
CA ILE E 128 -18.89 -39.96 59.47
C ILE E 128 -17.74 -39.61 58.53
N ALA E 129 -17.93 -38.58 57.72
CA ALA E 129 -16.91 -38.17 56.76
C ALA E 129 -16.01 -37.09 57.36
N THR E 130 -14.70 -37.23 57.18
CA THR E 130 -13.76 -36.26 57.71
C THR E 130 -12.42 -36.25 56.99
N SER E 131 -11.74 -35.10 57.02
CA SER E 131 -10.32 -35.03 56.62
C SER E 131 -9.39 -35.27 57.78
N TYR E 132 -9.93 -35.48 58.98
CA TYR E 132 -9.11 -35.69 60.17
C TYR E 132 -9.49 -36.99 60.87
N PRO E 133 -9.30 -38.13 60.17
CA PRO E 133 -9.71 -39.43 60.69
C PRO E 133 -9.13 -39.74 62.07
N GLN E 134 -7.87 -39.40 62.29
CA GLN E 134 -7.21 -39.74 63.56
C GLN E 134 -7.79 -38.95 64.72
N LEU E 135 -7.97 -37.65 64.51
CA LEU E 135 -8.53 -36.81 65.57
C LEU E 135 -9.94 -37.24 65.90
N LEU E 136 -10.74 -37.54 64.88
CA LEU E 136 -12.09 -38.05 65.11
C LEU E 136 -12.04 -39.38 65.86
N LYS E 137 -11.18 -40.28 65.42
CA LYS E 137 -11.08 -41.59 66.05
C LYS E 137 -10.75 -41.50 67.54
N ARG E 138 -9.75 -40.68 67.86
CA ARG E 138 -9.37 -40.53 69.25
C ARG E 138 -10.54 -39.99 70.09
N PHE E 139 -11.25 -39.00 69.58
CA PHE E 139 -12.39 -38.44 70.30
C PHE E 139 -13.50 -39.46 70.49
N MET E 140 -13.79 -40.24 69.44
CA MET E 140 -14.86 -41.23 69.52
C MET E 140 -14.49 -42.40 70.45
N LYS E 141 -13.23 -42.80 70.46
CA LYS E 141 -12.74 -43.83 71.41
C LYS E 141 -12.84 -43.33 72.85
N GLU E 142 -12.39 -42.11 73.10
CA GLU E 142 -12.51 -41.51 74.44
C GLU E 142 -13.93 -41.46 74.96
N ASN E 143 -14.90 -41.25 74.08
CA ASN E 143 -16.30 -41.19 74.49
C ASN E 143 -17.07 -42.49 74.25
N GLY E 144 -16.37 -43.56 73.89
CA GLY E 144 -16.97 -44.88 73.69
C GLY E 144 -18.08 -44.97 72.65
N ILE E 145 -17.93 -44.28 71.52
CA ILE E 145 -18.92 -44.32 70.46
C ILE E 145 -18.37 -45.02 69.22
N ASN E 146 -19.06 -46.06 68.78
CA ASN E 146 -18.73 -46.75 67.52
C ASN E 146 -19.32 -46.04 66.32
N TYR E 147 -18.55 -45.99 65.24
CA TYR E 147 -18.97 -45.30 64.01
C TYR E 147 -18.24 -45.90 62.82
N LYS E 148 -18.62 -45.50 61.62
CA LYS E 148 -17.91 -45.89 60.40
C LYS E 148 -17.20 -44.66 59.81
N ASN E 149 -15.87 -44.73 59.66
CA ASN E 149 -15.09 -43.62 59.12
C ASN E 149 -15.19 -43.55 57.62
N CYS E 150 -15.34 -42.34 57.10
CA CYS E 150 -15.23 -42.08 55.67
C CYS E 150 -14.24 -40.93 55.46
N THR E 151 -13.05 -41.23 54.94
CA THR E 151 -12.03 -40.20 54.75
C THR E 151 -12.21 -39.47 53.41
N LEU E 152 -12.34 -38.15 53.50
CA LEU E 152 -12.33 -37.29 52.33
C LEU E 152 -11.32 -36.19 52.61
N THR E 153 -10.49 -35.87 51.63
CA THR E 153 -9.41 -34.91 51.85
C THR E 153 -9.87 -33.48 51.56
N GLY E 154 -11.14 -33.30 51.20
CA GLY E 154 -11.69 -31.98 50.93
C GLY E 154 -13.16 -32.08 50.56
N SER E 155 -13.81 -30.95 50.37
CA SER E 155 -15.23 -30.93 50.07
C SER E 155 -16.03 -31.84 51.04
N VAL E 156 -15.67 -31.83 52.32
CA VAL E 156 -16.25 -32.78 53.28
C VAL E 156 -17.76 -32.57 53.44
N GLU E 157 -18.24 -31.35 53.29
CA GLU E 157 -19.65 -31.06 53.52
C GLU E 157 -20.59 -31.58 52.43
N VAL E 158 -20.04 -32.16 51.36
CA VAL E 158 -20.85 -32.82 50.35
C VAL E 158 -21.40 -34.15 50.83
N ALA E 159 -20.71 -34.80 51.78
CA ALA E 159 -20.91 -36.23 52.04
C ALA E 159 -22.36 -36.64 52.37
N PRO E 160 -23.07 -35.86 53.21
CA PRO E 160 -24.43 -36.25 53.57
C PRO E 160 -25.42 -36.18 52.42
N ARG E 161 -25.49 -35.04 51.74
CA ARG E 161 -26.37 -34.86 50.60
C ARG E 161 -26.03 -35.85 49.47
N ALA E 162 -24.76 -36.24 49.36
CA ALA E 162 -24.33 -37.20 48.35
C ALA E 162 -24.37 -38.64 48.85
N ASN E 163 -24.93 -38.84 50.04
CA ASN E 163 -25.03 -40.16 50.65
C ASN E 163 -23.70 -40.93 50.77
N LEU E 164 -22.61 -40.19 50.97
CA LEU E 164 -21.30 -40.81 51.30
C LEU E 164 -21.18 -41.05 52.80
N ALA E 165 -21.89 -40.24 53.59
CA ALA E 165 -21.92 -40.41 55.02
C ALA E 165 -23.22 -39.86 55.61
N ASP E 166 -23.46 -40.14 56.88
CA ASP E 166 -24.64 -39.64 57.62
C ASP E 166 -24.32 -38.32 58.32
N ALA E 167 -23.03 -38.10 58.58
CA ALA E 167 -22.58 -36.91 59.29
C ALA E 167 -21.16 -36.57 58.86
N ILE E 168 -20.68 -35.41 59.29
CA ILE E 168 -19.30 -35.02 59.04
C ILE E 168 -18.61 -34.53 60.29
N CYS E 169 -17.29 -34.59 60.24
CA CYS E 169 -16.45 -33.96 61.22
C CYS E 169 -15.52 -33.04 60.45
N ASP E 170 -15.77 -31.74 60.50
CA ASP E 170 -15.04 -30.78 59.67
C ASP E 170 -14.54 -29.56 60.40
N LEU E 171 -13.51 -28.94 59.82
CA LEU E 171 -12.95 -27.67 60.31
C LEU E 171 -13.93 -26.55 60.02
N VAL E 172 -14.16 -25.70 61.00
CA VAL E 172 -15.00 -24.52 60.81
C VAL E 172 -14.43 -23.34 61.59
N SER E 173 -14.72 -22.14 61.12
CA SER E 173 -14.53 -20.93 61.90
C SER E 173 -15.79 -20.04 61.78
N SER E 174 -16.14 -19.65 60.55
CA SER E 174 -17.36 -18.85 60.30
C SER E 174 -18.70 -19.64 60.34
N GLY E 175 -18.77 -20.83 59.71
CA GLY E 175 -20.03 -21.60 59.61
C GLY E 175 -20.70 -21.56 58.23
N ALA E 176 -20.22 -20.68 57.36
CA ALA E 176 -20.78 -20.46 56.02
C ALA E 176 -21.04 -21.73 55.20
N THR E 177 -19.99 -22.52 55.00
CA THR E 177 -20.06 -23.70 54.15
C THR E 177 -21.06 -24.74 54.65
N LEU E 178 -21.28 -24.78 55.97
CA LEU E 178 -22.26 -25.69 56.57
C LEU E 178 -23.69 -25.32 56.20
N GLN E 179 -24.02 -24.04 56.35
CA GLN E 179 -25.36 -23.54 55.98
C GLN E 179 -25.63 -23.84 54.51
N ALA E 180 -24.68 -23.48 53.66
CA ALA E 180 -24.80 -23.69 52.22
C ALA E 180 -25.07 -25.14 51.82
N ASN E 181 -24.68 -26.11 52.65
CA ASN E 181 -24.94 -27.52 52.38
C ASN E 181 -25.97 -28.17 53.30
N ASN E 182 -26.83 -27.34 53.91
CA ASN E 182 -27.92 -27.81 54.75
C ASN E 182 -27.40 -28.65 55.93
N LEU E 183 -26.36 -28.16 56.59
CA LEU E 183 -25.79 -28.82 57.77
C LEU E 183 -25.76 -27.88 58.97
N LYS E 184 -25.82 -28.47 60.16
CA LYS E 184 -25.71 -27.71 61.39
C LYS E 184 -24.60 -28.29 62.26
N GLU E 185 -23.83 -27.38 62.85
CA GLU E 185 -22.82 -27.74 63.81
C GLU E 185 -23.51 -28.20 65.08
N VAL E 186 -23.04 -29.33 65.60
CA VAL E 186 -23.70 -30.02 66.71
C VAL E 186 -22.81 -30.25 67.93
N LYS E 187 -21.50 -30.41 67.75
CA LYS E 187 -20.58 -30.70 68.85
C LYS E 187 -19.14 -30.41 68.43
N VAL E 188 -18.48 -29.49 69.15
CA VAL E 188 -17.07 -29.20 68.94
C VAL E 188 -16.27 -30.31 69.59
N ILE E 189 -15.38 -30.96 68.82
CA ILE E 189 -14.56 -32.03 69.37
C ILE E 189 -13.11 -31.63 69.58
N TYR E 190 -12.69 -30.50 69.02
CA TYR E 190 -11.27 -30.15 69.04
C TYR E 190 -11.12 -28.70 68.68
N GLU E 191 -10.33 -27.98 69.46
CA GLU E 191 -10.07 -26.58 69.20
C GLU E 191 -8.60 -26.44 68.88
N SER E 192 -8.30 -25.62 67.87
CA SER E 192 -6.96 -25.57 67.34
C SER E 192 -6.51 -24.15 67.21
N ARG E 193 -5.20 -23.99 67.26
CA ARG E 193 -4.58 -22.73 66.94
C ARG E 193 -3.18 -23.02 66.45
N ALA E 194 -2.55 -22.03 65.84
CA ALA E 194 -1.18 -22.18 65.36
C ALA E 194 -0.23 -22.36 66.55
N CYS E 195 0.80 -23.17 66.35
CA CYS E 195 1.82 -23.44 67.34
C CYS E 195 3.18 -23.30 66.75
N LEU E 196 4.13 -22.96 67.58
CA LEU E 196 5.52 -22.91 67.22
C LEU E 196 6.16 -24.11 67.87
N ILE E 197 6.75 -24.98 67.05
CA ILE E 197 7.32 -26.22 67.54
C ILE E 197 8.77 -26.34 67.15
N GLN E 198 9.46 -27.25 67.82
CA GLN E 198 10.88 -27.47 67.61
C GLN E 198 11.14 -28.97 67.54
N LYS E 199 12.16 -29.35 66.79
CA LYS E 199 12.54 -30.76 66.71
C LYS E 199 13.02 -31.26 68.08
N GLU E 200 12.96 -32.58 68.28
CA GLU E 200 13.30 -33.18 69.57
C GLU E 200 14.80 -33.18 69.84
N ASN E 201 15.60 -33.53 68.85
CA ASN E 201 17.05 -33.61 69.04
C ASN E 201 17.67 -32.26 69.36
N ALA E 202 18.53 -32.27 70.38
CA ALA E 202 19.14 -31.04 70.88
C ALA E 202 19.84 -30.28 69.76
N LEU E 203 19.72 -28.97 69.81
CA LEU E 203 20.44 -28.10 68.88
C LEU E 203 21.82 -27.80 69.45
N SER E 204 22.69 -27.25 68.63
CA SER E 204 23.95 -26.69 69.11
C SER E 204 23.65 -25.60 70.12
N LYS E 205 24.63 -25.28 70.96
CA LYS E 205 24.45 -24.25 71.98
C LYS E 205 24.15 -22.88 71.35
N GLU E 206 24.81 -22.56 70.24
CA GLU E 206 24.60 -21.27 69.54
C GLU E 206 23.19 -21.20 68.91
N LYS E 207 22.73 -22.28 68.27
CA LYS E 207 21.39 -22.32 67.72
C LYS E 207 20.33 -22.24 68.81
N GLN E 208 20.51 -22.98 69.89
CA GLN E 208 19.55 -22.98 70.97
C GLN E 208 19.43 -21.59 71.61
N ALA E 209 20.55 -20.89 71.70
CA ALA E 209 20.56 -19.54 72.28
C ALA E 209 19.81 -18.58 71.37
N LEU E 210 19.93 -18.76 70.07
CA LEU E 210 19.15 -17.96 69.11
C LEU E 210 17.66 -18.25 69.24
N VAL E 211 17.30 -19.52 69.40
CA VAL E 211 15.91 -19.87 69.62
C VAL E 211 15.38 -19.23 70.90
N ASP E 212 16.17 -19.32 71.97
CA ASP E 212 15.79 -18.70 73.26
C ASP E 212 15.52 -17.21 73.09
N LYS E 213 16.39 -16.53 72.37
CA LYS E 213 16.23 -15.10 72.11
C LYS E 213 14.96 -14.83 71.30
N ILE E 214 14.71 -15.63 70.26
CA ILE E 214 13.50 -15.46 69.46
C ILE E 214 12.26 -15.68 70.30
N MET E 215 12.27 -16.73 71.12
CA MET E 215 11.12 -17.03 71.98
C MET E 215 10.70 -15.91 72.90
N LEU E 216 11.68 -15.21 73.47
CA LEU E 216 11.38 -14.06 74.34
C LEU E 216 10.74 -12.94 73.53
N ARG E 217 11.20 -12.76 72.29
CA ARG E 217 10.58 -11.83 71.36
C ARG E 217 9.17 -12.24 70.98
N VAL E 218 8.95 -13.53 70.71
CA VAL E 218 7.62 -14.02 70.40
C VAL E 218 6.63 -13.71 71.52
N ALA E 219 7.04 -14.03 72.75
CA ALA E 219 6.21 -13.76 73.94
C ALA E 219 5.93 -12.27 74.06
N GLY E 220 6.96 -11.45 73.89
CA GLY E 220 6.78 -9.99 73.90
C GLY E 220 5.80 -9.47 72.87
N VAL E 221 5.94 -9.94 71.64
CA VAL E 221 5.07 -9.50 70.56
C VAL E 221 3.62 -9.87 70.88
N MET E 222 3.40 -11.08 71.35
CA MET E 222 2.05 -11.53 71.67
C MET E 222 1.45 -10.80 72.88
N GLN E 223 2.27 -10.53 73.88
CA GLN E 223 1.79 -9.84 75.08
C GLN E 223 1.40 -8.40 74.73
N ALA E 224 2.20 -7.75 73.89
CA ALA E 224 1.89 -6.38 73.45
C ALA E 224 0.57 -6.26 72.72
N ARG E 225 0.21 -7.30 71.96
CA ARG E 225 -1.09 -7.34 71.26
C ARG E 225 -2.27 -7.45 72.22
N GLU E 226 -2.06 -8.14 73.34
CA GLU E 226 -3.13 -8.39 74.32
C GLU E 226 -3.19 -7.30 75.43
N SER E 227 -2.03 -6.91 75.97
CA SER E 227 -1.97 -5.92 77.04
C SER E 227 -2.33 -4.50 76.57
N LYS E 228 -2.92 -3.72 77.48
CA LYS E 228 -3.19 -2.30 77.24
C LYS E 228 -2.69 -1.45 78.41
N TYR E 229 -2.38 -0.19 78.11
CA TYR E 229 -2.00 0.75 79.15
C TYR E 229 -3.25 1.47 79.60
N ILE E 230 -3.55 1.34 80.89
CA ILE E 230 -4.81 1.81 81.45
C ILE E 230 -4.57 2.97 82.42
N MET E 231 -5.38 4.01 82.31
CA MET E 231 -5.39 5.14 83.26
C MET E 231 -6.83 5.38 83.66
N LEU E 232 -7.08 5.50 84.96
CA LEU E 232 -8.41 5.79 85.45
C LEU E 232 -8.39 6.49 86.81
N HIS E 233 -9.55 7.03 87.19
CA HIS E 233 -9.76 7.57 88.53
C HIS E 233 -10.59 6.58 89.33
N ALA E 234 -10.14 6.33 90.56
CA ALA E 234 -10.80 5.39 91.46
C ALA E 234 -10.99 6.01 92.85
N PRO E 235 -12.16 5.79 93.47
CA PRO E 235 -12.30 6.16 94.88
C PRO E 235 -11.39 5.31 95.75
N LYS E 236 -10.75 5.93 96.74
CA LYS E 236 -9.83 5.19 97.62
C LYS E 236 -10.53 4.02 98.31
N GLU E 237 -11.80 4.23 98.65
CA GLU E 237 -12.62 3.22 99.29
C GLU E 237 -12.90 1.97 98.43
N LYS E 238 -12.72 2.07 97.11
CA LYS E 238 -13.06 1.00 96.18
C LYS E 238 -11.84 0.39 95.48
N LEU E 239 -10.66 0.81 95.90
CA LEU E 239 -9.40 0.47 95.24
C LEU E 239 -9.16 -1.03 95.13
N ASP E 240 -9.44 -1.77 96.21
CA ASP E 240 -9.23 -3.23 96.24
C ASP E 240 -10.10 -3.96 95.20
N LYS E 241 -11.38 -3.58 95.15
CA LYS E 241 -12.32 -4.17 94.19
C LYS E 241 -11.91 -3.90 92.75
N ILE E 242 -11.49 -2.66 92.49
CA ILE E 242 -11.06 -2.24 91.16
C ILE E 242 -9.85 -3.03 90.68
N GLN E 243 -8.87 -3.23 91.57
CA GLN E 243 -7.66 -3.99 91.24
C GLN E 243 -7.98 -5.47 90.96
N ALA E 244 -8.95 -6.02 91.68
CA ALA E 244 -9.43 -7.38 91.44
C ALA E 244 -10.09 -7.52 90.07
N LEU E 245 -10.79 -6.48 89.62
CA LEU E 245 -11.40 -6.48 88.29
C LEU E 245 -10.38 -6.43 87.15
N LEU E 246 -9.18 -5.91 87.45
CA LEU E 246 -8.16 -5.68 86.42
C LEU E 246 -6.82 -6.32 86.80
N PRO E 247 -6.66 -7.63 86.56
CA PRO E 247 -5.32 -8.22 86.77
C PRO E 247 -4.26 -7.55 85.90
N GLY E 248 -3.14 -7.17 86.52
CA GLY E 248 -2.08 -6.46 85.82
C GLY E 248 -0.80 -7.27 85.71
N VAL E 249 0.10 -6.83 84.83
CA VAL E 249 1.41 -7.50 84.68
C VAL E 249 2.30 -7.14 85.88
N GLU E 250 2.10 -5.94 86.43
CA GLU E 250 2.78 -5.49 87.64
C GLU E 250 1.75 -4.87 88.59
N ARG E 251 2.21 -4.41 89.75
CA ARG E 251 1.35 -3.68 90.68
C ARG E 251 0.99 -2.32 90.06
N PRO E 252 -0.26 -1.86 90.25
CA PRO E 252 -0.63 -0.55 89.71
C PRO E 252 0.12 0.60 90.34
N THR E 253 0.37 1.65 89.57
CA THR E 253 0.92 2.88 90.09
C THR E 253 -0.27 3.73 90.55
N ILE E 254 -0.20 4.19 91.80
CA ILE E 254 -1.27 4.97 92.40
C ILE E 254 -0.76 6.37 92.63
N LEU E 255 -1.48 7.36 92.11
CA LEU E 255 -1.06 8.75 92.18
C LEU E 255 -2.17 9.61 92.79
N PRO E 256 -1.79 10.54 93.69
CA PRO E 256 -2.80 11.41 94.28
C PRO E 256 -3.31 12.42 93.24
N LEU E 257 -4.58 12.77 93.33
CA LEU E 257 -5.17 13.78 92.48
C LEU E 257 -5.19 15.13 93.21
N ALA E 258 -4.73 16.18 92.53
CA ALA E 258 -4.65 17.54 93.08
C ALA E 258 -6.07 17.98 93.44
N HIS E 259 -6.26 18.52 94.63
CA HIS E 259 -7.58 19.07 95.06
C HIS E 259 -8.72 18.03 95.13
N ASP E 260 -8.38 16.74 95.13
CA ASP E 260 -9.37 15.68 95.33
C ASP E 260 -8.77 14.67 96.30
N GLU E 261 -9.34 14.62 97.49
CA GLU E 261 -8.80 13.80 98.57
C GLU E 261 -9.46 12.42 98.63
N LYS E 262 -10.68 12.29 98.10
CA LYS E 262 -11.42 11.03 98.12
C LYS E 262 -11.01 10.04 97.01
N ASN E 263 -10.40 10.55 95.94
CA ASN E 263 -10.03 9.72 94.79
C ASN E 263 -8.55 9.72 94.49
N VAL E 264 -8.14 8.69 93.76
CA VAL E 264 -6.77 8.56 93.28
C VAL E 264 -6.72 8.22 91.77
N ALA E 265 -5.58 8.50 91.13
CA ALA E 265 -5.35 8.10 89.74
C ALA E 265 -4.63 6.77 89.76
N LEU E 266 -5.07 5.86 88.88
CA LEU E 266 -4.48 4.53 88.76
C LEU E 266 -3.92 4.37 87.35
N HIS E 267 -2.63 4.04 87.26
CA HIS E 267 -1.98 3.73 85.99
C HIS E 267 -1.52 2.29 86.06
N MET E 268 -1.82 1.50 85.05
CA MET E 268 -1.43 0.10 85.04
C MET E 268 -1.43 -0.51 83.64
N VAL E 269 -0.81 -1.69 83.55
CA VAL E 269 -0.76 -2.48 82.33
C VAL E 269 -1.57 -3.73 82.54
N SER E 270 -2.64 -3.91 81.76
CA SER E 270 -3.47 -5.10 81.90
C SER E 270 -2.76 -6.33 81.34
N LYS E 271 -3.04 -7.49 81.94
CA LYS E 271 -2.50 -8.78 81.46
C LYS E 271 -3.27 -9.24 80.24
N GLU E 272 -4.57 -8.95 80.25
CA GLU E 272 -5.46 -9.30 79.15
C GLU E 272 -6.09 -8.03 78.56
N ASN E 273 -6.74 -8.19 77.42
CA ASN E 273 -7.38 -7.07 76.75
C ASN E 273 -8.63 -6.65 77.52
N LEU E 274 -9.00 -5.39 77.40
CA LEU E 274 -10.16 -4.86 78.11
C LEU E 274 -11.41 -4.93 77.26
N PHE E 275 -12.36 -5.73 77.71
CA PHE E 275 -13.65 -5.81 77.06
C PHE E 275 -14.61 -4.85 77.71
N TRP E 276 -15.68 -4.52 76.99
CA TRP E 276 -16.68 -3.60 77.51
C TRP E 276 -17.27 -4.03 78.84
N GLU E 277 -17.43 -5.33 79.05
CA GLU E 277 -17.91 -5.84 80.32
C GLU E 277 -17.07 -5.37 81.49
N THR E 278 -15.75 -5.45 81.32
CA THR E 278 -14.81 -5.00 82.34
C THR E 278 -14.90 -3.49 82.54
N MET E 279 -14.99 -2.75 81.44
CA MET E 279 -15.12 -1.30 81.50
C MET E 279 -16.36 -0.94 82.31
N GLU E 280 -17.45 -1.65 82.02
CA GLU E 280 -18.72 -1.41 82.69
C GLU E 280 -18.69 -1.82 84.17
N ALA E 281 -18.04 -2.94 84.47
CA ALA E 281 -17.86 -3.35 85.87
C ALA E 281 -17.03 -2.32 86.65
N LEU E 282 -15.96 -1.80 86.02
CA LEU E 282 -15.16 -0.76 86.67
C LEU E 282 -15.99 0.48 86.99
N LYS E 283 -16.83 0.90 86.05
CA LYS E 283 -17.72 2.03 86.26
C LYS E 283 -18.71 1.77 87.38
N GLU E 284 -19.27 0.55 87.40
CA GLU E 284 -20.17 0.14 88.48
C GLU E 284 -19.52 0.28 89.86
N GLU E 285 -18.25 -0.11 89.95
CA GLU E 285 -17.48 0.03 91.20
C GLU E 285 -17.02 1.47 91.51
N GLY E 286 -17.41 2.44 90.69
CA GLY E 286 -17.13 3.85 90.96
C GLY E 286 -15.94 4.44 90.22
N ALA E 287 -15.26 3.64 89.40
CA ALA E 287 -14.17 4.16 88.57
C ALA E 287 -14.71 5.17 87.55
N SER E 288 -13.88 6.15 87.22
CA SER E 288 -14.23 7.14 86.19
C SER E 288 -13.00 7.53 85.36
N SER E 289 -13.25 8.26 84.27
CA SER E 289 -12.21 8.70 83.34
C SER E 289 -11.30 7.55 82.92
N ILE E 290 -11.91 6.48 82.43
CA ILE E 290 -11.17 5.29 82.07
C ILE E 290 -10.58 5.45 80.68
N LEU E 291 -9.26 5.35 80.58
CA LEU E 291 -8.56 5.42 79.30
C LEU E 291 -7.77 4.16 79.05
N VAL E 292 -7.86 3.65 77.83
CA VAL E 292 -7.16 2.43 77.43
C VAL E 292 -6.33 2.77 76.20
N LEU E 293 -5.01 2.71 76.33
CA LEU E 293 -4.09 3.03 75.23
C LEU E 293 -3.42 1.75 74.71
N PRO E 294 -3.11 1.73 73.40
CA PRO E 294 -2.45 0.57 72.81
C PRO E 294 -0.98 0.58 73.10
N ILE E 295 -0.38 -0.61 73.12
CA ILE E 295 1.03 -0.81 73.39
C ILE E 295 1.65 -1.44 72.16
N GLU E 296 2.78 -0.91 71.71
CA GLU E 296 3.43 -1.39 70.51
C GLU E 296 4.46 -2.47 70.80
N LYS E 297 5.19 -2.32 71.90
CA LYS E 297 6.18 -3.30 72.31
C LYS E 297 6.28 -3.34 73.82
N MET E 298 6.63 -4.50 74.36
CA MET E 298 6.91 -4.60 75.80
C MET E 298 7.83 -5.77 76.15
N LEU E 299 8.41 -5.70 77.35
CA LEU E 299 9.28 -6.73 77.92
C LEU E 299 9.21 -6.60 79.43
N LYS E 300 8.72 -7.64 80.11
CA LYS E 300 8.55 -7.60 81.57
C LYS E 300 9.88 -7.65 82.31
N ASN F 5 -39.50 -13.36 68.67
CA ASN F 5 -38.34 -13.89 69.44
C ASN F 5 -37.94 -12.94 70.56
N THR F 6 -37.12 -13.46 71.47
CA THR F 6 -36.58 -12.67 72.56
C THR F 6 -35.35 -11.85 72.09
N ARG F 7 -34.79 -12.20 70.94
CA ARG F 7 -33.55 -11.57 70.46
C ARG F 7 -33.77 -10.23 69.76
N LEU F 8 -32.84 -9.31 69.99
CA LEU F 8 -32.90 -7.96 69.45
C LEU F 8 -32.54 -7.99 67.95
N ARG F 9 -33.34 -7.32 67.13
CA ARG F 9 -33.12 -7.33 65.68
C ARG F 9 -32.62 -5.99 65.17
N ILE F 10 -31.47 -6.03 64.51
CA ILE F 10 -30.81 -4.85 63.97
C ILE F 10 -30.68 -5.00 62.47
N ALA F 11 -31.22 -4.05 61.72
CA ALA F 11 -31.10 -4.04 60.28
C ALA F 11 -29.94 -3.15 59.83
N ILE F 12 -29.05 -3.71 59.04
CA ILE F 12 -27.95 -2.96 58.44
C ILE F 12 -27.88 -3.26 56.93
N GLN F 13 -27.16 -2.43 56.20
CA GLN F 13 -27.00 -2.62 54.77
C GLN F 13 -26.17 -3.86 54.43
N LYS F 14 -26.69 -4.72 53.55
CA LYS F 14 -25.97 -5.95 53.16
C LYS F 14 -24.64 -5.63 52.51
N SER F 15 -24.66 -4.78 51.49
CA SER F 15 -23.45 -4.40 50.79
C SER F 15 -23.64 -3.05 50.16
N GLY F 16 -22.62 -2.21 50.28
CA GLY F 16 -22.73 -0.82 49.88
C GLY F 16 -21.84 0.02 50.77
N ARG F 17 -22.05 1.33 50.72
CA ARG F 17 -21.15 2.27 51.35
C ARG F 17 -21.22 2.28 52.88
N LEU F 18 -22.31 1.77 53.45
CA LEU F 18 -22.47 1.74 54.90
C LEU F 18 -22.15 0.38 55.52
N SER F 19 -22.02 -0.66 54.69
CA SER F 19 -21.97 -2.04 55.17
C SER F 19 -20.75 -2.31 56.07
N LYS F 20 -19.55 -1.97 55.60
CA LYS F 20 -18.32 -2.26 56.35
C LYS F 20 -18.32 -1.55 57.70
N GLU F 21 -18.60 -0.25 57.68
CA GLU F 21 -18.59 0.55 58.90
C GLU F 21 -19.71 0.20 59.88
N SER F 22 -20.85 -0.27 59.37
CA SER F 22 -21.92 -0.71 60.25
C SER F 22 -21.51 -1.95 61.05
N ILE F 23 -20.91 -2.91 60.36
CA ILE F 23 -20.41 -4.13 60.98
C ILE F 23 -19.29 -3.80 61.97
N GLU F 24 -18.36 -2.95 61.53
CA GLU F 24 -17.24 -2.56 62.38
C GLU F 24 -17.73 -1.94 63.68
N LEU F 25 -18.73 -1.05 63.60
CA LEU F 25 -19.26 -0.41 64.80
C LEU F 25 -19.81 -1.43 65.77
N LEU F 26 -20.61 -2.36 65.26
CA LEU F 26 -21.20 -3.39 66.11
C LEU F 26 -20.14 -4.28 66.72
N SER F 27 -19.14 -4.61 65.91
CA SER F 27 -18.04 -5.43 66.36
C SER F 27 -17.23 -4.72 67.46
N GLU F 28 -16.92 -3.44 67.25
CA GLU F 28 -16.23 -2.66 68.26
C GLU F 28 -17.07 -2.41 69.52
N CYS F 29 -18.40 -2.54 69.41
CA CYS F 29 -19.27 -2.53 70.60
C CYS F 29 -19.38 -3.90 71.27
N GLY F 30 -18.52 -4.84 70.90
CA GLY F 30 -18.50 -6.15 71.53
C GLY F 30 -19.59 -7.11 71.06
N VAL F 31 -20.19 -6.84 69.91
CA VAL F 31 -21.13 -7.80 69.31
C VAL F 31 -20.32 -8.76 68.45
N LYS F 32 -20.06 -9.95 68.98
CA LYS F 32 -19.35 -11.01 68.25
C LYS F 32 -20.32 -11.75 67.34
N MET F 33 -19.92 -11.93 66.08
CA MET F 33 -20.74 -12.58 65.07
C MET F 33 -19.85 -13.02 63.92
N HIS F 34 -20.29 -14.02 63.16
CA HIS F 34 -19.59 -14.45 61.95
C HIS F 34 -20.45 -14.08 60.75
N ILE F 35 -19.95 -13.14 59.93
CA ILE F 35 -20.71 -12.61 58.81
C ILE F 35 -20.10 -13.05 57.48
N HIS F 36 -20.84 -13.86 56.74
CA HIS F 36 -20.44 -14.28 55.40
C HIS F 36 -21.36 -13.61 54.39
N GLU F 37 -20.76 -13.07 53.32
CA GLU F 37 -21.47 -12.33 52.28
C GLU F 37 -22.75 -13.04 51.81
N GLN F 38 -22.72 -14.36 51.73
CA GLN F 38 -23.90 -15.15 51.32
C GLN F 38 -25.02 -15.21 52.39
N SER F 39 -24.64 -15.06 53.66
CA SER F 39 -25.62 -15.09 54.77
C SER F 39 -26.30 -13.74 54.97
N LEU F 40 -27.63 -13.75 54.99
CA LEU F 40 -28.44 -12.53 55.12
C LEU F 40 -28.88 -12.26 56.57
N ILE F 41 -28.65 -13.23 57.44
CA ILE F 41 -28.89 -13.03 58.85
C ILE F 41 -27.74 -13.63 59.66
N ALA F 42 -27.11 -12.79 60.46
CA ALA F 42 -26.03 -13.21 61.32
C ALA F 42 -26.52 -13.19 62.76
N PHE F 43 -26.21 -14.26 63.48
CA PHE F 43 -26.62 -14.40 64.87
C PHE F 43 -25.42 -14.14 65.76
N SER F 44 -25.55 -13.19 66.68
CA SER F 44 -24.47 -12.90 67.60
C SER F 44 -24.25 -14.09 68.52
N THR F 45 -22.99 -14.46 68.72
CA THR F 45 -22.65 -15.62 69.51
C THR F 45 -22.59 -15.32 71.02
N ASN F 46 -22.34 -14.06 71.36
CA ASN F 46 -22.18 -13.66 72.77
C ASN F 46 -23.30 -12.78 73.32
N LEU F 47 -24.19 -12.30 72.45
CA LEU F 47 -25.33 -11.48 72.89
C LEU F 47 -26.59 -11.91 72.17
N PRO F 48 -27.76 -11.68 72.80
CA PRO F 48 -29.03 -12.03 72.15
C PRO F 48 -29.43 -11.01 71.07
N ILE F 49 -28.71 -11.05 69.95
CA ILE F 49 -28.87 -10.08 68.87
C ILE F 49 -28.82 -10.76 67.51
N ASP F 50 -29.75 -10.40 66.64
CA ASP F 50 -29.78 -10.86 65.26
C ASP F 50 -29.52 -9.67 64.35
N ILE F 51 -28.56 -9.83 63.44
CA ILE F 51 -28.26 -8.80 62.46
C ILE F 51 -28.87 -9.20 61.12
N LEU F 52 -29.82 -8.40 60.64
CA LEU F 52 -30.43 -8.63 59.35
C LEU F 52 -29.74 -7.76 58.34
N ARG F 53 -29.21 -8.37 57.30
CA ARG F 53 -28.52 -7.61 56.29
C ARG F 53 -29.39 -7.50 55.05
N VAL F 54 -29.82 -6.27 54.81
CA VAL F 54 -30.87 -5.97 53.86
C VAL F 54 -30.44 -4.86 52.90
N ARG F 55 -31.31 -4.50 51.97
CA ARG F 55 -31.07 -3.36 51.14
C ARG F 55 -31.37 -2.10 51.93
N ASP F 56 -30.54 -1.09 51.81
CA ASP F 56 -30.66 0.10 52.65
C ASP F 56 -32.03 0.76 52.48
N ASP F 57 -32.54 0.74 51.24
CA ASP F 57 -33.87 1.27 50.91
C ASP F 57 -34.98 0.78 51.82
N ASP F 58 -34.87 -0.44 52.31
CA ASP F 58 -35.95 -1.04 53.11
C ASP F 58 -35.83 -0.78 54.61
N ILE F 59 -34.67 -0.32 55.07
CA ILE F 59 -34.44 -0.18 56.51
C ILE F 59 -35.43 0.80 57.16
N PRO F 60 -35.66 1.97 56.54
CA PRO F 60 -36.63 2.87 57.17
C PRO F 60 -38.01 2.22 57.34
N GLY F 61 -38.51 1.58 56.28
CA GLY F 61 -39.81 0.90 56.31
C GLY F 61 -39.89 -0.21 57.35
N LEU F 62 -38.83 -0.99 57.48
CA LEU F 62 -38.80 -2.05 58.49
C LEU F 62 -38.93 -1.46 59.89
N ILE F 63 -38.29 -0.32 60.10
CA ILE F 63 -38.35 0.39 61.37
C ILE F 63 -39.72 1.02 61.59
N PHE F 64 -40.22 1.75 60.59
CA PHE F 64 -41.54 2.37 60.64
C PHE F 64 -42.62 1.33 60.99
N ASP F 65 -42.51 0.14 60.43
CA ASP F 65 -43.51 -0.92 60.62
C ASP F 65 -43.28 -1.73 61.89
N GLY F 66 -42.21 -1.42 62.62
CA GLY F 66 -41.95 -2.04 63.93
C GLY F 66 -41.47 -3.48 63.84
N VAL F 67 -41.00 -3.88 62.68
CA VAL F 67 -40.65 -5.26 62.40
C VAL F 67 -39.17 -5.60 62.67
N VAL F 68 -38.36 -4.57 62.82
CA VAL F 68 -37.03 -4.72 63.44
C VAL F 68 -36.95 -3.68 64.55
N ASP F 69 -35.99 -3.87 65.45
CA ASP F 69 -35.85 -3.01 66.62
C ASP F 69 -34.94 -1.82 66.34
N LEU F 70 -33.78 -2.08 65.75
CA LEU F 70 -32.82 -1.03 65.42
C LEU F 70 -32.43 -1.07 63.96
N GLY F 71 -31.96 0.05 63.46
CA GLY F 71 -31.44 0.15 62.11
C GLY F 71 -30.31 1.16 61.98
N ILE F 72 -29.38 0.86 61.08
CA ILE F 72 -28.37 1.83 60.70
C ILE F 72 -28.60 2.21 59.26
N ILE F 73 -28.89 3.49 59.03
CA ILE F 73 -29.27 3.97 57.72
C ILE F 73 -28.77 5.40 57.50
N GLY F 74 -28.54 5.77 56.25
CA GLY F 74 -28.23 7.14 55.90
C GLY F 74 -29.44 8.04 56.13
N GLU F 75 -29.19 9.23 56.69
CA GLU F 75 -30.25 10.21 56.92
C GLU F 75 -31.06 10.51 55.66
N ASN F 76 -30.35 10.68 54.55
CA ASN F 76 -30.99 10.98 53.27
C ASN F 76 -32.09 9.95 52.91
N VAL F 77 -31.77 8.65 53.05
CA VAL F 77 -32.70 7.58 52.72
C VAL F 77 -33.83 7.54 53.75
N LEU F 78 -33.47 7.71 55.02
CA LEU F 78 -34.47 7.77 56.09
C LEU F 78 -35.52 8.83 55.84
N GLU F 79 -35.11 10.06 55.57
CA GLU F 79 -36.09 11.12 55.43
C GLU F 79 -36.82 11.08 54.10
N GLU F 80 -36.13 10.68 53.03
CA GLU F 80 -36.79 10.52 51.73
C GLU F 80 -37.97 9.55 51.89
N ASN F 81 -37.73 8.44 52.56
CA ASN F 81 -38.79 7.45 52.79
C ASN F 81 -39.86 7.90 53.76
N GLU F 82 -39.45 8.61 54.81
CA GLU F 82 -40.39 9.20 55.73
C GLU F 82 -41.33 10.12 54.97
N LEU F 83 -40.76 11.04 54.20
CA LEU F 83 -41.55 12.01 53.44
C LEU F 83 -42.48 11.32 52.44
N GLU F 84 -41.98 10.31 51.76
CA GLU F 84 -42.78 9.56 50.79
C GLU F 84 -44.01 8.94 51.46
N ARG F 85 -43.82 8.26 52.58
CA ARG F 85 -44.93 7.65 53.29
C ARG F 85 -45.93 8.67 53.83
N GLN F 86 -45.42 9.81 54.29
CA GLN F 86 -46.29 10.90 54.71
C GLN F 86 -47.16 11.40 53.55
N SER F 87 -46.58 11.46 52.35
CA SER F 87 -47.32 11.93 51.18
C SER F 87 -48.40 10.93 50.72
N LEU F 88 -48.30 9.69 51.17
CA LEU F 88 -49.36 8.70 50.95
C LEU F 88 -50.35 8.65 52.11
N GLY F 89 -50.29 9.63 53.00
CA GLY F 89 -51.22 9.71 54.13
C GLY F 89 -50.85 8.89 55.36
N GLU F 90 -49.71 8.20 55.33
CA GLU F 90 -49.29 7.40 56.48
C GLU F 90 -48.61 8.28 57.53
N ASN F 91 -48.39 7.72 58.71
CA ASN F 91 -47.75 8.46 59.79
C ASN F 91 -46.54 7.70 60.34
N PRO F 92 -45.47 7.60 59.52
CA PRO F 92 -44.29 6.85 59.95
C PRO F 92 -43.64 7.54 61.14
N SER F 93 -43.11 6.76 62.08
CA SER F 93 -42.41 7.32 63.20
C SER F 93 -41.31 6.39 63.69
N TYR F 94 -40.35 6.98 64.40
CA TYR F 94 -39.16 6.28 64.83
C TYR F 94 -38.42 7.13 65.86
N LYS F 95 -37.47 6.52 66.55
CA LYS F 95 -36.60 7.24 67.48
C LYS F 95 -35.20 7.34 66.88
N LEU F 96 -34.69 8.56 66.80
CA LEU F 96 -33.30 8.77 66.42
C LEU F 96 -32.45 8.59 67.66
N LEU F 97 -31.63 7.55 67.70
CA LEU F 97 -30.78 7.29 68.86
C LEU F 97 -29.45 8.05 68.77
N LYS F 98 -28.85 8.10 67.59
CA LYS F 98 -27.52 8.66 67.45
C LYS F 98 -27.14 8.93 66.01
N LYS F 99 -26.63 10.13 65.76
CA LYS F 99 -25.99 10.43 64.49
C LYS F 99 -24.57 9.86 64.57
N LEU F 100 -24.18 9.09 63.56
CA LEU F 100 -22.91 8.36 63.59
C LEU F 100 -21.79 9.08 62.86
N ASP F 101 -20.58 8.53 62.92
CA ASP F 101 -19.40 9.23 62.41
C ASP F 101 -18.94 8.66 61.06
N PHE F 102 -19.87 8.17 60.25
CA PHE F 102 -19.57 7.76 58.89
C PHE F 102 -20.79 7.95 57.99
N GLY F 103 -20.65 7.59 56.71
CA GLY F 103 -21.73 7.78 55.74
C GLY F 103 -21.95 9.23 55.36
N TYR F 104 -20.89 10.04 55.44
CA TYR F 104 -21.01 11.46 55.15
C TYR F 104 -21.21 11.66 53.66
N CYS F 105 -22.24 12.41 53.30
CA CYS F 105 -22.43 12.83 51.91
C CYS F 105 -23.36 14.00 51.87
N ARG F 106 -23.55 14.56 50.69
CA ARG F 106 -24.46 15.68 50.50
C ARG F 106 -25.27 15.54 49.22
N LEU F 107 -26.47 16.10 49.28
CA LEU F 107 -27.36 16.19 48.15
C LEU F 107 -27.24 17.60 47.60
N SER F 108 -26.86 17.72 46.32
CA SER F 108 -26.56 19.02 45.71
C SER F 108 -27.21 19.24 44.36
N LEU F 109 -27.70 20.45 44.13
CA LEU F 109 -28.12 20.88 42.80
C LEU F 109 -26.89 21.09 41.95
N ALA F 110 -26.95 20.62 40.71
CA ALA F 110 -25.86 20.77 39.77
C ALA F 110 -26.40 21.15 38.39
N LEU F 111 -25.57 21.85 37.63
CA LEU F 111 -25.91 22.38 36.32
C LEU F 111 -24.79 22.06 35.32
N PRO F 112 -25.10 22.12 34.01
CA PRO F 112 -24.02 22.00 33.02
C PRO F 112 -22.94 23.05 33.26
N GLN F 113 -21.68 22.69 33.04
CA GLN F 113 -20.54 23.61 33.26
C GLN F 113 -20.72 24.95 32.56
N GLU F 114 -21.29 24.93 31.35
CA GLU F 114 -21.51 26.16 30.55
C GLU F 114 -22.53 27.14 31.15
N ASN F 115 -23.53 26.65 31.91
CA ASN F 115 -24.60 27.53 32.45
C ASN F 115 -24.07 28.59 33.43
N LYS F 116 -24.63 29.80 33.37
CA LYS F 116 -24.29 30.86 34.32
C LYS F 116 -25.21 30.73 35.51
N PHE F 117 -24.66 30.43 36.68
CA PHE F 117 -25.43 30.37 37.91
C PHE F 117 -25.13 31.58 38.78
N GLN F 118 -26.16 32.37 39.07
CA GLN F 118 -26.04 33.50 39.99
C GLN F 118 -26.76 33.23 41.31
N ASN F 119 -28.00 32.76 41.23
CA ASN F 119 -28.81 32.49 42.42
C ASN F 119 -29.78 31.34 42.24
N LEU F 120 -30.35 30.88 43.35
CA LEU F 120 -31.37 29.81 43.33
C LEU F 120 -32.51 30.09 42.35
N LYS F 121 -32.86 31.35 42.16
CA LYS F 121 -33.91 31.73 41.21
C LYS F 121 -33.61 31.25 39.78
N ASP F 122 -32.35 31.00 39.47
CA ASP F 122 -31.97 30.46 38.16
C ASP F 122 -32.54 29.07 37.88
N PHE F 123 -32.96 28.37 38.93
CA PHE F 123 -33.63 27.07 38.79
C PHE F 123 -35.12 27.20 38.52
N GLU F 124 -35.65 28.42 38.55
CA GLU F 124 -37.08 28.62 38.35
C GLU F 124 -37.51 28.01 37.02
N GLY F 125 -38.44 27.08 37.10
CA GLY F 125 -39.07 26.51 35.91
C GLY F 125 -38.25 25.44 35.22
N LEU F 126 -37.10 25.10 35.78
CA LEU F 126 -36.25 24.06 35.21
C LEU F 126 -36.77 22.64 35.44
N ARG F 127 -36.37 21.73 34.57
CA ARG F 127 -36.63 20.32 34.76
C ARG F 127 -35.44 19.79 35.54
N ILE F 128 -35.70 19.22 36.71
CA ILE F 128 -34.61 18.70 37.53
C ILE F 128 -34.72 17.21 37.79
N ALA F 129 -33.65 16.49 37.50
CA ALA F 129 -33.61 15.04 37.65
C ALA F 129 -32.99 14.65 38.99
N THR F 130 -33.62 13.70 39.68
CA THR F 130 -33.13 13.29 40.99
C THR F 130 -33.64 11.92 41.40
N SER F 131 -32.85 11.22 42.22
CA SER F 131 -33.32 10.01 42.92
C SER F 131 -33.98 10.35 44.25
N TYR F 132 -34.01 11.64 44.63
CA TYR F 132 -34.55 12.04 45.93
C TYR F 132 -35.62 13.10 45.74
N PRO F 133 -36.71 12.74 45.05
CA PRO F 133 -37.78 13.69 44.73
C PRO F 133 -38.34 14.41 45.94
N GLN F 134 -38.54 13.70 47.05
CA GLN F 134 -39.15 14.30 48.24
C GLN F 134 -38.23 15.33 48.89
N LEU F 135 -36.96 14.96 49.05
CA LEU F 135 -36.01 15.90 49.64
C LEU F 135 -35.86 17.14 48.78
N LEU F 136 -35.78 16.96 47.47
CA LEU F 136 -35.75 18.10 46.55
C LEU F 136 -37.00 18.94 46.68
N LYS F 137 -38.15 18.29 46.69
CA LYS F 137 -39.43 19.01 46.76
C LYS F 137 -39.54 19.87 48.03
N ARG F 138 -39.20 19.29 49.17
CA ARG F 138 -39.25 20.02 50.42
C ARG F 138 -38.33 21.25 50.38
N PHE F 139 -37.12 21.10 49.85
CA PHE F 139 -36.19 22.23 49.74
C PHE F 139 -36.70 23.32 48.79
N MET F 140 -37.24 22.92 47.66
CA MET F 140 -37.76 23.88 46.68
C MET F 140 -39.01 24.60 47.18
N LYS F 141 -39.87 23.89 47.91
CA LYS F 141 -41.01 24.54 48.56
C LYS F 141 -40.59 25.54 49.64
N GLU F 142 -39.65 25.16 50.50
CA GLU F 142 -39.27 26.01 51.63
C GLU F 142 -38.76 27.30 51.07
N ASN F 143 -37.90 27.21 50.06
CA ASN F 143 -37.61 28.31 49.20
C ASN F 143 -38.78 28.22 48.24
N GLY F 144 -39.30 29.34 47.78
CA GLY F 144 -40.45 29.30 46.90
C GLY F 144 -40.06 29.15 45.44
N ILE F 145 -39.58 27.98 45.06
CA ILE F 145 -39.14 27.79 43.68
C ILE F 145 -39.98 26.74 42.99
N ASN F 146 -40.55 27.12 41.85
CA ASN F 146 -41.25 26.16 41.01
C ASN F 146 -40.32 25.48 40.02
N TYR F 147 -40.52 24.17 39.82
CA TYR F 147 -39.68 23.39 38.94
C TYR F 147 -40.46 22.18 38.45
N LYS F 148 -39.89 21.43 37.51
CA LYS F 148 -40.48 20.19 37.05
C LYS F 148 -39.60 19.03 37.50
N ASN F 149 -40.18 18.10 38.27
CA ASN F 149 -39.44 16.95 38.76
C ASN F 149 -39.27 15.87 37.69
N CYS F 150 -38.08 15.29 37.61
CA CYS F 150 -37.83 14.11 36.80
C CYS F 150 -37.14 13.05 37.68
N THR F 151 -37.86 11.99 38.02
CA THR F 151 -37.31 10.96 38.90
C THR F 151 -36.51 9.93 38.11
N LEU F 152 -35.25 9.76 38.48
CA LEU F 152 -34.41 8.68 37.98
C LEU F 152 -33.81 7.98 39.18
N THR F 153 -33.81 6.65 39.17
CA THR F 153 -33.35 5.89 40.32
C THR F 153 -31.84 5.63 40.27
N GLY F 154 -31.17 6.13 39.24
CA GLY F 154 -29.72 5.98 39.13
C GLY F 154 -29.22 6.66 37.87
N SER F 155 -27.91 6.67 37.67
CA SER F 155 -27.31 7.37 36.53
C SER F 155 -27.88 8.80 36.36
N VAL F 156 -28.07 9.50 37.48
CA VAL F 156 -28.76 10.80 37.43
C VAL F 156 -28.00 11.82 36.58
N GLU F 157 -26.68 11.71 36.56
CA GLU F 157 -25.85 12.71 35.88
C GLU F 157 -25.94 12.65 34.35
N VAL F 158 -26.63 11.66 33.82
CA VAL F 158 -26.87 11.57 32.38
C VAL F 158 -27.92 12.57 31.90
N ALA F 159 -28.82 12.97 32.81
CA ALA F 159 -30.05 13.66 32.40
C ALA F 159 -29.88 14.92 31.53
N PRO F 160 -28.93 15.80 31.88
CA PRO F 160 -28.77 17.03 31.09
C PRO F 160 -28.26 16.78 29.66
N ARG F 161 -27.14 16.06 29.52
CA ARG F 161 -26.60 15.73 28.21
C ARG F 161 -27.59 14.93 27.37
N ALA F 162 -28.44 14.14 28.02
CA ALA F 162 -29.45 13.34 27.34
C ALA F 162 -30.77 14.09 27.19
N ASN F 163 -30.79 15.35 27.56
CA ASN F 163 -31.99 16.17 27.48
C ASN F 163 -33.23 15.60 28.20
N LEU F 164 -32.99 14.89 29.30
CA LEU F 164 -34.08 14.45 30.19
C LEU F 164 -34.42 15.54 31.21
N ALA F 165 -33.44 16.37 31.52
CA ALA F 165 -33.65 17.49 32.42
C ALA F 165 -32.65 18.61 32.13
N ASP F 166 -32.88 19.77 32.75
CA ASP F 166 -31.98 20.92 32.62
C ASP F 166 -30.93 20.92 33.71
N ALA F 167 -31.24 20.25 34.82
CA ALA F 167 -30.35 20.20 35.98
C ALA F 167 -30.56 18.91 36.74
N ILE F 168 -29.69 18.64 37.71
CA ILE F 168 -29.88 17.51 38.57
C ILE F 168 -29.75 17.88 40.05
N CYS F 169 -30.32 17.01 40.87
CA CYS F 169 -30.11 17.05 42.30
C CYS F 169 -29.61 15.66 42.67
N ASP F 170 -28.30 15.56 42.94
CA ASP F 170 -27.68 14.25 43.18
C ASP F 170 -26.79 14.20 44.41
N LEU F 171 -26.59 12.97 44.90
CA LEU F 171 -25.66 12.68 45.98
C LEU F 171 -24.25 12.83 45.48
N VAL F 172 -23.40 13.49 46.28
CA VAL F 172 -21.99 13.61 45.95
C VAL F 172 -21.17 13.52 47.23
N SER F 173 -19.93 13.07 47.07
CA SER F 173 -18.89 13.23 48.09
C SER F 173 -17.63 13.75 47.41
N SER F 174 -17.10 12.95 46.48
CA SER F 174 -16.02 13.29 45.57
C SER F 174 -16.66 13.60 44.22
N GLY F 175 -16.43 14.81 43.73
CA GLY F 175 -17.15 15.41 42.61
C GLY F 175 -16.83 14.77 41.28
N ALA F 176 -16.16 13.62 41.29
CA ALA F 176 -15.69 12.93 40.08
C ALA F 176 -16.75 12.74 38.98
N THR F 177 -17.87 12.11 39.31
CA THR F 177 -18.91 11.79 38.32
C THR F 177 -19.52 13.03 37.66
N LEU F 178 -19.54 14.15 38.38
CA LEU F 178 -20.03 15.41 37.85
C LEU F 178 -19.12 15.97 36.76
N GLN F 179 -17.82 16.00 37.04
CA GLN F 179 -16.83 16.46 36.06
C GLN F 179 -16.92 15.62 34.79
N ALA F 180 -16.92 14.31 34.96
CA ALA F 180 -17.00 13.37 33.84
C ALA F 180 -18.22 13.58 32.93
N ASN F 181 -19.29 14.17 33.48
CA ASN F 181 -20.49 14.45 32.67
C ASN F 181 -20.72 15.93 32.40
N ASN F 182 -19.65 16.73 32.49
CA ASN F 182 -19.71 18.16 32.19
C ASN F 182 -20.74 18.90 33.07
N LEU F 183 -20.71 18.60 34.38
CA LEU F 183 -21.59 19.25 35.35
C LEU F 183 -20.80 19.90 36.46
N LYS F 184 -21.38 20.93 37.07
CA LYS F 184 -20.77 21.60 38.21
C LYS F 184 -21.76 21.65 39.35
N GLU F 185 -21.24 21.38 40.55
CA GLU F 185 -22.01 21.54 41.76
C GLU F 185 -22.19 23.02 42.04
N VAL F 186 -23.41 23.41 42.41
CA VAL F 186 -23.72 24.83 42.56
C VAL F 186 -24.50 25.19 43.82
N LYS F 187 -25.18 24.24 44.47
CA LYS F 187 -25.85 24.51 45.74
C LYS F 187 -26.10 23.21 46.50
N VAL F 188 -25.53 23.11 47.71
CA VAL F 188 -25.81 21.99 48.60
C VAL F 188 -27.18 22.21 49.22
N ILE F 189 -28.08 21.24 49.10
CA ILE F 189 -29.42 21.37 49.69
C ILE F 189 -29.65 20.50 50.92
N TYR F 190 -28.75 19.57 51.19
CA TYR F 190 -28.97 18.60 52.25
C TYR F 190 -27.69 17.87 52.57
N GLU F 191 -27.39 17.74 53.85
CA GLU F 191 -26.20 17.07 54.30
C GLU F 191 -26.60 15.86 55.11
N SER F 192 -25.91 14.74 54.91
CA SER F 192 -26.34 13.49 55.46
C SER F 192 -25.22 12.73 56.10
N ARG F 193 -25.58 11.88 57.05
CA ARG F 193 -24.66 10.93 57.62
C ARG F 193 -25.46 9.74 58.11
N ALA F 194 -24.77 8.65 58.41
CA ALA F 194 -25.42 7.47 58.94
C ALA F 194 -26.00 7.76 60.32
N CYS F 195 -27.15 7.15 60.61
N CYS F 195 -27.17 7.18 60.61
CA CYS F 195 -27.83 7.26 61.89
CA CYS F 195 -27.76 7.29 61.94
C CYS F 195 -28.22 5.92 62.41
C CYS F 195 -28.22 5.92 62.42
N LEU F 196 -28.29 5.81 63.73
CA LEU F 196 -28.79 4.62 64.38
C LEU F 196 -30.18 4.99 64.86
N ILE F 197 -31.18 4.23 64.42
CA ILE F 197 -32.55 4.53 64.75
C ILE F 197 -33.23 3.31 65.39
N GLN F 198 -34.38 3.57 66.00
CA GLN F 198 -35.12 2.56 66.73
C GLN F 198 -36.61 2.70 66.41
N LYS F 199 -37.33 1.59 66.42
CA LYS F 199 -38.77 1.63 66.19
C LYS F 199 -39.48 2.40 67.30
N GLU F 200 -40.66 2.93 66.98
CA GLU F 200 -41.39 3.79 67.92
C GLU F 200 -42.00 3.01 69.09
N ASN F 201 -42.58 1.86 68.81
CA ASN F 201 -43.24 1.06 69.84
C ASN F 201 -42.26 0.57 70.89
N ALA F 202 -42.62 0.76 72.15
CA ALA F 202 -41.77 0.39 73.27
C ALA F 202 -41.29 -1.06 73.19
N LEU F 203 -40.04 -1.27 73.54
CA LEU F 203 -39.49 -2.62 73.62
C LEU F 203 -39.78 -3.19 75.00
N SER F 204 -39.59 -4.50 75.15
CA SER F 204 -39.59 -5.11 76.48
C SER F 204 -38.49 -4.48 77.33
N LYS F 205 -38.61 -4.60 78.65
CA LYS F 205 -37.64 -4.01 79.58
C LYS F 205 -36.25 -4.58 79.34
N GLU F 206 -36.17 -5.88 79.07
CA GLU F 206 -34.88 -6.56 78.84
C GLU F 206 -34.24 -6.09 77.53
N LYS F 207 -35.03 -6.01 76.46
CA LYS F 207 -34.52 -5.51 75.19
C LYS F 207 -34.07 -4.06 75.28
N GLN F 208 -34.87 -3.22 75.92
CA GLN F 208 -34.53 -1.81 76.07
C GLN F 208 -33.24 -1.62 76.88
N ALA F 209 -33.04 -2.45 77.90
CA ALA F 209 -31.83 -2.39 78.71
C ALA F 209 -30.62 -2.77 77.86
N LEU F 210 -30.77 -3.76 76.99
CA LEU F 210 -29.70 -4.14 76.07
C LEU F 210 -29.37 -3.00 75.10
N VAL F 211 -30.39 -2.33 74.59
CA VAL F 211 -30.18 -1.17 73.72
C VAL F 211 -29.44 -0.07 74.47
N ASP F 212 -29.86 0.21 75.71
CA ASP F 212 -29.20 1.21 76.55
C ASP F 212 -27.72 0.90 76.72
N LYS F 213 -27.41 -0.35 77.01
CA LYS F 213 -26.03 -0.78 77.13
C LYS F 213 -25.25 -0.59 75.83
N ILE F 214 -25.85 -0.98 74.71
CA ILE F 214 -25.20 -0.82 73.40
C ILE F 214 -24.93 0.65 73.10
N MET F 215 -25.91 1.50 73.38
CA MET F 215 -25.78 2.93 73.13
C MET F 215 -24.61 3.58 73.86
N LEU F 216 -24.37 3.17 75.10
CA LEU F 216 -23.22 3.69 75.85
C LEU F 216 -21.91 3.24 75.22
N ARG F 217 -21.90 2.01 74.73
CA ARG F 217 -20.76 1.51 73.95
C ARG F 217 -20.56 2.27 72.64
N VAL F 218 -21.64 2.54 71.92
CA VAL F 218 -21.55 3.30 70.68
C VAL F 218 -20.89 4.67 70.92
N ALA F 219 -21.38 5.37 71.94
CA ALA F 219 -20.84 6.67 72.31
C ALA F 219 -19.35 6.56 72.68
N GLY F 220 -19.00 5.56 73.48
CA GLY F 220 -17.60 5.29 73.81
C GLY F 220 -16.70 5.03 72.61
N VAL F 221 -17.16 4.18 71.70
CA VAL F 221 -16.39 3.86 70.51
C VAL F 221 -16.16 5.11 69.68
N MET F 222 -17.20 5.91 69.49
CA MET F 222 -17.07 7.12 68.69
C MET F 222 -16.15 8.15 69.37
N GLN F 223 -16.25 8.27 70.68
CA GLN F 223 -15.42 9.26 71.42
C GLN F 223 -13.95 8.86 71.36
N ALA F 224 -13.67 7.56 71.49
CA ALA F 224 -12.29 7.05 71.40
C ALA F 224 -11.64 7.30 70.03
N ARG F 225 -12.43 7.29 68.95
CA ARG F 225 -11.96 7.63 67.61
C ARG F 225 -11.58 9.11 67.48
N GLU F 226 -12.29 9.98 68.17
CA GLU F 226 -12.07 11.42 68.09
C GLU F 226 -11.04 11.91 69.12
N SER F 227 -11.16 11.47 70.37
CA SER F 227 -10.30 11.93 71.44
C SER F 227 -8.87 11.43 71.32
N LYS F 228 -7.92 12.24 71.78
CA LYS F 228 -6.52 11.84 71.85
C LYS F 228 -5.94 12.15 73.22
N TYR F 229 -4.92 11.37 73.60
CA TYR F 229 -4.23 11.63 74.84
C TYR F 229 -3.06 12.54 74.53
N ILE F 230 -3.04 13.70 75.19
CA ILE F 230 -2.06 14.74 74.90
C ILE F 230 -1.13 14.99 76.05
N MET F 231 0.16 15.11 75.72
CA MET F 231 1.18 15.49 76.69
C MET F 231 2.00 16.59 76.07
N LEU F 232 2.21 17.67 76.83
CA LEU F 232 3.02 18.77 76.34
C LEU F 232 3.67 19.52 77.49
N HIS F 233 4.65 20.34 77.14
CA HIS F 233 5.25 21.30 78.08
C HIS F 233 4.70 22.69 77.78
N ALA F 234 4.29 23.39 78.84
CA ALA F 234 3.76 24.74 78.73
C ALA F 234 4.43 25.69 79.74
N PRO F 235 4.75 26.93 79.32
CA PRO F 235 5.18 27.93 80.29
C PRO F 235 4.04 28.25 81.25
N LYS F 236 4.35 28.39 82.54
CA LYS F 236 3.33 28.69 83.53
C LYS F 236 2.58 29.99 83.21
N GLU F 237 3.32 30.94 82.65
CA GLU F 237 2.76 32.24 82.25
C GLU F 237 1.74 32.15 81.09
N LYS F 238 1.72 31.04 80.35
CA LYS F 238 0.85 30.91 79.17
C LYS F 238 -0.23 29.83 79.32
N LEU F 239 -0.35 29.30 80.54
CA LEU F 239 -1.19 28.15 80.80
C LEU F 239 -2.65 28.37 80.46
N ASP F 240 -3.18 29.55 80.78
CA ASP F 240 -4.58 29.85 80.48
C ASP F 240 -4.88 29.86 79.00
N LYS F 241 -4.01 30.51 78.22
CA LYS F 241 -4.14 30.59 76.75
C LYS F 241 -4.08 29.22 76.10
N ILE F 242 -3.15 28.40 76.59
CA ILE F 242 -3.01 27.01 76.12
C ILE F 242 -4.26 26.16 76.38
N GLN F 243 -4.82 26.26 77.58
CA GLN F 243 -6.04 25.51 77.93
C GLN F 243 -7.25 25.95 77.09
N ALA F 244 -7.31 27.24 76.77
CA ALA F 244 -8.36 27.78 75.89
C ALA F 244 -8.23 27.23 74.47
N LEU F 245 -7.01 27.02 74.02
CA LEU F 245 -6.78 26.37 72.71
C LEU F 245 -7.20 24.89 72.65
N LEU F 246 -7.33 24.25 73.80
CA LEU F 246 -7.59 22.82 73.88
C LEU F 246 -8.81 22.51 74.77
N PRO F 247 -10.04 22.60 74.22
CA PRO F 247 -11.23 22.14 74.97
C PRO F 247 -11.27 20.63 75.28
N GLU F 250 -12.41 17.01 80.24
CA GLU F 250 -12.13 17.17 81.68
C GLU F 250 -10.96 18.11 81.90
N ARG F 251 -10.71 18.46 83.17
CA ARG F 251 -9.63 19.40 83.48
C ARG F 251 -8.25 18.76 83.24
N PRO F 252 -7.30 19.52 82.70
CA PRO F 252 -5.96 18.96 82.52
C PRO F 252 -5.24 18.64 83.81
N THR F 253 -4.41 17.60 83.78
CA THR F 253 -3.51 17.29 84.87
C THR F 253 -2.23 18.11 84.65
N ILE F 254 -1.83 18.84 85.68
CA ILE F 254 -0.66 19.70 85.60
C ILE F 254 0.40 19.13 86.52
N LEU F 255 1.59 18.91 85.98
CA LEU F 255 2.66 18.31 86.73
C LEU F 255 3.91 19.18 86.68
N PRO F 256 4.60 19.34 87.83
CA PRO F 256 5.84 20.11 87.81
C PRO F 256 6.94 19.35 87.07
N LEU F 257 7.80 20.10 86.39
CA LEU F 257 8.96 19.52 85.72
C LEU F 257 10.19 19.67 86.62
N ALA F 258 10.91 18.57 86.82
CA ALA F 258 12.10 18.54 87.69
C ALA F 258 13.13 19.52 87.12
N HIS F 259 13.70 20.36 87.99
CA HIS F 259 14.78 21.30 87.58
C HIS F 259 14.36 22.30 86.48
N ASP F 260 13.05 22.50 86.28
CA ASP F 260 12.53 23.58 85.43
C ASP F 260 11.38 24.24 86.17
N GLU F 261 11.61 25.48 86.60
CA GLU F 261 10.65 26.21 87.43
C GLU F 261 9.70 27.07 86.60
N LYS F 262 10.11 27.44 85.39
CA LYS F 262 9.29 28.29 84.52
C LYS F 262 8.19 27.52 83.74
N ASN F 263 8.36 26.21 83.57
CA ASN F 263 7.43 25.39 82.80
C ASN F 263 6.78 24.25 83.59
N VAL F 264 5.64 23.79 83.07
CA VAL F 264 4.94 22.61 83.59
C VAL F 264 4.59 21.60 82.50
N ALA F 265 4.33 20.37 82.91
CA ALA F 265 3.86 19.33 82.01
C ALA F 265 2.35 19.30 82.09
N LEU F 266 1.71 19.20 80.94
CA LEU F 266 0.25 19.14 80.85
C LEU F 266 -0.15 17.82 80.21
N HIS F 267 -1.05 17.07 80.86
CA HIS F 267 -1.61 15.85 80.31
C HIS F 267 -3.09 16.07 80.15
N MET F 268 -3.58 15.84 78.94
CA MET F 268 -4.98 16.11 78.67
C MET F 268 -5.56 15.05 77.75
N VAL F 269 -6.86 14.83 77.87
CA VAL F 269 -7.58 14.11 76.85
C VAL F 269 -8.44 15.12 76.15
N SER F 270 -8.22 15.27 74.85
CA SER F 270 -8.96 16.22 74.06
C SER F 270 -10.39 15.71 73.80
N LYS F 271 -11.35 16.63 73.69
CA LYS F 271 -12.73 16.28 73.32
C LYS F 271 -12.83 16.00 71.82
N GLU F 272 -12.05 16.75 71.05
CA GLU F 272 -12.00 16.59 69.61
C GLU F 272 -10.59 16.18 69.18
N ASN F 273 -10.47 15.81 67.91
CA ASN F 273 -9.19 15.44 67.36
C ASN F 273 -8.30 16.69 67.24
N LEU F 274 -7.00 16.49 67.27
CA LEU F 274 -6.05 17.59 67.13
C LEU F 274 -5.62 17.77 65.69
N PHE F 275 -5.98 18.91 65.13
CA PHE F 275 -5.56 19.24 63.82
C PHE F 275 -4.25 20.02 63.90
N TRP F 276 -3.55 20.04 62.80
CA TRP F 276 -2.31 20.77 62.74
C TRP F 276 -2.45 22.24 63.17
N GLU F 277 -3.58 22.87 62.82
CA GLU F 277 -3.82 24.29 63.15
C GLU F 277 -3.70 24.50 64.66
N THR F 278 -4.35 23.63 65.43
CA THR F 278 -4.27 23.66 66.87
C THR F 278 -2.85 23.40 67.40
N MET F 279 -2.17 22.44 66.82
CA MET F 279 -0.79 22.16 67.22
C MET F 279 0.09 23.36 66.96
N GLU F 280 -0.09 24.00 65.81
CA GLU F 280 0.67 25.19 65.46
C GLU F 280 0.35 26.38 66.38
N ALA F 281 -0.94 26.55 66.70
CA ALA F 281 -1.35 27.58 67.65
C ALA F 281 -0.74 27.34 69.03
N LEU F 282 -0.71 26.08 69.48
CA LEU F 282 -0.08 25.75 70.76
C LEU F 282 1.39 26.14 70.77
N LYS F 283 2.09 25.82 69.69
CA LYS F 283 3.49 26.19 69.57
C LYS F 283 3.69 27.70 69.56
N GLU F 284 2.84 28.42 68.84
CA GLU F 284 2.83 29.88 68.78
C GLU F 284 2.68 30.48 70.23
N GLU F 285 1.84 29.89 71.07
CA GLU F 285 1.70 30.28 72.49
C GLU F 285 2.83 29.79 73.44
N GLY F 286 3.85 29.14 72.90
CA GLY F 286 5.01 28.74 73.70
C GLY F 286 5.03 27.28 74.17
N ALA F 287 4.00 26.51 73.83
CA ALA F 287 4.01 25.08 74.15
C ALA F 287 5.13 24.37 73.41
N SER F 288 5.68 23.34 74.02
CA SER F 288 6.70 22.51 73.37
C SER F 288 6.53 21.03 73.74
N SER F 289 7.28 20.18 73.05
CA SER F 289 7.24 18.72 73.24
C SER F 289 5.81 18.19 73.21
N ILE F 290 5.09 18.51 72.15
CA ILE F 290 3.68 18.17 72.06
C ILE F 290 3.55 16.75 71.53
N LEU F 291 2.92 15.88 72.33
CA LEU F 291 2.70 14.48 71.97
C LEU F 291 1.23 14.17 71.94
N VAL F 292 0.81 13.47 70.91
CA VAL F 292 -0.59 13.10 70.74
C VAL F 292 -0.58 11.60 70.56
N LEU F 293 -1.17 10.89 71.51
CA LEU F 293 -1.26 9.43 71.45
C LEU F 293 -2.69 8.99 71.15
N PRO F 294 -2.85 7.84 70.45
CA PRO F 294 -4.18 7.33 70.14
C PRO F 294 -4.78 6.62 71.34
N ILE F 295 -6.11 6.63 71.40
CA ILE F 295 -6.86 6.00 72.45
C ILE F 295 -7.68 4.90 71.82
N GLU F 296 -7.64 3.71 72.41
CA GLU F 296 -8.34 2.56 71.87
C GLU F 296 -9.76 2.42 72.44
N LYS F 297 -9.93 2.72 73.72
CA LYS F 297 -11.22 2.66 74.37
C LYS F 297 -11.31 3.70 75.47
N MET F 298 -12.51 4.19 75.73
CA MET F 298 -12.73 5.08 76.86
C MET F 298 -14.18 5.07 77.34
N LEU F 299 -14.35 5.52 78.58
CA LEU F 299 -15.65 5.67 79.23
C LEU F 299 -15.51 6.73 80.32
N LYS F 300 -16.31 7.79 80.21
CA LYS F 300 -16.38 8.82 81.27
C LYS F 300 -17.14 8.29 82.49
N ASN G 5 -0.86 26.34 -4.78
CA ASN G 5 -1.92 26.90 -5.67
C ASN G 5 -3.28 26.27 -5.38
N THR G 6 -4.31 26.90 -5.91
CA THR G 6 -5.65 26.38 -5.80
C THR G 6 -5.93 25.29 -6.85
N ARG G 7 -5.08 25.20 -7.88
CA ARG G 7 -5.33 24.31 -8.99
C ARG G 7 -4.90 22.86 -8.72
N LEU G 8 -5.69 21.93 -9.23
CA LEU G 8 -5.48 20.49 -9.04
C LEU G 8 -4.32 20.02 -9.90
N ARG G 9 -3.40 19.27 -9.32
CA ARG G 9 -2.18 18.83 -10.04
C ARG G 9 -2.22 17.34 -10.33
N ILE G 10 -2.11 17.01 -11.62
CA ILE G 10 -2.19 15.65 -12.10
C ILE G 10 -0.89 15.31 -12.81
N ALA G 11 -0.22 14.26 -12.36
CA ALA G 11 1.03 13.81 -12.99
C ALA G 11 0.77 12.67 -13.94
N ILE G 12 1.21 12.84 -15.19
CA ILE G 12 1.10 11.81 -16.20
C ILE G 12 2.46 11.62 -16.84
N GLN G 13 2.64 10.51 -17.55
CA GLN G 13 3.88 10.25 -18.28
C GLN G 13 4.08 11.22 -19.46
N LYS G 14 5.27 11.83 -19.53
CA LYS G 14 5.59 12.75 -20.62
C LYS G 14 5.55 12.08 -21.97
N SER G 15 6.26 10.97 -22.11
CA SER G 15 6.32 10.25 -23.35
C SER G 15 6.63 8.81 -23.07
N GLY G 16 5.92 7.92 -23.73
CA GLY G 16 6.00 6.51 -23.45
C GLY G 16 4.66 5.88 -23.70
N ARG G 17 4.50 4.66 -23.21
CA ARG G 17 3.36 3.84 -23.57
C ARG G 17 2.04 4.32 -22.97
N LEU G 18 2.10 5.13 -21.92
CA LEU G 18 0.90 5.58 -21.24
C LEU G 18 0.51 6.98 -21.64
N SER G 19 1.42 7.68 -22.30
CA SER G 19 1.22 9.12 -22.54
C SER G 19 -0.01 9.46 -23.35
N LYS G 20 -0.12 8.86 -24.53
CA LYS G 20 -1.23 9.21 -25.44
C LYS G 20 -2.56 8.91 -24.76
N GLU G 21 -2.70 7.71 -24.18
CA GLU G 21 -3.96 7.31 -23.55
C GLU G 21 -4.30 8.09 -22.29
N SER G 22 -3.29 8.56 -21.56
CA SER G 22 -3.53 9.37 -20.40
C SER G 22 -4.13 10.71 -20.79
N ILE G 23 -3.56 11.33 -21.82
CA ILE G 23 -4.05 12.59 -22.36
C ILE G 23 -5.46 12.41 -22.93
N GLU G 24 -5.64 11.35 -23.70
CA GLU G 24 -6.96 11.06 -24.28
C GLU G 24 -8.02 10.93 -23.21
N LEU G 25 -7.72 10.21 -22.13
CA LEU G 25 -8.70 10.02 -21.05
C LEU G 25 -9.12 11.35 -20.44
N LEU G 26 -8.13 12.18 -20.14
CA LEU G 26 -8.41 13.50 -19.56
C LEU G 26 -9.22 14.36 -20.55
N SER G 27 -8.86 14.28 -21.82
CA SER G 27 -9.55 15.04 -22.86
C SER G 27 -11.00 14.56 -23.02
N GLU G 28 -11.22 13.25 -23.04
CA GLU G 28 -12.57 12.68 -23.08
C GLU G 28 -13.38 12.95 -21.80
N CYS G 29 -12.70 13.25 -20.70
CA CYS G 29 -13.37 13.72 -19.48
C CYS G 29 -13.62 15.24 -19.48
N GLY G 30 -13.44 15.89 -20.62
CA GLY G 30 -13.73 17.33 -20.75
C GLY G 30 -12.65 18.24 -20.20
N VAL G 31 -11.43 17.73 -20.01
CA VAL G 31 -10.32 18.60 -19.62
C VAL G 31 -9.69 19.14 -20.88
N LYS G 32 -10.00 20.39 -21.21
CA LYS G 32 -9.42 21.05 -22.38
C LYS G 32 -8.05 21.63 -22.03
N MET G 33 -7.07 21.36 -22.89
CA MET G 33 -5.70 21.79 -22.70
C MET G 33 -4.95 21.73 -24.03
N HIS G 34 -3.89 22.52 -24.15
CA HIS G 34 -3.01 22.46 -25.32
C HIS G 34 -1.66 21.92 -24.88
N ILE G 35 -1.31 20.73 -25.37
CA ILE G 35 -0.05 20.08 -25.00
C ILE G 35 0.96 20.17 -26.14
N HIS G 36 2.09 20.81 -25.86
CA HIS G 36 3.22 20.82 -26.77
C HIS G 36 4.31 19.95 -26.18
N GLU G 37 4.86 19.05 -27.00
CA GLU G 37 5.81 18.03 -26.54
C GLU G 37 6.95 18.62 -25.68
N GLN G 38 7.42 19.82 -26.01
CA GLN G 38 8.50 20.48 -25.24
C GLN G 38 8.02 21.05 -23.89
N SER G 39 6.73 21.37 -23.79
CA SER G 39 6.16 21.89 -22.52
C SER G 39 5.84 20.78 -21.53
N LEU G 40 6.38 20.96 -20.33
CA LEU G 40 6.30 19.94 -19.28
C LEU G 40 5.13 20.16 -18.34
N ILE G 41 4.48 21.31 -18.47
CA ILE G 41 3.30 21.59 -17.71
C ILE G 41 2.24 22.22 -18.60
N ALA G 42 1.08 21.56 -18.66
CA ALA G 42 -0.04 22.05 -19.46
C ALA G 42 -1.11 22.53 -18.51
N PHE G 43 -1.66 23.71 -18.80
CA PHE G 43 -2.68 24.31 -17.97
C PHE G 43 -4.02 24.14 -18.66
N SER G 44 -4.98 23.54 -17.97
CA SER G 44 -6.31 23.39 -18.52
C SER G 44 -6.95 24.77 -18.68
N THR G 45 -7.58 24.99 -19.84
CA THR G 45 -8.18 26.28 -20.16
C THR G 45 -9.59 26.42 -19.60
N ASN G 46 -10.28 25.30 -19.37
CA ASN G 46 -11.67 25.31 -18.89
C ASN G 46 -11.88 24.81 -17.46
N LEU G 47 -10.84 24.23 -16.85
CA LEU G 47 -10.93 23.75 -15.47
C LEU G 47 -9.68 24.11 -14.70
N PRO G 48 -9.78 24.23 -13.36
CA PRO G 48 -8.61 24.58 -12.56
C PRO G 48 -7.70 23.36 -12.33
N ILE G 49 -6.99 22.96 -13.38
CA ILE G 49 -6.20 21.73 -13.39
C ILE G 49 -4.88 21.96 -14.11
N ASP G 50 -3.80 21.50 -13.49
CA ASP G 50 -2.46 21.54 -14.08
C ASP G 50 -2.00 20.11 -14.35
N ILE G 51 -1.55 19.87 -15.57
CA ILE G 51 -1.07 18.56 -15.94
C ILE G 51 0.46 18.61 -15.97
N LEU G 52 1.08 17.84 -15.08
CA LEU G 52 2.54 17.74 -15.01
C LEU G 52 2.97 16.53 -15.80
N ARG G 53 3.81 16.76 -16.81
CA ARG G 53 4.28 15.68 -17.65
C ARG G 53 5.69 15.31 -17.20
N VAL G 54 5.80 14.11 -16.66
CA VAL G 54 7.01 13.69 -15.98
C VAL G 54 7.42 12.30 -16.42
N ARG G 55 8.53 11.81 -15.88
CA ARG G 55 8.93 10.44 -16.15
C ARG G 55 8.09 9.54 -15.25
N ASP G 56 7.65 8.41 -15.79
CA ASP G 56 6.68 7.57 -15.08
C ASP G 56 7.26 7.09 -13.76
N ASP G 57 8.56 6.83 -13.75
CA ASP G 57 9.29 6.40 -12.56
C ASP G 57 9.06 7.29 -11.33
N ASP G 58 8.85 8.57 -11.56
CA ASP G 58 8.73 9.53 -10.46
C ASP G 58 7.29 9.71 -9.95
N ILE G 59 6.30 9.24 -10.71
CA ILE G 59 4.90 9.49 -10.36
C ILE G 59 4.51 8.91 -9.00
N PRO G 60 4.91 7.66 -8.70
CA PRO G 60 4.58 7.15 -7.38
C PRO G 60 5.16 7.99 -6.24
N GLY G 61 6.45 8.33 -6.34
CA GLY G 61 7.11 9.16 -5.36
C GLY G 61 6.46 10.54 -5.18
N LEU G 62 6.09 11.19 -6.28
CA LEU G 62 5.42 12.50 -6.19
C LEU G 62 4.10 12.37 -5.43
N ILE G 63 3.39 11.27 -5.65
CA ILE G 63 2.13 10.99 -4.96
C ILE G 63 2.37 10.63 -3.48
N PHE G 64 3.31 9.72 -3.22
CA PHE G 64 3.69 9.34 -1.85
C PHE G 64 4.09 10.58 -1.01
N ASP G 65 4.81 11.52 -1.63
CA ASP G 65 5.27 12.72 -0.92
C ASP G 65 4.21 13.84 -0.86
N GLY G 66 3.05 13.65 -1.50
CA GLY G 66 1.94 14.59 -1.41
C GLY G 66 2.11 15.85 -2.22
N VAL G 67 3.02 15.79 -3.20
CA VAL G 67 3.42 16.97 -3.94
C VAL G 67 2.63 17.16 -5.24
N VAL G 68 1.94 16.11 -5.67
CA VAL G 68 0.88 16.25 -6.66
C VAL G 68 -0.36 15.62 -6.08
N ASP G 69 -1.51 15.92 -6.67
CA ASP G 69 -2.76 15.41 -6.16
C ASP G 69 -3.14 14.07 -6.77
N LEU G 70 -3.09 13.99 -8.09
CA LEU G 70 -3.45 12.78 -8.81
C LEU G 70 -2.30 12.33 -9.71
N GLY G 71 -2.30 11.04 -10.03
CA GLY G 71 -1.33 10.48 -10.96
C GLY G 71 -1.90 9.32 -11.75
N ILE G 72 -1.45 9.20 -12.99
CA ILE G 72 -1.75 8.03 -13.80
C ILE G 72 -0.46 7.28 -14.01
N ILE G 73 -0.42 6.05 -13.52
CA ILE G 73 0.80 5.25 -13.52
C ILE G 73 0.46 3.79 -13.70
N GLY G 74 1.39 3.03 -14.29
CA GLY G 74 1.25 1.58 -14.36
C GLY G 74 1.34 0.97 -12.98
N GLU G 75 0.49 -0.02 -12.72
CA GLU G 75 0.50 -0.72 -11.43
C GLU G 75 1.85 -1.28 -11.07
N ASN G 76 2.50 -1.88 -12.06
CA ASN G 76 3.82 -2.45 -11.87
C ASN G 76 4.81 -1.42 -11.25
N VAL G 77 4.86 -0.22 -11.78
CA VAL G 77 5.80 0.81 -11.33
C VAL G 77 5.37 1.32 -9.98
N LEU G 78 4.06 1.48 -9.80
CA LEU G 78 3.51 1.90 -8.51
C LEU G 78 3.90 0.94 -7.37
N GLU G 79 3.67 -0.35 -7.54
CA GLU G 79 3.95 -1.28 -6.45
C GLU G 79 5.44 -1.57 -6.28
N GLU G 80 6.20 -1.60 -7.38
CA GLU G 80 7.64 -1.77 -7.29
C GLU G 80 8.22 -0.68 -6.39
N ASN G 81 7.81 0.56 -6.63
CA ASN G 81 8.29 1.72 -5.88
C ASN G 81 7.76 1.73 -4.43
N GLU G 82 6.52 1.33 -4.25
CA GLU G 82 5.95 1.20 -2.91
C GLU G 82 6.74 0.20 -2.11
N LEU G 83 6.95 -0.99 -2.67
CA LEU G 83 7.74 -2.01 -2.01
C LEU G 83 9.15 -1.56 -1.71
N GLU G 84 9.79 -0.91 -2.66
CA GLU G 84 11.16 -0.44 -2.47
C GLU G 84 11.25 0.54 -1.29
N ARG G 85 10.34 1.51 -1.25
CA ARG G 85 10.35 2.49 -0.16
C ARG G 85 10.05 1.87 1.19
N GLN G 86 9.17 0.86 1.20
CA GLN G 86 8.91 0.09 2.43
C GLN G 86 10.15 -0.64 2.91
N SER G 87 10.96 -1.15 1.98
CA SER G 87 12.16 -1.87 2.34
C SER G 87 13.26 -0.94 2.88
N LEU G 88 13.14 0.36 2.64
CA LEU G 88 14.05 1.35 3.20
C LEU G 88 13.47 1.98 4.46
N GLY G 89 12.41 1.40 4.98
CA GLY G 89 11.87 1.95 6.22
C GLY G 89 11.18 3.28 6.13
N GLU G 90 10.61 3.51 4.97
CA GLU G 90 9.55 4.47 4.80
C GLU G 90 8.14 3.84 4.80
N ASN G 91 7.14 4.70 4.88
CA ASN G 91 5.75 4.26 4.94
C ASN G 91 4.95 4.99 3.86
N PRO G 92 5.28 4.72 2.58
CA PRO G 92 4.49 5.32 1.52
C PRO G 92 3.00 4.95 1.58
N SER G 93 2.14 5.90 1.23
CA SER G 93 0.72 5.59 1.12
C SER G 93 0.04 6.45 0.06
N TYR G 94 -1.12 5.97 -0.39
CA TYR G 94 -1.84 6.60 -1.49
C TYR G 94 -3.24 6.01 -1.54
N LYS G 95 -4.10 6.65 -2.31
CA LYS G 95 -5.43 6.12 -2.59
C LYS G 95 -5.52 5.65 -4.02
N LEU G 96 -5.94 4.40 -4.20
CA LEU G 96 -6.23 3.89 -5.53
C LEU G 96 -7.65 4.32 -5.87
N LEU G 97 -7.80 5.20 -6.84
CA LEU G 97 -9.11 5.64 -7.26
C LEU G 97 -9.74 4.71 -8.29
N LYS G 98 -8.96 4.23 -9.25
CA LYS G 98 -9.52 3.46 -10.37
C LYS G 98 -8.46 2.73 -11.16
N LYS G 99 -8.70 1.45 -11.41
CA LYS G 99 -7.93 0.70 -12.38
C LYS G 99 -8.46 1.06 -13.76
N LEU G 100 -7.58 1.44 -14.68
CA LEU G 100 -8.00 1.95 -15.99
C LEU G 100 -7.97 0.89 -17.08
N ASP G 101 -8.42 1.24 -18.27
CA ASP G 101 -8.61 0.25 -19.34
C ASP G 101 -7.51 0.33 -20.41
N PHE G 102 -6.31 0.70 -20.00
CA PHE G 102 -5.16 0.66 -20.89
C PHE G 102 -3.90 0.42 -20.07
N GLY G 103 -2.76 0.38 -20.76
CA GLY G 103 -1.48 0.06 -20.12
C GLY G 103 -1.38 -1.39 -19.71
N TYR G 104 -2.08 -2.26 -20.41
CA TYR G 104 -2.07 -3.66 -20.09
C TYR G 104 -0.71 -4.23 -20.45
N CYS G 105 -0.09 -4.90 -19.48
CA CYS G 105 1.13 -5.58 -19.75
C CYS G 105 1.30 -6.58 -18.66
N ARG G 106 2.31 -7.41 -18.82
CA ARG G 106 2.57 -8.44 -17.83
C ARG G 106 4.05 -8.60 -17.58
N LEU G 107 4.35 -8.96 -16.36
CA LEU G 107 5.69 -9.25 -15.92
C LEU G 107 5.79 -10.76 -15.95
N SER G 108 6.76 -11.28 -16.71
CA SER G 108 6.89 -12.74 -16.94
C SER G 108 8.30 -13.25 -16.79
N LEU G 109 8.41 -14.43 -16.20
CA LEU G 109 9.65 -15.16 -16.18
C LEU G 109 9.90 -15.74 -17.56
N ALA G 110 11.14 -15.62 -18.03
CA ALA G 110 11.52 -16.15 -19.34
C ALA G 110 12.87 -16.85 -19.27
N LEU G 111 13.06 -17.81 -20.18
CA LEU G 111 14.24 -18.67 -20.20
C LEU G 111 14.78 -18.76 -21.63
N PRO G 112 16.07 -19.12 -21.80
CA PRO G 112 16.56 -19.43 -23.14
C PRO G 112 15.71 -20.50 -23.85
N GLN G 113 15.49 -20.34 -25.14
CA GLN G 113 14.64 -21.26 -25.91
C GLN G 113 15.03 -22.74 -25.70
N GLU G 114 16.33 -23.00 -25.57
CA GLU G 114 16.84 -24.36 -25.39
C GLU G 114 16.46 -25.01 -24.07
N ASN G 115 16.28 -24.22 -23.02
CA ASN G 115 16.01 -24.78 -21.68
C ASN G 115 14.70 -25.55 -21.57
N LYS G 116 14.71 -26.58 -20.73
CA LYS G 116 13.54 -27.39 -20.47
C LYS G 116 12.81 -26.77 -19.31
N PHE G 117 11.60 -26.31 -19.55
CA PHE G 117 10.72 -25.81 -18.50
C PHE G 117 9.51 -26.70 -18.29
N GLN G 118 9.39 -27.22 -17.07
CA GLN G 118 8.17 -27.87 -16.68
C GLN G 118 7.37 -27.03 -15.69
N ASN G 119 8.02 -26.59 -14.61
CA ASN G 119 7.32 -25.79 -13.62
C ASN G 119 8.29 -24.91 -12.88
N LEU G 120 7.69 -24.17 -11.98
CA LEU G 120 8.36 -23.15 -11.26
C LEU G 120 9.61 -23.62 -10.53
N LYS G 121 9.63 -24.87 -10.06
CA LYS G 121 10.81 -25.44 -9.39
C LYS G 121 12.07 -25.44 -10.25
N ASP G 122 11.89 -25.39 -11.58
CA ASP G 122 13.01 -25.27 -12.51
C ASP G 122 13.80 -23.93 -12.37
N PHE G 123 13.20 -22.92 -11.71
CA PHE G 123 13.90 -21.68 -11.36
C PHE G 123 14.68 -21.73 -10.04
N GLU G 124 14.57 -22.85 -9.31
CA GLU G 124 15.28 -22.98 -8.04
C GLU G 124 16.79 -22.76 -8.21
N GLY G 125 17.31 -21.76 -7.52
CA GLY G 125 18.75 -21.51 -7.49
C GLY G 125 19.29 -20.77 -8.70
N LEU G 126 18.43 -20.37 -9.62
CA LEU G 126 18.88 -19.65 -10.81
C LEU G 126 19.16 -18.17 -10.52
N ARG G 127 20.06 -17.60 -11.32
CA ARG G 127 20.26 -16.15 -11.34
C ARG G 127 19.17 -15.58 -12.24
N ILE G 128 18.43 -14.59 -11.74
CA ILE G 128 17.34 -14.00 -12.52
C ILE G 128 17.51 -12.48 -12.63
N ALA G 129 17.59 -11.99 -13.88
CA ALA G 129 17.78 -10.59 -14.12
C ALA G 129 16.42 -9.89 -14.30
N THR G 130 16.27 -8.71 -13.71
CA THR G 130 15.02 -7.98 -13.78
C THR G 130 15.19 -6.49 -13.48
N SER G 131 14.32 -5.66 -14.04
CA SER G 131 14.14 -4.28 -13.60
C SER G 131 13.14 -4.15 -12.47
N TYR G 132 12.51 -5.26 -12.05
CA TYR G 132 11.49 -5.22 -11.00
C TYR G 132 11.82 -6.15 -9.85
N PRO G 133 12.96 -5.89 -9.18
CA PRO G 133 13.45 -6.79 -8.15
C PRO G 133 12.44 -7.07 -7.05
N GLN G 134 11.71 -6.04 -6.63
CA GLN G 134 10.76 -6.18 -5.51
C GLN G 134 9.58 -7.03 -5.91
N LEU G 135 9.02 -6.78 -7.09
CA LEU G 135 7.89 -7.61 -7.53
C LEU G 135 8.31 -9.07 -7.71
N LEU G 136 9.47 -9.32 -8.30
CA LEU G 136 9.99 -10.67 -8.44
C LEU G 136 10.20 -11.30 -7.09
N LYS G 137 10.81 -10.57 -6.17
CA LYS G 137 11.07 -11.09 -4.84
C LYS G 137 9.78 -11.53 -4.12
N ARG G 138 8.77 -10.69 -4.20
CA ARG G 138 7.53 -10.97 -3.54
C ARG G 138 6.90 -12.24 -4.09
N PHE G 139 6.91 -12.39 -5.42
CA PHE G 139 6.40 -13.58 -6.06
C PHE G 139 7.15 -14.86 -5.72
N MET G 140 8.48 -14.77 -5.70
CA MET G 140 9.30 -15.91 -5.39
C MET G 140 9.17 -16.33 -3.91
N LYS G 141 9.04 -15.36 -2.99
CA LYS G 141 8.80 -15.63 -1.54
C LYS G 141 7.44 -16.36 -1.41
N GLU G 142 6.40 -15.83 -2.06
CA GLU G 142 5.06 -16.42 -2.02
C GLU G 142 5.04 -17.88 -2.48
N ASN G 143 5.87 -18.21 -3.45
CA ASN G 143 5.94 -19.57 -3.98
C ASN G 143 7.11 -20.41 -3.45
N GLY G 144 7.82 -19.87 -2.47
CA GLY G 144 8.91 -20.60 -1.81
C GLY G 144 10.03 -21.06 -2.70
N ILE G 145 10.45 -20.20 -3.65
CA ILE G 145 11.57 -20.51 -4.52
C ILE G 145 12.76 -19.60 -4.24
N ASN G 146 13.91 -20.22 -3.95
CA ASN G 146 15.17 -19.47 -3.78
C ASN G 146 15.85 -19.20 -5.11
N TYR G 147 16.41 -18.00 -5.24
CA TYR G 147 17.04 -17.56 -6.49
C TYR G 147 18.06 -16.48 -6.17
N LYS G 148 18.83 -16.10 -7.16
CA LYS G 148 19.77 -15.00 -7.04
C LYS G 148 19.28 -13.85 -7.92
N ASN G 149 19.05 -12.69 -7.31
CA ASN G 149 18.62 -11.49 -8.04
C ASN G 149 19.76 -10.81 -8.79
N CYS G 150 19.50 -10.39 -10.02
CA CYS G 150 20.41 -9.52 -10.77
C CYS G 150 19.61 -8.31 -11.33
N THR G 151 19.85 -7.12 -10.78
CA THR G 151 19.07 -5.94 -11.17
C THR G 151 19.69 -5.24 -12.38
N LEU G 152 18.89 -5.10 -13.43
CA LEU G 152 19.25 -4.32 -14.58
C LEU G 152 18.11 -3.35 -14.82
N THR G 153 18.43 -2.11 -15.12
CA THR G 153 17.40 -1.10 -15.30
C THR G 153 16.91 -1.02 -16.73
N GLY G 154 17.43 -1.86 -17.61
CA GLY G 154 16.98 -1.90 -19.01
C GLY G 154 17.75 -2.99 -19.78
N SER G 155 17.40 -3.18 -21.04
CA SER G 155 18.03 -4.22 -21.85
C SER G 155 18.08 -5.57 -21.10
N VAL G 156 17.02 -5.90 -20.39
CA VAL G 156 17.03 -7.05 -19.51
C VAL G 156 17.27 -8.35 -20.30
N GLU G 157 16.78 -8.39 -21.54
CA GLU G 157 16.83 -9.61 -22.37
C GLU G 157 18.26 -9.99 -22.82
N VAL G 158 19.24 -9.13 -22.55
CA VAL G 158 20.62 -9.44 -22.83
C VAL G 158 21.21 -10.43 -21.84
N ALA G 159 20.66 -10.47 -20.62
CA ALA G 159 21.37 -11.11 -19.52
C ALA G 159 21.79 -12.58 -19.74
N PRO G 160 20.89 -13.41 -20.31
CA PRO G 160 21.25 -14.83 -20.48
C PRO G 160 22.38 -15.07 -21.49
N ARG G 161 22.22 -14.52 -22.70
CA ARG G 161 23.26 -14.67 -23.73
C ARG G 161 24.59 -14.03 -23.28
N ALA G 162 24.52 -13.00 -22.42
CA ALA G 162 25.72 -12.35 -21.90
C ALA G 162 26.19 -12.96 -20.58
N ASN G 163 25.58 -14.08 -20.18
CA ASN G 163 25.94 -14.76 -18.94
C ASN G 163 25.91 -13.86 -17.68
N LEU G 164 25.01 -12.88 -17.65
CA LEU G 164 24.73 -12.10 -16.43
C LEU G 164 23.71 -12.82 -15.55
N ALA G 165 22.86 -13.63 -16.17
CA ALA G 165 21.87 -14.42 -15.43
C ALA G 165 21.49 -15.67 -16.22
N ASP G 166 20.76 -16.56 -15.58
CA ASP G 166 20.24 -17.77 -16.22
C ASP G 166 18.87 -17.53 -16.82
N ALA G 167 18.17 -16.53 -16.29
CA ALA G 167 16.80 -16.26 -16.70
C ALA G 167 16.50 -14.79 -16.49
N ILE G 168 15.34 -14.35 -16.97
CA ILE G 168 14.90 -13.01 -16.72
C ILE G 168 13.45 -12.94 -16.27
N CYS G 169 13.12 -11.82 -15.64
CA CYS G 169 11.76 -11.48 -15.30
C CYS G 169 11.52 -10.09 -15.89
N ASP G 170 10.79 -10.04 -16.99
CA ASP G 170 10.67 -8.79 -17.77
C ASP G 170 9.25 -8.49 -18.18
N LEU G 171 9.01 -7.22 -18.47
CA LEU G 171 7.73 -6.74 -18.99
C LEU G 171 7.59 -7.19 -20.41
N VAL G 172 6.40 -7.67 -20.76
CA VAL G 172 6.08 -8.04 -22.13
C VAL G 172 4.64 -7.66 -22.46
N SER G 173 4.38 -7.42 -23.74
CA SER G 173 3.03 -7.40 -24.28
C SER G 173 2.99 -8.21 -25.57
N SER G 174 3.78 -7.78 -26.55
CA SER G 174 3.88 -8.51 -27.83
C SER G 174 4.69 -9.81 -27.80
N GLY G 175 5.89 -9.78 -27.23
CA GLY G 175 6.81 -10.94 -27.28
C GLY G 175 8.03 -10.77 -28.18
N ALA G 176 8.02 -9.72 -29.01
CA ALA G 176 9.07 -9.48 -30.03
C ALA G 176 10.51 -9.55 -29.51
N THR G 177 10.82 -8.76 -28.49
CA THR G 177 12.19 -8.67 -27.95
C THR G 177 12.71 -9.99 -27.41
N LEU G 178 11.80 -10.84 -26.93
CA LEU G 178 12.17 -12.15 -26.41
C LEU G 178 12.66 -13.08 -27.51
N GLN G 179 11.90 -13.16 -28.60
CA GLN G 179 12.29 -13.97 -29.77
C GLN G 179 13.65 -13.52 -30.29
N ALA G 180 13.80 -12.21 -30.48
CA ALA G 180 15.04 -11.64 -30.97
C ALA G 180 16.28 -11.96 -30.13
N ASN G 181 16.09 -12.28 -28.85
CA ASN G 181 17.21 -12.67 -27.99
C ASN G 181 17.19 -14.13 -27.58
N ASN G 182 16.49 -14.95 -28.36
CA ASN G 182 16.47 -16.38 -28.11
C ASN G 182 15.90 -16.76 -26.73
N LEU G 183 14.79 -16.12 -26.36
CA LEU G 183 14.14 -16.40 -25.09
C LEU G 183 12.69 -16.79 -25.32
N LYS G 184 12.15 -17.57 -24.38
CA LYS G 184 10.75 -17.94 -24.41
C LYS G 184 10.09 -17.54 -23.08
N GLU G 185 8.88 -16.98 -23.17
CA GLU G 185 8.06 -16.69 -22.01
C GLU G 185 7.56 -18.00 -21.46
N VAL G 186 7.61 -18.15 -20.14
CA VAL G 186 7.24 -19.42 -19.52
C VAL G 186 6.31 -19.31 -18.31
N LYS G 187 6.23 -18.15 -17.65
CA LYS G 187 5.33 -18.01 -16.50
C LYS G 187 5.05 -16.51 -16.25
N VAL G 188 3.77 -16.14 -16.33
CA VAL G 188 3.34 -14.80 -15.96
C VAL G 188 3.29 -14.69 -14.47
N ILE G 189 3.99 -13.73 -13.90
CA ILE G 189 3.97 -13.53 -12.44
C ILE G 189 3.15 -12.34 -11.96
N TYR G 190 2.78 -11.44 -12.87
CA TYR G 190 2.15 -10.21 -12.48
C TYR G 190 1.52 -9.59 -13.69
N GLU G 191 0.27 -9.16 -13.53
CA GLU G 191 -0.46 -8.51 -14.57
C GLU G 191 -0.74 -7.08 -14.13
N SER G 192 -0.55 -6.15 -15.06
CA SER G 192 -0.56 -4.77 -14.72
C SER G 192 -1.45 -4.03 -15.65
N ARG G 193 -1.95 -2.91 -15.17
CA ARG G 193 -2.63 -1.95 -16.00
C ARG G 193 -2.46 -0.58 -15.39
N ALA G 194 -2.77 0.45 -16.16
CA ALA G 194 -2.68 1.82 -15.68
C ALA G 194 -3.73 2.04 -14.62
N CYS G 195 -3.34 2.82 -13.60
CA CYS G 195 -4.20 3.18 -12.48
C CYS G 195 -4.20 4.67 -12.28
N LEU G 196 -5.30 5.16 -11.75
CA LEU G 196 -5.42 6.56 -11.36
C LEU G 196 -5.35 6.55 -9.86
N ILE G 197 -4.36 7.26 -9.32
CA ILE G 197 -4.15 7.30 -7.88
C ILE G 197 -4.16 8.73 -7.36
N GLN G 198 -4.26 8.84 -6.04
CA GLN G 198 -4.38 10.11 -5.36
C GLN G 198 -3.50 10.07 -4.12
N LYS G 199 -2.96 11.22 -3.75
CA LYS G 199 -2.19 11.34 -2.52
C LYS G 199 -3.05 11.06 -1.28
N GLU G 200 -2.40 10.64 -0.20
CA GLU G 200 -3.10 10.21 1.00
C GLU G 200 -3.72 11.38 1.78
N ASN G 201 -2.97 12.47 1.91
CA ASN G 201 -3.43 13.62 2.68
C ASN G 201 -4.65 14.28 2.06
N ALA G 202 -5.66 14.53 2.89
CA ALA G 202 -6.93 15.07 2.42
C ALA G 202 -6.73 16.33 1.59
N LEU G 203 -7.50 16.44 0.53
CA LEU G 203 -7.52 17.66 -0.26
C LEU G 203 -8.51 18.66 0.36
N SER G 204 -8.44 19.92 -0.08
CA SER G 204 -9.48 20.90 0.24
C SER G 204 -10.83 20.41 -0.29
N LYS G 205 -11.92 20.94 0.29
CA LYS G 205 -13.28 20.50 -0.10
C LYS G 205 -13.51 20.75 -1.57
N GLU G 206 -13.03 21.89 -2.06
CA GLU G 206 -13.20 22.26 -3.47
C GLU G 206 -12.43 21.33 -4.40
N LYS G 207 -11.17 21.05 -4.07
CA LYS G 207 -10.37 20.13 -4.88
C LYS G 207 -10.94 18.73 -4.89
N GLN G 208 -11.37 18.25 -3.72
CA GLN G 208 -11.93 16.93 -3.62
C GLN G 208 -13.23 16.81 -4.45
N ALA G 209 -14.02 17.88 -4.47
CA ALA G 209 -15.27 17.87 -5.23
C ALA G 209 -14.97 17.81 -6.72
N LEU G 210 -13.92 18.50 -7.13
CA LEU G 210 -13.49 18.43 -8.53
C LEU G 210 -13.02 17.00 -8.88
N VAL G 211 -12.28 16.37 -7.98
CA VAL G 211 -11.84 14.98 -8.19
C VAL G 211 -13.04 14.05 -8.30
N ASP G 212 -14.01 14.23 -7.40
CA ASP G 212 -15.25 13.45 -7.45
C ASP G 212 -15.95 13.57 -8.79
N LYS G 213 -16.06 14.79 -9.28
CA LYS G 213 -16.66 15.03 -10.58
C LYS G 213 -15.87 14.33 -11.71
N ILE G 214 -14.55 14.46 -11.68
CA ILE G 214 -13.72 13.83 -12.72
C ILE G 214 -13.87 12.31 -12.68
N MET G 215 -13.90 11.74 -11.48
CA MET G 215 -14.04 10.30 -11.31
C MET G 215 -15.31 9.73 -11.94
N LEU G 216 -16.41 10.45 -11.81
CA LEU G 216 -17.66 10.01 -12.43
C LEU G 216 -17.52 10.03 -13.94
N ARG G 217 -16.83 11.05 -14.45
CA ARG G 217 -16.54 11.12 -15.88
C ARG G 217 -15.63 10.00 -16.35
N VAL G 218 -14.61 9.68 -15.56
CA VAL G 218 -13.71 8.58 -15.90
C VAL G 218 -14.47 7.27 -16.04
N ALA G 219 -15.33 7.00 -15.05
CA ALA G 219 -16.15 5.78 -15.04
C ALA G 219 -17.06 5.75 -16.26
N GLY G 220 -17.72 6.87 -16.55
CA GLY G 220 -18.54 6.98 -17.76
C GLY G 220 -17.81 6.71 -19.05
N VAL G 221 -16.66 7.36 -19.21
CA VAL G 221 -15.86 7.19 -20.44
C VAL G 221 -15.47 5.72 -20.61
N MET G 222 -15.03 5.08 -19.53
CA MET G 222 -14.61 3.69 -19.62
C MET G 222 -15.75 2.72 -19.90
N GLN G 223 -16.89 3.00 -19.29
CA GLN G 223 -18.04 2.14 -19.46
C GLN G 223 -18.56 2.22 -20.89
N ALA G 224 -18.55 3.42 -21.45
CA ALA G 224 -18.99 3.63 -22.81
C ALA G 224 -18.12 2.85 -23.79
N ARG G 225 -16.83 2.78 -23.53
CA ARG G 225 -15.97 2.00 -24.38
C ARG G 225 -16.31 0.50 -24.35
N GLU G 226 -16.53 -0.05 -23.16
CA GLU G 226 -16.95 -1.43 -22.99
C GLU G 226 -18.39 -1.86 -23.35
N SER G 227 -19.37 -1.09 -22.91
CA SER G 227 -20.79 -1.39 -23.10
C SER G 227 -21.25 -1.22 -24.56
N LYS G 228 -22.25 -2.02 -24.94
CA LYS G 228 -22.88 -1.90 -26.25
C LYS G 228 -24.40 -1.87 -26.09
N TYR G 229 -25.07 -1.25 -27.05
CA TYR G 229 -26.51 -1.27 -27.08
C TYR G 229 -26.95 -2.45 -27.92
N ILE G 230 -27.77 -3.32 -27.32
CA ILE G 230 -28.18 -4.57 -27.94
C ILE G 230 -29.66 -4.62 -28.20
N MET G 231 -30.02 -5.10 -29.38
CA MET G 231 -31.41 -5.35 -29.74
C MET G 231 -31.47 -6.73 -30.33
N LEU G 232 -32.44 -7.53 -29.88
CA LEU G 232 -32.64 -8.86 -30.41
C LEU G 232 -34.06 -9.34 -30.23
N HIS G 233 -34.41 -10.40 -30.94
CA HIS G 233 -35.65 -11.11 -30.75
C HIS G 233 -35.40 -12.37 -29.97
N ALA G 234 -36.24 -12.61 -28.98
CA ALA G 234 -36.13 -13.79 -28.13
C ALA G 234 -37.48 -14.49 -28.00
N PRO G 235 -37.50 -15.83 -28.05
CA PRO G 235 -38.72 -16.55 -27.65
C PRO G 235 -39.03 -16.32 -26.18
N LYS G 236 -40.30 -16.12 -25.86
CA LYS G 236 -40.71 -15.88 -24.48
C LYS G 236 -40.29 -17.02 -23.56
N GLU G 237 -40.34 -18.24 -24.11
CA GLU G 237 -39.94 -19.45 -23.39
C GLU G 237 -38.45 -19.52 -23.02
N LYS G 238 -37.61 -18.71 -23.67
CA LYS G 238 -36.16 -18.78 -23.47
C LYS G 238 -35.58 -17.50 -22.86
N LEU G 239 -36.46 -16.61 -22.43
CA LEU G 239 -36.08 -15.29 -21.96
C LEU G 239 -35.10 -15.32 -20.79
N ASP G 240 -35.34 -16.19 -19.82
CA ASP G 240 -34.49 -16.28 -18.63
C ASP G 240 -33.06 -16.67 -18.98
N LYS G 241 -32.94 -17.68 -19.84
CA LYS G 241 -31.64 -18.18 -20.29
C LYS G 241 -30.85 -17.12 -21.07
N ILE G 242 -31.56 -16.41 -21.94
CA ILE G 242 -30.97 -15.32 -22.71
C ILE G 242 -30.44 -14.20 -21.84
N GLN G 243 -31.21 -13.79 -20.83
CA GLN G 243 -30.77 -12.74 -19.90
C GLN G 243 -29.54 -13.15 -19.07
N ALA G 244 -29.47 -14.43 -18.72
CA ALA G 244 -28.30 -14.99 -18.01
C ALA G 244 -27.05 -14.95 -18.87
N LEU G 245 -27.21 -15.15 -20.17
CA LEU G 245 -26.09 -15.04 -21.11
C LEU G 245 -25.56 -13.61 -21.25
N LEU G 246 -26.39 -12.62 -20.93
CA LEU G 246 -26.09 -11.23 -21.18
C LEU G 246 -26.28 -10.32 -19.97
N PRO G 247 -25.28 -10.24 -19.10
CA PRO G 247 -25.39 -9.33 -17.96
C PRO G 247 -25.47 -7.87 -18.44
N GLY G 248 -26.45 -7.13 -17.90
CA GLY G 248 -26.70 -5.76 -18.33
C GLY G 248 -26.44 -4.74 -17.24
N VAL G 249 -26.34 -3.48 -17.65
CA VAL G 249 -26.17 -2.35 -16.74
C VAL G 249 -27.48 -2.09 -15.99
N GLU G 250 -28.60 -2.34 -16.67
CA GLU G 250 -29.93 -2.24 -16.08
C GLU G 250 -30.73 -3.46 -16.50
N ARG G 251 -31.98 -3.54 -16.04
CA ARG G 251 -32.88 -4.61 -16.49
C ARG G 251 -33.20 -4.38 -17.97
N PRO G 252 -33.31 -5.46 -18.76
CA PRO G 252 -33.66 -5.27 -20.16
C PRO G 252 -35.06 -4.71 -20.34
N THR G 253 -35.24 -3.92 -21.41
CA THR G 253 -36.55 -3.49 -21.83
C THR G 253 -37.11 -4.58 -22.73
N ILE G 254 -38.32 -5.02 -22.40
CA ILE G 254 -38.98 -6.08 -23.16
C ILE G 254 -40.19 -5.49 -23.86
N LEU G 255 -40.26 -5.70 -25.16
CA LEU G 255 -41.30 -5.12 -25.99
C LEU G 255 -42.01 -6.19 -26.78
N PRO G 256 -43.35 -6.12 -26.86
CA PRO G 256 -44.08 -7.10 -27.66
C PRO G 256 -43.84 -6.87 -29.14
N LEU G 257 -43.79 -7.95 -29.91
CA LEU G 257 -43.69 -7.86 -31.35
C LEU G 257 -45.14 -7.97 -31.86
N ALA G 258 -45.64 -6.95 -32.54
CA ALA G 258 -47.05 -6.91 -32.97
C ALA G 258 -47.49 -8.16 -33.78
N HIS G 259 -46.70 -8.58 -34.76
CA HIS G 259 -47.15 -9.74 -35.59
C HIS G 259 -46.97 -11.15 -34.98
N ASP G 260 -46.33 -11.22 -33.81
CA ASP G 260 -45.76 -12.46 -33.26
C ASP G 260 -46.04 -12.59 -31.78
N GLU G 261 -46.76 -13.65 -31.40
CA GLU G 261 -47.15 -13.86 -30.01
C GLU G 261 -46.15 -14.72 -29.23
N LYS G 262 -45.36 -15.54 -29.95
CA LYS G 262 -44.38 -16.42 -29.31
C LYS G 262 -43.05 -15.73 -28.92
N ASN G 263 -42.76 -14.60 -29.57
CA ASN G 263 -41.49 -13.89 -29.35
C ASN G 263 -41.67 -12.46 -28.83
N VAL G 264 -40.59 -11.96 -28.23
CA VAL G 264 -40.48 -10.55 -27.82
C VAL G 264 -39.19 -9.88 -28.30
N ALA G 265 -39.21 -8.55 -28.33
CA ALA G 265 -38.01 -7.78 -28.62
C ALA G 265 -37.36 -7.42 -27.29
N LEU G 266 -36.03 -7.56 -27.26
CA LEU G 266 -35.25 -7.24 -26.07
C LEU G 266 -34.26 -6.11 -26.42
N HIS G 267 -34.31 -5.02 -25.67
CA HIS G 267 -33.39 -3.88 -25.85
C HIS G 267 -32.65 -3.76 -24.54
N MET G 268 -31.33 -3.70 -24.60
CA MET G 268 -30.54 -3.63 -23.38
C MET G 268 -29.13 -3.07 -23.64
N VAL G 269 -28.48 -2.72 -22.55
CA VAL G 269 -27.11 -2.26 -22.56
C VAL G 269 -26.26 -3.29 -21.85
N SER G 270 -25.30 -3.88 -22.55
CA SER G 270 -24.41 -4.87 -21.95
C SER G 270 -23.41 -4.21 -21.01
N LYS G 271 -23.03 -4.94 -19.96
CA LYS G 271 -22.03 -4.46 -19.01
C LYS G 271 -20.65 -4.60 -19.63
N GLU G 272 -20.49 -5.67 -20.41
CA GLU G 272 -19.24 -5.98 -21.07
C GLU G 272 -19.44 -5.99 -22.56
N ASN G 273 -18.34 -6.07 -23.28
CA ASN G 273 -18.40 -6.15 -24.73
C ASN G 273 -18.89 -7.54 -25.19
N LEU G 274 -19.50 -7.59 -26.36
CA LEU G 274 -20.07 -8.85 -26.87
C LEU G 274 -19.09 -9.55 -27.78
N PHE G 275 -18.64 -10.72 -27.37
CA PHE G 275 -17.78 -11.56 -28.20
C PHE G 275 -18.62 -12.54 -29.00
N TRP G 276 -18.02 -13.08 -30.06
CA TRP G 276 -18.73 -14.01 -30.95
C TRP G 276 -19.26 -15.22 -30.22
N GLU G 277 -18.55 -15.69 -29.22
CA GLU G 277 -19.04 -16.81 -28.42
C GLU G 277 -20.40 -16.52 -27.82
N THR G 278 -20.57 -15.32 -27.27
CA THR G 278 -21.84 -14.91 -26.68
C THR G 278 -22.91 -14.80 -27.74
N MET G 279 -22.55 -14.23 -28.88
CA MET G 279 -23.50 -14.09 -29.99
C MET G 279 -23.99 -15.47 -30.40
N GLU G 280 -23.05 -16.40 -30.50
CA GLU G 280 -23.37 -17.78 -30.89
C GLU G 280 -24.18 -18.53 -29.83
N ALA G 281 -23.86 -18.33 -28.55
CA ALA G 281 -24.66 -18.89 -27.46
C ALA G 281 -26.10 -18.34 -27.49
N LEU G 282 -26.25 -17.05 -27.74
CA LEU G 282 -27.59 -16.45 -27.84
C LEU G 282 -28.40 -17.10 -28.96
N LYS G 283 -27.77 -17.27 -30.11
CA LYS G 283 -28.41 -17.94 -31.24
C LYS G 283 -28.81 -19.38 -30.90
N GLU G 284 -27.91 -20.10 -30.22
CA GLU G 284 -28.19 -21.46 -29.78
C GLU G 284 -29.45 -21.52 -28.91
N GLU G 285 -29.60 -20.55 -28.02
CA GLU G 285 -30.80 -20.44 -27.16
C GLU G 285 -32.05 -19.93 -27.88
N GLY G 286 -31.98 -19.70 -29.18
CA GLY G 286 -33.15 -19.32 -29.98
C GLY G 286 -33.30 -17.83 -30.27
N ALA G 287 -32.37 -17.00 -29.78
CA ALA G 287 -32.37 -15.58 -30.12
C ALA G 287 -32.15 -15.39 -31.61
N SER G 288 -32.75 -14.33 -32.15
CA SER G 288 -32.54 -13.97 -33.55
C SER G 288 -32.50 -12.44 -33.73
N SER G 289 -32.10 -12.01 -34.93
CA SER G 289 -31.99 -10.58 -35.28
C SER G 289 -31.18 -9.82 -34.24
N ILE G 290 -29.98 -10.32 -33.96
CA ILE G 290 -29.15 -9.76 -32.92
C ILE G 290 -28.37 -8.57 -33.49
N LEU G 291 -28.57 -7.40 -32.90
CA LEU G 291 -27.87 -6.19 -33.29
C LEU G 291 -27.09 -5.61 -32.13
N VAL G 292 -25.85 -5.23 -32.40
CA VAL G 292 -24.96 -4.63 -31.40
C VAL G 292 -24.47 -3.28 -31.92
N LEU G 293 -24.87 -2.20 -31.24
CA LEU G 293 -24.54 -0.84 -31.66
C LEU G 293 -23.54 -0.24 -30.69
N PRO G 294 -22.63 0.59 -31.19
CA PRO G 294 -21.66 1.26 -30.33
C PRO G 294 -22.30 2.42 -29.56
N ILE G 295 -21.73 2.71 -28.41
CA ILE G 295 -22.18 3.78 -27.53
C ILE G 295 -21.06 4.80 -27.40
N GLU G 296 -21.38 6.07 -27.53
CA GLU G 296 -20.38 7.12 -27.47
C GLU G 296 -20.21 7.68 -26.07
N LYS G 297 -21.31 7.82 -25.34
CA LYS G 297 -21.31 8.35 -23.98
C LYS G 297 -22.43 7.73 -23.18
N MET G 298 -22.22 7.59 -21.88
CA MET G 298 -23.28 7.11 -21.00
C MET G 298 -23.08 7.55 -19.55
N LEU G 299 -24.19 7.50 -18.80
CA LEU G 299 -24.25 7.80 -17.37
C LEU G 299 -25.47 7.11 -16.80
N LYS G 300 -25.27 6.23 -15.82
CA LYS G 300 -26.38 5.62 -15.11
C LYS G 300 -27.01 6.72 -14.25
N ASN H 5 33.84 -16.67 -20.73
CA ASN H 5 34.30 -16.83 -22.14
C ASN H 5 35.68 -16.21 -22.34
N THR H 6 36.28 -16.57 -23.47
CA THR H 6 37.57 -16.00 -23.85
C THR H 6 37.38 -14.63 -24.51
N ARG H 7 36.15 -14.30 -24.93
CA ARG H 7 35.91 -13.08 -25.69
C ARG H 7 35.78 -11.82 -24.81
N LEU H 8 36.31 -10.72 -25.33
CA LEU H 8 36.32 -9.45 -24.64
C LEU H 8 34.92 -8.82 -24.67
N ARG H 9 34.46 -8.35 -23.52
CA ARG H 9 33.10 -7.81 -23.41
C ARG H 9 33.12 -6.29 -23.22
N ILE H 10 32.45 -5.60 -24.14
CA ILE H 10 32.37 -4.15 -24.14
C ILE H 10 30.92 -3.72 -24.03
N ALA H 11 30.63 -2.91 -23.02
CA ALA H 11 29.27 -2.40 -22.81
C ALA H 11 29.16 -1.00 -23.39
N ILE H 12 28.17 -0.81 -24.26
CA ILE H 12 27.85 0.48 -24.83
C ILE H 12 26.34 0.75 -24.69
N GLN H 13 25.94 2.00 -24.84
CA GLN H 13 24.55 2.39 -24.76
C GLN H 13 23.74 1.81 -25.94
N LYS H 14 22.62 1.15 -25.62
CA LYS H 14 21.74 0.57 -26.65
C LYS H 14 21.18 1.63 -27.60
N SER H 15 20.58 2.66 -27.04
CA SER H 15 20.01 3.74 -27.81
C SER H 15 19.98 5.00 -26.98
N GLY H 16 20.37 6.10 -27.58
CA GLY H 16 20.53 7.36 -26.86
C GLY H 16 21.63 8.17 -27.50
N ARG H 17 22.09 9.18 -26.79
CA ARG H 17 23.01 10.16 -27.35
C ARG H 17 24.42 9.63 -27.62
N LEU H 18 24.81 8.53 -26.96
CA LEU H 18 26.16 7.98 -27.12
C LEU H 18 26.20 6.80 -28.06
N SER H 19 25.04 6.27 -28.43
CA SER H 19 25.00 5.02 -29.17
C SER H 19 25.69 5.06 -30.50
N LYS H 20 25.30 5.99 -31.34
CA LYS H 20 25.79 6.04 -32.70
C LYS H 20 27.30 6.21 -32.71
N GLU H 21 27.80 7.17 -31.93
CA GLU H 21 29.22 7.45 -31.89
C GLU H 21 30.03 6.34 -31.23
N SER H 22 29.44 5.58 -30.30
CA SER H 22 30.13 4.46 -29.70
C SER H 22 30.38 3.37 -30.73
N ILE H 23 29.35 3.05 -31.51
CA ILE H 23 29.45 2.06 -32.56
C ILE H 23 30.44 2.52 -33.64
N GLU H 24 30.31 3.78 -34.05
CA GLU H 24 31.20 4.36 -35.07
C GLU H 24 32.68 4.23 -34.64
N LEU H 25 32.98 4.56 -33.38
CA LEU H 25 34.34 4.45 -32.90
C LEU H 25 34.88 3.02 -33.00
N LEU H 26 34.09 2.06 -32.54
CA LEU H 26 34.50 0.67 -32.59
C LEU H 26 34.69 0.20 -34.03
N SER H 27 33.79 0.63 -34.88
CA SER H 27 33.84 0.29 -36.29
C SER H 27 35.10 0.89 -36.95
N GLU H 28 35.37 2.15 -36.67
CA GLU H 28 36.59 2.79 -37.18
C GLU H 28 37.87 2.21 -36.59
N CYS H 29 37.77 1.54 -35.44
CA CYS H 29 38.89 0.78 -34.91
C CYS H 29 38.99 -0.65 -35.49
N GLY H 30 38.25 -0.91 -36.55
CA GLY H 30 38.33 -2.21 -37.24
C GLY H 30 37.55 -3.33 -36.56
N VAL H 31 36.62 -2.99 -35.65
CA VAL H 31 35.75 -4.01 -35.07
C VAL H 31 34.55 -4.17 -36.00
N LYS H 32 34.56 -5.23 -36.81
CA LYS H 32 33.43 -5.53 -37.69
C LYS H 32 32.35 -6.27 -36.92
N MET H 33 31.12 -5.85 -37.11
CA MET H 33 29.97 -6.45 -36.43
C MET H 33 28.69 -6.04 -37.15
N HIS H 34 27.64 -6.84 -36.99
CA HIS H 34 26.31 -6.51 -37.53
C HIS H 34 25.35 -6.27 -36.37
N ILE H 35 24.88 -5.04 -36.24
CA ILE H 35 23.98 -4.66 -35.17
C ILE H 35 22.55 -4.58 -35.70
N HIS H 36 21.65 -5.36 -35.08
CA HIS H 36 20.22 -5.22 -35.29
C HIS H 36 19.60 -4.63 -34.03
N GLU H 37 18.82 -3.57 -34.20
CA GLU H 37 18.29 -2.77 -33.08
C GLU H 37 17.68 -3.64 -31.96
N GLN H 38 16.99 -4.71 -32.34
CA GLN H 38 16.37 -5.62 -31.37
C GLN H 38 17.38 -6.53 -30.66
N SER H 39 18.54 -6.79 -31.28
CA SER H 39 19.56 -7.63 -30.65
C SER H 39 20.44 -6.83 -29.67
N LEU H 40 20.55 -7.38 -28.47
CA LEU H 40 21.20 -6.71 -27.35
C LEU H 40 22.65 -7.14 -27.20
N ILE H 41 23.06 -8.18 -27.94
CA ILE H 41 24.47 -8.56 -28.00
C ILE H 41 24.89 -8.72 -29.46
N ALA H 42 25.92 -7.99 -29.86
CA ALA H 42 26.50 -8.13 -31.19
C ALA H 42 27.86 -8.80 -31.05
N PHE H 43 28.11 -9.79 -31.88
CA PHE H 43 29.35 -10.53 -31.86
C PHE H 43 30.21 -10.06 -33.01
N SER H 44 31.43 -9.62 -32.71
CA SER H 44 32.35 -9.20 -33.76
C SER H 44 32.73 -10.40 -34.61
N THR H 45 32.73 -10.21 -35.93
CA THR H 45 33.01 -11.28 -36.88
C THR H 45 34.50 -11.48 -37.13
N ASN H 46 35.30 -10.45 -36.92
CA ASN H 46 36.74 -10.50 -37.18
C ASN H 46 37.62 -10.44 -35.94
N LEU H 47 37.05 -10.16 -34.77
CA LEU H 47 37.82 -10.12 -33.52
C LEU H 47 37.05 -10.80 -32.40
N PRO H 48 37.75 -11.29 -31.37
CA PRO H 48 37.09 -11.98 -30.27
C PRO H 48 36.49 -10.96 -29.28
N ILE H 49 35.41 -10.31 -29.71
CA ILE H 49 34.80 -9.22 -28.96
C ILE H 49 33.29 -9.33 -29.00
N ASP H 50 32.67 -9.18 -27.83
CA ASP H 50 31.20 -9.12 -27.71
C ASP H 50 30.79 -7.73 -27.27
N ILE H 51 29.85 -7.14 -28.01
CA ILE H 51 29.35 -5.82 -27.69
C ILE H 51 27.98 -5.97 -27.01
N LEU H 52 27.90 -5.56 -25.76
CA LEU H 52 26.66 -5.62 -24.98
C LEU H 52 25.99 -4.26 -25.05
N ARG H 53 24.76 -4.24 -25.53
CA ARG H 53 24.04 -3.02 -25.72
C ARG H 53 23.03 -2.85 -24.60
N VAL H 54 23.33 -1.95 -23.68
CA VAL H 54 22.61 -1.85 -22.42
C VAL H 54 22.14 -0.42 -22.17
N ARG H 55 21.48 -0.22 -21.05
CA ARG H 55 21.11 1.12 -20.65
C ARG H 55 22.33 1.78 -20.04
N ASP H 56 22.56 3.04 -20.35
CA ASP H 56 23.79 3.69 -19.96
C ASP H 56 23.93 3.68 -18.45
N ASP H 57 22.81 3.82 -17.74
CA ASP H 57 22.76 3.79 -16.26
C ASP H 57 23.43 2.60 -15.65
N ASP H 58 23.42 1.46 -16.34
CA ASP H 58 24.00 0.23 -15.79
C ASP H 58 25.50 0.02 -16.11
N ILE H 59 26.04 0.78 -17.05
CA ILE H 59 27.41 0.55 -17.49
C ILE H 59 28.42 0.70 -16.35
N PRO H 60 28.30 1.76 -15.55
CA PRO H 60 29.27 1.88 -14.46
C PRO H 60 29.25 0.66 -13.53
N GLY H 61 28.04 0.25 -13.13
CA GLY H 61 27.87 -0.90 -12.25
C GLY H 61 28.42 -2.19 -12.83
N LEU H 62 28.19 -2.43 -14.11
CA LEU H 62 28.72 -3.62 -14.76
C LEU H 62 30.25 -3.63 -14.71
N ILE H 63 30.85 -2.45 -14.86
CA ILE H 63 32.29 -2.30 -14.78
C ILE H 63 32.80 -2.44 -13.34
N PHE H 64 32.15 -1.75 -12.40
CA PHE H 64 32.50 -1.85 -10.99
C PHE H 64 32.47 -3.30 -10.50
N ASP H 65 31.51 -4.07 -10.98
CA ASP H 65 31.32 -5.45 -10.54
C ASP H 65 32.20 -6.43 -11.33
N GLY H 66 32.94 -5.94 -12.31
CA GLY H 66 33.86 -6.76 -13.06
C GLY H 66 33.21 -7.73 -14.04
N VAL H 67 31.94 -7.50 -14.37
CA VAL H 67 31.16 -8.44 -15.21
C VAL H 67 31.24 -8.11 -16.71
N VAL H 68 31.73 -6.93 -17.05
CA VAL H 68 32.19 -6.65 -18.41
C VAL H 68 33.61 -6.12 -18.31
N ASP H 69 34.32 -6.12 -19.43
CA ASP H 69 35.73 -5.71 -19.44
C ASP H 69 35.89 -4.22 -19.72
N LEU H 70 35.21 -3.73 -20.76
CA LEU H 70 35.26 -2.33 -21.12
C LEU H 70 33.85 -1.72 -21.16
N GLY H 71 33.80 -0.40 -21.02
CA GLY H 71 32.56 0.34 -21.20
C GLY H 71 32.78 1.72 -21.79
N ILE H 72 31.80 2.19 -22.56
CA ILE H 72 31.77 3.57 -23.02
C ILE H 72 30.59 4.27 -22.37
N ILE H 73 30.89 5.30 -21.58
CA ILE H 73 29.90 5.92 -20.75
C ILE H 73 30.22 7.40 -20.60
N GLY H 74 29.19 8.21 -20.37
CA GLY H 74 29.39 9.61 -20.01
C GLY H 74 30.00 9.73 -18.63
N GLU H 75 30.95 10.65 -18.48
CA GLU H 75 31.58 10.92 -17.19
C GLU H 75 30.58 11.23 -16.08
N ASN H 76 29.59 12.06 -16.42
CA ASN H 76 28.56 12.41 -15.47
C ASN H 76 27.90 11.17 -14.84
N VAL H 77 27.54 10.19 -15.65
CA VAL H 77 26.83 9.00 -15.17
C VAL H 77 27.79 8.14 -14.40
N LEU H 78 29.01 8.03 -14.92
CA LEU H 78 30.07 7.28 -14.24
C LEU H 78 30.30 7.78 -12.82
N GLU H 79 30.49 9.08 -12.64
CA GLU H 79 30.79 9.59 -11.29
C GLU H 79 29.57 9.68 -10.37
N GLU H 80 28.41 10.00 -10.94
CA GLU H 80 27.18 9.94 -10.17
C GLU H 80 27.02 8.54 -9.52
N ASN H 81 27.19 7.49 -10.31
CA ASN H 81 27.05 6.13 -9.83
C ASN H 81 28.17 5.71 -8.88
N GLU H 82 29.39 6.16 -9.17
CA GLU H 82 30.51 5.94 -8.28
C GLU H 82 30.19 6.54 -6.91
N LEU H 83 29.79 7.80 -6.90
CA LEU H 83 29.46 8.50 -5.64
C LEU H 83 28.32 7.83 -4.89
N GLU H 84 27.29 7.41 -5.62
CA GLU H 84 26.14 6.74 -5.01
C GLU H 84 26.56 5.46 -4.30
N ARG H 85 27.35 4.64 -4.97
CA ARG H 85 27.83 3.39 -4.35
C ARG H 85 28.76 3.62 -3.16
N GLN H 86 29.59 4.65 -3.25
CA GLN H 86 30.42 5.04 -2.11
C GLN H 86 29.56 5.46 -0.91
N SER H 87 28.44 6.14 -1.16
CA SER H 87 27.56 6.58 -0.09
C SER H 87 26.80 5.42 0.56
N LEU H 88 26.75 4.26 -0.10
CA LEU H 88 26.21 3.03 0.49
C LEU H 88 27.31 2.18 1.13
N GLY H 89 28.51 2.74 1.29
CA GLY H 89 29.62 2.02 1.92
C GLY H 89 30.44 1.12 1.01
N GLU H 90 30.11 1.06 -0.28
CA GLU H 90 30.86 0.20 -1.21
C GLU H 90 32.13 0.91 -1.66
N ASN H 91 33.01 0.18 -2.34
CA ASN H 91 34.26 0.73 -2.83
C ASN H 91 34.41 0.46 -4.33
N PRO H 92 33.58 1.11 -5.15
CA PRO H 92 33.67 0.89 -6.60
C PRO H 92 35.00 1.38 -7.15
N SER H 93 35.56 0.65 -8.11
CA SER H 93 36.77 1.09 -8.77
C SER H 93 36.82 0.67 -10.23
N TYR H 94 37.66 1.36 -10.99
CA TYR H 94 37.75 1.15 -12.43
C TYR H 94 38.99 1.85 -12.95
N LYS H 95 39.35 1.54 -14.19
CA LYS H 95 40.44 2.23 -14.88
C LYS H 95 39.88 3.13 -15.97
N LEU H 96 40.27 4.40 -15.95
CA LEU H 96 39.93 5.31 -17.02
C LEU H 96 40.97 5.14 -18.10
N LEU H 97 40.57 4.62 -19.26
CA LEU H 97 41.51 4.42 -20.35
C LEU H 97 41.66 5.67 -21.22
N LYS H 98 40.56 6.36 -21.50
CA LYS H 98 40.59 7.47 -22.45
C LYS H 98 39.34 8.33 -22.39
N LYS H 99 39.54 9.64 -22.32
CA LYS H 99 38.47 10.59 -22.50
C LYS H 99 38.26 10.73 -24.01
N LEU H 100 37.01 10.59 -24.46
CA LEU H 100 36.72 10.51 -25.89
C LEU H 100 36.27 11.86 -26.45
N ASP H 101 36.07 11.92 -27.76
CA ASP H 101 35.81 13.19 -28.42
C ASP H 101 34.34 13.38 -28.79
N PHE H 102 33.43 12.83 -27.98
CA PHE H 102 32.01 13.04 -28.14
C PHE H 102 31.31 12.93 -26.78
N GLY H 103 29.98 13.11 -26.78
CA GLY H 103 29.20 13.11 -25.55
C GLY H 103 29.41 14.37 -24.71
N TYR H 104 29.79 15.48 -25.34
CA TYR H 104 30.07 16.69 -24.60
C TYR H 104 28.80 17.30 -24.04
N CYS H 105 28.79 17.56 -22.73
CA CYS H 105 27.68 18.26 -22.12
C CYS H 105 28.12 18.81 -20.79
N ARG H 106 27.24 19.56 -20.16
CA ARG H 106 27.53 20.13 -18.86
C ARG H 106 26.33 20.05 -17.93
N LEU H 107 26.62 19.96 -16.64
CA LEU H 107 25.64 20.01 -15.61
C LEU H 107 25.67 21.43 -15.05
N SER H 108 24.52 22.10 -15.08
CA SER H 108 24.42 23.50 -14.70
C SER H 108 23.25 23.82 -13.75
N LEU H 109 23.51 24.70 -12.79
CA LEU H 109 22.45 25.30 -12.01
C LEU H 109 21.69 26.30 -12.85
N ALA H 110 20.38 26.27 -12.76
CA ALA H 110 19.54 27.18 -13.50
C ALA H 110 18.42 27.70 -12.59
N LEU H 111 17.94 28.91 -12.92
CA LEU H 111 16.91 29.62 -12.15
C LEU H 111 15.84 30.14 -13.09
N PRO H 112 14.64 30.43 -12.55
CA PRO H 112 13.65 31.15 -13.37
C PRO H 112 14.22 32.46 -13.95
N GLN H 113 13.86 32.80 -15.19
CA GLN H 113 14.37 33.99 -15.88
C GLN H 113 14.19 35.27 -15.03
N GLU H 114 13.07 35.37 -14.31
CA GLU H 114 12.78 36.53 -13.46
C GLU H 114 13.73 36.70 -12.27
N ASN H 115 14.27 35.63 -11.74
CA ASN H 115 15.12 35.72 -10.54
C ASN H 115 16.39 36.56 -10.75
N LYS H 116 16.78 37.28 -9.70
CA LYS H 116 18.01 38.06 -9.71
C LYS H 116 19.14 37.19 -9.14
N PHE H 117 20.09 36.83 -9.99
CA PHE H 117 21.25 36.03 -9.58
C PHE H 117 22.49 36.91 -9.53
N GLN H 118 23.09 37.02 -8.35
CA GLN H 118 24.34 37.73 -8.17
C GLN H 118 25.51 36.74 -7.94
N ASN H 119 25.33 35.82 -7.01
CA ASN H 119 26.35 34.88 -6.60
C ASN H 119 25.82 33.52 -6.17
N LEU H 120 26.70 32.53 -6.09
CA LEU H 120 26.33 31.20 -5.62
C LEU H 120 25.56 31.20 -4.30
N LYS H 121 25.87 32.16 -3.43
CA LYS H 121 25.18 32.29 -2.14
C LYS H 121 23.67 32.47 -2.32
N ASP H 122 23.23 32.94 -3.48
CA ASP H 122 21.80 33.08 -3.76
C ASP H 122 21.04 31.74 -3.76
N PHE H 123 21.78 30.63 -3.88
CA PHE H 123 21.19 29.29 -3.80
C PHE H 123 21.04 28.81 -2.37
N GLU H 124 21.54 29.58 -1.40
CA GLU H 124 21.46 29.18 0.01
C GLU H 124 20.01 28.92 0.43
N GLY H 125 19.76 27.71 0.88
CA GLY H 125 18.46 27.33 1.40
C GLY H 125 17.40 27.02 0.35
N LEU H 126 17.75 27.04 -0.95
CA LEU H 126 16.78 26.78 -2.00
C LEU H 126 16.54 25.28 -2.17
N ARG H 127 15.35 24.94 -2.66
CA ARG H 127 15.05 23.59 -3.10
C ARG H 127 15.60 23.47 -4.52
N ILE H 128 16.40 22.45 -4.77
CA ILE H 128 17.00 22.26 -6.09
C ILE H 128 16.69 20.88 -6.65
N ALA H 129 16.07 20.86 -7.83
CA ALA H 129 15.68 19.61 -8.47
C ALA H 129 16.76 19.13 -9.43
N THR H 130 17.06 17.84 -9.40
CA THR H 130 18.10 17.28 -10.25
C THR H 130 17.96 15.79 -10.44
N SER H 131 18.46 15.28 -11.58
CA SER H 131 18.69 13.86 -11.77
C SER H 131 20.07 13.42 -11.30
N TYR H 132 20.90 14.36 -10.84
CA TYR H 132 22.28 14.04 -10.44
C TYR H 132 22.54 14.51 -9.01
N PRO H 133 21.80 13.93 -8.05
CA PRO H 133 21.88 14.37 -6.65
C PRO H 133 23.28 14.34 -6.10
N GLN H 134 24.05 13.29 -6.40
CA GLN H 134 25.40 13.15 -5.83
C GLN H 134 26.35 14.21 -6.37
N LEU H 135 26.32 14.44 -7.68
CA LEU H 135 27.19 15.44 -8.28
C LEU H 135 26.85 16.81 -7.73
N LEU H 136 25.56 17.12 -7.64
CA LEU H 136 25.13 18.38 -7.02
C LEU H 136 25.60 18.49 -5.57
N LYS H 137 25.42 17.42 -4.81
CA LYS H 137 25.77 17.46 -3.40
C LYS H 137 27.25 17.73 -3.23
N ARG H 138 28.07 17.08 -4.04
CA ARG H 138 29.51 17.24 -3.93
C ARG H 138 29.88 18.67 -4.21
N PHE H 139 29.29 19.25 -5.23
CA PHE H 139 29.58 20.63 -5.57
C PHE H 139 29.16 21.60 -4.49
N MET H 140 27.98 21.37 -3.93
CA MET H 140 27.44 22.27 -2.91
C MET H 140 28.24 22.17 -1.61
N LYS H 141 28.69 20.96 -1.27
CA LYS H 141 29.55 20.77 -0.10
C LYS H 141 30.88 21.49 -0.27
N GLU H 142 31.51 21.30 -1.43
CA GLU H 142 32.78 21.96 -1.75
C GLU H 142 32.69 23.49 -1.61
N ASN H 143 31.55 24.06 -1.96
CA ASN H 143 31.35 25.49 -1.87
C ASN H 143 30.59 25.96 -0.63
N GLY H 144 30.36 25.06 0.31
CA GLY H 144 29.71 25.40 1.57
C GLY H 144 28.32 26.00 1.50
N ILE H 145 27.49 25.50 0.58
CA ILE H 145 26.13 26.00 0.43
C ILE H 145 25.10 24.93 0.84
N ASN H 146 24.24 25.28 1.79
CA ASN H 146 23.13 24.42 2.20
C ASN H 146 21.92 24.59 1.29
N TYR H 147 21.27 23.47 0.99
CA TYR H 147 20.13 23.47 0.07
C TYR H 147 19.25 22.28 0.40
N LYS H 148 18.10 22.22 -0.25
CA LYS H 148 17.22 21.07 -0.15
C LYS H 148 17.19 20.33 -1.48
N ASN H 149 17.55 19.06 -1.49
CA ASN H 149 17.55 18.25 -2.70
C ASN H 149 16.16 17.77 -3.09
N CYS H 150 15.84 17.85 -4.38
CA CYS H 150 14.65 17.22 -4.93
C CYS H 150 15.06 16.36 -6.14
N THR H 151 15.02 15.05 -5.99
CA THR H 151 15.44 14.14 -7.06
C THR H 151 14.30 13.90 -8.04
N LEU H 152 14.55 14.20 -9.31
CA LEU H 152 13.66 13.83 -10.40
C LEU H 152 14.50 13.12 -11.43
N THR H 153 13.99 12.02 -11.98
CA THR H 153 14.77 11.22 -12.91
C THR H 153 14.59 11.70 -14.36
N GLY H 154 13.82 12.76 -14.56
CA GLY H 154 13.59 13.31 -15.90
C GLY H 154 12.66 14.50 -15.84
N SER H 155 12.45 15.16 -16.97
CA SER H 155 11.62 16.38 -17.02
C SER H 155 12.01 17.36 -15.89
N VAL H 156 13.31 17.49 -15.63
CA VAL H 156 13.76 18.30 -14.49
C VAL H 156 13.34 19.77 -14.60
N GLU H 157 13.24 20.29 -15.82
CA GLU H 157 12.94 21.71 -16.05
C GLU H 157 11.50 22.09 -15.70
N VAL H 158 10.66 21.11 -15.36
CA VAL H 158 9.31 21.40 -14.91
C VAL H 158 9.27 21.93 -13.48
N ALA H 159 10.29 21.58 -12.68
CA ALA H 159 10.19 21.71 -11.23
C ALA H 159 9.84 23.11 -10.70
N PRO H 160 10.47 24.18 -11.24
CA PRO H 160 10.16 25.52 -10.76
C PRO H 160 8.74 25.98 -11.05
N ARG H 161 8.30 25.92 -12.31
CA ARG H 161 6.95 26.30 -12.67
C ARG H 161 5.90 25.45 -11.95
N ALA H 162 6.23 24.20 -11.65
CA ALA H 162 5.34 23.30 -10.94
C ALA H 162 5.51 23.37 -9.42
N ASN H 163 6.32 24.32 -8.95
CA ASN H 163 6.58 24.48 -7.52
C ASN H 163 7.06 23.21 -6.80
N LEU H 164 7.83 22.37 -7.51
CA LEU H 164 8.54 21.24 -6.89
C LEU H 164 9.91 21.68 -6.35
N ALA H 165 10.47 22.73 -6.95
CA ALA H 165 11.73 23.29 -6.48
C ALA H 165 11.84 24.77 -6.85
N ASP H 166 12.84 25.44 -6.28
CA ASP H 166 13.13 26.85 -6.60
C ASP H 166 14.12 26.98 -7.74
N ALA H 167 14.90 25.92 -7.96
CA ALA H 167 15.93 25.91 -8.99
C ALA H 167 16.14 24.49 -9.48
N ILE H 168 16.94 24.36 -10.52
CA ILE H 168 17.33 23.04 -10.99
C ILE H 168 18.83 22.93 -11.24
N CYS H 169 19.30 21.70 -11.25
CA CYS H 169 20.63 21.37 -11.68
C CYS H 169 20.46 20.32 -12.76
N ASP H 170 20.61 20.73 -14.02
CA ASP H 170 20.32 19.85 -15.15
C ASP H 170 21.41 19.81 -16.21
N LEU H 171 21.41 18.73 -16.98
CA LEU H 171 22.28 18.55 -18.15
C LEU H 171 21.83 19.46 -19.26
N VAL H 172 22.77 20.16 -19.88
CA VAL H 172 22.49 21.01 -21.02
C VAL H 172 23.62 20.87 -22.04
N SER H 173 23.28 21.12 -23.31
CA SER H 173 24.27 21.38 -24.35
C SER H 173 23.84 22.59 -25.19
N SER H 174 22.66 22.49 -25.81
CA SER H 174 22.11 23.61 -26.61
C SER H 174 21.49 24.77 -25.79
N GLY H 175 20.69 24.46 -24.76
CA GLY H 175 19.96 25.50 -23.99
C GLY H 175 18.45 25.57 -24.27
N ALA H 176 18.02 24.90 -25.34
CA ALA H 176 16.62 24.94 -25.80
C ALA H 176 15.57 24.71 -24.72
N THR H 177 15.70 23.60 -23.99
CA THR H 177 14.72 23.22 -23.00
C THR H 177 14.66 24.30 -21.95
N LEU H 178 15.80 24.87 -21.61
CA LEU H 178 15.82 25.89 -20.58
C LEU H 178 14.98 27.11 -20.99
N GLN H 179 15.10 27.55 -22.24
CA GLN H 179 14.31 28.69 -22.70
C GLN H 179 12.82 28.43 -22.72
N ALA H 180 12.44 27.26 -23.22
CA ALA H 180 11.05 26.80 -23.30
C ALA H 180 10.33 26.74 -21.95
N ASN H 181 11.06 26.58 -20.85
CA ASN H 181 10.46 26.54 -19.51
C ASN H 181 10.78 27.76 -18.66
N ASN H 182 11.13 28.87 -19.31
CA ASN H 182 11.37 30.13 -18.64
C ASN H 182 12.49 30.03 -17.59
N LEU H 183 13.59 29.39 -17.97
CA LEU H 183 14.76 29.23 -17.09
C LEU H 183 16.01 29.78 -17.76
N LYS H 184 16.96 30.22 -16.94
CA LYS H 184 18.24 30.71 -17.43
C LYS H 184 19.36 29.95 -16.72
N GLU H 185 20.34 29.56 -17.51
CA GLU H 185 21.55 28.92 -17.01
C GLU H 185 22.37 29.96 -16.28
N VAL H 186 22.88 29.61 -15.13
CA VAL H 186 23.49 30.56 -14.21
C VAL H 186 24.87 30.17 -13.69
N LYS H 187 25.17 28.88 -13.62
CA LYS H 187 26.45 28.41 -13.12
C LYS H 187 26.69 26.97 -13.56
N VAL H 188 27.77 26.74 -14.32
CA VAL H 188 28.19 25.39 -14.71
C VAL H 188 28.90 24.76 -13.53
N ILE H 189 28.44 23.59 -13.09
CA ILE H 189 29.06 22.92 -11.96
C ILE H 189 29.89 21.70 -12.34
N TYR H 190 29.75 21.23 -13.58
CA TYR H 190 30.41 19.99 -13.98
C TYR H 190 30.38 19.86 -15.49
N GLU H 191 31.52 19.49 -16.07
CA GLU H 191 31.65 19.31 -17.50
C GLU H 191 31.96 17.85 -17.80
N SER H 192 31.30 17.32 -18.82
CA SER H 192 31.35 15.90 -19.07
C SER H 192 31.62 15.57 -20.52
N ARG H 193 32.15 14.39 -20.73
CA ARG H 193 32.26 13.81 -22.05
C ARG H 193 32.26 12.30 -21.92
N ALA H 194 32.08 11.60 -23.03
CA ALA H 194 32.18 10.17 -23.04
C ALA H 194 33.60 9.69 -22.70
N CYS H 195 33.69 8.60 -21.94
N CYS H 195 33.68 8.58 -21.96
CA CYS H 195 34.98 8.00 -21.64
CA CYS H 195 34.93 7.97 -21.56
C CYS H 195 34.93 6.49 -21.85
C CYS H 195 34.91 6.49 -21.86
N LEU H 196 36.11 5.94 -22.09
CA LEU H 196 36.28 4.50 -22.27
C LEU H 196 36.91 4.06 -20.99
N ILE H 197 36.25 3.14 -20.30
CA ILE H 197 36.73 2.65 -19.01
C ILE H 197 36.88 1.13 -19.02
N GLN H 198 37.60 0.64 -18.03
CA GLN H 198 37.91 -0.78 -17.90
C GLN H 198 37.74 -1.21 -16.46
N LYS H 199 37.35 -2.46 -16.25
CA LYS H 199 37.22 -3.00 -14.89
C LYS H 199 38.58 -3.03 -14.18
N GLU H 200 38.54 -3.02 -12.86
CA GLU H 200 39.75 -2.92 -12.05
C GLU H 200 40.56 -4.22 -12.04
N ASN H 201 39.89 -5.36 -11.92
CA ASN H 201 40.57 -6.64 -11.87
C ASN H 201 41.30 -6.97 -13.17
N ALA H 202 42.54 -7.40 -13.03
CA ALA H 202 43.40 -7.67 -14.17
C ALA H 202 42.75 -8.63 -15.14
N LEU H 203 42.93 -8.37 -16.43
CA LEU H 203 42.48 -9.27 -17.47
C LEU H 203 43.55 -10.34 -17.71
N SER H 204 43.19 -11.39 -18.44
CA SER H 204 44.16 -12.33 -18.95
C SER H 204 45.14 -11.60 -19.86
N LYS H 205 46.32 -12.19 -20.07
CA LYS H 205 47.34 -11.55 -20.89
C LYS H 205 46.85 -11.32 -22.30
N GLU H 206 46.10 -12.28 -22.83
CA GLU H 206 45.58 -12.21 -24.19
C GLU H 206 44.54 -11.11 -24.32
N LYS H 207 43.61 -11.04 -23.37
CA LYS H 207 42.60 -9.98 -23.38
C LYS H 207 43.22 -8.60 -23.21
N GLN H 208 44.17 -8.47 -22.29
CA GLN H 208 44.83 -7.18 -22.08
C GLN H 208 45.59 -6.72 -23.33
N ALA H 209 46.21 -7.66 -24.04
CA ALA H 209 46.93 -7.33 -25.25
C ALA H 209 45.97 -6.84 -26.32
N LEU H 210 44.79 -7.46 -26.41
CA LEU H 210 43.76 -6.99 -27.34
C LEU H 210 43.29 -5.58 -26.99
N VAL H 211 43.11 -5.31 -25.69
CA VAL H 211 42.73 -3.97 -25.25
C VAL H 211 43.82 -2.97 -25.64
N ASP H 212 45.08 -3.33 -25.40
CA ASP H 212 46.21 -2.47 -25.75
C ASP H 212 46.19 -2.12 -27.23
N LYS H 213 45.97 -3.12 -28.06
CA LYS H 213 45.86 -2.91 -29.50
C LYS H 213 44.69 -1.97 -29.86
N ILE H 214 43.53 -2.20 -29.24
CA ILE H 214 42.35 -1.35 -29.50
C ILE H 214 42.60 0.09 -29.07
N MET H 215 43.22 0.27 -27.91
CA MET H 215 43.59 1.61 -27.43
C MET H 215 44.46 2.43 -28.37
N LEU H 216 45.42 1.79 -29.01
CA LEU H 216 46.28 2.50 -29.98
C LEU H 216 45.48 2.90 -31.19
N ARG H 217 44.55 2.04 -31.59
CA ARG H 217 43.60 2.38 -32.65
C ARG H 217 42.66 3.53 -32.27
N VAL H 218 42.16 3.52 -31.05
CA VAL H 218 41.31 4.61 -30.57
C VAL H 218 42.02 5.96 -30.66
N ALA H 219 43.26 5.99 -30.16
CA ALA H 219 44.08 7.21 -30.21
C ALA H 219 44.30 7.66 -31.65
N GLY H 220 44.64 6.71 -32.51
CA GLY H 220 44.81 7.01 -33.94
C GLY H 220 43.57 7.58 -34.60
N VAL H 221 42.42 6.95 -34.34
CA VAL H 221 41.16 7.42 -34.91
C VAL H 221 40.86 8.85 -34.47
N MET H 222 41.06 9.14 -33.19
CA MET H 222 40.78 10.47 -32.66
C MET H 222 41.76 11.51 -33.22
N GLN H 223 43.02 11.13 -33.38
CA GLN H 223 44.05 12.07 -33.90
C GLN H 223 43.79 12.40 -35.37
N ALA H 224 43.42 11.39 -36.15
CA ALA H 224 43.08 11.57 -37.56
C ALA H 224 41.89 12.52 -37.77
N ARG H 225 40.93 12.52 -36.82
CA ARG H 225 39.77 13.44 -36.87
C ARG H 225 40.19 14.87 -36.67
N GLU H 226 41.19 15.08 -35.84
CA GLU H 226 41.62 16.42 -35.45
C GLU H 226 42.71 16.95 -36.39
N SER H 227 43.71 16.12 -36.69
CA SER H 227 44.85 16.54 -37.51
C SER H 227 44.49 16.75 -38.98
N LYS H 228 45.17 17.70 -39.62
CA LYS H 228 45.02 17.93 -41.04
C LYS H 228 46.39 18.01 -41.72
N TYR H 229 46.42 17.68 -43.00
CA TYR H 229 47.64 17.81 -43.78
C TYR H 229 47.64 19.18 -44.44
N ILE H 230 48.67 19.96 -44.13
CA ILE H 230 48.74 21.35 -44.55
C ILE H 230 49.86 21.62 -45.53
N MET H 231 49.56 22.38 -46.57
CA MET H 231 50.55 22.84 -47.51
C MET H 231 50.35 24.35 -47.67
N LEU H 232 51.42 25.11 -47.61
CA LEU H 232 51.36 26.55 -47.83
C LEU H 232 52.67 27.12 -48.32
N HIS H 233 52.61 28.35 -48.82
CA HIS H 233 53.80 29.12 -49.15
C HIS H 233 54.05 30.13 -48.04
N ALA H 234 55.31 30.22 -47.60
CA ALA H 234 55.70 31.15 -46.55
C ALA H 234 56.96 31.93 -46.98
N PRO H 235 57.00 33.24 -46.69
CA PRO H 235 58.27 33.96 -46.82
C PRO H 235 59.31 33.43 -45.86
N LYS H 236 60.55 33.30 -46.32
CA LYS H 236 61.64 32.78 -45.48
C LYS H 236 61.82 33.63 -44.23
N GLU H 237 61.61 34.93 -44.39
CA GLU H 237 61.71 35.89 -43.29
C GLU H 237 60.66 35.73 -42.19
N LYS H 238 59.57 35.06 -42.51
CA LYS H 238 58.48 34.92 -41.55
C LYS H 238 58.29 33.49 -41.06
N LEU H 239 59.27 32.64 -41.33
CA LEU H 239 59.12 31.22 -41.08
C LEU H 239 58.89 30.88 -39.61
N ASP H 240 59.63 31.53 -38.72
CA ASP H 240 59.51 31.21 -37.31
C ASP H 240 58.12 31.53 -36.73
N LYS H 241 57.58 32.67 -37.14
CA LYS H 241 56.27 33.16 -36.69
C LYS H 241 55.14 32.21 -37.21
N ILE H 242 55.27 31.78 -38.46
CA ILE H 242 54.31 30.85 -39.07
C ILE H 242 54.27 29.50 -38.37
N GLN H 243 55.44 28.94 -38.05
CA GLN H 243 55.52 27.67 -37.33
C GLN H 243 54.93 27.76 -35.92
N ALA H 244 55.11 28.90 -35.27
CA ALA H 244 54.53 29.14 -33.94
C ALA H 244 52.99 29.18 -33.99
N LEU H 245 52.45 29.70 -35.09
CA LEU H 245 51.00 29.72 -35.31
C LEU H 245 50.40 28.33 -35.55
N LEU H 246 51.23 27.38 -36.01
CA LEU H 246 50.76 26.03 -36.40
C LEU H 246 51.57 24.92 -35.69
N PRO H 247 51.24 24.59 -34.44
CA PRO H 247 51.90 23.42 -33.81
C PRO H 247 51.66 22.13 -34.60
N GLY H 248 52.72 21.38 -34.86
CA GLY H 248 52.64 20.17 -35.66
C GLY H 248 52.95 18.90 -34.88
N VAL H 249 52.57 17.78 -35.46
CA VAL H 249 52.85 16.46 -34.88
C VAL H 249 54.34 16.13 -35.03
N GLU H 250 54.95 16.63 -36.12
CA GLU H 250 56.39 16.54 -36.36
C GLU H 250 56.91 17.91 -36.84
N ARG H 251 58.21 18.00 -37.11
CA ARG H 251 58.79 19.22 -37.69
C ARG H 251 58.27 19.38 -39.13
N PRO H 252 58.00 20.62 -39.55
CA PRO H 252 57.55 20.81 -40.93
C PRO H 252 58.61 20.46 -41.97
N THR H 253 58.16 19.97 -43.12
CA THR H 253 59.02 19.77 -44.25
C THR H 253 59.06 21.08 -45.02
N ILE H 254 60.27 21.56 -45.29
CA ILE H 254 60.47 22.82 -45.98
C ILE H 254 61.08 22.54 -47.34
N LEU H 255 60.45 23.05 -48.38
CA LEU H 255 60.87 22.78 -49.75
C LEU H 255 61.07 24.09 -50.50
N PRO H 256 62.16 24.18 -51.29
CA PRO H 256 62.37 25.39 -52.10
C PRO H 256 61.35 25.49 -53.23
N LEU H 257 60.94 26.70 -53.57
CA LEU H 257 60.02 26.94 -54.71
C LEU H 257 60.79 27.23 -56.03
N GLU H 261 62.54 32.21 -54.57
CA GLU H 261 63.77 32.69 -53.93
C GLU H 261 63.53 33.32 -52.52
N LYS H 262 62.56 34.22 -52.46
CA LYS H 262 62.13 34.84 -51.19
C LYS H 262 61.18 33.94 -50.37
N ASN H 263 60.55 32.96 -51.03
CA ASN H 263 59.57 32.09 -50.37
C ASN H 263 59.93 30.61 -50.41
N VAL H 264 59.33 29.86 -49.48
CA VAL H 264 59.41 28.40 -49.44
C VAL H 264 58.04 27.73 -49.33
N ALA H 265 57.98 26.46 -49.70
CA ALA H 265 56.79 25.65 -49.49
C ALA H 265 56.93 24.92 -48.15
N LEU H 266 55.86 24.91 -47.38
CA LEU H 266 55.81 24.24 -46.08
C LEU H 266 54.75 23.14 -46.13
N HIS H 267 55.15 21.91 -45.82
CA HIS H 267 54.23 20.77 -45.71
C HIS H 267 54.30 20.28 -44.29
N MET H 268 53.15 20.09 -43.66
CA MET H 268 53.11 19.65 -42.28
C MET H 268 51.76 19.03 -41.87
N VAL H 269 51.76 18.37 -40.73
CA VAL H 269 50.57 17.77 -40.14
C VAL H 269 50.26 18.53 -38.86
N SER H 270 49.10 19.17 -38.79
CA SER H 270 48.74 19.94 -37.60
C SER H 270 48.35 18.99 -36.46
N LYS H 271 48.62 19.40 -35.22
CA LYS H 271 48.25 18.63 -34.03
C LYS H 271 46.75 18.82 -33.77
N GLU H 272 46.26 20.02 -34.05
CA GLU H 272 44.86 20.37 -33.86
C GLU H 272 44.25 20.77 -35.20
N ASN H 273 42.93 20.90 -35.20
CA ASN H 273 42.23 21.31 -36.41
C ASN H 273 42.50 22.78 -36.72
N LEU H 274 42.39 23.16 -37.98
CA LEU H 274 42.61 24.54 -38.40
C LEU H 274 41.32 25.33 -38.47
N PHE H 275 41.20 26.33 -37.61
CA PHE H 275 40.07 27.25 -37.67
C PHE H 275 40.40 28.43 -38.51
N TRP H 276 39.36 29.15 -38.91
CA TRP H 276 39.53 30.32 -39.75
C TRP H 276 40.43 31.38 -39.13
N GLU H 277 40.38 31.54 -37.81
CA GLU H 277 41.26 32.48 -37.12
C GLU H 277 42.72 32.20 -37.41
N THR H 278 43.11 30.92 -37.35
CA THR H 278 44.47 30.51 -37.64
C THR H 278 44.82 30.75 -39.10
N MET H 279 43.88 30.42 -40.00
CA MET H 279 44.09 30.64 -41.42
C MET H 279 44.36 32.12 -41.65
N GLU H 280 43.56 32.97 -41.00
CA GLU H 280 43.67 34.41 -41.15
C GLU H 280 44.95 34.97 -40.54
N ALA H 281 45.33 34.45 -39.38
CA ALA H 281 46.61 34.82 -38.76
C ALA H 281 47.79 34.44 -39.67
N LEU H 282 47.73 33.25 -40.28
CA LEU H 282 48.79 32.82 -41.21
C LEU H 282 48.90 33.80 -42.37
N LYS H 283 47.77 34.18 -42.94
CA LYS H 283 47.76 35.14 -44.03
C LYS H 283 48.32 36.49 -43.61
N GLU H 284 47.94 36.94 -42.42
CA GLU H 284 48.47 38.17 -41.87
C GLU H 284 50.00 38.16 -41.79
N GLU H 285 50.57 37.03 -41.38
CA GLU H 285 52.01 36.85 -41.33
C GLU H 285 52.67 36.64 -42.70
N GLY H 286 51.91 36.71 -43.79
CA GLY H 286 52.45 36.63 -45.14
C GLY H 286 52.34 35.28 -45.83
N ALA H 287 51.77 34.28 -45.15
CA ALA H 287 51.56 32.98 -45.78
C ALA H 287 50.56 33.10 -46.93
N SER H 288 50.74 32.27 -47.95
CA SER H 288 49.81 32.22 -49.08
C SER H 288 49.61 30.78 -49.58
N SER H 289 48.63 30.60 -50.47
CA SER H 289 48.29 29.29 -51.04
C SER H 289 48.11 28.23 -49.96
N ILE H 290 47.29 28.53 -48.98
CA ILE H 290 47.12 27.65 -47.83
C ILE H 290 46.12 26.55 -48.16
N LEU H 291 46.56 25.29 -48.08
CA LEU H 291 45.72 24.14 -48.36
C LEU H 291 45.65 23.25 -47.16
N VAL H 292 44.44 22.82 -46.84
CA VAL H 292 44.20 21.93 -45.69
C VAL H 292 43.47 20.71 -46.23
N LEU H 293 44.13 19.54 -46.14
CA LEU H 293 43.56 18.30 -46.62
C LEU H 293 43.19 17.39 -45.45
N PRO H 294 42.13 16.58 -45.62
CA PRO H 294 41.72 15.68 -44.56
C PRO H 294 42.59 14.47 -44.51
N ILE H 295 42.69 13.88 -43.32
CA ILE H 295 43.44 12.67 -43.08
C ILE H 295 42.46 11.59 -42.64
N GLU H 296 42.56 10.42 -43.25
CA GLU H 296 41.65 9.31 -42.95
C GLU H 296 42.17 8.40 -41.84
N LYS H 297 43.48 8.15 -41.83
CA LYS H 297 44.12 7.34 -40.79
C LYS H 297 45.53 7.83 -40.54
N MET H 298 46.00 7.65 -39.31
CA MET H 298 47.38 7.96 -39.00
C MET H 298 47.88 7.17 -37.80
N LEU H 299 49.20 7.08 -37.71
CA LEU H 299 49.91 6.42 -36.62
C LEU H 299 51.31 7.04 -36.57
N LYS H 300 51.65 7.68 -35.45
CA LYS H 300 52.95 8.36 -35.34
C LYS H 300 54.13 7.38 -35.25
N THR I 6 -17.84 21.27 -68.95
CA THR I 6 -19.05 20.51 -68.52
C THR I 6 -19.00 20.05 -67.05
N ARG I 7 -17.80 19.64 -66.66
CA ARG I 7 -17.54 19.16 -65.30
C ARG I 7 -17.38 20.31 -64.31
N LEU I 8 -17.88 20.09 -63.10
CA LEU I 8 -17.84 21.08 -62.03
C LEU I 8 -16.44 21.18 -61.46
N ARG I 9 -15.94 22.39 -61.28
CA ARG I 9 -14.57 22.61 -60.81
C ARG I 9 -14.53 23.15 -59.39
N ILE I 10 -13.85 22.42 -58.51
CA ILE I 10 -13.75 22.76 -57.09
C ILE I 10 -12.30 22.96 -56.73
N ALA I 11 -11.96 24.13 -56.19
CA ALA I 11 -10.60 24.42 -55.79
C ALA I 11 -10.44 24.18 -54.30
N ILE I 12 -9.46 23.36 -53.93
CA ILE I 12 -9.10 23.13 -52.53
C ILE I 12 -7.59 23.30 -52.35
N GLN I 13 -7.16 23.42 -51.11
CA GLN I 13 -5.75 23.57 -50.79
C GLN I 13 -4.96 22.29 -51.07
N LYS I 14 -3.85 22.41 -51.80
CA LYS I 14 -2.99 21.27 -52.16
C LYS I 14 -2.42 20.60 -50.92
N SER I 15 -1.79 21.39 -50.06
CA SER I 15 -1.21 20.88 -48.84
C SER I 15 -1.14 21.99 -47.83
N GLY I 16 -1.50 21.68 -46.59
CA GLY I 16 -1.63 22.67 -45.55
C GLY I 16 -2.71 22.26 -44.58
N ARG I 17 -3.11 23.20 -43.77
CA ARG I 17 -4.01 22.91 -42.66
C ARG I 17 -5.44 22.56 -43.07
N LEU I 18 -5.85 22.92 -44.28
CA LEU I 18 -7.22 22.66 -44.74
C LEU I 18 -7.31 21.44 -45.63
N SER I 19 -6.16 20.94 -46.10
CA SER I 19 -6.17 19.94 -47.16
C SER I 19 -6.87 18.67 -46.79
N LYS I 20 -6.47 18.08 -45.67
CA LYS I 20 -6.99 16.75 -45.30
C LYS I 20 -8.51 16.83 -45.12
N GLU I 21 -8.95 17.83 -44.36
CA GLU I 21 -10.38 17.98 -44.06
C GLU I 21 -11.22 18.39 -45.26
N SER I 22 -10.64 19.11 -46.22
CA SER I 22 -11.34 19.42 -47.46
C SER I 22 -11.61 18.16 -48.28
N ILE I 23 -10.60 17.31 -48.42
CA ILE I 23 -10.75 16.03 -49.12
C ILE I 23 -11.74 15.11 -48.40
N GLU I 24 -11.59 15.01 -47.07
CA GLU I 24 -12.47 14.18 -46.25
C GLU I 24 -13.94 14.59 -46.45
N LEU I 25 -14.21 15.90 -46.43
CA LEU I 25 -15.58 16.38 -46.62
C LEU I 25 -16.15 15.95 -47.96
N LEU I 26 -15.38 16.14 -49.02
CA LEU I 26 -15.84 15.76 -50.35
C LEU I 26 -16.06 14.26 -50.45
N SER I 27 -15.14 13.52 -49.85
CA SER I 27 -15.23 12.06 -49.85
C SER I 27 -16.48 11.58 -49.08
N GLU I 28 -16.71 12.16 -47.91
CA GLU I 28 -17.92 11.83 -47.15
C GLU I 28 -19.22 12.29 -47.84
N CYS I 29 -19.12 13.24 -48.76
CA CYS I 29 -20.26 13.63 -49.60
C CYS I 29 -20.39 12.75 -50.83
N GLY I 30 -19.69 11.63 -50.85
CA GLY I 30 -19.83 10.66 -51.93
C GLY I 30 -19.10 11.06 -53.21
N VAL I 31 -18.13 11.98 -53.12
CA VAL I 31 -17.27 12.26 -54.27
C VAL I 31 -16.08 11.30 -54.23
N LYS I 32 -16.13 10.27 -55.06
CA LYS I 32 -15.05 9.30 -55.19
C LYS I 32 -13.98 9.85 -56.11
N MET I 33 -12.72 9.75 -55.67
CA MET I 33 -11.58 10.23 -56.43
C MET I 33 -10.30 9.61 -55.90
N HIS I 34 -9.26 9.56 -56.73
CA HIS I 34 -7.94 9.09 -56.31
C HIS I 34 -6.97 10.26 -56.36
N ILE I 35 -6.47 10.67 -55.21
CA ILE I 35 -5.51 11.78 -55.12
C ILE I 35 -4.10 11.27 -54.91
N HIS I 36 -3.21 11.64 -55.82
CA HIS I 36 -1.78 11.43 -55.65
C HIS I 36 -1.14 12.78 -55.41
N GLU I 37 -0.33 12.87 -54.36
CA GLU I 37 0.24 14.15 -53.90
C GLU I 37 0.85 14.99 -55.03
N GLN I 38 1.49 14.34 -55.99
CA GLN I 38 2.10 15.04 -57.11
C GLN I 38 1.07 15.55 -58.15
N SER I 39 -0.11 14.91 -58.21
CA SER I 39 -1.16 15.32 -59.15
C SER I 39 -1.98 16.50 -58.60
N LEU I 40 -2.08 17.53 -59.43
CA LEU I 40 -2.70 18.79 -59.05
C LEU I 40 -4.15 18.90 -59.48
N ILE I 41 -4.61 17.94 -60.29
CA ILE I 41 -6.04 17.81 -60.63
C ILE I 41 -6.47 16.37 -60.44
N ALA I 42 -7.49 16.17 -59.60
CA ALA I 42 -8.08 14.86 -59.41
C ALA I 42 -9.45 14.87 -60.07
N PHE I 43 -9.74 13.81 -60.82
CA PHE I 43 -11.00 13.68 -61.52
C PHE I 43 -11.87 12.69 -60.77
N SER I 44 -13.07 13.11 -60.38
CA SER I 44 -14.00 12.22 -59.70
C SER I 44 -14.43 11.10 -60.64
N THR I 45 -14.43 9.88 -60.14
CA THR I 45 -14.74 8.70 -60.95
C THR I 45 -16.24 8.45 -61.06
N ASN I 46 -17.01 8.91 -60.07
CA ASN I 46 -18.46 8.67 -60.03
C ASN I 46 -19.33 9.90 -60.25
N LEU I 47 -18.74 11.09 -60.28
CA LEU I 47 -19.50 12.32 -60.52
C LEU I 47 -18.72 13.22 -61.48
N PRO I 48 -19.43 14.10 -62.21
CA PRO I 48 -18.76 15.02 -63.13
C PRO I 48 -18.12 16.21 -62.40
N ILE I 49 -17.03 15.94 -61.68
CA ILE I 49 -16.39 16.91 -60.82
C ILE I 49 -14.88 16.81 -60.95
N ASP I 50 -14.24 17.98 -61.10
CA ASP I 50 -12.78 18.08 -61.10
C ASP I 50 -12.33 18.82 -59.85
N ILE I 51 -11.40 18.23 -59.11
CA ILE I 51 -10.88 18.89 -57.93
C ILE I 51 -9.53 19.46 -58.29
N LEU I 52 -9.35 20.74 -58.06
CA LEU I 52 -8.10 21.39 -58.38
C LEU I 52 -7.38 21.66 -57.08
N ARG I 53 -6.15 21.17 -56.98
CA ARG I 53 -5.39 21.36 -55.76
C ARG I 53 -4.41 22.48 -55.98
N VAL I 54 -4.61 23.57 -55.27
CA VAL I 54 -3.88 24.80 -55.50
C VAL I 54 -3.38 25.39 -54.18
N ARG I 55 -2.68 26.51 -54.27
CA ARG I 55 -2.24 27.23 -53.07
C ARG I 55 -3.47 28.01 -52.57
N ASP I 56 -3.67 28.02 -51.26
CA ASP I 56 -4.90 28.56 -50.70
C ASP I 56 -5.04 30.03 -51.06
N ASP I 57 -3.92 30.74 -51.10
CA ASP I 57 -3.85 32.14 -51.51
C ASP I 57 -4.57 32.46 -52.79
N ASP I 58 -4.59 31.52 -53.73
CA ASP I 58 -5.18 31.78 -55.06
C ASP I 58 -6.67 31.46 -55.14
N ILE I 59 -7.19 30.75 -54.15
CA ILE I 59 -8.58 30.25 -54.24
C ILE I 59 -9.60 31.40 -54.34
N PRO I 60 -9.48 32.42 -53.49
CA PRO I 60 -10.40 33.53 -53.65
C PRO I 60 -10.38 34.13 -55.05
N GLY I 61 -9.19 34.40 -55.58
CA GLY I 61 -9.06 34.98 -56.90
C GLY I 61 -9.65 34.12 -57.99
N LEU I 62 -9.43 32.80 -57.91
CA LEU I 62 -9.99 31.90 -58.91
C LEU I 62 -11.52 31.97 -58.90
N ILE I 63 -12.09 32.11 -57.71
CA ILE I 63 -13.53 32.25 -57.54
C ILE I 63 -14.03 33.62 -58.01
N PHE I 64 -13.37 34.69 -57.55
CA PHE I 64 -13.71 36.05 -58.01
C PHE I 64 -13.72 36.17 -59.54
N ASP I 65 -12.77 35.51 -60.20
CA ASP I 65 -12.61 35.59 -61.66
C ASP I 65 -13.49 34.59 -62.39
N GLY I 66 -14.23 33.75 -61.65
CA GLY I 66 -15.20 32.86 -62.24
C GLY I 66 -14.59 31.66 -62.93
N VAL I 67 -13.32 31.36 -62.66
CA VAL I 67 -12.57 30.34 -63.42
C VAL I 67 -12.62 28.98 -62.75
N VAL I 68 -13.09 28.94 -61.50
CA VAL I 68 -13.57 27.70 -60.89
C VAL I 68 -14.97 27.95 -60.34
N ASP I 69 -15.70 26.88 -60.08
CA ASP I 69 -17.10 27.00 -59.66
C ASP I 69 -17.22 27.08 -58.14
N LEU I 70 -16.53 26.18 -57.44
CA LEU I 70 -16.54 26.17 -55.99
C LEU I 70 -15.13 26.24 -55.41
N GLY I 71 -15.05 26.68 -54.17
CA GLY I 71 -13.78 26.68 -53.43
C GLY I 71 -13.96 26.47 -51.95
N ILE I 72 -12.98 25.81 -51.34
CA ILE I 72 -12.93 25.70 -49.88
C ILE I 72 -11.73 26.47 -49.38
N ILE I 73 -11.98 27.49 -48.57
CA ILE I 73 -10.94 28.43 -48.18
C ILE I 73 -11.21 28.96 -46.78
N GLY I 74 -10.15 29.36 -46.08
CA GLY I 74 -10.31 30.03 -44.81
C GLY I 74 -10.88 31.42 -44.99
N GLU I 75 -11.80 31.79 -44.11
CA GLU I 75 -12.43 33.11 -44.13
C GLU I 75 -11.41 34.25 -44.13
N ASN I 76 -10.40 34.10 -43.30
CA ASN I 76 -9.34 35.09 -43.21
C ASN I 76 -8.70 35.40 -44.58
N VAL I 77 -8.38 34.36 -45.35
CA VAL I 77 -7.72 34.53 -46.63
C VAL I 77 -8.72 35.09 -47.64
N LEU I 78 -9.95 34.57 -47.59
CA LEU I 78 -11.01 35.07 -48.45
C LEU I 78 -11.20 36.59 -48.30
N GLU I 79 -11.36 37.06 -47.08
CA GLU I 79 -11.64 38.49 -46.92
C GLU I 79 -10.42 39.37 -47.09
N GLU I 80 -9.24 38.89 -46.69
CA GLU I 80 -8.03 39.63 -46.94
C GLU I 80 -7.92 39.92 -48.44
N ASN I 81 -8.14 38.91 -49.27
CA ASN I 81 -8.02 39.05 -50.72
C ASN I 81 -9.15 39.86 -51.33
N GLU I 82 -10.35 39.69 -50.79
CA GLU I 82 -11.46 40.53 -51.18
C GLU I 82 -11.13 42.00 -50.93
N LEU I 83 -10.70 42.32 -49.72
CA LEU I 83 -10.36 43.69 -49.36
C LEU I 83 -9.23 44.26 -50.24
N GLU I 84 -8.22 43.44 -50.49
CA GLU I 84 -7.09 43.86 -51.31
C GLU I 84 -7.53 44.24 -52.72
N ARG I 85 -8.34 43.39 -53.34
CA ARG I 85 -8.85 43.69 -54.67
C ARG I 85 -9.76 44.90 -54.71
N GLN I 86 -10.57 45.09 -53.66
CA GLN I 86 -11.38 46.30 -53.54
C GLN I 86 -10.51 47.55 -53.49
N SER I 87 -9.36 47.47 -52.80
CA SER I 87 -8.46 48.61 -52.67
C SER I 87 -7.74 48.95 -53.96
N LEU I 88 -7.71 48.01 -54.91
CA LEU I 88 -7.24 48.27 -56.25
C LEU I 88 -8.37 48.67 -57.22
N GLY I 89 -9.55 49.00 -56.69
CA GLY I 89 -10.67 49.46 -57.49
C GLY I 89 -11.54 48.36 -58.09
N GLU I 90 -11.23 47.09 -57.82
CA GLU I 90 -12.00 46.00 -58.44
C GLU I 90 -13.24 45.76 -57.61
N ASN I 91 -14.14 44.95 -58.14
CA ASN I 91 -15.36 44.61 -57.45
C ASN I 91 -15.54 43.08 -57.34
N PRO I 92 -14.69 42.44 -56.52
CA PRO I 92 -14.77 40.98 -56.40
C PRO I 92 -16.07 40.58 -55.74
N SER I 93 -16.65 39.48 -56.19
CA SER I 93 -17.87 38.99 -55.58
C SER I 93 -17.93 37.49 -55.65
N TYR I 94 -18.75 36.92 -54.76
CA TYR I 94 -18.85 35.48 -54.62
C TYR I 94 -20.08 35.16 -53.78
N LYS I 95 -20.48 33.89 -53.79
CA LYS I 95 -21.56 33.41 -52.93
C LYS I 95 -20.97 32.56 -51.81
N LEU I 96 -21.30 32.92 -50.57
CA LEU I 96 -20.94 32.10 -49.43
C LEU I 96 -22.01 31.02 -49.31
N LEU I 97 -21.64 29.76 -49.57
CA LEU I 97 -22.58 28.66 -49.46
C LEU I 97 -22.71 28.11 -48.05
N LYS I 98 -21.59 27.98 -47.33
CA LYS I 98 -21.59 27.34 -46.02
C LYS I 98 -20.32 27.60 -45.23
N LYS I 99 -20.47 27.99 -43.97
CA LYS I 99 -19.37 28.03 -43.03
C LYS I 99 -19.18 26.59 -42.52
N LEU I 100 -17.94 26.10 -42.60
CA LEU I 100 -17.66 24.68 -42.34
C LEU I 100 -17.19 24.45 -40.91
N ASP I 101 -17.02 23.17 -40.54
CA ASP I 101 -16.73 22.83 -39.14
C ASP I 101 -15.26 22.49 -38.93
N PHE I 102 -14.37 23.13 -39.68
CA PHE I 102 -12.92 23.01 -39.46
C PHE I 102 -12.20 24.28 -39.90
N GLY I 103 -10.89 24.29 -39.76
CA GLY I 103 -10.08 25.47 -40.08
C GLY I 103 -10.25 26.61 -39.09
N TYR I 104 -10.59 26.28 -37.86
CA TYR I 104 -10.79 27.30 -36.83
C TYR I 104 -9.46 27.95 -36.45
N CYS I 105 -9.42 29.27 -36.50
CA CYS I 105 -8.27 30.00 -36.01
C CYS I 105 -8.67 31.43 -35.78
N ARG I 106 -7.74 32.21 -35.23
CA ARG I 106 -8.00 33.61 -34.95
C ARG I 106 -6.80 34.48 -35.28
N LEU I 107 -7.10 35.71 -35.64
CA LEU I 107 -6.11 36.72 -35.91
C LEU I 107 -6.06 37.61 -34.68
N SER I 108 -4.89 37.74 -34.07
CA SER I 108 -4.75 38.43 -32.79
C SER I 108 -3.58 39.39 -32.75
N LEU I 109 -3.80 40.53 -32.11
CA LEU I 109 -2.72 41.43 -31.77
C LEU I 109 -1.91 40.84 -30.61
N ALA I 110 -0.60 40.93 -30.73
CA ALA I 110 0.29 40.42 -29.70
C ALA I 110 1.43 41.41 -29.46
N LEU I 111 1.97 41.36 -28.24
CA LEU I 111 3.00 42.29 -27.77
C LEU I 111 4.10 41.50 -27.07
N PRO I 112 5.30 42.10 -26.93
CA PRO I 112 6.33 41.46 -26.11
C PRO I 112 5.82 41.20 -24.69
N GLN I 113 6.21 40.07 -24.11
CA GLN I 113 5.74 39.68 -22.75
C GLN I 113 5.95 40.82 -21.72
N GLU I 114 7.06 41.55 -21.84
CA GLU I 114 7.38 42.64 -20.92
C GLU I 114 6.41 43.84 -20.98
N ASN I 115 5.82 44.12 -22.14
CA ASN I 115 4.96 45.31 -22.30
C ASN I 115 3.70 45.27 -21.39
N LYS I 116 3.30 46.43 -20.85
CA LYS I 116 2.06 46.55 -20.06
C LYS I 116 0.93 46.90 -21.02
N PHE I 117 -0.03 45.97 -21.16
CA PHE I 117 -1.20 46.20 -22.01
C PHE I 117 -2.41 46.43 -21.12
N GLN I 118 -3.02 47.60 -21.27
CA GLN I 118 -4.28 47.92 -20.59
C GLN I 118 -5.46 47.91 -21.56
N ASN I 119 -5.31 48.62 -22.68
CA ASN I 119 -6.39 48.68 -23.68
C ASN I 119 -5.85 48.94 -25.09
N LEU I 120 -6.75 48.85 -26.06
CA LEU I 120 -6.42 49.01 -27.47
C LEU I 120 -5.68 50.32 -27.78
N LYS I 121 -5.95 51.38 -27.02
CA LYS I 121 -5.23 52.65 -27.19
C LYS I 121 -3.71 52.52 -27.01
N ASP I 122 -3.27 51.48 -26.31
CA ASP I 122 -1.82 51.22 -26.15
C ASP I 122 -1.12 50.91 -27.48
N PHE I 123 -1.87 50.55 -28.51
CA PHE I 123 -1.34 50.33 -29.86
C PHE I 123 -1.21 51.62 -30.67
N GLU I 124 -1.68 52.73 -30.12
CA GLU I 124 -1.64 54.01 -30.84
C GLU I 124 -0.22 54.34 -31.26
N GLY I 125 -0.02 54.48 -32.57
CA GLY I 125 1.25 54.92 -33.12
C GLY I 125 2.32 53.84 -33.22
N LEU I 126 1.98 52.60 -32.88
CA LEU I 126 2.96 51.52 -32.94
C LEU I 126 3.15 51.01 -34.35
N ARG I 127 4.32 50.43 -34.61
CA ARG I 127 4.57 49.67 -35.81
C ARG I 127 4.02 48.27 -35.59
N ILE I 128 3.17 47.79 -36.48
CA ILE I 128 2.56 46.45 -36.33
C ILE I 128 2.84 45.58 -37.54
N ALA I 129 3.48 44.44 -37.32
CA ALA I 129 3.82 43.50 -38.39
C ALA I 129 2.73 42.46 -38.59
N THR I 130 2.36 42.20 -39.84
CA THR I 130 1.29 41.25 -40.12
C THR I 130 1.36 40.71 -41.54
N SER I 131 0.86 39.49 -41.73
CA SER I 131 0.58 38.97 -43.06
C SER I 131 -0.82 39.33 -43.55
N TYR I 132 -1.61 40.01 -42.73
CA TYR I 132 -3.00 40.33 -43.07
C TYR I 132 -3.23 41.82 -42.94
N PRO I 133 -2.50 42.62 -43.73
CA PRO I 133 -2.60 44.06 -43.66
C PRO I 133 -4.02 44.60 -43.76
N GLN I 134 -4.82 44.05 -44.67
CA GLN I 134 -6.17 44.58 -44.91
C GLN I 134 -7.08 44.31 -43.73
N LEU I 135 -7.04 43.09 -43.20
CA LEU I 135 -7.88 42.76 -42.03
C LEU I 135 -7.49 43.61 -40.83
N LEU I 136 -6.19 43.78 -40.60
CA LEU I 136 -5.72 44.66 -39.56
C LEU I 136 -6.20 46.08 -39.78
N LYS I 137 -6.03 46.58 -41.00
CA LYS I 137 -6.41 47.95 -41.31
C LYS I 137 -7.89 48.22 -41.05
N ARG I 138 -8.74 47.32 -41.51
CA ARG I 138 -10.17 47.47 -41.29
C ARG I 138 -10.50 47.51 -39.80
N PHE I 139 -9.89 46.63 -39.02
CA PHE I 139 -10.14 46.61 -37.57
C PHE I 139 -9.65 47.90 -36.90
N MET I 140 -8.46 48.38 -37.28
CA MET I 140 -7.91 49.57 -36.67
C MET I 140 -8.70 50.83 -37.04
N LYS I 141 -9.19 50.88 -38.28
CA LYS I 141 -10.06 51.98 -38.71
C LYS I 141 -11.38 51.97 -37.93
N GLU I 142 -12.00 50.80 -37.82
CA GLU I 142 -13.24 50.65 -37.04
C GLU I 142 -13.12 51.12 -35.59
N ASN I 143 -11.95 50.92 -35.00
CA ASN I 143 -11.70 51.34 -33.63
C ASN I 143 -10.92 52.66 -33.48
N GLY I 144 -10.72 53.36 -34.58
CA GLY I 144 -10.07 54.67 -34.58
C GLY I 144 -8.66 54.71 -34.01
N ILE I 145 -7.85 53.71 -34.30
CA ILE I 145 -6.45 53.69 -33.85
C ILE I 145 -5.50 53.84 -35.02
N ASN I 146 -4.63 54.85 -34.95
CA ASN I 146 -3.55 55.04 -35.91
C ASN I 146 -2.34 54.17 -35.60
N TYR I 147 -1.71 53.62 -36.64
CA TYR I 147 -0.56 52.74 -36.48
C TYR I 147 0.27 52.75 -37.75
N LYS I 148 1.44 52.12 -37.71
CA LYS I 148 2.28 51.95 -38.89
C LYS I 148 2.31 50.47 -39.30
N ASN I 149 1.88 50.17 -40.52
CA ASN I 149 1.83 48.80 -41.02
C ASN I 149 3.19 48.31 -41.45
N CYS I 150 3.53 47.07 -41.08
CA CYS I 150 4.70 46.39 -41.61
C CYS I 150 4.27 45.01 -42.14
N THR I 151 4.29 44.84 -43.45
CA THR I 151 3.83 43.59 -44.05
C THR I 151 4.96 42.57 -44.13
N LEU I 152 4.73 41.41 -43.52
CA LEU I 152 5.61 40.26 -43.65
C LEU I 152 4.74 39.10 -44.06
N THR I 153 5.22 38.30 -45.01
CA THR I 153 4.42 37.22 -45.53
C THR I 153 4.62 35.92 -44.75
N GLY I 154 5.44 35.96 -43.69
CA GLY I 154 5.67 34.79 -42.85
C GLY I 154 6.64 35.13 -41.73
N SER I 155 6.90 34.18 -40.82
CA SER I 155 7.77 34.43 -39.69
C SER I 155 7.43 35.74 -38.98
N VAL I 156 6.14 36.04 -38.84
CA VAL I 156 5.71 37.34 -38.34
C VAL I 156 6.22 37.58 -36.90
N GLU I 157 6.35 36.51 -36.11
CA GLU I 157 6.69 36.61 -34.70
C GLU I 157 8.15 37.04 -34.46
N VAL I 158 8.95 37.13 -35.52
CA VAL I 158 10.31 37.63 -35.42
C VAL I 158 10.35 39.15 -35.26
N ALA I 159 9.32 39.85 -35.74
CA ALA I 159 9.40 41.30 -35.94
C ALA I 159 9.79 42.13 -34.71
N PRO I 160 9.22 41.84 -33.52
CA PRO I 160 9.56 42.65 -32.34
C PRO I 160 11.01 42.47 -31.87
N ARG I 161 11.44 41.23 -31.65
CA ARG I 161 12.81 40.95 -31.24
C ARG I 161 13.83 41.44 -32.27
N ALA I 162 13.44 41.45 -33.55
CA ALA I 162 14.30 41.95 -34.62
C ALA I 162 14.11 43.44 -34.90
N ASN I 163 13.33 44.13 -34.06
CA ASN I 163 13.07 45.55 -34.21
C ASN I 163 12.52 45.96 -35.59
N LEU I 164 11.74 45.07 -36.22
CA LEU I 164 11.00 45.41 -37.44
C LEU I 164 9.66 46.05 -37.09
N ALA I 165 9.14 45.73 -35.92
CA ALA I 165 7.89 46.31 -35.44
C ALA I 165 7.85 46.30 -33.92
N ASP I 166 6.87 47.01 -33.36
CA ASP I 166 6.64 47.03 -31.91
C ASP I 166 5.67 45.94 -31.48
N ALA I 167 4.85 45.47 -32.42
CA ALA I 167 3.82 44.49 -32.15
C ALA I 167 3.53 43.68 -33.40
N ILE I 168 2.74 42.63 -33.26
CA ILE I 168 2.30 41.87 -34.40
C ILE I 168 0.80 41.62 -34.39
N CYS I 169 0.29 41.33 -35.57
CA CYS I 169 -1.06 40.82 -35.74
C CYS I 169 -0.92 39.52 -36.51
N ASP I 170 -1.08 38.40 -35.82
CA ASP I 170 -0.81 37.09 -36.41
C ASP I 170 -1.90 36.05 -36.14
N LEU I 171 -1.94 35.05 -37.00
CA LEU I 171 -2.81 33.88 -36.85
C LEU I 171 -2.31 33.03 -35.72
N VAL I 172 -3.22 32.62 -34.85
CA VAL I 172 -2.89 31.76 -33.73
C VAL I 172 -3.92 30.67 -33.55
N SER I 173 -3.49 29.56 -32.95
CA SER I 173 -4.42 28.54 -32.48
C SER I 173 -3.99 28.04 -31.12
N SER I 174 -2.88 27.31 -31.10
CA SER I 174 -2.26 26.86 -29.86
C SER I 174 -1.66 27.96 -29.00
N GLY I 175 -0.92 28.88 -29.63
CA GLY I 175 -0.14 29.87 -28.84
C GLY I 175 1.37 29.59 -28.75
N ALA I 176 1.77 28.39 -29.16
CA ALA I 176 3.17 27.93 -29.08
C ALA I 176 4.21 28.92 -29.60
N THR I 177 4.07 29.33 -30.86
CA THR I 177 5.06 30.15 -31.51
C THR I 177 5.23 31.52 -30.82
N LEU I 178 4.16 32.01 -30.19
CA LEU I 178 4.21 33.29 -29.47
C LEU I 178 5.08 33.20 -28.23
N GLN I 179 4.89 32.15 -27.44
CA GLN I 179 5.72 31.91 -26.24
C GLN I 179 7.18 31.81 -26.63
N ALA I 180 7.47 30.98 -27.64
CA ALA I 180 8.83 30.78 -28.13
C ALA I 180 9.55 32.07 -28.55
N ASN I 181 8.79 33.10 -28.93
CA ASN I 181 9.39 34.39 -29.30
C ASN I 181 9.11 35.51 -28.31
N ASN I 182 8.81 35.14 -27.07
CA ASN I 182 8.63 36.11 -25.98
C ASN I 182 7.50 37.10 -26.29
N LEU I 183 6.37 36.57 -26.78
CA LEU I 183 5.19 37.39 -27.08
C LEU I 183 3.98 36.88 -26.35
N LYS I 184 3.03 37.78 -26.11
CA LYS I 184 1.77 37.44 -25.49
C LYS I 184 0.63 37.92 -26.34
N GLU I 185 -0.39 37.06 -26.47
CA GLU I 185 -1.63 37.42 -27.11
C GLU I 185 -2.40 38.37 -26.21
N VAL I 186 -2.94 39.42 -26.79
CA VAL I 186 -3.59 40.47 -25.99
C VAL I 186 -4.95 40.96 -26.51
N LYS I 187 -5.27 40.74 -27.80
CA LYS I 187 -6.59 41.12 -28.33
C LYS I 187 -6.90 40.36 -29.61
N VAL I 188 -7.96 39.57 -29.60
CA VAL I 188 -8.43 38.87 -30.80
C VAL I 188 -9.17 39.87 -31.65
N ILE I 189 -8.77 40.02 -32.91
CA ILE I 189 -9.42 40.97 -33.82
C ILE I 189 -10.29 40.31 -34.88
N TYR I 190 -10.18 38.99 -35.04
CA TYR I 190 -10.87 38.32 -36.13
C TYR I 190 -10.86 36.83 -35.89
N GLU I 191 -12.02 36.20 -36.07
CA GLU I 191 -12.16 34.77 -35.89
C GLU I 191 -12.55 34.15 -37.22
N SER I 192 -11.93 33.02 -37.54
CA SER I 192 -12.03 32.47 -38.87
C SER I 192 -12.33 30.99 -38.84
N ARG I 193 -12.91 30.52 -39.92
CA ARG I 193 -13.06 29.11 -40.17
C ARG I 193 -13.12 28.89 -41.67
N ALA I 194 -12.99 27.64 -42.09
CA ALA I 194 -13.13 27.29 -43.48
C ALA I 194 -14.55 27.55 -43.96
N CYS I 195 -14.65 27.98 -45.22
CA CYS I 195 -15.91 28.22 -45.90
C CYS I 195 -15.95 27.57 -47.23
N LEU I 196 -17.15 27.21 -47.67
CA LEU I 196 -17.37 26.72 -49.01
C LEU I 196 -18.03 27.86 -49.77
N ILE I 197 -17.39 28.29 -50.86
CA ILE I 197 -17.87 29.43 -51.63
C ILE I 197 -18.08 29.05 -53.08
N GLN I 198 -18.82 29.91 -53.79
CA GLN I 198 -19.15 29.70 -55.18
C GLN I 198 -18.95 31.01 -55.95
N LYS I 199 -18.61 30.90 -57.23
CA LYS I 199 -18.47 32.07 -58.08
C LYS I 199 -19.82 32.78 -58.24
N GLU I 200 -19.77 34.07 -58.54
CA GLU I 200 -20.98 34.89 -58.63
C GLU I 200 -21.81 34.58 -59.86
N ASN I 201 -21.17 34.43 -61.01
CA ASN I 201 -21.89 34.20 -62.26
C ASN I 201 -22.65 32.87 -62.25
N ALA I 202 -23.91 32.93 -62.66
CA ALA I 202 -24.79 31.77 -62.65
C ALA I 202 -24.18 30.59 -63.37
N LEU I 203 -24.37 29.40 -62.80
CA LEU I 203 -23.94 28.17 -63.44
C LEU I 203 -25.04 27.69 -64.37
N SER I 204 -24.71 26.75 -65.23
CA SER I 204 -25.71 26.05 -66.01
C SER I 204 -26.69 25.37 -65.05
N LYS I 205 -27.89 25.06 -65.54
CA LYS I 205 -28.91 24.42 -64.71
C LYS I 205 -28.43 23.07 -64.16
N GLU I 206 -27.70 22.31 -64.99
CA GLU I 206 -27.19 21.01 -64.59
C GLU I 206 -26.12 21.12 -63.52
N LYS I 207 -25.18 22.04 -63.71
CA LYS I 207 -24.15 22.27 -62.70
C LYS I 207 -24.73 22.77 -61.39
N GLN I 208 -25.68 23.70 -61.45
CA GLN I 208 -26.29 24.25 -60.25
C GLN I 208 -27.05 23.16 -59.48
N ALA I 209 -27.69 22.26 -60.21
CA ALA I 209 -28.42 21.16 -59.57
C ALA I 209 -27.46 20.21 -58.88
N LEU I 210 -26.29 19.98 -59.47
CA LEU I 210 -25.26 19.18 -58.82
C LEU I 210 -24.75 19.86 -57.55
N VAL I 211 -24.55 21.17 -57.59
CA VAL I 211 -24.13 21.92 -56.41
C VAL I 211 -25.19 21.80 -55.32
N ASP I 212 -26.46 21.96 -55.69
CA ASP I 212 -27.58 21.86 -54.74
C ASP I 212 -27.57 20.51 -54.05
N LYS I 213 -27.38 19.44 -54.83
CA LYS I 213 -27.28 18.10 -54.29
C LYS I 213 -26.09 17.98 -53.32
N ILE I 214 -24.92 18.50 -53.72
CA ILE I 214 -23.74 18.43 -52.85
C ILE I 214 -23.97 19.18 -51.56
N MET I 215 -24.55 20.35 -51.65
CA MET I 215 -24.83 21.19 -50.46
C MET I 215 -25.68 20.49 -49.41
N LEU I 216 -26.69 19.75 -49.86
CA LEU I 216 -27.54 19.01 -48.93
C LEU I 216 -26.72 17.91 -48.25
N ARG I 217 -25.81 17.28 -49.01
CA ARG I 217 -24.87 16.32 -48.44
C ARG I 217 -23.92 16.94 -47.46
N VAL I 218 -23.40 18.12 -47.78
CA VAL I 218 -22.49 18.80 -46.86
C VAL I 218 -23.16 19.06 -45.51
N ALA I 219 -24.39 19.59 -45.57
CA ALA I 219 -25.16 19.89 -44.35
C ALA I 219 -25.43 18.60 -43.56
N GLY I 220 -25.81 17.55 -44.27
CA GLY I 220 -25.97 16.24 -43.66
C GLY I 220 -24.72 15.72 -42.99
N VAL I 221 -23.59 15.79 -43.67
CA VAL I 221 -22.34 15.29 -43.11
C VAL I 221 -21.98 16.04 -41.85
N MET I 222 -22.10 17.35 -41.89
CA MET I 222 -21.76 18.19 -40.72
C MET I 222 -22.70 17.93 -39.57
N GLN I 223 -23.98 17.74 -39.88
CA GLN I 223 -24.96 17.53 -38.84
C GLN I 223 -24.76 16.17 -38.17
N ALA I 224 -24.46 15.14 -38.95
CA ALA I 224 -24.18 13.80 -38.42
C ALA I 224 -22.97 13.77 -37.48
N ARG I 225 -21.98 14.63 -37.73
CA ARG I 225 -20.79 14.75 -36.85
C ARG I 225 -21.15 15.31 -35.51
N GLU I 226 -22.11 16.23 -35.50
CA GLU I 226 -22.45 16.95 -34.30
C GLU I 226 -23.58 16.25 -33.53
N SER I 227 -24.63 15.85 -34.25
CA SER I 227 -25.80 15.24 -33.62
C SER I 227 -25.53 13.84 -33.06
N LYS I 228 -26.23 13.52 -31.99
CA LYS I 228 -26.16 12.19 -31.38
C LYS I 228 -27.57 11.65 -31.15
N TYR I 229 -27.71 10.33 -31.15
CA TYR I 229 -28.96 9.71 -30.80
C TYR I 229 -28.98 9.44 -29.31
N ILE I 230 -29.96 10.02 -28.61
CA ILE I 230 -30.02 10.00 -27.16
C ILE I 230 -31.20 9.20 -26.66
N MET I 231 -30.98 8.39 -25.65
CA MET I 231 -32.04 7.68 -24.94
C MET I 231 -31.82 7.89 -23.46
N LEU I 232 -32.88 8.25 -22.75
CA LEU I 232 -32.78 8.44 -21.30
C LEU I 232 -34.12 8.24 -20.62
N HIS I 233 -34.07 8.10 -19.30
CA HIS I 233 -35.28 8.12 -18.47
C HIS I 233 -35.41 9.47 -17.78
N ALA I 234 -36.62 10.02 -17.82
CA ALA I 234 -36.91 11.32 -17.23
C ALA I 234 -38.17 11.26 -16.39
N PRO I 235 -38.18 11.94 -15.23
CA PRO I 235 -39.44 12.11 -14.50
C PRO I 235 -40.38 12.97 -15.31
N LYS I 236 -41.65 12.60 -15.34
CA LYS I 236 -42.64 13.37 -16.08
C LYS I 236 -42.67 14.84 -15.60
N GLU I 237 -42.47 15.05 -14.30
CA GLU I 237 -42.48 16.38 -13.70
C GLU I 237 -41.35 17.29 -14.19
N LYS I 238 -40.34 16.69 -14.83
CA LYS I 238 -39.13 17.37 -15.28
C LYS I 238 -38.89 17.45 -16.78
N LEU I 239 -39.84 17.01 -17.58
CA LEU I 239 -39.61 16.90 -19.02
C LEU I 239 -39.31 18.23 -19.72
N ASP I 240 -39.99 19.30 -19.36
CA ASP I 240 -39.75 20.59 -19.96
C ASP I 240 -38.34 21.10 -19.67
N LYS I 241 -37.89 20.96 -18.44
CA LYS I 241 -36.54 21.41 -18.16
C LYS I 241 -35.51 20.58 -18.93
N ILE I 242 -35.75 19.27 -18.98
CA ILE I 242 -34.84 18.35 -19.65
C ILE I 242 -34.76 18.69 -21.11
N GLN I 243 -35.90 18.97 -21.74
CA GLN I 243 -35.93 19.31 -23.16
C GLN I 243 -35.25 20.66 -23.46
N ALA I 244 -35.36 21.60 -22.53
CA ALA I 244 -34.63 22.86 -22.62
C ALA I 244 -33.11 22.68 -22.52
N LEU I 245 -32.65 21.75 -21.71
CA LEU I 245 -31.24 21.46 -21.60
C LEU I 245 -30.69 20.94 -22.92
N LEU I 246 -31.50 20.14 -23.61
CA LEU I 246 -31.06 19.44 -24.80
C LEU I 246 -31.94 19.71 -26.02
N PRO I 247 -31.65 20.78 -26.74
CA PRO I 247 -32.42 21.08 -27.94
C PRO I 247 -32.23 19.99 -28.96
N GLY I 248 -33.30 19.62 -29.63
CA GLY I 248 -33.31 18.54 -30.59
C GLY I 248 -33.60 18.98 -32.01
N VAL I 249 -33.30 18.10 -32.96
CA VAL I 249 -33.55 18.33 -34.39
C VAL I 249 -35.04 18.23 -34.67
N GLU I 250 -35.71 17.36 -33.92
CA GLU I 250 -37.17 17.19 -33.96
C GLU I 250 -37.70 17.15 -32.53
N ARG I 251 -39.02 17.01 -32.38
CA ARG I 251 -39.61 16.82 -31.07
C ARG I 251 -39.20 15.43 -30.53
N PRO I 252 -38.98 15.32 -29.21
CA PRO I 252 -38.56 14.02 -28.68
C PRO I 252 -39.69 13.01 -28.75
N THR I 253 -39.33 11.74 -28.91
CA THR I 253 -40.28 10.65 -28.79
C THR I 253 -40.35 10.28 -27.32
N ILE I 254 -41.57 10.26 -26.80
CA ILE I 254 -41.80 9.97 -25.39
C ILE I 254 -42.54 8.64 -25.28
N LEU I 255 -41.97 7.72 -24.51
CA LEU I 255 -42.51 6.38 -24.38
C LEU I 255 -42.75 6.03 -22.92
N PRO I 256 -43.90 5.40 -22.61
CA PRO I 256 -44.17 5.01 -21.23
C PRO I 256 -43.27 3.86 -20.81
N LEU I 257 -42.88 3.84 -19.55
CA LEU I 257 -42.08 2.76 -19.00
C LEU I 257 -42.98 1.78 -18.25
N GLU I 261 -44.35 4.61 -14.00
CA GLU I 261 -45.53 5.45 -13.72
C GLU I 261 -45.18 6.97 -13.53
N LYS I 262 -44.19 7.22 -12.68
CA LYS I 262 -43.65 8.57 -12.46
C LYS I 262 -42.66 9.00 -13.56
N ASN I 263 -42.08 8.03 -14.28
CA ASN I 263 -41.08 8.31 -15.30
C ASN I 263 -41.47 7.89 -16.70
N VAL I 264 -40.81 8.52 -17.67
CA VAL I 264 -40.91 8.14 -19.09
C VAL I 264 -39.55 7.93 -19.75
N ALA I 265 -39.55 7.22 -20.87
CA ALA I 265 -38.37 7.08 -21.71
C ALA I 265 -38.40 8.17 -22.78
N LEU I 266 -37.27 8.81 -23.00
CA LEU I 266 -37.13 9.87 -23.99
C LEU I 266 -36.10 9.44 -25.03
N HIS I 267 -36.50 9.44 -26.30
CA HIS I 267 -35.62 9.17 -27.41
C HIS I 267 -35.58 10.43 -28.25
N MET I 268 -34.39 10.89 -28.60
CA MET I 268 -34.25 12.09 -29.39
C MET I 268 -32.90 12.19 -30.09
N VAL I 269 -32.84 13.11 -31.05
CA VAL I 269 -31.63 13.44 -31.75
C VAL I 269 -31.21 14.86 -31.35
N SER I 270 -30.03 15.00 -30.74
CA SER I 270 -29.53 16.31 -30.33
C SER I 270 -29.10 17.13 -31.52
N LYS I 271 -29.28 18.44 -31.42
CA LYS I 271 -28.84 19.38 -32.47
C LYS I 271 -27.33 19.58 -32.37
N GLU I 272 -26.83 19.59 -31.14
CA GLU I 272 -25.43 19.74 -30.85
C GLU I 272 -24.88 18.50 -30.14
N ASN I 273 -23.57 18.43 -30.00
CA ASN I 273 -22.93 17.31 -29.34
C ASN I 273 -23.14 17.41 -27.84
N LEU I 274 -23.10 16.26 -27.16
CA LEU I 274 -23.32 16.22 -25.73
C LEU I 274 -22.01 16.24 -24.96
N PHE I 275 -21.80 17.32 -24.22
CA PHE I 275 -20.65 17.43 -23.36
C PHE I 275 -21.02 16.97 -21.97
N TRP I 276 -20.00 16.63 -21.18
CA TRP I 276 -20.21 16.15 -19.81
C TRP I 276 -21.05 17.12 -18.96
N GLU I 277 -20.87 18.41 -19.16
CA GLU I 277 -21.67 19.40 -18.43
C GLU I 277 -23.15 19.18 -18.62
N THR I 278 -23.55 18.94 -19.87
CA THR I 278 -24.94 18.69 -20.20
C THR I 278 -25.42 17.38 -19.58
N MET I 279 -24.58 16.35 -19.67
CA MET I 279 -24.90 15.05 -19.07
C MET I 279 -25.14 15.25 -17.58
N GLU I 280 -24.28 16.04 -16.94
CA GLU I 280 -24.37 16.29 -15.50
C GLU I 280 -25.59 17.15 -15.14
N ALA I 281 -25.88 18.16 -15.96
CA ALA I 281 -27.09 18.96 -15.79
C ALA I 281 -28.36 18.11 -15.92
N LEU I 282 -28.38 17.18 -16.88
CA LEU I 282 -29.51 16.28 -17.05
C LEU I 282 -29.72 15.41 -15.82
N LYS I 283 -28.63 14.86 -15.29
CA LYS I 283 -28.67 14.07 -14.05
C LYS I 283 -29.17 14.91 -12.86
N GLU I 284 -28.69 16.15 -12.75
CA GLU I 284 -29.15 17.08 -11.72
C GLU I 284 -30.68 17.28 -11.78
N GLU I 285 -31.22 17.41 -12.99
CA GLU I 285 -32.65 17.55 -13.20
C GLU I 285 -33.45 16.25 -13.03
N GLY I 286 -32.77 15.16 -12.65
CA GLY I 286 -33.44 13.90 -12.35
C GLY I 286 -33.41 12.84 -13.45
N ALA I 287 -32.80 13.15 -14.59
CA ALA I 287 -32.67 12.19 -15.68
C ALA I 287 -31.78 11.04 -15.24
N SER I 288 -32.04 9.85 -15.77
CA SER I 288 -31.21 8.68 -15.50
C SER I 288 -31.10 7.78 -16.75
N SER I 289 -30.19 6.80 -16.68
CA SER I 289 -29.92 5.87 -17.79
C SER I 289 -29.67 6.58 -19.12
N ILE I 290 -28.75 7.52 -19.11
CA ILE I 290 -28.52 8.37 -20.26
C ILE I 290 -27.56 7.68 -21.23
N LEU I 291 -28.04 7.44 -22.45
CA LEU I 291 -27.25 6.79 -23.51
C LEU I 291 -27.11 7.70 -24.71
N VAL I 292 -25.90 7.81 -25.22
CA VAL I 292 -25.57 8.67 -26.36
C VAL I 292 -24.92 7.79 -27.41
N LEU I 293 -25.59 7.62 -28.55
CA LEU I 293 -25.09 6.79 -29.61
C LEU I 293 -24.67 7.66 -30.80
N PRO I 294 -23.64 7.22 -31.56
CA PRO I 294 -23.16 7.99 -32.69
C PRO I 294 -24.06 7.79 -33.90
N ILE I 295 -24.08 8.77 -34.78
CA ILE I 295 -24.85 8.76 -35.98
C ILE I 295 -23.88 8.85 -37.15
N GLU I 296 -24.03 7.96 -38.12
CA GLU I 296 -23.16 7.93 -39.26
C GLU I 296 -23.65 8.84 -40.41
N LYS I 297 -24.95 8.88 -40.63
CA LYS I 297 -25.54 9.71 -41.68
C LYS I 297 -26.92 10.15 -41.25
N MET I 298 -27.33 11.33 -41.70
CA MET I 298 -28.69 11.78 -41.45
C MET I 298 -29.19 12.76 -42.51
N LEU I 299 -30.51 12.90 -42.58
CA LEU I 299 -31.19 13.84 -43.48
C LEU I 299 -32.53 14.20 -42.86
N LYS I 300 -32.73 15.48 -42.57
CA LYS I 300 -34.04 15.97 -42.16
C LYS I 300 -34.99 15.91 -43.35
N ASN J 5 20.97 48.09 -33.07
CA ASN J 5 22.02 47.30 -32.35
C ASN J 5 23.35 47.37 -33.06
N THR J 6 24.39 46.94 -32.35
CA THR J 6 25.72 46.86 -32.92
C THR J 6 25.91 45.59 -33.74
N ARG J 7 25.03 44.62 -33.56
CA ARG J 7 25.20 43.31 -34.19
C ARG J 7 24.73 43.27 -35.64
N LEU J 8 25.47 42.52 -36.45
CA LEU J 8 25.20 42.39 -37.87
C LEU J 8 23.98 41.49 -38.09
N ARG J 9 23.07 41.93 -38.95
CA ARG J 9 21.83 41.18 -39.19
C ARG J 9 21.79 40.53 -40.57
N ILE J 10 21.63 39.23 -40.58
CA ILE J 10 21.63 38.43 -41.81
C ILE J 10 20.30 37.70 -41.94
N ALA J 11 19.61 37.94 -43.05
CA ALA J 11 18.33 37.28 -43.30
C ALA J 11 18.52 36.07 -44.20
N ILE J 12 18.04 34.92 -43.75
CA ILE J 12 18.05 33.71 -44.51
C ILE J 12 16.67 33.08 -44.50
N GLN J 13 16.44 32.13 -45.41
CA GLN J 13 15.16 31.43 -45.47
C GLN J 13 14.95 30.52 -44.26
N LYS J 14 13.80 30.64 -43.61
CA LYS J 14 13.47 29.81 -42.45
C LYS J 14 13.44 28.33 -42.80
N SER J 15 12.68 27.97 -43.82
CA SER J 15 12.55 26.60 -44.24
C SER J 15 12.19 26.58 -45.70
N GLY J 16 12.84 25.70 -46.44
CA GLY J 16 12.71 25.66 -47.87
C GLY J 16 14.01 25.20 -48.49
N ARG J 17 14.12 25.40 -49.80
CA ARG J 17 15.21 24.82 -50.55
C ARG J 17 16.58 25.47 -50.29
N LEU J 18 16.59 26.68 -49.73
CA LEU J 18 17.84 27.39 -49.46
C LEU J 18 18.28 27.30 -48.02
N SER J 19 17.38 26.85 -47.14
CA SER J 19 17.64 26.92 -45.71
C SER J 19 18.86 26.15 -45.25
N LYS J 20 18.93 24.88 -45.59
CA LYS J 20 20.01 24.04 -45.08
C LYS J 20 21.36 24.53 -45.54
N GLU J 21 21.45 24.85 -46.82
CA GLU J 21 22.67 25.38 -47.39
C GLU J 21 23.08 26.74 -46.83
N SER J 22 22.12 27.60 -46.58
CA SER J 22 22.42 28.91 -46.03
C SER J 22 23.05 28.81 -44.66
N ILE J 23 22.49 27.94 -43.82
CA ILE J 23 23.02 27.69 -42.49
C ILE J 23 24.39 27.02 -42.55
N GLU J 24 24.50 26.02 -43.40
CA GLU J 24 25.76 25.35 -43.62
C GLU J 24 26.89 26.30 -44.03
N LEU J 25 26.62 27.19 -44.97
CA LEU J 25 27.62 28.16 -45.42
C LEU J 25 28.10 29.02 -44.26
N LEU J 26 27.16 29.56 -43.48
CA LEU J 26 27.51 30.40 -42.37
C LEU J 26 28.31 29.63 -41.33
N SER J 27 27.90 28.39 -41.09
CA SER J 27 28.58 27.52 -40.15
C SER J 27 30.01 27.23 -40.61
N GLU J 28 30.18 26.89 -41.88
CA GLU J 28 31.50 26.65 -42.44
C GLU J 28 32.37 27.92 -42.48
N CYS J 29 31.75 29.09 -42.43
CA CYS J 29 32.47 30.35 -42.29
C CYS J 29 32.76 30.69 -40.83
N GLY J 30 32.58 29.73 -39.92
CA GLY J 30 32.91 29.93 -38.52
C GLY J 30 31.90 30.72 -37.72
N VAL J 31 30.67 30.85 -38.23
CA VAL J 31 29.60 31.47 -37.44
C VAL J 31 28.94 30.37 -36.61
N LYS J 32 29.29 30.29 -35.33
CA LYS J 32 28.67 29.33 -34.41
C LYS J 32 27.33 29.88 -33.91
N MET J 33 26.32 29.02 -33.93
CA MET J 33 24.99 29.37 -33.51
C MET J 33 24.18 28.11 -33.24
N HIS J 34 23.15 28.22 -32.42
CA HIS J 34 22.22 27.12 -32.18
C HIS J 34 20.85 27.48 -32.73
N ILE J 35 20.40 26.74 -33.75
CA ILE J 35 19.11 26.99 -34.37
C ILE J 35 18.09 25.98 -33.89
N HIS J 36 16.96 26.25 -33.40
CA HIS J 36 15.88 25.32 -33.17
C HIS J 36 15.36 24.98 -34.55
N GLU J 37 14.64 23.88 -34.69
CA GLU J 37 13.98 23.62 -35.95
C GLU J 37 13.03 24.79 -36.17
N GLN J 38 12.48 25.27 -35.07
CA GLN J 38 11.46 26.31 -35.05
C GLN J 38 11.87 27.66 -34.44
N SER J 39 13.13 28.04 -34.51
CA SER J 39 13.56 29.32 -33.94
C SER J 39 13.71 30.45 -34.99
N LEU J 40 13.00 31.55 -34.79
CA LEU J 40 13.02 32.71 -35.69
C LEU J 40 14.29 33.57 -35.77
N ILE J 41 14.95 33.80 -34.65
CA ILE J 41 16.17 34.55 -34.59
C ILE J 41 17.23 33.78 -33.81
N ALA J 42 18.36 33.53 -34.46
CA ALA J 42 19.47 32.82 -33.83
C ALA J 42 20.59 33.83 -33.61
N PHE J 43 21.17 33.79 -32.42
CA PHE J 43 22.24 34.70 -32.05
C PHE J 43 23.55 33.93 -32.09
N SER J 44 24.51 34.42 -32.87
CA SER J 44 25.81 33.79 -32.93
C SER J 44 26.50 33.91 -31.58
N THR J 45 27.09 32.81 -31.11
CA THR J 45 27.73 32.77 -29.80
C THR J 45 29.17 33.30 -29.82
N ASN J 46 29.82 33.23 -30.99
CA ASN J 46 31.22 33.64 -31.12
C ASN J 46 31.46 34.89 -31.94
N LEU J 47 30.42 35.40 -32.62
CA LEU J 47 30.54 36.63 -33.41
C LEU J 47 29.33 37.52 -33.18
N PRO J 48 29.48 38.85 -33.36
CA PRO J 48 28.36 39.76 -33.19
C PRO J 48 27.42 39.74 -34.40
N ILE J 49 26.66 38.65 -34.53
CA ILE J 49 25.82 38.40 -35.70
C ILE J 49 24.48 37.81 -35.26
N ASP J 50 23.41 38.37 -35.82
CA ASP J 50 22.05 37.84 -35.63
C ASP J 50 21.53 37.28 -36.94
N ILE J 51 21.04 36.05 -36.90
CA ILE J 51 20.48 35.41 -38.07
C ILE J 51 18.96 35.44 -37.97
N LEU J 52 18.34 36.16 -38.90
CA LEU J 52 16.89 36.28 -38.96
C LEU J 52 16.38 35.24 -39.95
N ARG J 53 15.53 34.34 -39.47
CA ARG J 53 14.96 33.29 -40.30
C ARG J 53 13.57 33.69 -40.73
N VAL J 54 13.39 33.87 -42.03
CA VAL J 54 12.24 34.55 -42.59
C VAL J 54 11.77 33.89 -43.87
N ARG J 55 10.64 34.33 -44.38
CA ARG J 55 10.13 33.78 -45.65
C ARG J 55 11.00 34.42 -46.74
N ASP J 56 11.40 33.61 -47.72
CA ASP J 56 12.35 34.07 -48.71
C ASP J 56 11.80 35.28 -49.45
N ASP J 57 10.49 35.28 -49.67
CA ASP J 57 9.78 36.38 -50.34
C ASP J 57 10.09 37.75 -49.76
N ASP J 58 10.34 37.82 -48.46
CA ASP J 58 10.55 39.10 -47.80
C ASP J 58 12.01 39.57 -47.79
N ILE J 59 12.94 38.68 -48.10
CA ILE J 59 14.37 39.02 -47.96
C ILE J 59 14.76 40.21 -48.85
N PRO J 60 14.33 40.23 -50.11
CA PRO J 60 14.70 41.37 -50.94
C PRO J 60 14.22 42.69 -50.35
N GLY J 61 12.95 42.73 -49.95
CA GLY J 61 12.36 43.92 -49.34
C GLY J 61 13.08 44.36 -48.08
N LEU J 62 13.45 43.41 -47.22
CA LEU J 62 14.15 43.77 -45.99
C LEU J 62 15.49 44.42 -46.33
N ILE J 63 16.14 43.93 -47.37
CA ILE J 63 17.41 44.50 -47.83
C ILE J 63 17.20 45.86 -48.51
N PHE J 64 16.24 45.93 -49.42
CA PHE J 64 15.90 47.21 -50.10
C PHE J 64 15.59 48.32 -49.09
N ASP J 65 14.90 47.97 -48.01
CA ASP J 65 14.50 48.95 -46.98
C ASP J 65 15.60 49.22 -45.95
N GLY J 66 16.74 48.51 -46.05
CA GLY J 66 17.88 48.75 -45.19
C GLY J 66 17.72 48.26 -43.77
N VAL J 67 16.78 47.36 -43.55
CA VAL J 67 16.40 46.92 -42.22
C VAL J 67 17.14 45.65 -41.76
N VAL J 68 17.78 44.97 -42.71
CA VAL J 68 18.80 43.98 -42.38
C VAL J 68 20.04 44.34 -43.19
N ASP J 69 21.18 43.79 -42.79
CA ASP J 69 22.44 44.13 -43.41
C ASP J 69 22.76 43.21 -44.58
N LEU J 70 22.63 41.91 -44.36
CA LEU J 70 22.90 40.92 -45.40
C LEU J 70 21.71 40.00 -45.60
N GLY J 71 21.64 39.39 -46.77
CA GLY J 71 20.64 38.41 -47.09
C GLY J 71 21.14 37.33 -48.04
N ILE J 72 20.62 36.12 -47.87
CA ILE J 72 20.84 35.05 -48.84
C ILE J 72 19.52 34.73 -49.48
N ILE J 73 19.45 34.92 -50.80
CA ILE J 73 18.22 34.79 -51.53
C ILE J 73 18.48 34.28 -52.93
N GLY J 74 17.50 33.59 -53.51
CA GLY J 74 17.57 33.20 -54.91
C GLY J 74 17.47 34.42 -55.83
N GLU J 75 18.30 34.44 -56.86
CA GLU J 75 18.30 35.53 -57.85
C GLU J 75 16.92 35.80 -58.41
N ASN J 76 16.22 34.72 -58.74
CA ASN J 76 14.87 34.82 -59.29
C ASN J 76 13.95 35.68 -58.40
N VAL J 77 13.94 35.42 -57.10
CA VAL J 77 13.08 36.13 -56.18
C VAL J 77 13.57 37.55 -56.00
N LEU J 78 14.89 37.71 -55.92
CA LEU J 78 15.49 39.04 -55.82
C LEU J 78 15.04 39.94 -56.98
N GLU J 79 15.19 39.47 -58.22
CA GLU J 79 14.87 40.35 -59.35
C GLU J 79 13.38 40.49 -59.60
N GLU J 80 12.60 39.44 -59.35
CA GLU J 80 11.15 39.54 -59.43
C GLU J 80 10.68 40.68 -58.53
N ASN J 81 11.17 40.71 -57.30
CA ASN J 81 10.77 41.75 -56.36
C ASN J 81 11.32 43.11 -56.68
N GLU J 82 12.56 43.14 -57.19
CA GLU J 82 13.15 44.40 -57.65
C GLU J 82 12.28 44.99 -58.74
N LEU J 83 11.96 44.18 -59.75
CA LEU J 83 11.13 44.62 -60.87
C LEU J 83 9.76 45.08 -60.41
N GLU J 84 9.15 44.34 -59.49
CA GLU J 84 7.83 44.69 -58.98
C GLU J 84 7.84 46.06 -58.33
N ARG J 85 8.81 46.30 -57.46
CA ARG J 85 8.90 47.60 -56.79
C ARG J 85 9.21 48.75 -57.75
N GLN J 86 10.03 48.48 -58.76
CA GLN J 86 10.27 49.46 -59.82
C GLN J 86 8.99 49.82 -60.57
N SER J 87 8.12 48.82 -60.81
CA SER J 87 6.86 49.05 -61.51
C SER J 87 5.86 49.85 -60.68
N LEU J 88 6.08 49.92 -59.36
CA LEU J 88 5.29 50.80 -58.50
C LEU J 88 5.94 52.16 -58.29
N GLY J 89 6.97 52.47 -59.10
CA GLY J 89 7.65 53.75 -59.03
C GLY J 89 8.76 53.87 -58.00
N GLU J 90 9.04 52.80 -57.24
CA GLU J 90 10.09 52.85 -56.22
C GLU J 90 11.45 52.65 -56.87
N ASN J 91 12.51 52.88 -56.10
CA ASN J 91 13.86 52.71 -56.60
C ASN J 91 14.69 51.80 -55.68
N PRO J 92 14.32 50.50 -55.65
CA PRO J 92 15.03 49.57 -54.78
C PRO J 92 16.49 49.44 -55.21
N SER J 93 17.39 49.30 -54.23
CA SER J 93 18.80 49.08 -54.54
C SER J 93 19.47 48.22 -53.49
N TYR J 94 20.59 47.62 -53.89
CA TYR J 94 21.31 46.68 -53.04
C TYR J 94 22.69 46.43 -53.64
N LYS J 95 23.57 45.81 -52.85
CA LYS J 95 24.88 45.37 -53.35
C LYS J 95 24.91 43.85 -53.48
N LEU J 96 25.27 43.37 -54.65
CA LEU J 96 25.47 41.95 -54.88
C LEU J 96 26.89 41.63 -54.44
N LEU J 97 27.04 40.87 -53.35
CA LEU J 97 28.36 40.53 -52.85
C LEU J 97 28.92 39.29 -53.53
N LYS J 98 28.09 38.28 -53.75
CA LYS J 98 28.57 37.00 -54.26
C LYS J 98 27.45 36.13 -54.78
N LYS J 99 27.64 35.59 -55.98
CA LYS J 99 26.80 34.51 -56.47
C LYS J 99 27.31 33.22 -55.83
N LEU J 100 26.39 32.45 -55.22
CA LEU J 100 26.78 31.28 -54.42
C LEU J 100 26.66 29.96 -55.20
N ASP J 101 27.07 28.87 -54.59
CA ASP J 101 27.21 27.61 -55.32
C ASP J 101 26.07 26.63 -54.99
N PHE J 102 24.89 27.18 -54.70
CA PHE J 102 23.70 26.37 -54.52
C PHE J 102 22.46 27.16 -54.93
N GLY J 103 21.29 26.54 -54.80
CA GLY J 103 20.04 27.16 -55.21
C GLY J 103 19.90 27.23 -56.73
N TYR J 104 20.55 26.32 -57.44
CA TYR J 104 20.51 26.34 -58.91
C TYR J 104 19.14 25.94 -59.38
N CYS J 105 18.54 26.77 -60.23
CA CYS J 105 17.30 26.41 -60.87
C CYS J 105 17.11 27.30 -62.08
N ARG J 106 16.07 27.02 -62.85
CA ARG J 106 15.77 27.80 -64.02
C ARG J 106 14.28 28.04 -64.16
N LEU J 107 13.97 29.17 -64.77
CA LEU J 107 12.60 29.55 -65.07
C LEU J 107 12.41 29.25 -66.55
N SER J 108 11.44 28.41 -66.85
CA SER J 108 11.24 27.90 -68.20
C SER J 108 9.80 27.97 -68.68
N LEU J 109 9.62 28.32 -69.95
CA LEU J 109 8.33 28.17 -70.60
C LEU J 109 8.09 26.71 -70.88
N ALA J 110 6.87 26.27 -70.62
CA ALA J 110 6.48 24.89 -70.87
C ALA J 110 5.09 24.84 -71.51
N LEU J 111 4.85 23.76 -72.25
CA LEU J 111 3.63 23.56 -73.02
C LEU J 111 3.12 22.14 -72.79
N PRO J 112 1.83 21.90 -73.09
CA PRO J 112 1.34 20.51 -73.05
C PRO J 112 2.15 19.63 -74.00
N GLN J 113 2.39 18.37 -73.61
CA GLN J 113 3.20 17.43 -74.39
C GLN J 113 2.73 17.33 -75.84
N GLU J 114 1.41 17.37 -76.05
CA GLU J 114 0.82 17.27 -77.38
C GLU J 114 1.15 18.44 -78.31
N ASN J 115 1.36 19.64 -77.76
CA ASN J 115 1.56 20.83 -78.60
C ASN J 115 2.81 20.74 -79.48
N LYS J 116 2.72 21.29 -80.69
CA LYS J 116 3.84 21.36 -81.61
C LYS J 116 4.54 22.70 -81.40
N PHE J 117 5.77 22.64 -80.89
CA PHE J 117 6.56 23.85 -80.66
C PHE J 117 7.66 23.96 -81.69
N GLN J 118 7.65 25.03 -82.48
CA GLN J 118 8.71 25.31 -83.45
C GLN J 118 9.58 26.48 -83.00
N ASN J 119 8.97 27.60 -82.60
CA ASN J 119 9.69 28.79 -82.17
C ASN J 119 8.96 29.60 -81.11
N LEU J 120 9.67 30.55 -80.51
CA LEU J 120 9.09 31.46 -79.51
C LEU J 120 7.81 32.17 -80.00
N LYS J 121 7.73 32.44 -81.30
CA LYS J 121 6.51 33.02 -81.89
C LYS J 121 5.25 32.17 -81.67
N ASP J 122 5.42 30.87 -81.42
CA ASP J 122 4.30 29.97 -81.12
C ASP J 122 3.59 30.36 -79.77
N PHE J 123 4.25 31.17 -78.92
CA PHE J 123 3.62 31.72 -77.70
C PHE J 123 2.81 32.99 -77.94
N GLU J 124 2.84 33.51 -79.16
CA GLU J 124 2.12 34.74 -79.48
C GLU J 124 0.65 34.61 -79.14
N GLY J 125 0.17 35.47 -78.25
CA GLY J 125 -1.24 35.55 -77.92
C GLY J 125 -1.72 34.51 -76.93
N LEU J 126 -0.82 33.67 -76.42
CA LEU J 126 -1.21 32.62 -75.49
C LEU J 126 -1.41 33.18 -74.08
N ARG J 127 -2.25 32.50 -73.30
CA ARG J 127 -2.36 32.75 -71.87
C ARG J 127 -1.25 31.97 -71.20
N ILE J 128 -0.45 32.65 -70.38
CA ILE J 128 0.69 31.99 -69.71
C ILE J 128 0.62 32.18 -68.20
N ALA J 129 0.59 31.07 -67.49
CA ALA J 129 0.49 31.08 -66.03
C ALA J 129 1.88 31.04 -65.40
N THR J 130 2.10 31.88 -64.39
CA THR J 130 3.40 31.96 -63.74
C THR J 130 3.31 32.56 -62.33
N SER J 131 4.24 32.16 -61.47
CA SER J 131 4.48 32.87 -60.20
C SER J 131 5.48 34.00 -60.35
N TYR J 132 6.04 34.19 -61.53
CA TYR J 132 7.06 35.21 -61.76
C TYR J 132 6.66 36.14 -62.90
N PRO J 133 5.54 36.87 -62.72
CA PRO J 133 5.00 37.71 -63.77
C PRO J 133 6.00 38.74 -64.32
N GLN J 134 6.79 39.37 -63.43
CA GLN J 134 7.73 40.39 -63.86
C GLN J 134 8.85 39.82 -64.71
N LEU J 135 9.43 38.71 -64.26
CA LEU J 135 10.50 38.09 -65.03
C LEU J 135 10.00 37.65 -66.40
N LEU J 136 8.81 37.04 -66.44
CA LEU J 136 8.20 36.64 -67.70
C LEU J 136 7.96 37.86 -68.58
N LYS J 137 7.41 38.92 -68.01
CA LYS J 137 7.11 40.14 -68.77
C LYS J 137 8.34 40.74 -69.40
N ARG J 138 9.42 40.86 -68.62
CA ARG J 138 10.66 41.41 -69.14
C ARG J 138 11.19 40.57 -70.30
N PHE J 139 11.17 39.25 -70.17
CA PHE J 139 11.64 38.37 -71.24
C PHE J 139 10.77 38.48 -72.50
N MET J 140 9.45 38.53 -72.32
CA MET J 140 8.54 38.62 -73.47
C MET J 140 8.63 39.97 -74.17
N LYS J 141 8.82 41.05 -73.40
CA LYS J 141 9.04 42.37 -73.98
C LYS J 141 10.35 42.41 -74.78
N GLU J 142 11.43 41.88 -74.21
CA GLU J 142 12.72 41.82 -74.91
C GLU J 142 12.65 41.09 -76.24
N ASN J 143 11.81 40.06 -76.32
CA ASN J 143 11.65 39.28 -77.54
C ASN J 143 10.42 39.66 -78.37
N GLY J 144 9.75 40.75 -78.00
CA GLY J 144 8.61 41.26 -78.76
C GLY J 144 7.42 40.33 -78.95
N ILE J 145 7.08 39.57 -77.90
CA ILE J 145 5.96 38.64 -77.96
C ILE J 145 4.84 39.09 -77.04
N ASN J 146 3.64 39.27 -77.61
CA ASN J 146 2.45 39.58 -76.84
C ASN J 146 1.78 38.32 -76.29
N TYR J 147 1.29 38.41 -75.06
CA TYR J 147 0.70 37.26 -74.37
C TYR J 147 -0.26 37.76 -73.32
N LYS J 148 -1.01 36.86 -72.72
CA LYS J 148 -1.88 37.19 -71.59
C LYS J 148 -1.33 36.55 -70.32
N ASN J 149 -1.03 37.37 -69.30
CA ASN J 149 -0.49 36.88 -68.05
C ASN J 149 -1.57 36.28 -67.17
N CYS J 150 -1.26 35.16 -66.53
CA CYS J 150 -2.10 34.60 -65.48
C CYS J 150 -1.23 34.30 -64.26
N THR J 151 -1.39 35.09 -63.20
CA THR J 151 -0.56 34.93 -62.01
C THR J 151 -1.13 33.86 -61.07
N LEU J 152 -0.33 32.85 -60.78
CA LEU J 152 -0.64 31.86 -59.75
C LEU J 152 0.56 31.81 -58.83
N THR J 153 0.32 31.77 -57.53
CA THR J 153 1.40 31.80 -56.56
C THR J 153 1.92 30.39 -56.22
N GLY J 154 1.36 29.37 -56.86
CA GLY J 154 1.82 28.00 -56.65
C GLY J 154 0.99 27.04 -57.49
N SER J 155 1.33 25.75 -57.45
CA SER J 155 0.66 24.76 -58.29
C SER J 155 0.52 25.23 -59.75
N VAL J 156 1.56 25.86 -60.29
CA VAL J 156 1.48 26.45 -61.62
C VAL J 156 1.22 25.42 -62.71
N GLU J 157 1.79 24.24 -62.55
CA GLU J 157 1.77 23.22 -63.57
C GLU J 157 0.34 22.74 -63.87
N VAL J 158 -0.56 23.00 -62.93
CA VAL J 158 -1.97 22.70 -63.14
C VAL J 158 -2.65 23.45 -64.31
N ALA J 159 -2.31 24.72 -64.51
CA ALA J 159 -3.06 25.70 -65.31
C ALA J 159 -3.55 25.19 -66.68
N PRO J 160 -2.71 24.48 -67.45
CA PRO J 160 -3.14 24.02 -68.78
C PRO J 160 -4.26 22.99 -68.74
N ARG J 161 -4.07 21.91 -67.98
CA ARG J 161 -5.09 20.87 -67.84
C ARG J 161 -6.39 21.41 -67.24
N ALA J 162 -6.27 22.44 -66.40
CA ALA J 162 -7.45 23.10 -65.80
C ALA J 162 -7.96 24.27 -66.63
N ASN J 163 -7.43 24.44 -67.83
CA ASN J 163 -7.84 25.52 -68.72
C ASN J 163 -7.78 26.94 -68.10
N LEU J 164 -6.81 27.15 -67.20
CA LEU J 164 -6.51 28.50 -66.68
C LEU J 164 -5.54 29.23 -67.61
N ALA J 165 -4.72 28.46 -68.33
CA ALA J 165 -3.79 29.03 -69.28
C ALA J 165 -3.46 28.02 -70.39
N ASP J 166 -2.79 28.49 -71.44
CA ASP J 166 -2.35 27.64 -72.55
C ASP J 166 -0.96 27.11 -72.31
N ALA J 167 -0.20 27.83 -71.49
CA ALA J 167 1.18 27.48 -71.20
C ALA J 167 1.55 27.97 -69.81
N ILE J 168 2.73 27.57 -69.35
CA ILE J 168 3.24 28.07 -68.08
C ILE J 168 4.68 28.54 -68.20
N CYS J 169 5.06 29.38 -67.25
CA CYS J 169 6.42 29.76 -67.04
C CYS J 169 6.73 29.44 -65.58
N ASP J 170 7.47 28.35 -65.35
CA ASP J 170 7.69 27.84 -64.01
C ASP J 170 9.13 27.50 -63.69
N LEU J 171 9.43 27.48 -62.41
CA LEU J 171 10.71 27.07 -61.88
C LEU J 171 10.85 25.57 -62.01
N VAL J 172 12.00 25.11 -62.47
CA VAL J 172 12.27 23.67 -62.45
C VAL J 172 13.77 23.41 -62.25
N SER J 173 14.07 22.21 -61.78
CA SER J 173 15.44 21.71 -61.73
C SER J 173 15.45 20.27 -62.27
N SER J 174 14.69 19.38 -61.65
CA SER J 174 14.57 17.99 -62.12
C SER J 174 13.71 17.77 -63.37
N GLY J 175 12.52 18.37 -63.41
CA GLY J 175 11.54 18.10 -64.49
C GLY J 175 10.34 17.24 -64.09
N ALA J 176 10.42 16.62 -62.90
CA ALA J 176 9.40 15.69 -62.41
C ALA J 176 7.96 16.19 -62.49
N THR J 177 7.68 17.34 -61.89
CA THR J 177 6.32 17.88 -61.81
C THR J 177 5.73 18.18 -63.19
N LEU J 178 6.59 18.48 -64.17
CA LEU J 178 6.13 18.74 -65.53
C LEU J 178 5.60 17.47 -66.19
N GLN J 179 6.37 16.38 -66.10
CA GLN J 179 5.96 15.09 -66.65
C GLN J 179 4.63 14.66 -66.04
N ALA J 180 4.55 14.71 -64.72
CA ALA J 180 3.35 14.33 -63.99
C ALA J 180 2.08 15.10 -64.41
N ASN J 181 2.25 16.30 -64.98
CA ASN J 181 1.10 17.08 -65.46
C ASN J 181 1.03 17.19 -66.98
N ASN J 182 1.67 16.25 -67.69
CA ASN J 182 1.62 16.20 -69.15
C ASN J 182 2.15 17.50 -69.79
N LEU J 183 3.28 17.99 -69.28
CA LEU J 183 3.91 19.18 -69.83
C LEU J 183 5.35 18.91 -70.24
N LYS J 184 5.84 19.69 -71.19
CA LYS J 184 7.21 19.62 -71.64
C LYS J 184 7.86 20.97 -71.55
N GLU J 185 9.09 20.98 -71.07
CA GLU J 185 9.94 22.17 -71.07
C GLU J 185 10.36 22.47 -72.50
N VAL J 186 10.28 23.75 -72.85
CA VAL J 186 10.45 24.17 -74.24
C VAL J 186 11.44 25.32 -74.44
N LYS J 187 11.62 26.17 -73.44
CA LYS J 187 12.51 27.31 -73.56
C LYS J 187 12.88 27.84 -72.18
N VAL J 188 14.17 27.83 -71.85
CA VAL J 188 14.66 28.41 -70.61
C VAL J 188 14.73 29.91 -70.81
N ILE J 189 14.09 30.67 -69.92
CA ILE J 189 14.11 32.13 -70.02
C ILE J 189 14.97 32.82 -68.98
N TYR J 190 15.40 32.08 -67.95
CA TYR J 190 16.10 32.70 -66.84
C TYR J 190 16.76 31.63 -65.99
N GLU J 191 18.03 31.86 -65.65
CA GLU J 191 18.79 30.91 -64.84
C GLU J 191 19.15 31.59 -63.53
N SER J 192 19.01 30.84 -62.44
CA SER J 192 19.10 31.42 -61.11
C SER J 192 19.98 30.62 -60.20
N ARG J 193 20.52 31.30 -59.21
CA ARG J 193 21.22 30.65 -58.13
C ARG J 193 21.12 31.55 -56.91
N ALA J 194 21.44 31.01 -55.75
CA ALA J 194 21.45 31.79 -54.53
C ALA J 194 22.53 32.85 -54.58
N CYS J 195 22.24 34.01 -53.99
CA CYS J 195 23.15 35.12 -53.91
C CYS J 195 23.22 35.65 -52.53
N LEU J 196 24.37 36.20 -52.19
CA LEU J 196 24.54 36.91 -50.93
C LEU J 196 24.52 38.38 -51.29
N ILE J 197 23.60 39.12 -50.67
CA ILE J 197 23.44 40.53 -50.97
C ILE J 197 23.54 41.38 -49.70
N GLN J 198 23.71 42.68 -49.90
CA GLN J 198 23.88 43.61 -48.81
C GLN J 198 23.05 44.87 -49.10
N LYS J 199 22.58 45.51 -48.05
CA LYS J 199 21.83 46.76 -48.21
C LYS J 199 22.72 47.85 -48.82
N GLU J 200 22.08 48.83 -49.45
CA GLU J 200 22.80 49.88 -50.16
C GLU J 200 23.48 50.87 -49.19
N ASN J 201 22.79 51.28 -48.15
CA ASN J 201 23.33 52.27 -47.23
C ASN J 201 24.55 51.76 -46.50
N ALA J 202 25.59 52.59 -46.46
CA ALA J 202 26.86 52.23 -45.86
C ALA J 202 26.69 51.72 -44.43
N LEU J 203 27.45 50.69 -44.07
CA LEU J 203 27.48 50.19 -42.71
C LEU J 203 28.51 50.98 -41.92
N SER J 204 28.47 50.84 -40.60
CA SER J 204 29.56 51.32 -39.75
C SER J 204 30.87 50.66 -40.16
N LYS J 205 32.00 51.27 -39.81
CA LYS J 205 33.31 50.74 -40.17
C LYS J 205 33.52 49.35 -39.58
N GLU J 206 33.05 49.14 -38.36
CA GLU J 206 33.20 47.86 -37.66
C GLU J 206 32.36 46.77 -38.33
N LYS J 207 31.11 47.09 -38.64
CA LYS J 207 30.25 46.14 -39.32
C LYS J 207 30.77 45.79 -40.72
N GLN J 208 31.22 46.80 -41.46
CA GLN J 208 31.74 46.56 -42.81
C GLN J 208 32.99 45.68 -42.77
N ALA J 209 33.83 45.87 -41.76
CA ALA J 209 35.03 45.07 -41.61
C ALA J 209 34.67 43.61 -41.31
N LEU J 210 33.63 43.40 -40.51
CA LEU J 210 33.15 42.05 -40.25
C LEU J 210 32.63 41.40 -41.53
N VAL J 211 31.89 42.17 -42.33
CA VAL J 211 31.40 41.66 -43.61
C VAL J 211 32.57 41.28 -44.50
N ASP J 212 33.57 42.15 -44.58
CA ASP J 212 34.77 41.90 -45.39
C ASP J 212 35.43 40.58 -44.98
N LYS J 213 35.56 40.38 -43.67
CA LYS J 213 36.13 39.14 -43.16
C LYS J 213 35.27 37.93 -43.56
N ILE J 214 33.96 38.05 -43.42
CA ILE J 214 33.06 36.94 -43.76
C ILE J 214 33.16 36.61 -45.24
N MET J 215 33.20 37.65 -46.08
CA MET J 215 33.31 37.46 -47.51
C MET J 215 34.52 36.67 -47.96
N LEU J 216 35.67 36.90 -47.31
CA LEU J 216 36.89 36.16 -47.63
C LEU J 216 36.72 34.69 -47.25
N ARG J 217 36.06 34.47 -46.13
CA ARG J 217 35.70 33.11 -45.72
C ARG J 217 34.73 32.44 -46.71
N VAL J 218 33.73 33.18 -47.16
CA VAL J 218 32.77 32.62 -48.11
C VAL J 218 33.49 32.16 -49.37
N ALA J 219 34.36 33.02 -49.90
CA ALA J 219 35.15 32.70 -51.09
C ALA J 219 36.02 31.45 -50.85
N GLY J 220 36.69 31.39 -49.71
CA GLY J 220 37.48 30.23 -49.32
C GLY J 220 36.70 28.93 -49.25
N VAL J 221 35.54 28.98 -48.59
CA VAL J 221 34.69 27.81 -48.45
C VAL J 221 34.26 27.30 -49.83
N MET J 222 33.83 28.21 -50.69
CA MET J 222 33.38 27.83 -52.01
C MET J 222 34.52 27.29 -52.87
N GLN J 223 35.70 27.88 -52.75
CA GLN J 223 36.84 27.47 -53.57
C GLN J 223 37.29 26.07 -53.17
N ALA J 224 37.31 25.79 -51.88
CA ALA J 224 37.67 24.47 -51.37
C ALA J 224 36.74 23.36 -51.84
N ARG J 225 35.45 23.68 -52.02
CA ARG J 225 34.47 22.73 -52.57
C ARG J 225 34.74 22.39 -54.03
N GLU J 226 35.24 23.36 -54.79
CA GLU J 226 35.48 23.21 -56.23
C GLU J 226 36.90 22.72 -56.55
N SER J 227 37.91 23.31 -55.91
CA SER J 227 39.30 22.95 -56.16
C SER J 227 39.67 21.55 -55.67
N LYS J 228 40.60 20.92 -56.38
CA LYS J 228 41.16 19.64 -55.97
C LYS J 228 42.69 19.68 -56.02
N TYR J 229 43.32 18.85 -55.20
CA TYR J 229 44.75 18.72 -55.24
C TYR J 229 45.09 17.58 -56.19
N ILE J 230 45.86 17.90 -57.22
CA ILE J 230 46.14 16.98 -58.32
C ILE J 230 47.63 16.58 -58.34
N MET J 231 47.90 15.29 -58.51
CA MET J 231 49.24 14.77 -58.73
C MET J 231 49.19 13.85 -59.94
N LEU J 232 50.13 14.03 -60.86
CA LEU J 232 50.21 13.16 -62.04
C LEU J 232 51.62 13.10 -62.61
N HIS J 233 51.84 12.12 -63.50
CA HIS J 233 53.06 12.03 -64.29
C HIS J 233 52.78 12.54 -65.69
N ALA J 234 53.68 13.38 -66.19
CA ALA J 234 53.55 13.96 -67.53
C ALA J 234 54.86 13.83 -68.29
N PRO J 235 54.79 13.49 -69.59
CA PRO J 235 55.99 13.59 -70.43
C PRO J 235 56.43 15.04 -70.57
N LYS J 236 57.73 15.29 -70.51
CA LYS J 236 58.26 16.66 -70.61
C LYS J 236 57.83 17.31 -71.92
N GLU J 237 57.77 16.50 -72.97
CA GLU J 237 57.34 16.96 -74.30
C GLU J 237 55.88 17.42 -74.38
N LYS J 238 55.04 17.05 -73.42
CA LYS J 238 53.61 17.35 -73.46
C LYS J 238 53.16 18.28 -72.34
N LEU J 239 54.12 18.83 -71.60
CA LEU J 239 53.86 19.61 -70.40
C LEU J 239 52.98 20.83 -70.65
N ASP J 240 53.22 21.54 -71.74
CA ASP J 240 52.42 22.73 -72.05
C ASP J 240 50.96 22.41 -72.30
N LYS J 241 50.71 21.37 -73.09
CA LYS J 241 49.35 20.96 -73.42
C LYS J 241 48.60 20.53 -72.16
N ILE J 242 49.29 19.79 -71.30
CA ILE J 242 48.71 19.31 -70.05
C ILE J 242 48.29 20.46 -69.14
N GLN J 243 49.14 21.48 -69.04
CA GLN J 243 48.81 22.65 -68.22
C GLN J 243 47.65 23.44 -68.76
N ALA J 244 47.55 23.51 -70.08
CA ALA J 244 46.41 24.17 -70.73
C ALA J 244 45.10 23.45 -70.44
N LEU J 245 45.16 22.12 -70.32
CA LEU J 245 43.98 21.33 -69.96
C LEU J 245 43.53 21.55 -68.52
N LEU J 246 44.44 21.99 -67.65
CA LEU J 246 44.18 22.09 -66.21
C LEU J 246 44.54 23.48 -65.69
N PRO J 247 43.65 24.48 -65.84
CA PRO J 247 43.90 25.77 -65.21
C PRO J 247 44.03 25.63 -63.68
N GLY J 248 45.07 26.22 -63.11
CA GLY J 248 45.34 26.10 -61.69
C GLY J 248 45.21 27.42 -60.95
N VAL J 249 45.13 27.32 -59.63
CA VAL J 249 45.06 28.49 -58.75
C VAL J 249 46.44 29.18 -58.69
N GLU J 250 47.51 28.37 -58.81
CA GLU J 250 48.88 28.85 -58.90
C GLU J 250 49.59 28.08 -60.02
N ARG J 251 50.87 28.38 -60.24
CA ARG J 251 51.69 27.62 -61.20
C ARG J 251 51.93 26.20 -60.64
N PRO J 252 51.94 25.19 -61.52
CA PRO J 252 52.20 23.84 -61.04
C PRO J 252 53.61 23.65 -60.50
N THR J 253 53.75 22.79 -59.49
CA THR J 253 55.05 22.37 -59.00
C THR J 253 55.49 21.19 -59.85
N ILE J 254 56.70 21.29 -60.40
CA ILE J 254 57.23 20.27 -61.30
C ILE J 254 58.41 19.62 -60.61
N LEU J 255 58.36 18.30 -60.51
CA LEU J 255 59.38 17.54 -59.78
C LEU J 255 59.96 16.47 -60.68
N PRO J 256 61.30 16.31 -60.66
CA PRO J 256 61.91 15.24 -61.44
C PRO J 256 61.58 13.87 -60.86
N LEU J 257 61.43 12.89 -61.73
CA LEU J 257 61.22 11.50 -61.31
C LEU J 257 62.54 10.76 -61.33
N ALA J 258 62.86 10.05 -60.24
CA ALA J 258 64.11 9.31 -60.08
C ALA J 258 64.18 8.24 -61.17
N HIS J 259 65.32 8.14 -61.86
CA HIS J 259 65.55 7.12 -62.90
C HIS J 259 64.58 7.20 -64.11
N ASP J 260 63.90 8.34 -64.29
CA ASP J 260 63.06 8.58 -65.47
C ASP J 260 63.35 9.99 -65.95
N GLU J 261 64.01 10.10 -67.09
CA GLU J 261 64.45 11.39 -67.63
C GLU J 261 63.43 12.00 -68.59
N LYS J 262 62.58 11.18 -69.19
CA LYS J 262 61.58 11.65 -70.15
C LYS J 262 60.31 12.22 -69.52
N ASN J 263 60.03 11.88 -68.25
CA ASN J 263 58.83 12.34 -67.57
C ASN J 263 59.12 13.15 -66.30
N VAL J 264 58.12 13.93 -65.91
CA VAL J 264 58.13 14.64 -64.63
C VAL J 264 56.84 14.41 -63.81
N ALA J 265 56.93 14.67 -62.51
CA ALA J 265 55.76 14.67 -61.64
C ALA J 265 55.22 16.09 -61.57
N LEU J 266 53.91 16.21 -61.67
CA LEU J 266 53.22 17.50 -61.60
C LEU J 266 52.29 17.51 -60.40
N HIS J 267 52.46 18.49 -59.51
CA HIS J 267 51.56 18.70 -58.37
C HIS J 267 50.92 20.06 -58.56
N MET J 268 49.61 20.14 -58.42
CA MET J 268 48.90 21.39 -58.60
C MET J 268 47.51 21.40 -57.96
N VAL J 269 46.95 22.61 -57.85
CA VAL J 269 45.61 22.81 -57.33
C VAL J 269 44.76 23.33 -58.45
N SER J 270 43.72 22.58 -58.82
CA SER J 270 42.82 23.01 -59.91
C SER J 270 41.93 24.16 -59.47
N LYS J 271 41.58 25.03 -60.41
CA LYS J 271 40.67 26.14 -60.15
C LYS J 271 39.24 25.62 -60.13
N GLU J 272 38.97 24.65 -60.99
CA GLU J 272 37.66 24.02 -61.08
C GLU J 272 37.76 22.54 -60.74
N ASN J 273 36.60 21.90 -60.59
CA ASN J 273 36.57 20.48 -60.28
C ASN J 273 36.96 19.68 -61.52
N LEU J 274 37.50 18.48 -61.29
CA LEU J 274 37.95 17.62 -62.39
C LEU J 274 36.85 16.65 -62.80
N PHE J 275 36.35 16.81 -64.02
CA PHE J 275 35.42 15.85 -64.57
C PHE J 275 36.16 14.81 -65.35
N TRP J 276 35.45 13.72 -65.62
CA TRP J 276 36.03 12.61 -66.33
C TRP J 276 36.54 12.99 -67.71
N GLU J 277 35.86 13.91 -68.39
CA GLU J 277 36.33 14.41 -69.67
C GLU J 277 37.76 14.95 -69.59
N THR J 278 38.03 15.75 -68.56
CA THR J 278 39.37 16.30 -68.36
C THR J 278 40.37 15.21 -68.03
N MET J 279 39.97 14.25 -67.19
CA MET J 279 40.84 13.13 -66.84
C MET J 279 41.22 12.38 -68.11
N GLU J 280 40.22 12.17 -68.96
CA GLU J 280 40.42 11.44 -70.21
C GLU J 280 41.28 12.23 -71.22
N ALA J 281 41.05 13.54 -71.29
CA ALA J 281 41.89 14.40 -72.14
C ALA J 281 43.35 14.38 -71.67
N LEU J 282 43.57 14.43 -70.36
CA LEU J 282 44.93 14.35 -69.82
C LEU J 282 45.62 13.04 -70.20
N LYS J 283 44.89 11.93 -70.08
CA LYS J 283 45.42 10.64 -70.50
C LYS J 283 45.75 10.61 -72.00
N GLU J 284 44.86 11.19 -72.82
CA GLU J 284 45.08 11.29 -74.27
C GLU J 284 46.39 12.00 -74.58
N GLU J 285 46.67 13.08 -73.83
CA GLU J 285 47.92 13.83 -73.97
C GLU J 285 49.14 13.15 -73.35
N GLY J 286 48.99 11.95 -72.82
CA GLY J 286 50.13 11.16 -72.32
C GLY J 286 50.34 11.20 -70.81
N ALA J 287 49.50 11.94 -70.09
CA ALA J 287 49.56 11.93 -68.64
C ALA J 287 49.24 10.54 -68.08
N SER J 288 49.86 10.20 -66.95
CA SER J 288 49.58 8.95 -66.27
C SER J 288 49.64 9.12 -64.74
N SER J 289 49.18 8.09 -64.03
CA SER J 289 49.12 8.09 -62.56
C SER J 289 48.43 9.35 -62.03
N ILE J 290 47.25 9.62 -62.55
CA ILE J 290 46.51 10.82 -62.18
C ILE J 290 45.77 10.62 -60.86
N LEU J 291 46.08 11.45 -59.87
CA LEU J 291 45.45 11.41 -58.56
C LEU J 291 44.77 12.73 -58.26
N VAL J 292 43.55 12.66 -57.76
CA VAL J 292 42.77 13.85 -57.40
C VAL J 292 42.36 13.68 -55.95
N LEU J 293 42.86 14.57 -55.08
CA LEU J 293 42.55 14.53 -53.66
C LEU J 293 41.64 15.70 -53.26
N PRO J 294 40.77 15.48 -52.27
CA PRO J 294 39.87 16.54 -51.83
C PRO J 294 40.60 17.52 -50.93
N ILE J 295 40.11 18.76 -50.93
CA ILE J 295 40.63 19.82 -50.11
C ILE J 295 39.53 20.24 -49.13
N GLU J 296 39.89 20.36 -47.85
CA GLU J 296 38.93 20.74 -46.83
C GLU J 296 38.86 22.25 -46.62
N LYS J 297 39.99 22.93 -46.69
CA LYS J 297 40.04 24.38 -46.52
C LYS J 297 41.16 24.95 -47.35
N MET J 298 41.00 26.20 -47.80
CA MET J 298 42.08 26.90 -48.48
C MET J 298 41.94 28.42 -48.42
N LEU J 299 43.06 29.09 -48.65
CA LEU J 299 43.15 30.55 -48.69
C LEU J 299 44.35 30.92 -49.56
N LYS J 300 44.09 31.65 -50.64
CA LYS J 300 45.16 32.21 -51.46
C LYS J 300 45.83 33.36 -50.70
N ASN K 5 -0.47 -31.26 -38.13
CA ASN K 5 -0.74 -31.36 -36.65
C ASN K 5 -2.27 -31.37 -36.38
N THR K 6 -2.71 -31.13 -35.14
CA THR K 6 -4.14 -30.95 -34.86
C THR K 6 -4.62 -29.55 -35.32
N ARG K 7 -3.69 -28.61 -35.40
CA ARG K 7 -4.03 -27.21 -35.58
C ARG K 7 -4.30 -26.81 -37.03
N LEU K 8 -5.29 -25.93 -37.21
CA LEU K 8 -5.70 -25.44 -38.51
C LEU K 8 -4.66 -24.45 -39.06
N ARG K 9 -4.26 -24.62 -40.32
CA ARG K 9 -3.23 -23.77 -40.92
C ARG K 9 -3.83 -22.81 -41.96
N ILE K 10 -3.62 -21.52 -41.73
CA ILE K 10 -4.12 -20.46 -42.60
C ILE K 10 -2.96 -19.68 -43.14
N ALA K 11 -2.86 -19.60 -44.47
CA ALA K 11 -1.82 -18.83 -45.13
C ALA K 11 -2.33 -17.45 -45.51
N ILE K 12 -1.62 -16.42 -45.08
CA ILE K 12 -1.92 -15.05 -45.45
C ILE K 12 -0.65 -14.37 -45.95
N GLN K 13 -0.81 -13.23 -46.61
CA GLN K 13 0.33 -12.46 -47.07
C GLN K 13 1.14 -11.86 -45.91
N LYS K 14 2.45 -12.07 -45.94
CA LYS K 14 3.34 -11.50 -44.91
C LYS K 14 3.30 -9.98 -44.87
N SER K 15 3.52 -9.35 -46.01
CA SER K 15 3.51 -7.90 -46.10
C SER K 15 3.16 -7.51 -47.52
N GLY K 16 2.28 -6.52 -47.64
CA GLY K 16 1.74 -6.14 -48.90
C GLY K 16 0.33 -5.62 -48.70
N ARG K 17 -0.39 -5.48 -49.81
CA ARG K 17 -1.67 -4.82 -49.80
C ARG K 17 -2.78 -5.59 -49.08
N LEU K 18 -2.62 -6.89 -48.92
CA LEU K 18 -3.64 -7.72 -48.29
C LEU K 18 -3.34 -8.00 -46.81
N SER K 19 -2.14 -7.72 -46.37
CA SER K 19 -1.72 -8.17 -45.06
C SER K 19 -2.51 -7.60 -43.90
N LYS K 20 -2.69 -6.29 -43.88
CA LYS K 20 -3.32 -5.65 -42.74
C LYS K 20 -4.75 -6.11 -42.59
N GLU K 21 -5.46 -6.12 -43.70
CA GLU K 21 -6.85 -6.53 -43.76
C GLU K 21 -7.07 -8.00 -43.45
N SER K 22 -6.17 -8.86 -43.90
CA SER K 22 -6.23 -10.28 -43.60
C SER K 22 -6.10 -10.56 -42.09
N ILE K 23 -5.16 -9.89 -41.45
CA ILE K 23 -5.01 -9.96 -40.00
C ILE K 23 -6.22 -9.38 -39.28
N GLU K 24 -6.68 -8.20 -39.73
CA GLU K 24 -7.84 -7.55 -39.13
C GLU K 24 -9.07 -8.48 -39.17
N LEU K 25 -9.30 -9.12 -40.32
CA LEU K 25 -10.47 -9.99 -40.46
C LEU K 25 -10.39 -11.13 -39.45
N LEU K 26 -9.24 -11.77 -39.35
CA LEU K 26 -9.07 -12.89 -38.44
C LEU K 26 -9.25 -12.42 -37.01
N SER K 27 -8.69 -11.27 -36.70
CA SER K 27 -8.80 -10.69 -35.37
C SER K 27 -10.27 -10.37 -35.03
N GLU K 28 -10.99 -9.76 -35.97
CA GLU K 28 -12.42 -9.47 -35.77
C GLU K 28 -13.27 -10.74 -35.70
N CYS K 29 -12.76 -11.85 -36.23
CA CYS K 29 -13.42 -13.14 -36.06
C CYS K 29 -13.02 -13.83 -34.76
N GLY K 30 -12.38 -13.10 -33.86
CA GLY K 30 -12.03 -13.65 -32.54
C GLY K 30 -10.82 -14.56 -32.53
N VAL K 31 -9.98 -14.48 -33.57
CA VAL K 31 -8.69 -15.20 -33.54
C VAL K 31 -7.66 -14.29 -32.88
N LYS K 32 -7.37 -14.56 -31.61
CA LYS K 32 -6.34 -13.83 -30.87
C LYS K 32 -4.96 -14.38 -31.19
N MET K 33 -4.02 -13.48 -31.48
CA MET K 33 -2.65 -13.85 -31.83
C MET K 33 -1.74 -12.64 -31.68
N HIS K 34 -0.44 -12.89 -31.48
CA HIS K 34 0.56 -11.83 -31.45
C HIS K 34 1.49 -11.98 -32.65
N ILE K 35 1.44 -11.01 -33.57
CA ILE K 35 2.30 -11.04 -34.76
C ILE K 35 3.51 -10.11 -34.56
N HIS K 36 4.71 -10.67 -34.72
CA HIS K 36 5.95 -9.87 -34.80
C HIS K 36 6.41 -9.95 -36.27
N GLU K 37 6.65 -8.79 -36.88
CA GLU K 37 6.95 -8.68 -38.32
C GLU K 37 8.00 -9.71 -38.79
N GLN K 38 9.00 -9.97 -37.95
CA GLN K 38 10.05 -10.94 -38.28
C GLN K 38 9.58 -12.40 -38.19
N SER K 39 8.55 -12.66 -37.39
CA SER K 39 8.03 -14.02 -37.22
C SER K 39 7.06 -14.39 -38.34
N LEU K 40 7.36 -15.52 -38.96
CA LEU K 40 6.65 -15.99 -40.15
C LEU K 40 5.53 -16.94 -39.80
N ILE K 41 5.45 -17.35 -38.54
CA ILE K 41 4.33 -18.15 -38.07
C ILE K 41 3.79 -17.66 -36.73
N ALA K 42 2.51 -17.31 -36.70
CA ALA K 42 1.88 -16.84 -35.49
C ALA K 42 0.92 -17.92 -35.02
N PHE K 43 0.97 -18.20 -33.72
CA PHE K 43 0.13 -19.21 -33.13
C PHE K 43 -1.01 -18.53 -32.37
N SER K 44 -2.24 -18.87 -32.70
CA SER K 44 -3.39 -18.31 -31.99
C SER K 44 -3.37 -18.79 -30.54
N THR K 45 -3.61 -17.88 -29.61
CA THR K 45 -3.56 -18.17 -28.19
C THR K 45 -4.88 -18.76 -27.66
N ASN K 46 -5.99 -18.45 -28.32
CA ASN K 46 -7.32 -18.89 -27.89
C ASN K 46 -7.99 -19.92 -28.78
N LEU K 47 -7.43 -20.20 -29.96
CA LEU K 47 -7.98 -21.21 -30.86
C LEU K 47 -6.86 -22.05 -31.46
N PRO K 48 -7.18 -23.29 -31.85
CA PRO K 48 -6.15 -24.16 -32.43
C PRO K 48 -5.88 -23.81 -33.90
N ILE K 49 -5.21 -22.68 -34.10
CA ILE K 49 -4.98 -22.12 -35.43
C ILE K 49 -3.56 -21.60 -35.54
N ASP K 50 -2.90 -21.94 -36.65
CA ASP K 50 -1.58 -21.40 -36.99
C ASP K 50 -1.69 -20.52 -38.23
N ILE K 51 -1.15 -19.31 -38.12
CA ILE K 51 -1.16 -18.36 -39.24
C ILE K 51 0.22 -18.35 -39.86
N LEU K 52 0.29 -18.78 -41.11
CA LEU K 52 1.54 -18.80 -41.88
C LEU K 52 1.61 -17.55 -42.73
N ARG K 53 2.67 -16.77 -42.55
CA ARG K 53 2.81 -15.48 -43.21
C ARG K 53 3.81 -15.64 -44.33
N VAL K 54 3.30 -15.65 -45.55
CA VAL K 54 4.09 -16.05 -46.70
C VAL K 54 3.97 -15.01 -47.82
N ARG K 55 4.67 -15.25 -48.92
CA ARG K 55 4.52 -14.39 -50.07
C ARG K 55 3.23 -14.78 -50.76
N ASP K 56 2.48 -13.78 -51.23
CA ASP K 56 1.15 -14.05 -51.76
C ASP K 56 1.22 -15.02 -52.94
N ASP K 57 2.29 -14.89 -53.74
CA ASP K 57 2.54 -15.77 -54.90
C ASP K 57 2.46 -17.25 -54.58
N ASP K 58 2.84 -17.64 -53.38
CA ASP K 58 2.89 -19.06 -52.99
C ASP K 58 1.58 -19.59 -52.40
N ILE K 59 0.66 -18.71 -52.02
CA ILE K 59 -0.58 -19.16 -51.36
C ILE K 59 -1.40 -20.12 -52.22
N PRO K 60 -1.59 -19.80 -53.50
CA PRO K 60 -2.38 -20.74 -54.29
C PRO K 60 -1.77 -22.13 -54.31
N GLY K 61 -0.47 -22.19 -54.57
CA GLY K 61 0.28 -23.46 -54.61
C GLY K 61 0.22 -24.24 -53.31
N LEU K 62 0.35 -23.55 -52.18
CA LEU K 62 0.25 -24.22 -50.90
C LEU K 62 -1.14 -24.86 -50.72
N ILE K 63 -2.16 -24.17 -51.20
CA ILE K 63 -3.52 -24.67 -51.15
C ILE K 63 -3.72 -25.84 -52.13
N PHE K 64 -3.27 -25.64 -53.36
CA PHE K 64 -3.38 -26.68 -54.39
C PHE K 64 -2.74 -27.98 -53.93
N ASP K 65 -1.61 -27.87 -53.23
CA ASP K 65 -0.84 -29.03 -52.79
C ASP K 65 -1.34 -29.58 -51.46
N GLY K 66 -2.34 -28.94 -50.86
CA GLY K 66 -2.98 -29.46 -49.65
C GLY K 66 -2.14 -29.31 -48.40
N VAL K 67 -1.15 -28.44 -48.45
CA VAL K 67 -0.19 -28.30 -47.38
C VAL K 67 -0.55 -27.22 -46.34
N VAL K 68 -1.51 -26.38 -46.69
CA VAL K 68 -2.22 -25.56 -45.70
C VAL K 68 -3.70 -25.81 -45.90
N ASP K 69 -4.49 -25.43 -44.90
CA ASP K 69 -5.92 -25.66 -44.93
C ASP K 69 -6.71 -24.51 -45.56
N LEU K 70 -6.41 -23.29 -45.12
CA LEU K 70 -7.06 -22.10 -45.66
C LEU K 70 -6.03 -21.09 -46.18
N GLY K 71 -6.47 -20.22 -47.08
CA GLY K 71 -5.67 -19.13 -47.56
C GLY K 71 -6.50 -17.90 -47.88
N ILE K 72 -5.89 -16.72 -47.69
CA ILE K 72 -6.47 -15.47 -48.15
C ILE K 72 -5.59 -14.90 -49.25
N ILE K 73 -6.16 -14.77 -50.44
CA ILE K 73 -5.38 -14.41 -51.62
C ILE K 73 -6.23 -13.60 -52.57
N GLY K 74 -5.60 -12.75 -53.36
CA GLY K 74 -6.30 -12.05 -54.43
C GLY K 74 -6.71 -13.02 -55.55
N GLU K 75 -7.93 -12.85 -56.05
CA GLU K 75 -8.44 -13.66 -57.14
C GLU K 75 -7.52 -13.70 -58.35
N ASN K 76 -6.98 -12.54 -58.69
CA ASN K 76 -6.06 -12.44 -59.81
C ASN K 76 -4.88 -13.43 -59.67
N VAL K 77 -4.26 -13.48 -58.50
CA VAL K 77 -3.08 -14.32 -58.27
C VAL K 77 -3.49 -15.79 -58.22
N LEU K 78 -4.64 -16.04 -57.59
CA LEU K 78 -5.21 -17.37 -57.56
C LEU K 78 -5.43 -17.95 -58.96
N GLU K 79 -6.11 -17.22 -59.84
CA GLU K 79 -6.40 -17.76 -61.16
C GLU K 79 -5.21 -17.76 -62.11
N GLU K 80 -4.34 -16.75 -62.00
CA GLU K 80 -3.11 -16.75 -62.77
C GLU K 80 -2.33 -18.04 -62.49
N ASN K 81 -2.19 -18.40 -61.21
CA ASN K 81 -1.45 -19.59 -60.83
C ASN K 81 -2.18 -20.88 -61.17
N GLU K 82 -3.49 -20.87 -61.04
CA GLU K 82 -4.30 -22.00 -61.45
C GLU K 82 -4.06 -22.26 -62.94
N LEU K 83 -4.20 -21.22 -63.75
CA LEU K 83 -4.02 -21.33 -65.20
C LEU K 83 -2.62 -21.80 -65.57
N GLU K 84 -1.61 -21.26 -64.89
CA GLU K 84 -0.23 -21.64 -65.15
C GLU K 84 -0.01 -23.13 -64.90
N ARG K 85 -0.48 -23.63 -63.75
CA ARG K 85 -0.33 -25.04 -63.44
C ARG K 85 -1.11 -25.95 -64.40
N GLN K 86 -2.30 -25.51 -64.82
CA GLN K 86 -3.05 -26.24 -65.84
C GLN K 86 -2.28 -26.32 -67.15
N SER K 87 -1.58 -25.25 -67.52
CA SER K 87 -0.81 -25.23 -68.76
C SER K 87 0.43 -26.14 -68.70
N LEU K 88 0.85 -26.53 -67.51
CA LEU K 88 1.90 -27.52 -67.32
C LEU K 88 1.34 -28.93 -67.14
N GLY K 89 0.05 -29.12 -67.43
CA GLY K 89 -0.59 -30.43 -67.38
C GLY K 89 -1.08 -30.86 -66.00
N GLU K 90 -0.92 -30.01 -64.98
CA GLU K 90 -1.40 -30.36 -63.64
C GLU K 90 -2.89 -30.09 -63.52
N ASN K 91 -3.48 -30.56 -62.44
CA ASN K 91 -4.90 -30.39 -62.20
C ASN K 91 -5.16 -29.75 -60.82
N PRO K 92 -4.75 -28.47 -60.66
CA PRO K 92 -4.94 -27.82 -59.37
C PRO K 92 -6.42 -27.69 -59.02
N SER K 93 -6.76 -27.83 -57.74
CA SER K 93 -8.14 -27.62 -57.30
C SER K 93 -8.20 -27.07 -55.89
N TYR K 94 -9.33 -26.44 -55.58
CA TYR K 94 -9.52 -25.77 -54.30
C TYR K 94 -11.00 -25.45 -54.12
N LYS K 95 -11.39 -25.11 -52.89
CA LYS K 95 -12.72 -24.65 -52.61
C LYS K 95 -12.71 -23.15 -52.35
N LEU K 96 -13.55 -22.43 -53.07
CA LEU K 96 -13.77 -21.00 -52.81
C LEU K 96 -14.78 -20.89 -51.70
N LEU K 97 -14.37 -20.42 -50.53
CA LEU K 97 -15.29 -20.27 -49.40
C LEU K 97 -16.04 -18.95 -49.43
N LYS K 98 -15.34 -17.85 -49.75
CA LYS K 98 -15.94 -16.53 -49.66
C LYS K 98 -15.13 -15.49 -50.41
N LYS K 99 -15.82 -14.69 -51.22
CA LYS K 99 -15.25 -13.48 -51.77
C LYS K 99 -15.31 -12.40 -50.70
N LEU K 100 -14.18 -11.75 -50.43
CA LEU K 100 -14.06 -10.83 -49.29
C LEU K 100 -14.25 -9.37 -49.70
N ASP K 101 -14.27 -8.48 -48.72
CA ASP K 101 -14.66 -7.09 -48.99
C ASP K 101 -13.45 -6.16 -49.00
N PHE K 102 -12.31 -6.68 -49.44
CA PHE K 102 -11.11 -5.88 -49.65
C PHE K 102 -10.25 -6.46 -50.76
N GLY K 103 -9.13 -5.83 -51.04
CA GLY K 103 -8.25 -6.25 -52.13
C GLY K 103 -8.82 -5.95 -53.51
N TYR K 104 -9.66 -4.93 -53.61
CA TYR K 104 -10.34 -4.61 -54.87
C TYR K 104 -9.37 -4.02 -55.85
N CYS K 105 -9.31 -4.59 -57.04
CA CYS K 105 -8.48 -4.04 -58.09
C CYS K 105 -8.93 -4.61 -59.41
N ARG K 106 -8.34 -4.11 -60.47
CA ARG K 106 -8.67 -4.58 -61.80
C ARG K 106 -7.43 -4.70 -62.66
N LEU K 107 -7.49 -5.64 -63.58
CA LEU K 107 -6.47 -5.84 -64.57
C LEU K 107 -6.98 -5.18 -65.85
N SER K 108 -6.20 -4.22 -66.38
CA SER K 108 -6.63 -3.42 -67.52
C SER K 108 -5.57 -3.29 -68.61
N LEU K 109 -6.03 -3.34 -69.86
CA LEU K 109 -5.21 -2.94 -70.98
C LEU K 109 -5.04 -1.43 -71.01
N ALA K 110 -3.81 -0.98 -71.26
CA ALA K 110 -3.51 0.43 -71.31
C ALA K 110 -2.56 0.72 -72.45
N LEU K 111 -2.64 1.96 -72.95
CA LEU K 111 -1.91 2.40 -74.14
C LEU K 111 -1.28 3.76 -73.86
N PRO K 112 -0.24 4.14 -74.62
CA PRO K 112 0.25 5.52 -74.52
C PRO K 112 -0.88 6.54 -74.75
N GLN K 113 -0.85 7.65 -74.01
CA GLN K 113 -1.90 8.69 -74.08
C GLN K 113 -2.14 9.17 -75.54
N GLU K 114 -1.07 9.26 -76.32
CA GLU K 114 -1.16 9.70 -77.71
C GLU K 114 -1.93 8.74 -78.64
N ASN K 115 -1.92 7.44 -78.35
CA ASN K 115 -2.55 6.46 -79.25
C ASN K 115 -4.05 6.67 -79.41
N LYS K 116 -4.57 6.41 -80.61
CA LYS K 116 -5.99 6.47 -80.90
C LYS K 116 -6.59 5.08 -80.68
N PHE K 117 -7.42 4.94 -79.65
CA PHE K 117 -8.08 3.67 -79.36
C PHE K 117 -9.56 3.75 -79.72
N GLN K 118 -9.99 2.90 -80.64
CA GLN K 118 -11.41 2.80 -81.00
C GLN K 118 -12.02 1.50 -80.48
N ASN K 119 -11.36 0.38 -80.75
CA ASN K 119 -11.86 -0.93 -80.42
C ASN K 119 -10.76 -1.92 -80.02
N LEU K 120 -11.14 -3.03 -79.38
CA LEU K 120 -10.20 -4.10 -79.01
C LEU K 120 -9.32 -4.56 -80.17
N LYS K 121 -9.86 -4.54 -81.39
CA LYS K 121 -9.10 -4.91 -82.58
C LYS K 121 -7.84 -4.06 -82.76
N ASP K 122 -7.79 -2.88 -82.15
CA ASP K 122 -6.59 -2.03 -82.21
C ASP K 122 -5.38 -2.66 -81.52
N PHE K 123 -5.60 -3.66 -80.66
CA PHE K 123 -4.54 -4.42 -80.04
C PHE K 123 -3.99 -5.55 -80.93
N GLU K 124 -4.62 -5.77 -82.09
CA GLU K 124 -4.20 -6.85 -82.99
C GLU K 124 -2.74 -6.71 -83.35
N GLY K 125 -1.97 -7.73 -83.03
CA GLY K 125 -0.55 -7.78 -83.41
C GLY K 125 0.39 -6.96 -82.54
N LEU K 126 -0.13 -6.33 -81.49
CA LEU K 126 0.72 -5.51 -80.63
C LEU K 126 1.52 -6.37 -79.65
N ARG K 127 2.66 -5.84 -79.22
CA ARG K 127 3.41 -6.40 -78.11
C ARG K 127 2.79 -5.88 -76.83
N ILE K 128 2.44 -6.77 -75.91
CA ILE K 128 1.77 -6.38 -74.65
C ILE K 128 2.53 -6.90 -73.44
N ALA K 129 2.94 -5.98 -72.59
CA ALA K 129 3.70 -6.32 -71.40
C ALA K 129 2.77 -6.52 -70.20
N THR K 130 3.01 -7.58 -69.44
CA THR K 130 2.17 -7.89 -68.27
C THR K 130 2.85 -8.79 -67.26
N SER K 131 2.44 -8.66 -66.00
CA SER K 131 2.78 -9.64 -64.97
C SER K 131 1.77 -10.79 -64.90
N TYR K 132 0.72 -10.76 -65.71
CA TYR K 132 -0.33 -11.76 -65.65
C TYR K 132 -0.57 -12.39 -67.01
N PRO K 133 0.46 -13.08 -67.55
CA PRO K 133 0.42 -13.59 -68.92
C PRO K 133 -0.76 -14.52 -69.16
N GLN K 134 -1.06 -15.38 -68.19
CA GLN K 134 -2.16 -16.33 -68.37
C GLN K 134 -3.52 -15.63 -68.43
N LEU K 135 -3.77 -14.69 -67.52
CA LEU K 135 -5.06 -13.97 -67.52
C LEU K 135 -5.22 -13.18 -68.81
N LEU K 136 -4.16 -12.51 -69.25
CA LEU K 136 -4.18 -11.80 -70.53
C LEU K 136 -4.43 -12.77 -71.68
N LYS K 137 -3.72 -13.89 -71.69
CA LYS K 137 -3.88 -14.88 -72.76
C LYS K 137 -5.30 -15.41 -72.88
N ARG K 138 -5.89 -15.79 -71.76
CA ARG K 138 -7.26 -16.27 -71.76
C ARG K 138 -8.21 -15.21 -72.32
N PHE K 139 -8.05 -13.95 -71.91
CA PHE K 139 -8.94 -12.89 -72.39
C PHE K 139 -8.77 -12.64 -73.88
N MET K 140 -7.53 -12.65 -74.36
CA MET K 140 -7.25 -12.42 -75.77
C MET K 140 -7.73 -13.58 -76.65
N LYS K 141 -7.61 -14.80 -76.17
CA LYS K 141 -8.16 -15.97 -76.85
C LYS K 141 -9.70 -15.89 -76.94
N GLU K 142 -10.35 -15.59 -75.82
CA GLU K 142 -11.80 -15.45 -75.78
C GLU K 142 -12.32 -14.43 -76.81
N ASN K 143 -11.56 -13.36 -77.02
CA ASN K 143 -11.94 -12.32 -77.95
C ASN K 143 -11.29 -12.41 -79.33
N GLY K 144 -10.58 -13.51 -79.58
CA GLY K 144 -9.95 -13.76 -80.88
C GLY K 144 -8.94 -12.73 -81.36
N ILE K 145 -8.12 -12.21 -80.45
CA ILE K 145 -7.10 -11.22 -80.81
C ILE K 145 -5.69 -11.82 -80.65
N ASN K 146 -4.91 -11.79 -81.73
CA ASN K 146 -3.51 -12.18 -81.71
C ASN K 146 -2.61 -11.04 -81.24
N TYR K 147 -1.61 -11.39 -80.44
CA TYR K 147 -0.70 -10.40 -79.87
C TYR K 147 0.63 -11.08 -79.55
N LYS K 148 1.61 -10.28 -79.16
CA LYS K 148 2.89 -10.82 -78.68
C LYS K 148 3.02 -10.52 -77.18
N ASN K 149 3.17 -11.56 -76.37
CA ASN K 149 3.31 -11.42 -74.94
C ASN K 149 4.73 -10.96 -74.54
N CYS K 150 4.80 -10.04 -73.60
CA CYS K 150 6.05 -9.69 -72.96
C CYS K 150 5.87 -9.73 -71.43
N THR K 151 6.47 -10.72 -70.78
CA THR K 151 6.30 -10.89 -69.34
C THR K 151 7.29 -10.04 -68.57
N LEU K 152 6.77 -9.19 -67.70
CA LEU K 152 7.57 -8.45 -66.75
C LEU K 152 6.96 -8.66 -65.39
N THR K 153 7.78 -8.91 -64.38
CA THR K 153 7.27 -9.24 -63.04
C THR K 153 7.06 -7.99 -62.20
N GLY K 154 7.31 -6.82 -62.75
CA GLY K 154 7.08 -5.57 -62.05
C GLY K 154 7.47 -4.39 -62.94
N SER K 155 7.26 -3.17 -62.45
CA SER K 155 7.51 -1.97 -63.24
C SER K 155 6.91 -2.08 -64.65
N VAL K 156 5.71 -2.63 -64.77
CA VAL K 156 5.13 -2.94 -66.08
C VAL K 156 4.90 -1.67 -66.92
N GLU K 157 4.62 -0.55 -66.26
CA GLU K 157 4.30 0.70 -66.94
C GLU K 157 5.51 1.35 -67.66
N VAL K 158 6.71 0.80 -67.47
CA VAL K 158 7.89 1.26 -68.19
C VAL K 158 7.88 0.82 -69.65
N ALA K 159 7.22 -0.29 -69.94
CA ALA K 159 7.45 -1.01 -71.19
C ALA K 159 7.29 -0.18 -72.47
N PRO K 160 6.23 0.67 -72.54
CA PRO K 160 6.00 1.42 -73.80
C PRO K 160 7.05 2.49 -74.04
N ARG K 161 7.30 3.36 -73.07
CA ARG K 161 8.32 4.40 -73.19
C ARG K 161 9.72 3.79 -73.39
N ALA K 162 9.96 2.60 -72.87
CA ALA K 162 11.23 1.89 -73.05
C ALA K 162 11.25 0.97 -74.27
N ASN K 163 10.20 1.04 -75.08
CA ASN K 163 10.08 0.22 -76.28
C ASN K 163 10.24 -1.29 -76.05
N LEU K 164 9.81 -1.76 -74.89
CA LEU K 164 9.72 -3.21 -74.61
C LEU K 164 8.38 -3.78 -75.11
N ALA K 165 7.36 -2.92 -75.16
CA ALA K 165 6.06 -3.31 -75.71
C ALA K 165 5.34 -2.09 -76.27
N ASP K 166 4.24 -2.35 -76.97
CA ASP K 166 3.36 -1.29 -77.50
C ASP K 166 2.27 -0.91 -76.50
N ALA K 167 1.95 -1.86 -75.61
CA ALA K 167 0.88 -1.66 -74.64
C ALA K 167 1.17 -2.47 -73.40
N ILE K 168 0.36 -2.27 -72.36
CA ILE K 168 0.47 -3.09 -71.16
C ILE K 168 -0.87 -3.60 -70.69
N CYS K 169 -0.81 -4.67 -69.90
CA CYS K 169 -1.94 -5.18 -69.18
C CYS K 169 -1.52 -5.23 -67.72
N ASP K 170 -2.00 -4.26 -66.94
CA ASP K 170 -1.53 -4.09 -65.59
C ASP K 170 -2.64 -3.94 -64.56
N LEU K 171 -2.28 -4.25 -63.32
CA LEU K 171 -3.16 -4.03 -62.17
C LEU K 171 -3.28 -2.56 -61.87
N VAL K 172 -4.49 -2.09 -61.64
CA VAL K 172 -4.73 -0.71 -61.26
C VAL K 172 -5.83 -0.63 -60.21
N SER K 173 -5.80 0.42 -59.40
CA SER K 173 -6.95 0.81 -58.59
C SER K 173 -7.15 2.34 -58.69
N SER K 174 -6.14 3.11 -58.29
CA SER K 174 -6.19 4.59 -58.38
C SER K 174 -5.96 5.16 -59.80
N GLY K 175 -4.98 4.66 -60.56
CA GLY K 175 -4.61 5.22 -61.88
C GLY K 175 -3.33 6.05 -61.90
N ALA K 176 -2.80 6.37 -60.71
CA ALA K 176 -1.62 7.23 -60.55
C ALA K 176 -0.42 6.86 -61.43
N THR K 177 0.03 5.61 -61.31
CA THR K 177 1.24 5.17 -61.99
C THR K 177 1.11 5.24 -63.52
N LEU K 178 -0.12 5.10 -64.03
CA LEU K 178 -0.38 5.20 -65.45
C LEU K 178 -0.16 6.63 -65.98
N GLN K 179 -0.73 7.61 -65.28
CA GLN K 179 -0.57 9.02 -65.64
C GLN K 179 0.92 9.38 -65.64
N ALA K 180 1.60 9.02 -64.56
CA ALA K 180 3.04 9.30 -64.41
C ALA K 180 3.90 8.73 -65.54
N ASN K 181 3.43 7.69 -66.23
CA ASN K 181 4.17 7.12 -67.36
C ASN K 181 3.49 7.35 -68.73
N ASN K 182 2.65 8.38 -68.80
CA ASN K 182 2.02 8.78 -70.05
C ASN K 182 1.18 7.65 -70.66
N LEU K 183 0.40 6.98 -69.83
CA LEU K 183 -0.48 5.89 -70.27
C LEU K 183 -1.93 6.17 -69.88
N LYS K 184 -2.85 5.62 -70.66
CA LYS K 184 -4.28 5.74 -70.39
C LYS K 184 -4.90 4.33 -70.36
N GLU K 185 -5.74 4.11 -69.36
CA GLU K 185 -6.52 2.90 -69.23
C GLU K 185 -7.58 2.89 -70.31
N VAL K 186 -7.74 1.76 -70.96
CA VAL K 186 -8.56 1.65 -72.16
C VAL K 186 -9.58 0.51 -72.16
N LYS K 187 -9.32 -0.56 -71.42
CA LYS K 187 -10.22 -1.70 -71.36
C LYS K 187 -9.92 -2.55 -70.13
N VAL K 188 -10.90 -2.69 -69.24
CA VAL K 188 -10.80 -3.58 -68.09
C VAL K 188 -11.03 -5.01 -68.57
N ILE K 189 -10.10 -5.91 -68.28
CA ILE K 189 -10.24 -7.30 -68.70
C ILE K 189 -10.55 -8.26 -67.58
N TYR K 190 -10.42 -7.81 -66.33
CA TYR K 190 -10.56 -8.69 -65.19
C TYR K 190 -10.68 -7.90 -63.91
N GLU K 191 -11.65 -8.27 -63.08
CA GLU K 191 -11.87 -7.60 -61.82
C GLU K 191 -11.60 -8.57 -60.69
N SER K 192 -10.92 -8.09 -59.66
CA SER K 192 -10.43 -8.97 -58.61
C SER K 192 -10.75 -8.44 -57.23
N ARG K 193 -10.79 -9.36 -56.29
CA ARG K 193 -10.85 -9.02 -54.89
C ARG K 193 -10.23 -10.17 -54.12
N ALA K 194 -9.92 -9.92 -52.85
CA ALA K 194 -9.44 -10.99 -51.98
C ALA K 194 -10.50 -12.08 -51.79
N CYS K 195 -10.04 -13.33 -51.69
CA CYS K 195 -10.87 -14.49 -51.46
C CYS K 195 -10.31 -15.32 -50.35
N LEU K 196 -11.20 -16.01 -49.65
CA LEU K 196 -10.83 -16.99 -48.67
C LEU K 196 -11.06 -18.33 -49.32
N ILE K 197 -10.00 -19.14 -49.41
CA ILE K 197 -10.08 -20.44 -50.08
C ILE K 197 -9.63 -21.55 -49.15
N GLN K 198 -9.94 -22.78 -49.55
CA GLN K 198 -9.65 -23.96 -48.77
C GLN K 198 -9.12 -25.05 -49.70
N LYS K 199 -8.25 -25.91 -49.16
CA LYS K 199 -7.75 -27.04 -49.94
C LYS K 199 -8.89 -28.00 -50.31
N GLU K 200 -8.68 -28.76 -51.38
CA GLU K 200 -9.71 -29.67 -51.89
C GLU K 200 -9.92 -30.89 -50.99
N ASN K 201 -8.84 -31.49 -50.51
CA ASN K 201 -8.96 -32.71 -49.70
C ASN K 201 -9.66 -32.46 -48.37
N ALA K 202 -10.62 -33.33 -48.06
CA ALA K 202 -11.45 -33.17 -46.88
C ALA K 202 -10.60 -33.02 -45.62
N LEU K 203 -11.06 -32.14 -44.73
CA LEU K 203 -10.41 -31.98 -43.43
C LEU K 203 -11.02 -32.98 -42.45
N SER K 204 -10.37 -33.15 -41.31
CA SER K 204 -10.95 -33.91 -40.20
C SER K 204 -12.26 -33.23 -39.78
N LYS K 205 -13.12 -33.98 -39.09
CA LYS K 205 -14.43 -33.44 -38.67
C LYS K 205 -14.24 -32.25 -37.74
N GLU K 206 -13.25 -32.32 -36.85
CA GLU K 206 -12.99 -31.25 -35.89
C GLU K 206 -12.48 -29.99 -36.59
N LYS K 207 -11.53 -30.15 -37.53
CA LYS K 207 -11.04 -29.01 -38.30
C LYS K 207 -12.14 -28.37 -39.15
N GLN K 208 -12.94 -29.19 -39.82
CA GLN K 208 -13.99 -28.68 -40.67
C GLN K 208 -15.01 -27.90 -39.83
N ALA K 209 -15.28 -28.37 -38.62
CA ALA K 209 -16.25 -27.70 -37.76
C ALA K 209 -15.72 -26.34 -37.34
N LEU K 210 -14.41 -26.26 -37.08
CA LEU K 210 -13.79 -24.99 -36.76
C LEU K 210 -13.86 -24.02 -37.96
N VAL K 211 -13.63 -24.53 -39.17
CA VAL K 211 -13.77 -23.72 -40.37
C VAL K 211 -15.20 -23.21 -40.50
N ASP K 212 -16.17 -24.09 -40.30
CA ASP K 212 -17.59 -23.71 -40.37
C ASP K 212 -17.89 -22.57 -39.41
N LYS K 213 -17.39 -22.68 -38.19
CA LYS K 213 -17.58 -21.65 -37.19
C LYS K 213 -16.95 -20.33 -37.64
N ILE K 214 -15.72 -20.40 -38.16
CA ILE K 214 -15.03 -19.20 -38.61
C ILE K 214 -15.77 -18.54 -39.76
N MET K 215 -16.25 -19.35 -40.68
CA MET K 215 -17.02 -18.84 -41.83
C MET K 215 -18.26 -18.05 -41.45
N LEU K 216 -18.99 -18.49 -40.43
CA LEU K 216 -20.16 -17.76 -39.95
C LEU K 216 -19.75 -16.42 -39.36
N ARG K 217 -18.63 -16.43 -38.65
CA ARG K 217 -18.05 -15.20 -38.16
C ARG K 217 -17.62 -14.25 -39.30
N VAL K 218 -16.98 -14.80 -40.33
CA VAL K 218 -16.54 -13.98 -41.46
C VAL K 218 -17.72 -13.27 -42.09
N ALA K 219 -18.79 -14.02 -42.34
CA ALA K 219 -20.02 -13.47 -42.89
C ALA K 219 -20.59 -12.38 -41.98
N GLY K 220 -20.64 -12.65 -40.70
CA GLY K 220 -21.12 -11.66 -39.71
C GLY K 220 -20.31 -10.37 -39.74
N VAL K 221 -18.99 -10.50 -39.73
CA VAL K 221 -18.11 -9.35 -39.71
C VAL K 221 -18.34 -8.51 -40.95
N MET K 222 -18.41 -9.16 -42.10
CA MET K 222 -18.61 -8.46 -43.36
C MET K 222 -19.99 -7.81 -43.44
N GLN K 223 -21.01 -8.48 -42.92
CA GLN K 223 -22.38 -7.95 -42.95
C GLN K 223 -22.49 -6.71 -42.05
N ALA K 224 -21.88 -6.76 -40.88
CA ALA K 224 -21.88 -5.63 -39.95
C ALA K 224 -21.21 -4.37 -40.54
N ARG K 225 -20.19 -4.56 -41.36
CA ARG K 225 -19.52 -3.46 -42.06
C ARG K 225 -20.43 -2.79 -43.09
N GLU K 226 -21.28 -3.58 -43.73
CA GLU K 226 -22.14 -3.11 -44.80
C GLU K 226 -23.49 -2.63 -44.26
N SER K 227 -24.10 -3.40 -43.36
CA SER K 227 -25.44 -3.07 -42.86
C SER K 227 -25.44 -1.87 -41.94
N LYS K 228 -26.56 -1.13 -41.93
CA LYS K 228 -26.75 -0.02 -41.02
C LYS K 228 -28.10 -0.11 -40.36
N TYR K 229 -28.22 0.49 -39.17
CA TYR K 229 -29.49 0.57 -38.48
C TYR K 229 -30.15 1.90 -38.84
N ILE K 230 -31.35 1.80 -39.42
CA ILE K 230 -32.02 2.96 -40.01
C ILE K 230 -33.29 3.28 -39.26
N MET K 231 -33.49 4.56 -39.01
CA MET K 231 -34.73 5.07 -38.45
C MET K 231 -35.17 6.25 -39.31
N LEU K 232 -36.44 6.26 -39.71
CA LEU K 232 -36.98 7.37 -40.50
C LEU K 232 -38.47 7.52 -40.32
N HIS K 233 -38.97 8.68 -40.74
CA HIS K 233 -40.42 8.91 -40.80
C HIS K 233 -40.85 8.75 -42.25
N ALA K 234 -41.94 8.02 -42.45
CA ALA K 234 -42.51 7.82 -43.77
C ALA K 234 -44.01 8.10 -43.77
N PRO K 235 -44.51 8.75 -44.85
CA PRO K 235 -45.98 8.85 -45.00
C PRO K 235 -46.57 7.47 -45.24
N LYS K 236 -47.71 7.18 -44.61
CA LYS K 236 -48.34 5.88 -44.77
C LYS K 236 -48.64 5.58 -46.24
N GLU K 237 -48.98 6.62 -46.99
CA GLU K 237 -49.28 6.54 -48.42
C GLU K 237 -48.09 6.15 -49.31
N LYS K 238 -46.87 6.28 -48.79
CA LYS K 238 -45.66 6.02 -49.57
C LYS K 238 -44.83 4.83 -49.05
N LEU K 239 -45.39 4.10 -48.10
CA LEU K 239 -44.67 3.06 -47.38
C LEU K 239 -44.12 1.98 -48.29
N ASP K 240 -44.91 1.54 -49.25
CA ASP K 240 -44.50 0.46 -50.16
C ASP K 240 -43.28 0.87 -51.00
N LYS K 241 -43.33 2.07 -51.56
CA LYS K 241 -42.22 2.59 -52.36
C LYS K 241 -40.94 2.73 -51.53
N ILE K 242 -41.08 3.23 -50.31
CA ILE K 242 -39.95 3.41 -49.40
C ILE K 242 -39.26 2.10 -49.06
N GLN K 243 -40.05 1.06 -48.79
CA GLN K 243 -39.51 -0.28 -48.50
C GLN K 243 -38.81 -0.92 -49.70
N ALA K 244 -39.32 -0.65 -50.90
CA ALA K 244 -38.66 -1.07 -52.14
C ALA K 244 -37.30 -0.40 -52.34
N LEU K 245 -37.19 0.87 -51.93
CA LEU K 245 -35.90 1.59 -52.02
C LEU K 245 -34.85 1.03 -51.07
N LEU K 246 -35.30 0.34 -50.02
CA LEU K 246 -34.44 -0.08 -48.93
C LEU K 246 -34.61 -1.55 -48.60
N PRO K 247 -33.98 -2.43 -49.37
CA PRO K 247 -34.01 -3.85 -48.98
C PRO K 247 -33.39 -4.07 -47.60
N GLY K 248 -34.08 -4.81 -46.76
CA GLY K 248 -33.64 -5.06 -45.39
C GLY K 248 -33.30 -6.51 -45.14
N VAL K 249 -32.59 -6.76 -44.03
CA VAL K 249 -32.25 -8.14 -43.65
C VAL K 249 -33.50 -8.83 -43.10
N GLU K 250 -34.39 -8.05 -42.48
CA GLU K 250 -35.69 -8.53 -42.00
C GLU K 250 -36.77 -7.53 -42.43
N ARG K 251 -38.03 -7.82 -42.10
CA ARG K 251 -39.13 -6.88 -42.34
C ARG K 251 -38.94 -5.65 -41.44
N PRO K 252 -39.27 -4.46 -41.94
CA PRO K 252 -39.16 -3.28 -41.09
C PRO K 252 -40.15 -3.29 -39.93
N THR K 253 -39.74 -2.69 -38.82
CA THR K 253 -40.62 -2.43 -37.71
C THR K 253 -41.31 -1.09 -37.96
N ILE K 254 -42.64 -1.10 -37.89
CA ILE K 254 -43.42 0.08 -38.18
C ILE K 254 -44.10 0.52 -36.87
N LEU K 255 -43.89 1.78 -36.50
CA LEU K 255 -44.40 2.31 -35.25
C LEU K 255 -45.23 3.56 -35.50
N PRO K 256 -46.38 3.68 -34.82
CA PRO K 256 -47.17 4.90 -34.95
C PRO K 256 -46.47 6.08 -34.30
N LEU K 257 -46.64 7.26 -34.90
CA LEU K 257 -46.13 8.50 -34.32
C LEU K 257 -47.25 9.20 -33.55
N ALA K 258 -46.97 9.55 -32.31
CA ALA K 258 -48.02 10.00 -31.37
C ALA K 258 -48.86 11.20 -31.85
N HIS K 259 -48.20 12.26 -32.32
CA HIS K 259 -48.92 13.46 -32.65
C HIS K 259 -49.28 13.55 -34.13
N ASP K 260 -49.22 12.43 -34.86
CA ASP K 260 -49.22 12.46 -36.31
C ASP K 260 -49.88 11.21 -36.90
N GLU K 261 -51.00 11.42 -37.60
CA GLU K 261 -51.81 10.34 -38.12
C GLU K 261 -51.42 9.95 -39.54
N LYS K 262 -50.85 10.89 -40.29
CA LYS K 262 -50.50 10.66 -41.70
C LYS K 262 -49.16 9.92 -41.90
N ASN K 263 -48.31 9.95 -40.87
CA ASN K 263 -46.98 9.34 -40.95
C ASN K 263 -46.74 8.24 -39.92
N VAL K 264 -45.76 7.39 -40.23
CA VAL K 264 -45.24 6.36 -39.31
C VAL K 264 -43.72 6.40 -39.15
N ALA K 265 -43.22 5.81 -38.07
CA ALA K 265 -41.80 5.64 -37.87
C ALA K 265 -41.41 4.26 -38.39
N LEU K 266 -40.30 4.21 -39.11
CA LEU K 266 -39.80 2.96 -39.68
C LEU K 266 -38.41 2.69 -39.09
N HIS K 267 -38.22 1.51 -38.48
CA HIS K 267 -36.93 1.06 -37.95
C HIS K 267 -36.56 -0.20 -38.66
N MET K 268 -35.34 -0.25 -39.19
CA MET K 268 -34.91 -1.41 -39.98
C MET K 268 -33.39 -1.52 -40.09
N VAL K 269 -32.93 -2.68 -40.54
CA VAL K 269 -31.53 -2.95 -40.80
C VAL K 269 -31.38 -3.14 -42.29
N SER K 270 -30.57 -2.28 -42.92
CA SER K 270 -30.34 -2.40 -44.35
C SER K 270 -29.44 -3.60 -44.68
N LYS K 271 -29.65 -4.20 -45.84
CA LYS K 271 -28.80 -5.30 -46.34
C LYS K 271 -27.49 -4.74 -46.88
N GLU K 272 -27.59 -3.57 -47.47
CA GLU K 272 -26.43 -2.89 -48.03
C GLU K 272 -26.24 -1.53 -47.38
N ASN K 273 -25.10 -0.90 -47.66
CA ASN K 273 -24.80 0.39 -47.09
C ASN K 273 -25.69 1.44 -47.75
N LEU K 274 -25.95 2.53 -47.04
CA LEU K 274 -26.75 3.60 -47.55
C LEU K 274 -25.89 4.67 -48.19
N PHE K 275 -26.03 4.81 -49.50
CA PHE K 275 -25.38 5.86 -50.22
C PHE K 275 -26.29 7.07 -50.30
N TRP K 276 -25.69 8.22 -50.56
CA TRP K 276 -26.45 9.45 -50.68
C TRP K 276 -27.58 9.39 -51.71
N GLU K 277 -27.36 8.68 -52.81
CA GLU K 277 -28.40 8.47 -53.85
C GLU K 277 -29.69 7.90 -53.22
N THR K 278 -29.52 6.88 -52.38
CA THR K 278 -30.64 6.25 -51.70
C THR K 278 -31.30 7.19 -50.70
N MET K 279 -30.46 7.92 -49.94
CA MET K 279 -30.97 8.89 -48.98
C MET K 279 -31.84 9.90 -49.73
N GLU K 280 -31.34 10.36 -50.87
CA GLU K 280 -32.03 11.37 -51.67
C GLU K 280 -33.32 10.81 -52.30
N ALA K 281 -33.27 9.58 -52.78
CA ALA K 281 -34.46 8.91 -53.31
C ALA K 281 -35.53 8.77 -52.21
N LEU K 282 -35.11 8.41 -50.99
CA LEU K 282 -36.06 8.29 -49.88
C LEU K 282 -36.73 9.63 -49.60
N LYS K 283 -35.94 10.69 -49.59
CA LYS K 283 -36.49 12.02 -49.39
C LYS K 283 -37.47 12.40 -50.50
N GLU K 284 -37.12 12.09 -51.74
CA GLU K 284 -37.98 12.33 -52.88
C GLU K 284 -39.35 11.67 -52.70
N GLU K 285 -39.35 10.44 -52.18
CA GLU K 285 -40.58 9.71 -51.88
C GLU K 285 -41.31 10.18 -50.62
N GLY K 286 -40.81 11.22 -49.96
CA GLY K 286 -41.51 11.84 -48.83
C GLY K 286 -40.99 11.43 -47.46
N ALA K 287 -39.98 10.57 -47.42
CA ALA K 287 -39.35 10.20 -46.13
C ALA K 287 -38.69 11.41 -45.49
N SER K 288 -38.69 11.46 -44.18
CA SER K 288 -38.02 12.52 -43.43
C SER K 288 -37.36 11.98 -42.14
N SER K 289 -36.55 12.82 -41.50
CA SER K 289 -35.80 12.47 -40.28
C SER K 289 -35.06 11.15 -40.43
N ILE K 290 -34.28 11.05 -41.49
CA ILE K 290 -33.59 9.81 -41.81
C ILE K 290 -32.29 9.71 -40.99
N LEU K 291 -32.18 8.67 -40.18
CA LEU K 291 -31.02 8.42 -39.34
C LEU K 291 -30.41 7.09 -39.69
N VAL K 292 -29.09 7.08 -39.84
CA VAL K 292 -28.34 5.89 -40.18
C VAL K 292 -27.28 5.72 -39.10
N LEU K 293 -27.39 4.64 -38.31
CA LEU K 293 -26.46 4.35 -37.24
C LEU K 293 -25.57 3.16 -37.61
N PRO K 294 -24.32 3.17 -37.12
CA PRO K 294 -23.40 2.07 -37.41
C PRO K 294 -23.71 0.87 -36.55
N ILE K 295 -23.40 -0.30 -37.07
CA ILE K 295 -23.54 -1.55 -36.37
C ILE K 295 -22.15 -2.15 -36.15
N GLU K 296 -21.87 -2.59 -34.94
CA GLU K 296 -20.57 -3.18 -34.61
C GLU K 296 -20.52 -4.70 -34.82
N LYS K 297 -21.60 -5.39 -34.51
CA LYS K 297 -21.69 -6.85 -34.70
C LYS K 297 -23.11 -7.24 -35.01
N MET K 298 -23.26 -8.31 -35.77
CA MET K 298 -24.59 -8.87 -35.99
C MET K 298 -24.58 -10.36 -36.37
N LEU K 299 -25.75 -10.97 -36.19
CA LEU K 299 -26.02 -12.37 -36.54
C LEU K 299 -27.52 -12.52 -36.71
N LYS K 300 -27.96 -12.91 -37.90
CA LYS K 300 -29.41 -13.13 -38.15
C LYS K 300 -29.93 -14.34 -37.37
N THR L 6 20.70 4.23 -81.35
CA THR L 6 20.17 5.48 -80.68
C THR L 6 20.72 5.64 -79.23
N ARG L 7 19.88 5.89 -78.22
CA ARG L 7 20.35 6.03 -76.83
C ARG L 7 20.62 4.67 -76.17
N LEU L 8 21.66 4.65 -75.34
CA LEU L 8 22.09 3.45 -74.64
C LEU L 8 21.14 3.14 -73.49
N ARG L 9 20.73 1.90 -73.39
CA ARG L 9 19.77 1.52 -72.38
C ARG L 9 20.37 0.63 -71.28
N ILE L 10 20.23 1.08 -70.04
CA ILE L 10 20.81 0.40 -68.89
C ILE L 10 19.68 0.07 -67.90
N ALA L 11 19.55 -1.21 -67.58
CA ALA L 11 18.54 -1.67 -66.62
C ALA L 11 19.14 -1.81 -65.23
N ILE L 12 18.53 -1.15 -64.27
CA ILE L 12 18.91 -1.27 -62.87
C ILE L 12 17.68 -1.57 -62.03
N GLN L 13 17.89 -2.00 -60.80
CA GLN L 13 16.80 -2.29 -59.88
C GLN L 13 16.06 -1.01 -59.45
N LYS L 14 14.73 -1.03 -59.57
CA LYS L 14 13.91 0.12 -59.17
C LYS L 14 14.06 0.45 -57.70
N SER L 15 13.85 -0.55 -56.85
CA SER L 15 13.95 -0.35 -55.41
C SER L 15 14.32 -1.67 -54.77
N GLY L 16 15.24 -1.62 -53.85
CA GLY L 16 15.79 -2.82 -53.26
C GLY L 16 17.24 -2.58 -52.87
N ARG L 17 17.94 -3.66 -52.60
CA ARG L 17 19.27 -3.57 -52.02
C ARG L 17 20.34 -3.05 -52.98
N LEU L 18 20.09 -3.12 -54.28
CA LEU L 18 21.05 -2.68 -55.28
C LEU L 18 20.78 -1.28 -55.81
N SER L 19 19.60 -0.76 -55.53
CA SER L 19 19.16 0.47 -56.19
C SER L 19 20.03 1.66 -55.91
N LYS L 20 20.25 1.96 -54.64
CA LYS L 20 20.97 3.17 -54.27
C LYS L 20 22.38 3.15 -54.86
N GLU L 21 23.07 2.03 -54.68
CA GLU L 21 24.44 1.91 -55.15
C GLU L 21 24.56 1.85 -56.67
N SER L 22 23.54 1.34 -57.35
CA SER L 22 23.56 1.34 -58.80
C SER L 22 23.49 2.77 -59.35
N ILE L 23 22.58 3.57 -58.79
CA ILE L 23 22.44 4.97 -59.16
C ILE L 23 23.71 5.73 -58.81
N GLU L 24 24.23 5.53 -57.61
CA GLU L 24 25.45 6.21 -57.17
C GLU L 24 26.60 5.94 -58.12
N LEU L 25 26.78 4.68 -58.53
CA LEU L 25 27.86 4.34 -59.44
C LEU L 25 27.74 5.11 -60.76
N LEU L 26 26.53 5.12 -61.33
CA LEU L 26 26.32 5.81 -62.60
C LEU L 26 26.55 7.31 -62.44
N SER L 27 26.10 7.84 -61.33
CA SER L 27 26.28 9.25 -61.02
C SER L 27 27.77 9.59 -60.87
N GLU L 28 28.52 8.78 -60.13
CA GLU L 28 29.96 8.99 -59.98
C GLU L 28 30.72 8.80 -61.29
N CYS L 29 30.13 8.07 -62.23
CA CYS L 29 30.69 7.95 -63.57
C CYS L 29 30.29 9.12 -64.48
N GLY L 30 29.73 10.18 -63.90
CA GLY L 30 29.36 11.36 -64.66
C GLY L 30 28.06 11.25 -65.46
N VAL L 31 27.21 10.27 -65.14
CA VAL L 31 25.90 10.21 -65.77
C VAL L 31 24.95 11.06 -64.95
N LYS L 32 24.67 12.27 -65.43
CA LYS L 32 23.69 13.16 -64.76
C LYS L 32 22.27 12.80 -65.18
N MET L 33 21.40 12.72 -64.19
CA MET L 33 20.02 12.34 -64.39
C MET L 33 19.20 12.74 -63.16
N HIS L 34 17.90 12.92 -63.36
CA HIS L 34 17.00 13.20 -62.24
C HIS L 34 16.04 12.01 -62.08
N ILE L 35 16.16 11.31 -60.96
CA ILE L 35 15.39 10.11 -60.70
C ILE L 35 14.31 10.36 -59.65
N HIS L 36 13.05 10.23 -60.05
CA HIS L 36 11.93 10.33 -59.14
C HIS L 36 11.32 8.95 -58.96
N GLU L 37 11.09 8.57 -57.70
CA GLU L 37 10.70 7.20 -57.34
C GLU L 37 9.57 6.63 -58.21
N GLN L 38 8.60 7.47 -58.55
CA GLN L 38 7.48 7.05 -59.39
C GLN L 38 7.84 6.86 -60.88
N SER L 39 8.97 7.44 -61.29
CA SER L 39 9.41 7.38 -62.67
C SER L 39 10.27 6.15 -62.96
N LEU L 40 9.74 5.28 -63.81
CA LEU L 40 10.40 4.07 -64.25
C LEU L 40 11.63 4.27 -65.13
N ILE L 41 11.58 5.28 -65.99
CA ILE L 41 12.69 5.54 -66.86
C ILE L 41 13.23 6.96 -66.70
N ALA L 42 14.53 7.06 -66.46
CA ALA L 42 15.22 8.32 -66.28
C ALA L 42 16.11 8.55 -67.50
N PHE L 43 16.06 9.76 -68.03
CA PHE L 43 16.85 10.12 -69.20
C PHE L 43 18.03 10.97 -68.74
N SER L 44 19.23 10.52 -69.10
CA SER L 44 20.42 11.29 -68.77
C SER L 44 20.40 12.62 -69.53
N THR L 45 20.73 13.69 -68.83
CA THR L 45 20.68 15.05 -69.40
C THR L 45 21.96 15.39 -70.15
N ASN L 46 23.09 14.77 -69.79
CA ASN L 46 24.38 15.07 -70.40
C ASN L 46 24.96 13.97 -71.29
N LEU L 47 24.35 12.79 -71.30
CA LEU L 47 24.81 11.69 -72.15
C LEU L 47 23.62 10.99 -72.79
N PRO L 48 23.83 10.34 -73.95
CA PRO L 48 22.74 9.63 -74.62
C PRO L 48 22.46 8.27 -73.96
N ILE L 49 21.87 8.32 -72.77
CA ILE L 49 21.66 7.13 -71.94
C ILE L 49 20.28 7.16 -71.30
N ASP L 50 19.58 6.03 -71.38
CA ASP L 50 18.31 5.85 -70.70
C ASP L 50 18.46 4.81 -69.60
N ILE L 51 18.03 5.16 -68.39
CA ILE L 51 18.07 4.25 -67.27
C ILE L 51 16.68 3.68 -67.03
N LEU L 52 16.53 2.37 -67.14
CA LEU L 52 15.26 1.72 -66.88
C LEU L 52 15.28 1.14 -65.49
N ARG L 53 14.32 1.54 -64.67
CA ARG L 53 14.23 1.03 -63.33
C ARG L 53 13.18 -0.07 -63.27
N VAL L 54 13.66 -1.29 -63.09
CA VAL L 54 12.83 -2.48 -63.22
C VAL L 54 12.97 -3.37 -62.00
N ARG L 55 12.26 -4.48 -61.99
CA ARG L 55 12.44 -5.46 -60.95
C ARG L 55 13.69 -6.28 -61.28
N ASP L 56 14.49 -6.58 -60.26
CA ASP L 56 15.79 -7.18 -60.50
C ASP L 56 15.64 -8.51 -61.21
N ASP L 57 14.57 -9.23 -60.88
CA ASP L 57 14.25 -10.53 -61.50
C ASP L 57 14.24 -10.52 -63.02
N ASP L 58 13.85 -9.40 -63.61
CA ASP L 58 13.73 -9.31 -65.05
C ASP L 58 15.01 -8.90 -65.77
N ILE L 59 15.99 -8.37 -65.04
CA ILE L 59 17.18 -7.81 -65.69
C ILE L 59 17.93 -8.84 -66.53
N PRO L 60 18.13 -10.06 -65.99
CA PRO L 60 18.83 -11.05 -66.80
C PRO L 60 18.13 -11.34 -68.12
N GLY L 61 16.81 -11.57 -68.05
CA GLY L 61 16.00 -11.82 -69.24
C GLY L 61 16.04 -10.68 -70.26
N LEU L 62 15.96 -9.44 -69.78
CA LEU L 62 16.02 -8.31 -70.69
C LEU L 62 17.36 -8.30 -71.43
N ILE L 63 18.43 -8.66 -70.73
CA ILE L 63 19.77 -8.74 -71.33
C ILE L 63 19.89 -9.93 -72.27
N PHE L 64 19.48 -11.11 -71.80
CA PHE L 64 19.47 -12.30 -72.65
C PHE L 64 18.73 -12.07 -73.98
N ASP L 65 17.61 -11.36 -73.93
CA ASP L 65 16.77 -11.12 -75.11
C ASP L 65 17.26 -9.94 -75.95
N GLY L 66 18.30 -9.25 -75.49
CA GLY L 66 18.92 -8.17 -76.26
C GLY L 66 18.12 -6.88 -76.29
N VAL L 67 17.19 -6.73 -75.36
CA VAL L 67 16.25 -5.64 -75.38
C VAL L 67 16.70 -4.42 -74.54
N VAL L 68 17.71 -4.63 -73.71
CA VAL L 68 18.47 -3.54 -73.15
C VAL L 68 19.93 -3.82 -73.42
N ASP L 69 20.77 -2.80 -73.29
CA ASP L 69 22.19 -2.91 -73.62
C ASP L 69 23.02 -3.34 -72.42
N LEU L 70 22.81 -2.67 -71.29
CA LEU L 70 23.54 -2.98 -70.07
C LEU L 70 22.58 -3.25 -68.92
N GLY L 71 23.07 -3.97 -67.92
CA GLY L 71 22.32 -4.23 -66.71
C GLY L 71 23.23 -4.33 -65.49
N ILE L 72 22.71 -3.89 -64.34
CA ILE L 72 23.35 -4.14 -63.07
C ILE L 72 22.49 -5.07 -62.27
N ILE L 73 23.03 -6.25 -61.95
CA ILE L 73 22.26 -7.30 -61.31
C ILE L 73 23.15 -8.10 -60.37
N GLY L 74 22.55 -8.68 -59.35
CA GLY L 74 23.26 -9.62 -58.48
C GLY L 74 23.59 -10.89 -59.24
N GLU L 75 24.80 -11.39 -59.01
CA GLU L 75 25.25 -12.65 -59.64
C GLU L 75 24.27 -13.79 -59.41
N ASN L 76 23.79 -13.90 -58.18
CA ASN L 76 22.85 -14.96 -57.80
C ASN L 76 21.62 -14.99 -58.71
N VAL L 77 21.03 -13.82 -58.97
CA VAL L 77 19.84 -13.75 -59.79
C VAL L 77 20.19 -13.98 -61.25
N LEU L 78 21.32 -13.43 -61.67
CA LEU L 78 21.79 -13.66 -63.03
C LEU L 78 21.93 -15.16 -63.33
N GLU L 79 22.63 -15.89 -62.48
CA GLU L 79 22.91 -17.29 -62.82
C GLU L 79 21.70 -18.18 -62.59
N GLU L 80 20.90 -17.88 -61.58
CA GLU L 80 19.68 -18.61 -61.36
C GLU L 80 18.81 -18.56 -62.62
N ASN L 81 18.66 -17.37 -63.19
CA ASN L 81 17.88 -17.22 -64.41
C ASN L 81 18.53 -17.82 -65.64
N GLU L 82 19.85 -17.70 -65.72
CA GLU L 82 20.59 -18.34 -66.81
C GLU L 82 20.35 -19.85 -66.78
N LEU L 83 20.55 -20.44 -65.61
CA LEU L 83 20.36 -21.88 -65.45
C LEU L 83 18.92 -22.32 -65.76
N GLU L 84 17.96 -21.53 -65.30
CA GLU L 84 16.56 -21.83 -65.56
C GLU L 84 16.25 -21.87 -67.04
N ARG L 85 16.69 -20.86 -67.77
CA ARG L 85 16.46 -20.82 -69.20
C ARG L 85 17.18 -21.94 -69.94
N GLN L 86 18.39 -22.30 -69.48
CA GLN L 86 19.09 -23.44 -70.05
C GLN L 86 18.31 -24.74 -69.86
N SER L 87 17.67 -24.89 -68.70
CA SER L 87 16.89 -26.09 -68.40
C SER L 87 15.61 -26.18 -69.24
N LEU L 88 15.18 -25.07 -69.83
CA LEU L 88 14.07 -25.07 -70.78
C LEU L 88 14.56 -25.17 -72.22
N GLY L 89 15.83 -25.51 -72.42
CA GLY L 89 16.40 -25.71 -73.74
C GLY L 89 16.89 -24.45 -74.44
N GLU L 90 16.78 -23.28 -73.80
CA GLU L 90 17.23 -22.04 -74.43
C GLU L 90 18.73 -21.90 -74.26
N ASN L 91 19.30 -20.92 -74.97
CA ASN L 91 20.73 -20.67 -74.91
C ASN L 91 21.01 -19.21 -74.57
N PRO L 92 20.69 -18.81 -73.32
CA PRO L 92 20.90 -17.42 -72.94
C PRO L 92 22.38 -17.09 -72.95
N SER L 93 22.73 -15.88 -73.35
CA SER L 93 24.10 -15.46 -73.31
C SER L 93 24.21 -13.97 -73.06
N TYR L 94 25.39 -13.58 -72.58
CA TYR L 94 25.63 -12.21 -72.18
C TYR L 94 27.13 -12.01 -72.00
N LYS L 95 27.55 -10.76 -71.90
CA LYS L 95 28.94 -10.42 -71.59
C LYS L 95 29.02 -9.89 -70.16
N LEU L 96 29.88 -10.49 -69.36
CA LEU L 96 30.18 -9.98 -68.03
C LEU L 96 31.23 -8.90 -68.21
N LEU L 97 30.87 -7.64 -67.96
CA LEU L 97 31.81 -6.54 -68.07
C LEU L 97 32.64 -6.33 -66.81
N LYS L 98 32.02 -6.43 -65.63
CA LYS L 98 32.70 -6.12 -64.39
C LYS L 98 31.96 -6.62 -63.16
N LYS L 99 32.67 -7.27 -62.25
CA LYS L 99 32.17 -7.56 -60.93
C LYS L 99 32.32 -6.31 -60.11
N LEU L 100 31.25 -5.88 -59.44
CA LEU L 100 31.22 -4.59 -58.76
C LEU L 100 31.50 -4.72 -57.26
N ASP L 101 31.59 -3.58 -56.57
CA ASP L 101 32.05 -3.57 -55.19
C ASP L 101 30.89 -3.36 -54.21
N PHE L 102 29.71 -3.87 -54.57
CA PHE L 102 28.57 -3.88 -53.66
C PHE L 102 27.64 -5.05 -53.97
N GLY L 103 26.55 -5.16 -53.22
CA GLY L 103 25.62 -6.28 -53.37
C GLY L 103 26.15 -7.60 -52.85
N TYR L 104 27.05 -7.53 -51.89
CA TYR L 104 27.66 -8.75 -51.34
C TYR L 104 26.62 -9.52 -50.54
N CYS L 105 26.47 -10.80 -50.86
CA CYS L 105 25.64 -11.69 -50.05
C CYS L 105 26.02 -13.11 -50.33
N ARG L 106 25.43 -14.03 -49.59
CA ARG L 106 25.68 -15.45 -49.80
C ARG L 106 24.43 -16.30 -49.68
N LEU L 107 24.46 -17.40 -50.42
CA LEU L 107 23.40 -18.38 -50.40
C LEU L 107 23.91 -19.52 -49.54
N SER L 108 23.16 -19.86 -48.49
CA SER L 108 23.60 -20.84 -47.49
C SER L 108 22.53 -21.87 -47.13
N LEU L 109 22.98 -23.11 -46.97
CA LEU L 109 22.15 -24.15 -46.37
C LEU L 109 22.01 -23.88 -44.88
N ALA L 110 20.80 -24.04 -44.37
CA ALA L 110 20.51 -23.84 -42.96
C ALA L 110 19.57 -24.93 -42.44
N LEU L 111 19.66 -25.20 -41.14
CA LEU L 111 18.96 -26.28 -40.48
C LEU L 111 18.35 -25.77 -39.19
N PRO L 112 17.34 -26.47 -38.65
CA PRO L 112 16.85 -26.11 -37.31
C PRO L 112 17.98 -26.14 -36.27
N GLN L 113 17.95 -25.21 -35.33
CA GLN L 113 19.01 -25.10 -34.30
C GLN L 113 19.27 -26.44 -33.59
N GLU L 114 18.21 -27.21 -33.35
CA GLU L 114 18.31 -28.49 -32.67
C GLU L 114 19.08 -29.57 -33.44
N ASN L 115 19.06 -29.53 -34.77
CA ASN L 115 19.67 -30.57 -35.58
C ASN L 115 21.19 -30.69 -35.38
N LYS L 116 21.69 -31.91 -35.44
CA LYS L 116 23.12 -32.18 -35.34
C LYS L 116 23.69 -32.23 -36.76
N PHE L 117 24.53 -31.25 -37.09
CA PHE L 117 25.18 -31.19 -38.41
C PHE L 117 26.65 -31.54 -38.28
N GLN L 118 27.07 -32.59 -38.97
CA GLN L 118 28.47 -32.97 -39.04
C GLN L 118 29.06 -32.67 -40.42
N ASN L 119 28.38 -33.09 -41.48
CA ASN L 119 28.87 -32.83 -42.84
C ASN L 119 27.72 -32.79 -43.85
N LEU L 120 28.06 -32.41 -45.07
CA LEU L 120 27.10 -32.27 -46.17
C LEU L 120 26.23 -33.50 -46.37
N LYS L 121 26.78 -34.69 -46.12
CA LYS L 121 26.01 -35.94 -46.25
C LYS L 121 24.75 -35.95 -45.36
N ASP L 122 24.73 -35.14 -44.31
CA ASP L 122 23.55 -35.02 -43.45
C ASP L 122 22.32 -34.46 -44.18
N PHE L 123 22.53 -33.81 -45.32
CA PHE L 123 21.45 -33.33 -46.18
C PHE L 123 20.91 -34.41 -47.12
N GLU L 124 21.53 -35.59 -47.13
CA GLU L 124 21.09 -36.66 -48.02
C GLU L 124 19.62 -37.01 -47.78
N GLY L 125 18.83 -36.87 -48.83
CA GLY L 125 17.41 -37.25 -48.79
C GLY L 125 16.49 -36.25 -48.11
N LEU L 126 17.02 -35.10 -47.69
CA LEU L 126 16.18 -34.09 -47.03
C LEU L 126 15.37 -33.28 -48.05
N ARG L 127 14.25 -32.76 -47.58
CA ARG L 127 13.47 -31.78 -48.32
C ARG L 127 14.14 -30.43 -48.04
N ILE L 128 14.48 -29.70 -49.11
CA ILE L 128 15.14 -28.39 -48.95
C ILE L 128 14.36 -27.28 -49.66
N ALA L 129 13.96 -26.26 -48.91
CA ALA L 129 13.17 -25.16 -49.44
C ALA L 129 14.09 -24.02 -49.86
N THR L 130 13.84 -23.46 -51.04
CA THR L 130 14.68 -22.39 -51.57
C THR L 130 13.96 -21.54 -52.62
N SER L 131 14.36 -20.27 -52.72
CA SER L 131 14.01 -19.44 -53.86
C SER L 131 14.99 -19.60 -55.01
N TYR L 132 16.05 -20.38 -54.83
CA TYR L 132 17.08 -20.51 -55.85
C TYR L 132 17.29 -21.98 -56.21
N PRO L 133 16.24 -22.62 -56.73
CA PRO L 133 16.29 -24.05 -57.03
C PRO L 133 17.46 -24.45 -57.93
N GLN L 134 17.75 -23.67 -58.95
CA GLN L 134 18.79 -24.03 -59.89
C GLN L 134 20.17 -23.98 -59.25
N LEU L 135 20.44 -22.92 -58.50
CA LEU L 135 21.75 -22.80 -57.85
C LEU L 135 21.93 -23.92 -56.86
N LEU L 136 20.88 -24.22 -56.07
CA LEU L 136 20.93 -25.33 -55.15
C LEU L 136 21.17 -26.64 -55.89
N LYS L 137 20.44 -26.86 -56.97
CA LYS L 137 20.57 -28.09 -57.73
C LYS L 137 21.99 -28.30 -58.26
N ARG L 138 22.57 -27.26 -58.85
CA ARG L 138 23.92 -27.35 -59.39
C ARG L 138 24.93 -27.68 -58.30
N PHE L 139 24.81 -27.05 -57.13
CA PHE L 139 25.69 -27.35 -56.01
C PHE L 139 25.52 -28.79 -55.50
N MET L 140 24.29 -29.25 -55.37
CA MET L 140 24.03 -30.60 -54.86
C MET L 140 24.48 -31.68 -55.86
N LYS L 141 24.31 -31.43 -57.16
CA LYS L 141 24.83 -32.33 -58.18
C LYS L 141 26.36 -32.40 -58.15
N GLU L 142 27.02 -31.25 -58.07
CA GLU L 142 28.49 -31.18 -57.96
C GLU L 142 29.03 -31.99 -56.78
N ASN L 143 28.29 -32.00 -55.68
CA ASN L 143 28.70 -32.73 -54.47
C ASN L 143 28.04 -34.10 -54.30
N GLY L 144 27.31 -34.55 -55.32
CA GLY L 144 26.68 -35.87 -55.32
C GLY L 144 25.70 -36.16 -54.19
N ILE L 145 24.89 -35.16 -53.83
CA ILE L 145 23.90 -35.34 -52.77
C ILE L 145 22.49 -35.30 -53.36
N ASN L 146 21.71 -36.35 -53.13
CA ASN L 146 20.30 -36.39 -53.46
C ASN L 146 19.43 -35.71 -52.43
N TYR L 147 18.43 -34.97 -52.89
CA TYR L 147 17.54 -34.22 -52.01
C TYR L 147 16.20 -34.01 -52.71
N LYS L 148 15.22 -33.49 -51.98
CA LYS L 148 13.95 -33.13 -52.58
C LYS L 148 13.82 -31.60 -52.55
N ASN L 149 13.66 -31.00 -53.72
CA ASN L 149 13.49 -29.56 -53.83
C ASN L 149 12.09 -29.10 -53.43
N CYS L 150 12.01 -28.01 -52.67
CA CYS L 150 10.76 -27.31 -52.41
C CYS L 150 10.95 -25.82 -52.75
N THR L 151 10.33 -25.36 -53.84
CA THR L 151 10.48 -23.96 -54.26
C THR L 151 9.51 -23.04 -53.54
N LEU L 152 10.05 -22.04 -52.86
CA LEU L 152 9.26 -20.95 -52.29
C LEU L 152 9.88 -19.64 -52.77
N THR L 153 9.05 -18.70 -53.19
CA THR L 153 9.54 -17.46 -53.76
C THR L 153 9.79 -16.40 -52.69
N GLY L 154 9.57 -16.74 -51.44
CA GLY L 154 9.82 -15.81 -50.33
C GLY L 154 9.47 -16.47 -49.01
N SER L 155 9.70 -15.77 -47.90
CA SER L 155 9.46 -16.32 -46.58
C SER L 155 10.04 -17.75 -46.45
N VAL L 156 11.23 -17.96 -47.00
CA VAL L 156 11.81 -19.31 -47.06
C VAL L 156 12.02 -19.90 -45.66
N GLU L 157 12.32 -19.05 -44.68
CA GLU L 157 12.68 -19.51 -43.34
C GLU L 157 11.49 -20.09 -42.55
N VAL L 158 10.29 -20.01 -43.10
CA VAL L 158 9.12 -20.62 -42.51
C VAL L 158 9.09 -22.13 -42.69
N ALA L 159 9.74 -22.62 -43.74
CA ALA L 159 9.52 -23.99 -44.21
C ALA L 159 9.71 -25.11 -43.18
N PRO L 160 10.80 -25.05 -42.38
CA PRO L 160 11.02 -26.12 -41.39
C PRO L 160 9.97 -26.16 -40.28
N ARG L 161 9.76 -25.04 -39.60
CA ARG L 161 8.75 -24.97 -38.52
C ARG L 161 7.34 -25.30 -39.04
N ALA L 162 7.08 -25.00 -40.32
CA ALA L 162 5.78 -25.30 -40.94
C ALA L 162 5.77 -26.67 -41.62
N ASN L 163 6.82 -27.46 -41.43
CA ASN L 163 6.92 -28.79 -42.02
C ASN L 163 6.75 -28.83 -43.55
N LEU L 164 7.18 -27.77 -44.23
CA LEU L 164 7.23 -27.77 -45.71
C LEU L 164 8.54 -28.37 -46.18
N ALA L 165 9.57 -28.27 -45.35
CA ALA L 165 10.86 -28.85 -45.66
C ALA L 165 11.62 -29.18 -44.38
N ASP L 166 12.72 -29.91 -44.53
CA ASP L 166 13.60 -30.24 -43.41
C ASP L 166 14.70 -29.20 -43.25
N ALA L 167 15.01 -28.49 -44.33
CA ALA L 167 16.08 -27.51 -44.34
C ALA L 167 15.77 -26.42 -45.36
N ILE L 168 16.58 -25.37 -45.35
CA ILE L 168 16.47 -24.34 -46.36
C ILE L 168 17.80 -23.99 -46.99
N CYS L 169 17.72 -23.40 -48.17
CA CYS L 169 18.84 -22.78 -48.82
C CYS L 169 18.42 -21.35 -49.12
N ASP L 170 18.93 -20.40 -48.34
CA ASP L 170 18.48 -19.02 -48.40
C ASP L 170 19.61 -17.99 -48.45
N LEU L 171 19.28 -16.82 -48.98
CA LEU L 171 20.16 -15.68 -49.00
C LEU L 171 20.32 -15.15 -47.61
N VAL L 172 21.56 -14.82 -47.24
CA VAL L 172 21.85 -14.16 -45.97
C VAL L 172 22.98 -13.13 -46.13
N SER L 173 22.94 -12.12 -45.28
CA SER L 173 24.09 -11.25 -45.06
C SER L 173 24.28 -11.13 -43.57
N SER L 174 23.24 -10.62 -42.91
CA SER L 174 23.05 -10.78 -41.51
C SER L 174 22.38 -12.11 -41.40
N GLY L 175 22.40 -12.58 -40.17
CA GLY L 175 21.78 -13.82 -39.76
C GLY L 175 20.47 -13.64 -39.00
N ALA L 176 19.98 -12.41 -38.92
CA ALA L 176 18.79 -12.08 -38.12
C ALA L 176 17.57 -12.99 -38.33
N THR L 177 17.09 -13.09 -39.57
CA THR L 177 15.86 -13.85 -39.88
C THR L 177 15.99 -15.34 -39.54
N LEU L 178 17.21 -15.86 -39.60
CA LEU L 178 17.46 -17.26 -39.25
C LEU L 178 17.27 -17.51 -37.76
N GLN L 179 17.85 -16.66 -36.92
CA GLN L 179 17.68 -16.77 -35.47
C GLN L 179 16.20 -16.70 -35.11
N ALA L 180 15.52 -15.69 -35.64
CA ALA L 180 14.10 -15.47 -35.37
C ALA L 180 13.22 -16.67 -35.72
N ASN L 181 13.67 -17.54 -36.62
CA ASN L 181 12.93 -18.76 -36.96
C ASN L 181 13.59 -20.05 -36.50
N ASN L 182 14.45 -19.95 -35.49
CA ASN L 182 15.09 -21.12 -34.89
C ASN L 182 15.91 -21.93 -35.90
N LEU L 183 16.69 -21.22 -36.73
CA LEU L 183 17.56 -21.86 -37.72
C LEU L 183 19.01 -21.43 -37.54
N LYS L 184 19.92 -22.28 -37.98
CA LYS L 184 21.34 -21.98 -37.98
C LYS L 184 21.93 -22.18 -39.36
N GLU L 185 22.79 -21.26 -39.75
CA GLU L 185 23.55 -21.36 -40.97
C GLU L 185 24.61 -22.44 -40.80
N VAL L 186 24.76 -23.28 -41.80
CA VAL L 186 25.57 -24.48 -41.70
C VAL L 186 26.58 -24.69 -42.84
N LYS L 187 26.30 -24.16 -44.02
CA LYS L 187 27.19 -24.32 -45.16
C LYS L 187 26.88 -23.27 -46.23
N VAL L 188 27.88 -22.44 -46.55
CA VAL L 188 27.76 -21.48 -47.64
C VAL L 188 27.94 -22.22 -48.93
N ILE L 189 26.99 -22.11 -49.85
CA ILE L 189 27.10 -22.78 -51.15
C ILE L 189 27.41 -21.84 -52.32
N TYR L 190 27.30 -20.54 -52.11
CA TYR L 190 27.41 -19.60 -53.22
C TYR L 190 27.58 -18.21 -52.68
N GLU L 191 28.54 -17.48 -53.25
CA GLU L 191 28.82 -16.11 -52.85
C GLU L 191 28.56 -15.20 -54.03
N SER L 192 27.93 -14.06 -53.76
CA SER L 192 27.44 -13.23 -54.83
C SER L 192 27.80 -11.79 -54.61
N ARG L 193 27.86 -11.06 -55.72
CA ARG L 193 27.97 -9.61 -55.69
C ARG L 193 27.35 -9.05 -56.94
N ALA L 194 27.10 -7.75 -56.95
CA ALA L 194 26.54 -7.09 -58.12
C ALA L 194 27.52 -7.13 -59.27
N CYS L 195 27.10 -7.54 -60.40
N CYS L 195 26.99 -7.27 -60.49
CA CYS L 195 27.81 -7.26 -61.66
CA CYS L 195 27.76 -7.30 -61.71
C CYS L 195 27.26 -6.28 -62.79
C CYS L 195 27.17 -6.37 -62.71
N LEU L 196 28.07 -5.89 -63.66
CA LEU L 196 27.62 -5.08 -64.77
C LEU L 196 27.73 -5.99 -65.97
N ILE L 197 26.64 -6.12 -66.69
CA ILE L 197 26.59 -7.06 -67.79
C ILE L 197 26.05 -6.39 -69.03
N GLN L 198 26.32 -7.02 -70.16
CA GLN L 198 25.96 -6.46 -71.46
C GLN L 198 25.35 -7.55 -72.31
N LYS L 199 24.44 -7.17 -73.19
CA LYS L 199 23.84 -8.13 -74.12
C LYS L 199 24.89 -8.71 -75.07
N GLU L 200 24.62 -9.90 -75.60
CA GLU L 200 25.58 -10.61 -76.45
C GLU L 200 25.72 -9.98 -77.83
N ASN L 201 24.61 -9.60 -78.46
CA ASN L 201 24.65 -9.04 -79.80
C ASN L 201 25.41 -7.72 -79.85
N ALA L 202 26.30 -7.59 -80.82
CA ALA L 202 27.15 -6.43 -80.96
C ALA L 202 26.33 -5.14 -80.99
N LEU L 203 26.85 -4.12 -80.32
CA LEU L 203 26.25 -2.79 -80.39
C LEU L 203 26.80 -2.05 -81.61
N SER L 204 26.15 -0.94 -81.96
CA SER L 204 26.70 -0.02 -82.94
C SER L 204 28.07 0.48 -82.45
N LYS L 205 28.90 0.98 -83.37
CA LYS L 205 30.24 1.45 -83.02
C LYS L 205 30.16 2.60 -82.01
N GLU L 206 29.18 3.47 -82.18
CA GLU L 206 29.01 4.64 -81.30
C GLU L 206 28.60 4.21 -79.91
N LYS L 207 27.63 3.29 -79.82
CA LYS L 207 27.17 2.79 -78.53
C LYS L 207 28.29 2.03 -77.81
N GLN L 208 29.02 1.19 -78.54
CA GLN L 208 30.10 0.42 -77.93
C GLN L 208 31.22 1.35 -77.41
N ALA L 209 31.49 2.43 -78.13
CA ALA L 209 32.49 3.39 -77.69
C ALA L 209 32.05 4.08 -76.41
N LEU L 210 30.76 4.38 -76.30
CA LEU L 210 30.23 4.96 -75.07
C LEU L 210 30.35 3.98 -73.89
N VAL L 211 30.07 2.71 -74.15
CA VAL L 211 30.23 1.69 -73.11
C VAL L 211 31.70 1.58 -72.68
N ASP L 212 32.61 1.58 -73.65
CA ASP L 212 34.04 1.55 -73.36
C ASP L 212 34.44 2.70 -72.46
N LYS L 213 33.96 3.89 -72.77
CA LYS L 213 34.24 5.06 -71.96
C LYS L 213 33.68 4.91 -70.54
N ILE L 214 32.45 4.44 -70.44
CA ILE L 214 31.84 4.24 -69.11
C ILE L 214 32.60 3.23 -68.30
N MET L 215 33.00 2.14 -68.94
CA MET L 215 33.78 1.08 -68.27
C MET L 215 35.08 1.56 -67.64
N LEU L 216 35.79 2.45 -68.32
CA LEU L 216 37.04 3.02 -67.77
C LEU L 216 36.72 3.88 -66.56
N ARG L 217 35.62 4.61 -66.63
CA ARG L 217 35.13 5.35 -65.47
C ARG L 217 34.73 4.43 -64.30
N VAL L 218 34.05 3.33 -64.58
CA VAL L 218 33.63 2.41 -63.54
C VAL L 218 34.85 1.90 -62.79
N ALA L 219 35.86 1.46 -63.55
CA ALA L 219 37.11 0.97 -62.97
C ALA L 219 37.79 2.05 -62.11
N GLY L 220 37.86 3.27 -62.64
CA GLY L 220 38.40 4.40 -61.91
C GLY L 220 37.68 4.70 -60.60
N VAL L 221 36.35 4.73 -60.66
CA VAL L 221 35.54 4.98 -59.46
C VAL L 221 35.79 3.92 -58.41
N MET L 222 35.81 2.66 -58.81
CA MET L 222 36.02 1.57 -57.86
C MET L 222 37.43 1.62 -57.26
N GLN L 223 38.43 1.93 -58.09
CA GLN L 223 39.81 1.94 -57.62
C GLN L 223 40.04 3.09 -56.62
N ALA L 224 39.43 4.25 -56.90
CA ALA L 224 39.50 5.39 -56.01
C ALA L 224 38.89 5.13 -54.62
N ARG L 225 37.84 4.30 -54.57
CA ARG L 225 37.22 3.88 -53.30
C ARG L 225 38.14 3.01 -52.46
N GLU L 226 38.93 2.19 -53.12
CA GLU L 226 39.80 1.24 -52.43
C GLU L 226 41.19 1.84 -52.14
N SER L 227 41.79 2.50 -53.14
CA SER L 227 43.14 3.02 -53.01
C SER L 227 43.23 4.21 -52.06
N LYS L 228 44.38 4.34 -51.39
CA LYS L 228 44.66 5.50 -50.54
C LYS L 228 46.03 6.07 -50.87
N TYR L 229 46.19 7.36 -50.61
CA TYR L 229 47.49 7.99 -50.76
C TYR L 229 48.21 7.92 -49.42
N ILE L 230 49.38 7.30 -49.43
CA ILE L 230 50.13 7.01 -48.20
C ILE L 230 51.43 7.77 -48.15
N MET L 231 51.71 8.34 -46.99
CA MET L 231 53.00 8.97 -46.71
C MET L 231 53.48 8.41 -45.40
N LEU L 232 54.75 8.00 -45.35
CA LEU L 232 55.34 7.53 -44.11
C LEU L 232 56.85 7.73 -44.11
N HIS L 233 57.43 7.60 -42.91
CA HIS L 233 58.88 7.54 -42.76
C HIS L 233 59.30 6.10 -42.54
N ALA L 234 60.34 5.69 -43.24
CA ALA L 234 60.89 4.34 -43.14
C ALA L 234 62.41 4.36 -42.96
N PRO L 235 62.94 3.49 -42.09
CA PRO L 235 64.41 3.31 -42.03
C PRO L 235 64.91 2.70 -43.32
N LYS L 236 66.04 3.18 -43.82
CA LYS L 236 66.59 2.68 -45.07
C LYS L 236 66.85 1.18 -45.00
N GLU L 237 67.25 0.72 -43.82
CA GLU L 237 67.51 -0.69 -43.56
C GLU L 237 66.28 -1.61 -43.65
N LYS L 238 65.07 -1.06 -43.58
CA LYS L 238 63.84 -1.88 -43.59
C LYS L 238 62.95 -1.63 -44.80
N LEU L 239 63.49 -0.90 -45.78
CA LEU L 239 62.70 -0.44 -46.92
C LEU L 239 62.05 -1.57 -47.71
N ASP L 240 62.79 -2.65 -47.92
CA ASP L 240 62.27 -3.78 -48.69
C ASP L 240 61.09 -4.47 -48.03
N LYS L 241 61.21 -4.70 -46.72
CA LYS L 241 60.14 -5.31 -45.94
C LYS L 241 58.87 -4.44 -45.94
N ILE L 242 59.06 -3.14 -45.79
CA ILE L 242 57.96 -2.18 -45.80
C ILE L 242 57.20 -2.19 -47.12
N GLN L 243 57.94 -2.20 -48.23
CA GLN L 243 57.32 -2.22 -49.57
C GLN L 243 56.54 -3.53 -49.82
N ALA L 244 57.05 -4.63 -49.27
CA ALA L 244 56.36 -5.93 -49.35
C ALA L 244 55.04 -5.92 -48.57
N LEU L 245 55.01 -5.20 -47.45
CA LEU L 245 53.78 -5.04 -46.66
C LEU L 245 52.72 -4.22 -47.38
N LEU L 246 53.14 -3.40 -48.34
CA LEU L 246 52.26 -2.45 -48.99
C LEU L 246 52.32 -2.51 -50.52
N PRO L 247 51.59 -3.44 -51.13
CA PRO L 247 51.51 -3.44 -52.60
C PRO L 247 50.89 -2.14 -53.14
N GLY L 248 51.57 -1.53 -54.12
CA GLY L 248 51.12 -0.27 -54.72
C GLY L 248 50.83 -0.65 -56.20
N ARG L 251 54.60 1.34 -56.77
CA ARG L 251 55.89 1.84 -57.21
C ARG L 251 56.25 3.14 -56.46
N PRO L 252 56.80 2.98 -55.25
CA PRO L 252 56.84 4.13 -54.35
C PRO L 252 57.83 5.22 -54.73
N THR L 253 57.47 6.45 -54.44
CA THR L 253 58.41 7.54 -54.56
C THR L 253 59.16 7.65 -53.22
N ILE L 254 60.49 7.65 -53.32
CA ILE L 254 61.36 7.66 -52.16
C ILE L 254 62.05 9.03 -52.11
N LEU L 255 61.93 9.72 -50.97
CA LEU L 255 62.49 11.07 -50.83
C LEU L 255 63.40 11.13 -49.61
N PRO L 256 64.56 11.80 -49.76
CA PRO L 256 65.44 11.94 -48.61
C PRO L 256 64.84 12.90 -47.58
N LEU L 257 65.07 12.62 -46.30
CA LEU L 257 64.65 13.51 -45.23
C LEU L 257 65.84 14.42 -44.89
N ALA L 258 65.63 15.73 -44.89
CA ALA L 258 66.74 16.70 -44.79
C ALA L 258 67.66 16.53 -43.57
N HIS L 259 67.08 16.44 -42.39
CA HIS L 259 67.90 16.42 -41.18
C HIS L 259 68.23 14.99 -40.71
N ASP L 260 68.03 14.00 -41.59
CA ASP L 260 68.00 12.60 -41.15
C ASP L 260 68.58 11.67 -42.21
N GLU L 261 69.71 11.03 -41.89
CA GLU L 261 70.44 10.20 -42.83
C GLU L 261 70.03 8.71 -42.75
N LYS L 262 69.49 8.28 -41.62
CA LYS L 262 69.08 6.88 -41.41
C LYS L 262 67.70 6.53 -42.01
N ASN L 263 66.86 7.54 -42.22
CA ASN L 263 65.49 7.34 -42.71
C ASN L 263 65.19 8.04 -44.05
N VAL L 264 64.15 7.53 -44.72
CA VAL L 264 63.60 8.11 -45.94
C VAL L 264 62.06 8.36 -45.82
N ALA L 265 61.54 9.28 -46.63
CA ALA L 265 60.10 9.47 -46.76
C ALA L 265 59.61 8.64 -47.93
N LEU L 266 58.48 7.95 -47.75
CA LEU L 266 57.88 7.09 -48.77
C LEU L 266 56.49 7.64 -49.09
N HIS L 267 56.25 7.96 -50.36
CA HIS L 267 54.94 8.39 -50.84
C HIS L 267 54.48 7.36 -51.84
N MET L 268 53.25 6.87 -51.69
CA MET L 268 52.75 5.84 -52.58
C MET L 268 51.21 5.76 -52.57
N VAL L 269 50.69 5.06 -53.56
CA VAL L 269 49.26 4.80 -53.68
C VAL L 269 49.04 3.32 -53.49
N SER L 270 48.29 2.94 -52.47
CA SER L 270 48.01 1.53 -52.20
C SER L 270 47.03 0.97 -53.23
N LYS L 271 47.19 -0.32 -53.56
CA LYS L 271 46.26 -1.01 -54.47
C LYS L 271 44.98 -1.34 -53.73
N GLU L 272 45.11 -1.67 -52.45
CA GLU L 272 44.01 -2.01 -51.59
C GLU L 272 43.92 -1.02 -50.43
N ASN L 273 42.83 -1.09 -49.69
CA ASN L 273 42.64 -0.21 -48.54
C ASN L 273 43.57 -0.63 -47.42
N LEU L 274 43.92 0.32 -46.56
CA LEU L 274 44.80 0.04 -45.41
C LEU L 274 44.01 -0.33 -44.17
N PHE L 275 44.19 -1.56 -43.71
CA PHE L 275 43.60 -1.97 -42.46
C PHE L 275 44.56 -1.75 -41.36
N TRP L 276 44.03 -1.75 -40.15
CA TRP L 276 44.86 -1.56 -38.98
C TRP L 276 45.99 -2.59 -38.86
N GLU L 277 45.72 -3.83 -39.26
CA GLU L 277 46.73 -4.90 -39.23
C GLU L 277 47.98 -4.47 -39.99
N THR L 278 47.76 -3.90 -41.17
CA THR L 278 48.85 -3.42 -42.00
C THR L 278 49.56 -2.23 -41.37
N MET L 279 48.78 -1.30 -40.82
CA MET L 279 49.35 -0.13 -40.14
C MET L 279 50.26 -0.61 -39.02
N GLU L 280 49.78 -1.60 -38.27
CA GLU L 280 50.51 -2.14 -37.13
C GLU L 280 51.76 -2.90 -37.58
N ALA L 281 51.64 -3.68 -38.65
CA ALA L 281 52.79 -4.39 -39.21
C ALA L 281 53.86 -3.39 -39.68
N LEU L 282 53.44 -2.30 -40.32
CA LEU L 282 54.37 -1.26 -40.75
C LEU L 282 55.13 -0.66 -39.57
N LYS L 283 54.41 -0.36 -38.50
CA LYS L 283 55.03 0.15 -37.27
C LYS L 283 56.00 -0.85 -36.67
N GLU L 284 55.63 -2.12 -36.64
CA GLU L 284 56.50 -3.20 -36.16
C GLU L 284 57.82 -3.24 -36.93
N GLU L 285 57.74 -3.06 -38.25
CA GLU L 285 58.94 -2.98 -39.10
C GLU L 285 59.72 -1.66 -39.01
N GLY L 286 59.30 -0.73 -38.14
CA GLY L 286 60.05 0.50 -37.90
C GLY L 286 59.53 1.73 -38.64
N ALA L 287 58.47 1.58 -39.43
CA ALA L 287 57.85 2.75 -40.06
C ALA L 287 57.26 3.70 -39.02
N SER L 288 57.27 4.98 -39.33
CA SER L 288 56.67 5.99 -38.45
C SER L 288 56.01 7.11 -39.27
N SER L 289 55.26 7.96 -38.57
CA SER L 289 54.52 9.07 -39.19
C SER L 289 53.69 8.60 -40.38
N ILE L 290 52.87 7.57 -40.15
CA ILE L 290 52.10 6.98 -41.22
C ILE L 290 50.82 7.78 -41.44
N LEU L 291 50.66 8.31 -42.66
CA LEU L 291 49.50 9.07 -43.04
C LEU L 291 48.78 8.41 -44.20
N VAL L 292 47.45 8.33 -44.10
CA VAL L 292 46.62 7.72 -45.13
C VAL L 292 45.59 8.75 -45.51
N LEU L 293 45.64 9.23 -46.75
CA LEU L 293 44.71 10.23 -47.23
C LEU L 293 43.75 9.60 -48.23
N PRO L 294 42.52 10.12 -48.29
CA PRO L 294 41.53 9.61 -49.25
C PRO L 294 41.78 10.16 -50.63
N ILE L 295 41.38 9.38 -51.63
CA ILE L 295 41.48 9.75 -53.02
C ILE L 295 40.07 9.86 -53.59
N GLU L 296 39.80 10.94 -54.31
CA GLU L 296 38.47 11.19 -54.86
C GLU L 296 38.31 10.64 -56.26
N LYS L 297 39.37 10.75 -57.08
CA LYS L 297 39.36 10.23 -58.43
C LYS L 297 40.76 9.79 -58.82
N MET L 298 40.84 8.80 -59.70
CA MET L 298 42.14 8.39 -60.24
C MET L 298 42.02 7.70 -61.59
N LEU L 299 43.13 7.67 -62.31
CA LEU L 299 43.25 7.04 -63.62
C LEU L 299 44.71 6.70 -63.87
N LYS L 300 45.00 5.42 -64.11
CA LYS L 300 46.32 5.01 -64.61
C LYS L 300 46.48 5.45 -66.06
#